data_2LHF
#
_entry.id   2LHF
#
_entity_poly.entity_id   1
_entity_poly.type   'polypeptide(L)'
_entity_poly.pdbx_seq_one_letter_code
;ADNFVGLTWGETSNNIQKSKSLNRNLNSPNLDKVIDNTGTWGIRAGQQFEQGRYYATYENISDTSSGNKLRQQNLLGSYD
AFLPIGDNNTKLFGGATLGLVKLEQDGKGFKRDSDVGYAAGLQAGILQELSKNASIEGGYRYLRTNASTEMTPHGGNKLG
SLDLHSSSQFYLGANYKFL
;
_entity_poly.pdbx_strand_id   A
#
# COMPACT_ATOMS: atom_id res chain seq x y z
N ALA A 1 -2.23 -25.19 -2.54
CA ALA A 1 -2.85 -24.10 -1.74
C ALA A 1 -2.39 -24.16 -0.29
N ASP A 2 -2.14 -22.99 0.29
CA ASP A 2 -1.69 -22.91 1.68
C ASP A 2 -2.06 -21.57 2.31
N ASN A 3 -2.50 -21.60 3.57
CA ASN A 3 -2.87 -20.38 4.27
C ASN A 3 -1.65 -19.50 4.53
N PHE A 4 -1.82 -18.19 4.35
CA PHE A 4 -0.73 -17.26 4.56
C PHE A 4 -1.17 -16.07 5.41
N VAL A 5 -0.30 -15.65 6.31
CA VAL A 5 -0.60 -14.52 7.19
C VAL A 5 0.69 -13.84 7.65
N GLY A 6 0.76 -12.52 7.48
CA GLY A 6 1.95 -11.79 7.89
C GLY A 6 1.69 -10.30 8.02
N LEU A 7 2.71 -9.50 7.71
CA LEU A 7 2.61 -8.05 7.80
C LEU A 7 3.04 -7.40 6.49
N THR A 8 2.51 -6.20 6.23
CA THR A 8 2.84 -5.48 5.01
C THR A 8 3.36 -4.06 5.34
N TRP A 9 4.42 -3.66 4.67
CA TRP A 9 5.02 -2.35 4.88
C TRP A 9 5.34 -1.68 3.55
N GLY A 10 4.63 -0.59 3.26
CA GLY A 10 4.86 0.13 2.02
C GLY A 10 5.63 1.42 2.22
N GLU A 11 6.66 1.62 1.42
CA GLU A 11 7.49 2.82 1.52
C GLU A 11 7.03 3.88 0.53
N THR A 12 6.62 5.04 1.05
CA THR A 12 6.15 6.13 0.21
C THR A 12 6.98 7.40 0.44
N SER A 13 7.85 7.71 -0.50
CA SER A 13 8.69 8.90 -0.40
C SER A 13 9.02 9.45 -1.78
N ASN A 14 8.34 10.53 -2.16
CA ASN A 14 8.56 11.17 -3.46
C ASN A 14 9.67 12.21 -3.37
N ASN A 15 9.61 13.04 -2.35
CA ASN A 15 10.62 14.08 -2.15
C ASN A 15 11.82 13.55 -1.37
N ILE A 16 13.01 13.96 -1.78
CA ILE A 16 14.24 13.52 -1.13
C ILE A 16 15.11 14.71 -0.73
N GLN A 17 15.01 15.12 0.52
CA GLN A 17 15.78 16.25 1.03
C GLN A 17 16.22 16.01 2.48
N LYS A 18 17.08 16.88 2.98
CA LYS A 18 17.57 16.77 4.35
C LYS A 18 17.38 18.09 5.11
N SER A 19 17.07 17.98 6.39
CA SER A 19 16.86 19.17 7.22
C SER A 19 17.46 18.96 8.62
N LYS A 20 17.60 20.06 9.36
CA LYS A 20 18.14 19.99 10.70
C LYS A 20 17.54 21.08 11.60
N SER A 21 17.11 20.68 12.79
CA SER A 21 16.51 21.62 13.73
C SER A 21 17.52 22.05 14.78
N LEU A 22 17.67 23.36 14.96
CA LEU A 22 18.61 23.90 15.93
C LEU A 22 20.04 23.53 15.58
N ASN A 23 20.92 24.52 15.55
CA ASN A 23 22.33 24.29 15.23
C ASN A 23 23.19 24.40 16.48
N ARG A 24 22.77 25.26 17.42
CA ARG A 24 23.51 25.44 18.65
C ARG A 24 23.66 24.13 19.42
N ASN A 25 22.76 23.19 19.16
CA ASN A 25 22.79 21.90 19.82
C ASN A 25 22.60 22.05 21.33
N LEU A 26 21.41 21.68 21.81
CA LEU A 26 21.10 21.78 23.23
C LEU A 26 20.13 20.69 23.65
N ASN A 27 19.07 20.52 22.86
CA ASN A 27 18.06 19.51 23.15
C ASN A 27 18.36 18.21 22.41
N SER A 28 18.38 17.10 23.14
CA SER A 28 18.66 15.80 22.55
C SER A 28 17.77 14.72 23.18
N PRO A 29 16.57 14.51 22.63
CA PRO A 29 15.63 13.51 23.13
C PRO A 29 16.26 12.12 23.23
N ASN A 30 15.45 11.13 23.56
CA ASN A 30 15.93 9.76 23.69
C ASN A 30 15.09 8.81 22.85
N LEU A 31 15.21 8.94 21.52
CA LEU A 31 14.46 8.09 20.61
C LEU A 31 15.33 7.64 19.44
N ASP A 32 15.81 6.39 19.51
CA ASP A 32 16.66 5.84 18.47
C ASP A 32 16.32 4.37 18.20
N LYS A 33 15.40 4.15 17.27
CA LYS A 33 14.99 2.80 16.93
C LYS A 33 13.89 2.81 15.85
N VAL A 34 13.03 3.82 15.91
CA VAL A 34 11.95 3.96 14.94
C VAL A 34 11.55 5.41 14.75
N ILE A 35 12.16 6.08 13.77
CA ILE A 35 11.86 7.47 13.48
C ILE A 35 11.59 7.69 12.00
N ASP A 36 10.31 7.85 11.66
CA ASP A 36 9.92 8.06 10.28
C ASP A 36 8.87 9.17 10.19
N ASN A 37 8.24 9.29 9.01
CA ASN A 37 7.21 10.31 8.80
C ASN A 37 6.13 9.80 7.86
N THR A 38 6.56 9.20 6.75
CA THR A 38 5.62 8.67 5.76
C THR A 38 5.83 7.18 5.56
N GLY A 39 4.74 6.44 5.42
CA GLY A 39 4.83 5.00 5.24
C GLY A 39 3.56 4.28 5.65
N THR A 40 3.11 3.35 4.82
CA THR A 40 1.91 2.59 5.10
C THR A 40 2.26 1.26 5.76
N TRP A 41 1.65 1.00 6.91
CA TRP A 41 1.88 -0.24 7.64
C TRP A 41 0.58 -0.94 7.98
N GLY A 42 0.53 -2.25 7.72
CA GLY A 42 -0.67 -3.01 8.01
C GLY A 42 -0.39 -4.49 8.20
N ILE A 43 -1.44 -5.30 8.20
CA ILE A 43 -1.31 -6.74 8.37
C ILE A 43 -1.55 -7.47 7.06
N ARG A 44 -1.30 -8.78 7.06
CA ARG A 44 -1.50 -9.60 5.88
C ARG A 44 -2.08 -10.95 6.25
N ALA A 45 -2.99 -11.46 5.42
CA ALA A 45 -3.63 -12.74 5.67
C ALA A 45 -4.53 -13.14 4.51
N GLY A 46 -4.27 -14.31 3.93
CA GLY A 46 -5.08 -14.78 2.82
C GLY A 46 -4.95 -16.27 2.59
N GLN A 47 -5.07 -16.70 1.34
CA GLN A 47 -4.97 -18.11 1.00
C GLN A 47 -4.12 -18.31 -0.25
N GLN A 48 -3.09 -19.16 -0.13
CA GLN A 48 -2.21 -19.44 -1.25
C GLN A 48 -2.79 -20.52 -2.15
N PHE A 49 -2.33 -20.56 -3.39
CA PHE A 49 -2.81 -21.53 -4.38
C PHE A 49 -1.63 -22.17 -5.13
N GLU A 50 -1.91 -23.27 -5.80
CA GLU A 50 -0.89 -23.98 -6.57
C GLU A 50 -0.44 -23.16 -7.77
N GLN A 51 -1.29 -22.26 -8.23
CA GLN A 51 -0.97 -21.42 -9.38
C GLN A 51 -1.19 -19.94 -9.07
N GLY A 52 -1.13 -19.59 -7.79
CA GLY A 52 -1.32 -18.22 -7.39
C GLY A 52 -1.35 -18.06 -5.87
N ARG A 53 -1.49 -16.82 -5.42
CA ARG A 53 -1.53 -16.55 -3.98
C ARG A 53 -2.42 -15.36 -3.66
N TYR A 54 -3.20 -15.48 -2.60
CA TYR A 54 -4.10 -14.41 -2.18
C TYR A 54 -3.71 -13.90 -0.80
N TYR A 55 -3.90 -12.60 -0.57
CA TYR A 55 -3.57 -12.00 0.71
C TYR A 55 -4.04 -10.55 0.78
N ALA A 56 -4.88 -10.26 1.77
CA ALA A 56 -5.41 -8.92 1.95
C ALA A 56 -4.51 -8.11 2.88
N THR A 57 -4.62 -6.79 2.79
CA THR A 57 -3.82 -5.90 3.62
C THR A 57 -4.70 -4.88 4.35
N TYR A 58 -4.69 -4.94 5.67
CA TYR A 58 -5.48 -4.03 6.49
C TYR A 58 -4.61 -2.92 7.05
N GLU A 59 -5.04 -1.67 6.84
CA GLU A 59 -4.28 -0.53 7.33
C GLU A 59 -5.23 0.57 7.84
N ASN A 60 -4.64 1.64 8.38
CA ASN A 60 -5.43 2.75 8.90
C ASN A 60 -4.82 4.09 8.49
N ILE A 61 -3.77 4.49 9.18
CA ILE A 61 -3.10 5.75 8.89
C ILE A 61 -1.67 5.76 9.46
N SER A 62 -0.73 6.28 8.67
CA SER A 62 0.66 6.34 9.10
C SER A 62 0.81 7.20 10.34
N ASP A 63 1.42 6.65 11.38
CA ASP A 63 1.63 7.36 12.63
C ASP A 63 2.72 8.41 12.49
N THR A 64 2.65 9.45 13.30
CA THR A 64 3.64 10.53 13.26
C THR A 64 3.62 11.34 14.55
N SER A 65 4.57 12.25 14.70
CA SER A 65 4.66 13.09 15.89
C SER A 65 3.68 14.25 15.81
N SER A 66 3.51 14.78 14.60
CA SER A 66 2.60 15.91 14.39
C SER A 66 1.31 15.45 13.71
N GLY A 67 0.95 14.19 13.93
CA GLY A 67 -0.26 13.65 13.34
C GLY A 67 -1.52 14.23 13.96
N ASN A 68 -2.25 15.03 13.19
CA ASN A 68 -3.48 15.64 13.68
C ASN A 68 -4.70 15.06 12.96
N LYS A 69 -5.68 14.62 13.74
CA LYS A 69 -6.90 14.04 13.17
C LYS A 69 -6.57 12.82 12.33
N LEU A 70 -6.43 11.67 12.99
CA LEU A 70 -6.12 10.43 12.30
C LEU A 70 -7.06 9.31 12.75
N ARG A 71 -7.88 8.83 11.82
CA ARG A 71 -8.82 7.76 12.12
C ARG A 71 -9.59 7.33 10.88
N GLN A 72 -9.24 6.17 10.34
CA GLN A 72 -9.89 5.64 9.14
C GLN A 72 -9.65 4.14 9.00
N GLN A 73 -10.17 3.57 7.93
CA GLN A 73 -10.01 2.14 7.67
C GLN A 73 -9.48 1.90 6.26
N ASN A 74 -8.74 0.81 6.09
CA ASN A 74 -8.19 0.48 4.79
C ASN A 74 -8.15 -1.03 4.57
N LEU A 75 -8.90 -1.50 3.57
CA LEU A 75 -8.96 -2.93 3.26
C LEU A 75 -8.71 -3.15 1.78
N LEU A 76 -7.76 -4.02 1.46
CA LEU A 76 -7.43 -4.32 0.07
C LEU A 76 -7.00 -5.78 -0.10
N GLY A 77 -7.49 -6.40 -1.17
CA GLY A 77 -7.15 -7.79 -1.45
C GLY A 77 -6.33 -7.92 -2.72
N SER A 78 -5.11 -8.40 -2.59
CA SER A 78 -4.23 -8.57 -3.74
C SER A 78 -4.09 -10.04 -4.12
N TYR A 79 -4.22 -10.33 -5.41
CA TYR A 79 -4.10 -11.69 -5.92
C TYR A 79 -3.02 -11.76 -6.99
N ASP A 80 -1.91 -12.44 -6.67
CA ASP A 80 -0.81 -12.57 -7.61
C ASP A 80 -0.31 -14.01 -7.67
N ALA A 81 0.58 -14.26 -8.64
CA ALA A 81 1.14 -15.59 -8.81
C ALA A 81 2.65 -15.58 -8.61
N PHE A 82 3.12 -16.36 -7.64
CA PHE A 82 4.54 -16.43 -7.33
C PHE A 82 5.19 -17.64 -8.00
N LEU A 83 6.52 -17.64 -8.06
CA LEU A 83 7.26 -18.72 -8.66
C LEU A 83 8.76 -18.58 -8.38
N PRO A 84 9.44 -19.70 -8.08
CA PRO A 84 10.88 -19.68 -7.79
C PRO A 84 11.68 -18.92 -8.84
N ILE A 85 12.37 -17.87 -8.42
CA ILE A 85 13.17 -17.06 -9.32
C ILE A 85 14.64 -17.06 -8.90
N GLY A 86 15.46 -17.81 -9.64
CA GLY A 86 16.87 -17.89 -9.33
C GLY A 86 17.30 -19.28 -8.92
N ASP A 87 16.96 -19.67 -7.70
CA ASP A 87 17.32 -20.98 -7.17
C ASP A 87 16.16 -21.58 -6.37
N ASN A 88 15.89 -20.98 -5.22
CA ASN A 88 14.81 -21.46 -4.36
C ASN A 88 14.72 -20.60 -3.08
N ASN A 89 14.95 -19.31 -3.24
CA ASN A 89 14.87 -18.38 -2.11
C ASN A 89 13.84 -17.29 -2.35
N THR A 90 14.04 -16.53 -3.43
CA THR A 90 13.12 -15.45 -3.77
C THR A 90 11.88 -16.00 -4.46
N LYS A 91 10.76 -15.29 -4.35
CA LYS A 91 9.52 -15.74 -4.97
C LYS A 91 8.92 -14.64 -5.85
N LEU A 92 9.27 -14.67 -7.13
CA LEU A 92 8.77 -13.69 -8.07
C LEU A 92 7.26 -13.78 -8.19
N PHE A 93 6.59 -12.83 -7.54
CA PHE A 93 5.13 -12.79 -7.54
C PHE A 93 4.64 -11.58 -8.33
N GLY A 94 3.41 -11.67 -8.84
CA GLY A 94 2.85 -10.58 -9.60
C GLY A 94 1.37 -10.74 -9.85
N GLY A 95 0.61 -9.66 -9.66
CA GLY A 95 -0.82 -9.71 -9.86
C GLY A 95 -1.48 -8.36 -9.64
N ALA A 96 -2.80 -8.37 -9.42
CA ALA A 96 -3.55 -7.14 -9.19
C ALA A 96 -4.18 -7.13 -7.80
N THR A 97 -4.74 -5.98 -7.43
CA THR A 97 -5.38 -5.83 -6.13
C THR A 97 -6.61 -4.94 -6.22
N LEU A 98 -7.50 -5.05 -5.24
CA LEU A 98 -8.72 -4.25 -5.21
C LEU A 98 -9.29 -4.20 -3.80
N GLY A 99 -9.62 -2.99 -3.34
CA GLY A 99 -10.17 -2.83 -2.01
C GLY A 99 -11.06 -1.60 -1.89
N LEU A 100 -11.15 -1.07 -0.67
CA LEU A 100 -11.97 0.10 -0.40
C LEU A 100 -11.46 0.84 0.83
N VAL A 101 -11.23 2.14 0.67
CA VAL A 101 -10.74 2.96 1.77
C VAL A 101 -11.81 3.93 2.26
N LYS A 102 -12.03 3.95 3.57
CA LYS A 102 -13.02 4.83 4.17
C LYS A 102 -12.36 6.03 4.85
N LEU A 103 -12.80 7.22 4.50
CA LEU A 103 -12.25 8.44 5.07
C LEU A 103 -13.35 9.30 5.70
N GLU A 104 -13.16 9.66 6.97
CA GLU A 104 -14.13 10.47 7.69
C GLU A 104 -13.48 11.76 8.20
N GLN A 105 -14.26 12.85 8.19
CA GLN A 105 -13.76 14.14 8.65
C GLN A 105 -14.76 14.78 9.61
N ASP A 106 -14.34 15.87 10.24
CA ASP A 106 -15.21 16.59 11.17
C ASP A 106 -16.13 17.55 10.44
N GLY A 107 -17.43 17.29 10.51
CA GLY A 107 -18.39 18.14 9.85
C GLY A 107 -19.65 18.36 10.68
N LYS A 108 -20.18 17.28 11.25
CA LYS A 108 -21.38 17.36 12.06
C LYS A 108 -22.56 17.89 11.25
N GLY A 109 -23.58 17.05 11.09
CA GLY A 109 -24.75 17.45 10.34
C GLY A 109 -24.63 17.13 8.86
N PHE A 110 -23.88 17.96 8.14
CA PHE A 110 -23.69 17.77 6.71
C PHE A 110 -22.37 17.05 6.44
N LYS A 111 -22.46 15.76 6.10
CA LYS A 111 -21.28 14.96 5.80
C LYS A 111 -20.80 15.19 4.38
N ARG A 112 -19.54 15.61 4.24
CA ARG A 112 -18.97 15.86 2.93
C ARG A 112 -18.35 14.60 2.34
N ASP A 113 -17.49 13.95 3.13
CA ASP A 113 -16.83 12.72 2.69
C ASP A 113 -17.85 11.62 2.45
N SER A 114 -17.68 10.89 1.35
CA SER A 114 -18.59 9.80 1.00
C SER A 114 -18.20 8.52 1.73
N ASP A 115 -16.94 8.43 2.15
CA ASP A 115 -16.45 7.24 2.85
C ASP A 115 -16.50 6.02 1.95
N VAL A 116 -16.30 6.24 0.65
CA VAL A 116 -16.31 5.16 -0.33
C VAL A 116 -15.37 5.46 -1.50
N GLY A 117 -14.28 4.71 -1.57
CA GLY A 117 -13.32 4.91 -2.64
C GLY A 117 -12.91 3.61 -3.30
N TYR A 118 -12.91 3.59 -4.63
CA TYR A 118 -12.53 2.40 -5.38
C TYR A 118 -11.01 2.32 -5.56
N ALA A 119 -10.40 1.31 -4.96
CA ALA A 119 -8.95 1.13 -5.05
C ALA A 119 -8.61 -0.10 -5.87
N ALA A 120 -7.60 0.02 -6.74
CA ALA A 120 -7.19 -1.09 -7.58
C ALA A 120 -5.91 -0.75 -8.34
N GLY A 121 -5.02 -1.73 -8.46
CA GLY A 121 -3.77 -1.53 -9.16
C GLY A 121 -3.05 -2.83 -9.46
N LEU A 122 -1.72 -2.82 -9.30
CA LEU A 122 -0.92 -4.00 -9.57
C LEU A 122 0.18 -4.15 -8.52
N GLN A 123 0.72 -5.36 -8.41
CA GLN A 123 1.79 -5.64 -7.46
C GLN A 123 2.71 -6.74 -7.97
N ALA A 124 3.93 -6.79 -7.46
CA ALA A 124 4.90 -7.78 -7.86
C ALA A 124 6.22 -7.56 -7.12
N GLY A 125 6.86 -8.66 -6.76
CA GLY A 125 8.14 -8.57 -6.05
C GLY A 125 8.86 -9.90 -5.96
N ILE A 126 9.29 -10.25 -4.76
CA ILE A 126 10.01 -11.49 -4.53
C ILE A 126 9.93 -11.88 -3.05
N LEU A 127 9.38 -13.05 -2.78
CA LEU A 127 9.26 -13.54 -1.42
C LEU A 127 10.44 -14.42 -1.04
N GLN A 128 11.26 -13.91 -0.12
CA GLN A 128 12.45 -14.63 0.34
C GLN A 128 12.13 -15.46 1.58
N GLU A 129 12.36 -16.77 1.48
CA GLU A 129 12.11 -17.68 2.59
C GLU A 129 13.41 -18.14 3.22
N LEU A 130 13.39 -18.41 4.52
CA LEU A 130 14.58 -18.85 5.23
C LEU A 130 14.45 -20.32 5.62
N SER A 131 13.30 -20.67 6.18
CA SER A 131 13.03 -22.04 6.61
C SER A 131 11.56 -22.20 6.97
N LYS A 132 11.24 -23.30 7.65
CA LYS A 132 9.86 -23.55 8.05
C LYS A 132 9.50 -22.74 9.29
N ASN A 133 9.66 -21.42 9.20
CA ASN A 133 9.35 -20.54 10.33
C ASN A 133 8.62 -19.29 9.85
N ALA A 134 9.26 -18.53 8.96
CA ALA A 134 8.66 -17.32 8.43
C ALA A 134 9.36 -16.88 7.15
N SER A 135 8.60 -16.29 6.24
CA SER A 135 9.15 -15.83 4.97
C SER A 135 9.31 -14.30 4.98
N ILE A 136 9.80 -13.76 3.87
CA ILE A 136 10.00 -12.33 3.74
C ILE A 136 9.53 -11.84 2.37
N GLU A 137 8.80 -10.73 2.37
CA GLU A 137 8.29 -10.16 1.13
C GLU A 137 8.97 -8.83 0.81
N GLY A 138 9.25 -8.60 -0.46
CA GLY A 138 9.89 -7.36 -0.86
C GLY A 138 9.74 -7.09 -2.35
N GLY A 139 9.07 -5.99 -2.68
CA GLY A 139 8.87 -5.64 -4.08
C GLY A 139 8.25 -4.28 -4.28
N TYR A 140 7.32 -4.19 -5.22
CA TYR A 140 6.64 -2.93 -5.52
C TYR A 140 5.14 -3.08 -5.34
N ARG A 141 4.45 -1.95 -5.20
CA ARG A 141 3.00 -1.96 -5.02
C ARG A 141 2.35 -0.78 -5.74
N TYR A 142 1.43 -1.08 -6.64
CA TYR A 142 0.73 -0.05 -7.40
C TYR A 142 -0.77 -0.11 -7.12
N LEU A 143 -1.36 1.04 -6.81
CA LEU A 143 -2.79 1.11 -6.51
C LEU A 143 -3.40 2.40 -7.05
N ARG A 144 -4.66 2.32 -7.46
CA ARG A 144 -5.37 3.48 -7.98
C ARG A 144 -6.40 3.97 -6.98
N THR A 145 -6.86 5.21 -7.16
CA THR A 145 -7.84 5.80 -6.26
C THR A 145 -9.20 5.94 -6.95
N ASN A 146 -10.21 6.31 -6.17
CA ASN A 146 -11.57 6.48 -6.69
C ASN A 146 -11.58 7.46 -7.86
N ALA A 147 -11.93 6.96 -9.04
CA ALA A 147 -11.99 7.80 -10.24
C ALA A 147 -13.07 7.31 -11.19
N SER A 148 -14.32 7.66 -10.90
CA SER A 148 -15.45 7.26 -11.74
C SER A 148 -16.14 8.47 -12.34
N THR A 149 -16.16 8.52 -13.67
CA THR A 149 -16.80 9.63 -14.38
C THR A 149 -16.14 10.96 -14.02
N GLU A 150 -16.36 11.97 -14.85
CA GLU A 150 -15.80 13.30 -14.61
C GLU A 150 -16.90 14.32 -14.35
N MET A 151 -16.54 15.42 -13.71
CA MET A 151 -17.49 16.48 -13.41
C MET A 151 -17.60 17.48 -14.56
N THR A 152 -16.50 18.16 -14.84
CA THR A 152 -16.46 19.15 -15.93
C THR A 152 -15.59 18.65 -17.08
N PRO A 153 -16.20 18.09 -18.14
CA PRO A 153 -15.46 17.59 -19.31
C PRO A 153 -14.79 18.71 -20.09
N HIS A 154 -13.47 18.68 -20.14
CA HIS A 154 -12.70 19.69 -20.86
C HIS A 154 -12.54 19.30 -22.33
N GLY A 155 -11.84 18.19 -22.56
CA GLY A 155 -11.62 17.72 -23.92
C GLY A 155 -10.48 18.45 -24.60
N GLY A 156 -9.58 17.68 -25.20
CA GLY A 156 -8.44 18.28 -25.89
C GLY A 156 -8.10 17.55 -27.17
N ASN A 157 -6.97 16.84 -27.16
CA ASN A 157 -6.54 16.09 -28.34
C ASN A 157 -5.65 14.92 -27.93
N LYS A 158 -5.49 13.96 -28.85
CA LYS A 158 -4.67 12.78 -28.59
C LYS A 158 -3.31 12.92 -29.28
N LEU A 159 -2.40 13.67 -28.65
CA LEU A 159 -1.07 13.87 -29.20
C LEU A 159 -0.11 12.76 -28.74
N GLY A 160 0.25 11.88 -29.68
CA GLY A 160 1.14 10.80 -29.35
C GLY A 160 0.56 9.85 -28.32
N SER A 161 1.32 9.60 -27.25
CA SER A 161 0.87 8.71 -26.19
C SER A 161 1.61 9.00 -24.88
N LEU A 162 1.06 8.52 -23.78
CA LEU A 162 1.66 8.73 -22.47
C LEU A 162 1.21 7.66 -21.48
N ASP A 163 1.95 7.52 -20.39
CA ASP A 163 1.63 6.53 -19.36
C ASP A 163 0.45 7.01 -18.51
N LEU A 164 -0.44 6.08 -18.18
CA LEU A 164 -1.61 6.40 -17.36
C LEU A 164 -1.19 7.02 -16.03
N HIS A 165 -2.18 7.41 -15.22
CA HIS A 165 -1.91 8.01 -13.93
C HIS A 165 -1.93 6.95 -12.82
N SER A 166 -0.75 6.51 -12.41
CA SER A 166 -0.62 5.50 -11.36
C SER A 166 0.30 5.99 -10.24
N SER A 167 0.19 5.36 -9.08
CA SER A 167 1.01 5.72 -7.93
C SER A 167 2.19 4.76 -7.79
N SER A 168 3.28 5.27 -7.23
CA SER A 168 4.48 4.45 -7.04
C SER A 168 4.67 4.12 -5.56
N GLN A 169 4.62 2.83 -5.24
CA GLN A 169 4.78 2.38 -3.86
C GLN A 169 5.72 1.18 -3.80
N PHE A 170 6.35 0.99 -2.64
CA PHE A 170 7.27 -0.11 -2.44
C PHE A 170 6.61 -1.20 -1.62
N TYR A 171 7.22 -2.37 -1.63
CA TYR A 171 6.71 -3.51 -0.89
C TYR A 171 7.82 -4.16 -0.07
N LEU A 172 7.56 -4.35 1.22
CA LEU A 172 8.53 -4.96 2.12
C LEU A 172 7.84 -5.43 3.40
N GLY A 173 8.11 -6.66 3.80
CA GLY A 173 7.51 -7.20 5.02
C GLY A 173 7.80 -8.67 5.21
N ALA A 174 6.89 -9.35 5.90
CA ALA A 174 7.04 -10.78 6.15
C ALA A 174 5.77 -11.54 5.81
N ASN A 175 5.85 -12.87 5.85
CA ASN A 175 4.69 -13.71 5.55
C ASN A 175 4.78 -15.05 6.28
N TYR A 176 3.85 -15.28 7.18
CA TYR A 176 3.80 -16.52 7.95
C TYR A 176 2.64 -17.40 7.52
N LYS A 177 2.96 -18.55 6.93
CA LYS A 177 1.94 -19.48 6.46
C LYS A 177 1.43 -20.35 7.60
N PHE A 178 0.28 -20.99 7.37
CA PHE A 178 -0.31 -21.86 8.38
C PHE A 178 -0.40 -23.31 7.88
N ALA A 1 -5.79 -24.59 -1.82
CA ALA A 1 -4.95 -23.38 -1.60
C ALA A 1 -4.28 -23.42 -0.24
N ASP A 2 -3.26 -22.58 -0.04
CA ASP A 2 -2.54 -22.52 1.22
C ASP A 2 -2.97 -21.30 2.03
N ASN A 3 -2.56 -21.26 3.29
CA ASN A 3 -2.90 -20.15 4.17
C ASN A 3 -1.66 -19.31 4.49
N PHE A 4 -1.76 -18.01 4.28
CA PHE A 4 -0.64 -17.11 4.54
C PHE A 4 -1.07 -15.93 5.41
N VAL A 5 -0.21 -15.55 6.35
CA VAL A 5 -0.51 -14.45 7.26
C VAL A 5 0.77 -13.80 7.77
N GLY A 6 0.88 -12.48 7.60
CA GLY A 6 2.06 -11.77 8.05
C GLY A 6 1.85 -10.27 8.10
N LEU A 7 2.89 -9.52 7.72
CA LEU A 7 2.81 -8.06 7.73
C LEU A 7 3.58 -7.49 6.54
N THR A 8 3.30 -6.24 6.20
CA THR A 8 3.97 -5.58 5.09
C THR A 8 4.33 -4.13 5.42
N TRP A 9 5.55 -3.73 5.06
CA TRP A 9 6.02 -2.37 5.32
C TRP A 9 6.60 -1.75 4.05
N GLY A 10 5.94 -0.74 3.52
CA GLY A 10 6.41 -0.09 2.31
C GLY A 10 6.76 1.37 2.52
N GLU A 11 7.40 1.97 1.52
CA GLU A 11 7.79 3.37 1.59
C GLU A 11 7.18 4.16 0.44
N THR A 12 6.61 5.32 0.76
CA THR A 12 5.99 6.17 -0.25
C THR A 12 6.39 7.63 -0.05
N SER A 13 7.19 8.15 -0.97
CA SER A 13 7.65 9.53 -0.89
C SER A 13 7.90 10.10 -2.29
N ASN A 14 6.97 10.91 -2.77
CA ASN A 14 7.08 11.51 -4.09
C ASN A 14 8.26 12.48 -4.14
N ASN A 15 8.12 13.60 -3.43
CA ASN A 15 9.17 14.61 -3.39
C ASN A 15 10.45 14.04 -2.77
N ILE A 16 11.57 14.73 -3.00
CA ILE A 16 12.84 14.30 -2.46
C ILE A 16 13.18 15.04 -1.17
N GLN A 17 13.78 14.33 -0.22
CA GLN A 17 14.15 14.94 1.07
C GLN A 17 15.15 16.07 0.87
N LYS A 18 14.66 17.30 0.93
CA LYS A 18 15.52 18.47 0.76
C LYS A 18 16.41 18.67 1.99
N SER A 19 17.68 18.98 1.75
CA SER A 19 18.62 19.21 2.83
C SER A 19 19.61 20.32 2.46
N LYS A 20 19.89 21.19 3.43
CA LYS A 20 20.81 22.30 3.21
C LYS A 20 22.13 22.06 3.93
N SER A 21 22.08 22.01 5.25
CA SER A 21 23.28 21.78 6.06
C SER A 21 23.05 20.66 7.06
N LEU A 22 24.14 20.17 7.65
CA LEU A 22 24.06 19.09 8.63
C LEU A 22 23.41 19.58 9.92
N ASN A 23 23.82 20.74 10.38
CA ASN A 23 23.28 21.32 11.61
C ASN A 23 21.92 21.97 11.35
N ARG A 24 21.33 22.52 12.40
CA ARG A 24 20.03 23.16 12.30
C ARG A 24 19.93 24.36 13.24
N ASN A 25 18.77 25.00 13.27
CA ASN A 25 18.54 26.14 14.13
C ASN A 25 19.40 27.33 13.69
N LEU A 26 18.95 28.04 12.67
CA LEU A 26 19.67 29.19 12.14
C LEU A 26 18.71 30.21 11.54
N ASN A 27 18.00 29.80 10.50
CA ASN A 27 17.04 30.67 9.83
C ASN A 27 15.67 30.01 9.74
N SER A 28 15.66 28.76 9.31
CA SER A 28 14.42 28.01 9.17
C SER A 28 14.10 27.23 10.45
N PRO A 29 12.84 26.78 10.60
CA PRO A 29 12.40 26.03 11.79
C PRO A 29 13.01 24.63 11.83
N ASN A 30 12.66 23.88 12.87
CA ASN A 30 13.17 22.53 13.05
C ASN A 30 12.08 21.49 12.76
N LEU A 31 11.17 21.83 11.86
CA LEU A 31 10.08 20.94 11.51
C LEU A 31 9.35 21.44 10.26
N ASP A 32 8.74 20.52 9.53
CA ASP A 32 8.01 20.86 8.31
C ASP A 32 8.94 21.51 7.29
N LYS A 33 9.76 20.70 6.63
CA LYS A 33 10.69 21.21 5.63
C LYS A 33 9.98 21.47 4.30
N VAL A 34 9.13 20.53 3.90
CA VAL A 34 8.38 20.66 2.66
C VAL A 34 7.00 20.01 2.76
N ILE A 35 6.97 18.79 3.32
CA ILE A 35 5.73 18.06 3.48
C ILE A 35 5.85 17.05 4.61
N ASP A 36 4.80 16.25 4.79
CA ASP A 36 4.79 15.24 5.84
C ASP A 36 4.33 13.89 5.29
N ASN A 37 5.19 12.89 5.40
CA ASN A 37 4.89 11.55 4.91
C ASN A 37 5.60 10.49 5.73
N THR A 38 4.95 9.34 5.90
CA THR A 38 5.53 8.24 6.68
C THR A 38 5.80 7.04 5.78
N GLY A 39 4.75 6.49 5.19
CA GLY A 39 4.90 5.34 4.31
C GLY A 39 3.65 4.49 4.25
N THR A 40 3.84 3.17 4.20
CA THR A 40 2.72 2.24 4.13
C THR A 40 2.97 1.03 5.01
N TRP A 41 2.24 0.96 6.13
CA TRP A 41 2.39 -0.15 7.07
C TRP A 41 1.04 -0.82 7.32
N GLY A 42 1.04 -2.15 7.35
CA GLY A 42 -0.20 -2.87 7.59
C GLY A 42 0.02 -4.34 7.86
N ILE A 43 -1.06 -5.11 7.92
CA ILE A 43 -0.98 -6.53 8.18
C ILE A 43 -1.26 -7.33 6.90
N ARG A 44 -0.92 -8.61 6.91
CA ARG A 44 -1.13 -9.48 5.76
C ARG A 44 -1.78 -10.80 6.20
N ALA A 45 -2.72 -11.27 5.40
CA ALA A 45 -3.42 -12.51 5.69
C ALA A 45 -4.36 -12.90 4.55
N GLY A 46 -4.16 -14.10 4.00
CA GLY A 46 -5.00 -14.57 2.91
C GLY A 46 -4.76 -16.03 2.59
N GLN A 47 -4.52 -16.32 1.32
CA GLN A 47 -4.27 -17.69 0.88
C GLN A 47 -3.23 -17.74 -0.22
N GLN A 48 -2.55 -18.88 -0.34
CA GLN A 48 -1.52 -19.05 -1.36
C GLN A 48 -1.75 -20.31 -2.17
N PHE A 49 -2.13 -20.14 -3.43
CA PHE A 49 -2.38 -21.26 -4.32
C PHE A 49 -1.22 -21.44 -5.30
N GLU A 50 -0.93 -22.69 -5.66
CA GLU A 50 0.15 -22.99 -6.58
C GLU A 50 -0.03 -22.25 -7.90
N GLN A 51 -1.26 -21.85 -8.19
CA GLN A 51 -1.56 -21.14 -9.43
C GLN A 51 -2.25 -19.81 -9.14
N GLY A 52 -2.03 -19.28 -7.95
CA GLY A 52 -2.64 -18.01 -7.58
C GLY A 52 -2.43 -17.68 -6.11
N ARG A 53 -1.79 -16.54 -5.85
CA ARG A 53 -1.53 -16.10 -4.48
C ARG A 53 -2.46 -14.97 -4.09
N TYR A 54 -3.12 -15.13 -2.94
CA TYR A 54 -4.04 -14.11 -2.44
C TYR A 54 -3.65 -13.65 -1.04
N TYR A 55 -3.90 -12.38 -0.74
CA TYR A 55 -3.57 -11.83 0.56
C TYR A 55 -4.01 -10.38 0.68
N ALA A 56 -4.81 -10.09 1.69
CA ALA A 56 -5.30 -8.73 1.92
C ALA A 56 -4.34 -7.95 2.82
N THR A 57 -4.39 -6.63 2.71
CA THR A 57 -3.51 -5.79 3.50
C THR A 57 -4.28 -4.63 4.15
N TYR A 58 -4.28 -4.59 5.47
CA TYR A 58 -4.96 -3.54 6.20
C TYR A 58 -4.02 -2.36 6.45
N GLU A 59 -4.38 -1.20 5.92
CA GLU A 59 -3.55 0.00 6.07
C GLU A 59 -4.27 1.07 6.90
N ASN A 60 -3.57 2.16 7.14
CA ASN A 60 -4.12 3.27 7.92
C ASN A 60 -3.51 4.60 7.48
N ILE A 61 -3.71 5.64 8.29
CA ILE A 61 -3.17 6.95 7.99
C ILE A 61 -2.41 7.53 9.18
N SER A 62 -1.09 7.64 9.04
CA SER A 62 -0.25 8.17 10.10
C SER A 62 0.47 9.43 9.63
N ASP A 63 0.13 10.56 10.24
CA ASP A 63 0.74 11.83 9.89
C ASP A 63 0.98 12.68 11.14
N THR A 64 -0.06 12.83 11.96
CA THR A 64 0.05 13.61 13.18
C THR A 64 0.91 12.90 14.21
N SER A 65 2.04 13.52 14.55
CA SER A 65 2.97 12.94 15.52
C SER A 65 2.35 12.96 16.92
N SER A 66 1.57 13.99 17.21
CA SER A 66 0.92 14.13 18.51
C SER A 66 -0.12 13.02 18.71
N GLY A 67 -0.72 12.58 17.62
CA GLY A 67 -1.73 11.54 17.71
C GLY A 67 -3.10 12.08 18.06
N ASN A 68 -3.65 12.93 17.20
CA ASN A 68 -4.95 13.52 17.43
C ASN A 68 -5.90 13.20 16.27
N LYS A 69 -7.09 12.70 16.60
CA LYS A 69 -8.08 12.35 15.59
C LYS A 69 -7.56 11.28 14.65
N LEU A 70 -8.21 10.12 14.67
CA LEU A 70 -7.80 9.00 13.81
C LEU A 70 -8.93 7.97 13.70
N ARG A 71 -9.65 8.01 12.58
CA ARG A 71 -10.75 7.09 12.34
C ARG A 71 -10.85 6.73 10.86
N GLN A 72 -10.05 5.76 10.44
CA GLN A 72 -10.04 5.33 9.04
C GLN A 72 -9.63 3.86 8.93
N GLN A 73 -10.03 3.23 7.82
CA GLN A 73 -9.69 1.83 7.58
C GLN A 73 -9.47 1.56 6.10
N ASN A 74 -8.38 0.89 5.78
CA ASN A 74 -8.06 0.58 4.39
C ASN A 74 -7.91 -0.92 4.18
N LEU A 75 -8.86 -1.52 3.45
CA LEU A 75 -8.83 -2.94 3.17
C LEU A 75 -8.55 -3.19 1.70
N LEU A 76 -7.41 -3.80 1.40
CA LEU A 76 -7.03 -4.09 0.02
C LEU A 76 -6.76 -5.57 -0.18
N GLY A 77 -7.15 -6.09 -1.33
CA GLY A 77 -6.94 -7.50 -1.64
C GLY A 77 -5.93 -7.67 -2.76
N SER A 78 -4.81 -8.32 -2.45
CA SER A 78 -3.76 -8.54 -3.43
C SER A 78 -3.91 -9.90 -4.11
N TYR A 79 -3.97 -9.88 -5.44
CA TYR A 79 -4.11 -11.10 -6.22
C TYR A 79 -3.01 -11.18 -7.27
N ASP A 80 -2.07 -12.11 -7.11
CA ASP A 80 -0.97 -12.26 -8.03
C ASP A 80 -0.49 -13.70 -8.11
N ALA A 81 0.41 -13.96 -9.06
CA ALA A 81 0.98 -15.29 -9.25
C ALA A 81 2.47 -15.28 -8.95
N PHE A 82 2.88 -16.13 -8.02
CA PHE A 82 4.28 -16.23 -7.62
C PHE A 82 4.99 -17.37 -8.33
N LEU A 83 6.31 -17.40 -8.20
CA LEU A 83 7.11 -18.43 -8.83
C LEU A 83 8.34 -18.76 -7.99
N PRO A 84 8.52 -20.04 -7.62
CA PRO A 84 9.66 -20.47 -6.81
C PRO A 84 10.99 -20.36 -7.55
N ILE A 85 11.82 -19.41 -7.13
CA ILE A 85 13.12 -19.20 -7.76
C ILE A 85 14.22 -19.86 -6.94
N GLY A 86 14.61 -21.06 -7.36
CA GLY A 86 15.66 -21.79 -6.65
C GLY A 86 16.99 -21.06 -6.66
N ASP A 87 17.10 -20.01 -5.86
CA ASP A 87 18.32 -19.22 -5.77
C ASP A 87 18.50 -18.66 -4.37
N ASN A 88 17.43 -18.07 -3.83
CA ASN A 88 17.47 -17.50 -2.49
C ASN A 88 16.09 -17.59 -1.84
N ASN A 89 15.35 -18.62 -2.19
CA ASN A 89 14.01 -18.84 -1.64
C ASN A 89 13.06 -17.71 -2.03
N THR A 90 13.46 -16.90 -3.01
CA THR A 90 12.64 -15.79 -3.47
C THR A 90 11.45 -16.29 -4.29
N LYS A 91 10.35 -15.54 -4.27
CA LYS A 91 9.17 -15.95 -5.02
C LYS A 91 8.64 -14.79 -5.86
N LEU A 92 9.07 -14.74 -7.12
CA LEU A 92 8.65 -13.69 -8.04
C LEU A 92 7.14 -13.71 -8.21
N PHE A 93 6.49 -12.77 -7.56
CA PHE A 93 5.03 -12.65 -7.63
C PHE A 93 4.63 -11.40 -8.38
N GLY A 94 3.44 -11.43 -8.98
CA GLY A 94 2.96 -10.28 -9.72
C GLY A 94 1.52 -10.43 -10.16
N GLY A 95 0.73 -9.38 -9.96
CA GLY A 95 -0.68 -9.44 -10.34
C GLY A 95 -1.38 -8.11 -10.16
N ALA A 96 -2.60 -8.15 -9.60
CA ALA A 96 -3.37 -6.95 -9.38
C ALA A 96 -3.87 -6.87 -7.93
N THR A 97 -4.59 -5.81 -7.62
CA THR A 97 -5.12 -5.61 -6.27
C THR A 97 -6.47 -4.90 -6.32
N LEU A 98 -7.27 -5.06 -5.26
CA LEU A 98 -8.58 -4.45 -5.19
C LEU A 98 -9.05 -4.35 -3.74
N GLY A 99 -9.51 -3.17 -3.34
CA GLY A 99 -9.97 -2.98 -1.98
C GLY A 99 -11.05 -1.92 -1.87
N LEU A 100 -11.15 -1.32 -0.69
CA LEU A 100 -12.13 -0.28 -0.43
C LEU A 100 -11.66 0.62 0.70
N VAL A 101 -11.73 1.93 0.47
CA VAL A 101 -11.30 2.90 1.47
C VAL A 101 -12.49 3.65 2.06
N LYS A 102 -12.63 3.57 3.37
CA LYS A 102 -13.73 4.25 4.07
C LYS A 102 -13.20 5.26 5.07
N LEU A 103 -13.83 6.42 5.12
CA LEU A 103 -13.42 7.48 6.05
C LEU A 103 -14.63 8.08 6.75
N GLU A 104 -14.54 8.23 8.07
CA GLU A 104 -15.63 8.79 8.85
C GLU A 104 -15.10 9.77 9.89
N GLN A 105 -15.98 10.59 10.44
CA GLN A 105 -15.60 11.58 11.44
C GLN A 105 -16.64 11.63 12.57
N ASP A 106 -16.29 12.34 13.64
CA ASP A 106 -17.18 12.46 14.80
C ASP A 106 -16.82 13.70 15.63
N GLY A 107 -17.82 14.27 16.27
CA GLY A 107 -17.59 15.45 17.09
C GLY A 107 -18.70 16.47 16.97
N LYS A 108 -18.37 17.74 17.19
CA LYS A 108 -19.35 18.81 17.11
C LYS A 108 -19.93 18.91 15.70
N GLY A 109 -21.17 18.48 15.55
CA GLY A 109 -21.83 18.53 14.26
C GLY A 109 -22.07 17.14 13.68
N PHE A 110 -23.21 16.55 14.00
CA PHE A 110 -23.56 15.23 13.52
C PHE A 110 -24.00 15.28 12.05
N LYS A 111 -23.31 14.52 11.20
CA LYS A 111 -23.63 14.49 9.79
C LYS A 111 -23.30 13.12 9.18
N ARG A 112 -24.16 12.64 8.31
CA ARG A 112 -23.96 11.35 7.66
C ARG A 112 -22.72 11.38 6.78
N ASP A 113 -21.56 11.19 7.39
CA ASP A 113 -20.29 11.18 6.66
C ASP A 113 -19.95 9.79 6.15
N SER A 114 -20.11 9.57 4.85
CA SER A 114 -19.82 8.28 4.25
C SER A 114 -19.39 8.44 2.79
N ASP A 115 -18.22 7.90 2.46
CA ASP A 115 -17.68 8.00 1.11
C ASP A 115 -16.92 6.73 0.74
N VAL A 116 -17.66 5.72 0.27
CA VAL A 116 -17.05 4.45 -0.11
C VAL A 116 -16.51 4.50 -1.54
N GLY A 117 -15.20 4.34 -1.69
CA GLY A 117 -14.58 4.37 -3.00
C GLY A 117 -14.09 3.01 -3.44
N TYR A 118 -13.73 2.89 -4.71
CA TYR A 118 -13.23 1.63 -5.26
C TYR A 118 -11.73 1.70 -5.49
N ALA A 119 -10.99 0.86 -4.76
CA ALA A 119 -9.54 0.82 -4.87
C ALA A 119 -9.10 -0.29 -5.83
N ALA A 120 -7.98 -0.06 -6.51
CA ALA A 120 -7.44 -1.04 -7.45
C ALA A 120 -6.08 -0.62 -7.95
N GLY A 121 -5.19 -1.59 -8.12
CA GLY A 121 -3.85 -1.30 -8.60
C GLY A 121 -3.10 -2.55 -9.03
N LEU A 122 -1.81 -2.60 -8.71
CA LEU A 122 -0.99 -3.75 -9.07
C LEU A 122 -0.01 -4.09 -7.94
N GLN A 123 0.71 -5.19 -8.11
CA GLN A 123 1.67 -5.63 -7.10
C GLN A 123 2.62 -6.66 -7.69
N ALA A 124 3.84 -6.75 -7.13
CA ALA A 124 4.82 -7.70 -7.59
C ALA A 124 6.14 -7.53 -6.82
N GLY A 125 6.79 -8.63 -6.54
CA GLY A 125 8.05 -8.60 -5.81
C GLY A 125 8.73 -9.94 -5.75
N ILE A 126 9.06 -10.37 -4.53
CA ILE A 126 9.72 -11.64 -4.31
C ILE A 126 9.55 -12.10 -2.87
N LEU A 127 8.94 -13.26 -2.68
CA LEU A 127 8.71 -13.79 -1.35
C LEU A 127 9.85 -14.73 -0.95
N GLN A 128 10.65 -14.29 0.02
CA GLN A 128 11.78 -15.07 0.50
C GLN A 128 11.37 -15.95 1.69
N GLU A 129 12.17 -16.97 1.97
CA GLU A 129 11.90 -17.88 3.08
C GLU A 129 13.04 -17.89 4.07
N LEU A 130 12.71 -18.06 5.35
CA LEU A 130 13.73 -18.08 6.41
C LEU A 130 13.88 -19.49 6.98
N SER A 131 12.79 -20.25 6.95
CA SER A 131 12.80 -21.61 7.46
C SER A 131 11.61 -22.40 6.90
N LYS A 132 11.32 -23.54 7.51
CA LYS A 132 10.20 -24.37 7.07
C LYS A 132 8.91 -23.96 7.76
N ASN A 133 8.62 -22.67 7.73
CA ASN A 133 7.40 -22.14 8.36
C ASN A 133 7.35 -20.62 8.29
N ALA A 134 8.52 -19.98 8.34
CA ALA A 134 8.59 -18.53 8.28
C ALA A 134 9.07 -18.05 6.90
N SER A 135 8.56 -16.90 6.48
CA SER A 135 8.95 -16.34 5.18
C SER A 135 8.84 -14.82 5.19
N ILE A 136 9.10 -14.21 4.04
CA ILE A 136 9.03 -12.77 3.90
C ILE A 136 8.61 -12.38 2.50
N GLU A 137 7.95 -11.24 2.39
CA GLU A 137 7.47 -10.75 1.10
C GLU A 137 7.78 -9.26 0.93
N GLY A 138 8.43 -8.93 -0.18
CA GLY A 138 8.78 -7.54 -0.43
C GLY A 138 8.86 -7.22 -1.91
N GLY A 139 8.72 -5.95 -2.24
CA GLY A 139 8.79 -5.54 -3.64
C GLY A 139 8.18 -4.17 -3.87
N TYR A 140 7.16 -4.13 -4.73
CA TYR A 140 6.49 -2.87 -5.04
C TYR A 140 4.98 -3.08 -5.15
N ARG A 141 4.22 -2.02 -4.87
CA ARG A 141 2.77 -2.09 -4.93
C ARG A 141 2.19 -0.86 -5.62
N TYR A 142 1.10 -1.07 -6.36
CA TYR A 142 0.43 0.01 -7.07
C TYR A 142 -1.02 0.14 -6.61
N LEU A 143 -1.52 1.36 -6.57
CA LEU A 143 -2.90 1.60 -6.14
C LEU A 143 -3.50 2.81 -6.85
N ARG A 144 -4.80 2.77 -7.10
CA ARG A 144 -5.51 3.86 -7.76
C ARG A 144 -6.82 4.15 -7.05
N THR A 145 -7.30 5.38 -7.19
CA THR A 145 -8.56 5.78 -6.57
C THR A 145 -9.67 5.96 -7.60
N ASN A 146 -10.76 5.23 -7.40
CA ASN A 146 -11.90 5.31 -8.31
C ASN A 146 -13.22 5.25 -7.54
N ALA A 147 -13.97 6.35 -7.59
CA ALA A 147 -15.26 6.43 -6.90
C ALA A 147 -16.41 6.36 -7.89
N SER A 148 -16.21 6.90 -9.08
CA SER A 148 -17.24 6.90 -10.11
C SER A 148 -16.62 7.11 -11.49
N THR A 149 -16.23 8.35 -11.77
CA THR A 149 -15.62 8.68 -13.06
C THR A 149 -16.57 8.35 -14.21
N GLU A 150 -17.21 9.37 -14.76
CA GLU A 150 -18.14 9.20 -15.86
C GLU A 150 -18.62 10.55 -16.39
N MET A 151 -18.97 11.45 -15.48
CA MET A 151 -19.44 12.77 -15.86
C MET A 151 -18.34 13.57 -16.55
N THR A 152 -18.35 13.54 -17.88
CA THR A 152 -17.36 14.26 -18.67
C THR A 152 -18.02 15.34 -19.53
N PRO A 153 -18.00 16.60 -19.06
CA PRO A 153 -18.60 17.72 -19.80
C PRO A 153 -18.15 17.77 -21.25
N HIS A 154 -16.84 17.95 -21.45
CA HIS A 154 -16.27 18.02 -22.79
C HIS A 154 -14.76 18.18 -22.73
N GLY A 155 -14.13 17.50 -21.78
CA GLY A 155 -12.69 17.58 -21.63
C GLY A 155 -12.26 18.74 -20.76
N GLY A 156 -11.16 19.38 -21.14
CA GLY A 156 -10.66 20.51 -20.37
C GLY A 156 -9.29 20.96 -20.83
N ASN A 157 -8.77 22.00 -20.20
CA ASN A 157 -7.45 22.53 -20.55
C ASN A 157 -6.35 21.68 -19.94
N LYS A 158 -5.61 20.97 -20.79
CA LYS A 158 -4.52 20.12 -20.34
C LYS A 158 -3.29 20.95 -19.97
N LEU A 159 -3.18 22.13 -20.57
CA LEU A 159 -2.05 23.01 -20.30
C LEU A 159 -0.76 22.45 -20.87
N GLY A 160 -0.30 21.33 -20.32
CA GLY A 160 0.91 20.71 -20.79
C GLY A 160 1.10 19.30 -20.26
N SER A 161 2.31 18.98 -19.83
CA SER A 161 2.61 17.67 -19.29
C SER A 161 1.89 17.43 -17.97
N LEU A 162 1.16 16.33 -17.87
CA LEU A 162 0.42 15.99 -16.66
C LEU A 162 0.35 14.48 -16.47
N ASP A 163 1.12 13.96 -15.52
CA ASP A 163 1.14 12.53 -15.25
C ASP A 163 0.58 12.25 -13.86
N LEU A 164 -0.62 11.67 -13.81
CA LEU A 164 -1.26 11.34 -12.55
C LEU A 164 -2.28 10.22 -12.73
N HIS A 165 -1.80 8.98 -12.68
CA HIS A 165 -2.67 7.83 -12.84
C HIS A 165 -2.34 6.76 -11.81
N SER A 166 -1.07 6.43 -11.67
CA SER A 166 -0.63 5.42 -10.71
C SER A 166 0.68 5.84 -10.04
N SER A 167 0.85 5.43 -8.79
CA SER A 167 2.07 5.77 -8.05
C SER A 167 2.93 4.52 -7.83
N SER A 168 4.24 4.72 -7.80
CA SER A 168 5.18 3.61 -7.61
C SER A 168 5.79 3.65 -6.22
N GLN A 169 5.96 2.49 -5.61
CA GLN A 169 6.52 2.39 -4.27
C GLN A 169 7.19 1.04 -4.06
N PHE A 170 8.16 0.99 -3.14
CA PHE A 170 8.86 -0.23 -2.83
C PHE A 170 8.67 -0.60 -1.36
N TYR A 171 8.30 -1.86 -1.11
CA TYR A 171 8.07 -2.33 0.23
C TYR A 171 8.76 -3.66 0.50
N LEU A 172 8.69 -4.07 1.75
CA LEU A 172 9.28 -5.32 2.21
C LEU A 172 8.70 -5.70 3.57
N GLY A 173 8.31 -6.97 3.74
CA GLY A 173 7.74 -7.40 5.00
C GLY A 173 7.92 -8.87 5.26
N ALA A 174 7.18 -9.38 6.24
CA ALA A 174 7.25 -10.79 6.60
C ALA A 174 6.00 -11.53 6.15
N ASN A 175 6.04 -12.87 6.23
CA ASN A 175 4.89 -13.68 5.84
C ASN A 175 4.96 -15.06 6.51
N TYR A 176 3.96 -15.35 7.33
CA TYR A 176 3.90 -16.63 8.03
C TYR A 176 2.66 -17.41 7.61
N LYS A 177 2.87 -18.59 7.04
CA LYS A 177 1.77 -19.44 6.60
C LYS A 177 1.33 -20.38 7.70
N PHE A 178 0.11 -20.90 7.58
CA PHE A 178 -0.44 -21.81 8.57
C PHE A 178 -0.89 -23.12 7.92
N ALA A 1 -3.65 -24.21 -2.57
CA ALA A 1 -4.59 -23.42 -1.75
C ALA A 1 -4.19 -23.47 -0.28
N ASP A 2 -3.43 -22.47 0.17
CA ASP A 2 -2.99 -22.42 1.56
C ASP A 2 -3.22 -21.03 2.15
N ASN A 3 -3.19 -20.94 3.48
CA ASN A 3 -3.40 -19.67 4.15
C ASN A 3 -2.12 -19.21 4.84
N PHE A 4 -1.87 -17.91 4.82
CA PHE A 4 -0.67 -17.36 5.45
C PHE A 4 -0.93 -15.97 6.02
N VAL A 5 0.00 -15.49 6.84
CA VAL A 5 -0.14 -14.18 7.47
C VAL A 5 1.23 -13.61 7.86
N GLY A 6 1.38 -12.30 7.73
CA GLY A 6 2.63 -11.65 8.08
C GLY A 6 2.46 -10.17 8.34
N LEU A 7 3.45 -9.38 7.92
CA LEU A 7 3.41 -7.93 8.10
C LEU A 7 3.50 -7.21 6.76
N THR A 8 2.94 -6.01 6.71
CA THR A 8 2.96 -5.21 5.49
C THR A 8 3.64 -3.87 5.72
N TRP A 9 4.78 -3.67 5.07
CA TRP A 9 5.53 -2.43 5.21
C TRP A 9 5.69 -1.75 3.86
N GLY A 10 5.05 -0.58 3.70
CA GLY A 10 5.13 0.15 2.45
C GLY A 10 5.92 1.43 2.58
N GLU A 11 7.05 1.50 1.90
CA GLU A 11 7.90 2.69 1.94
C GLU A 11 7.60 3.62 0.77
N THR A 12 7.18 4.85 1.07
CA THR A 12 6.87 5.83 0.04
C THR A 12 8.07 6.70 -0.28
N SER A 13 8.71 6.41 -1.41
CA SER A 13 9.89 7.16 -1.84
C SER A 13 9.99 7.20 -3.36
N ASN A 14 9.61 8.34 -3.95
CA ASN A 14 9.66 8.50 -5.39
C ASN A 14 10.98 9.14 -5.82
N ASN A 15 12.05 8.35 -5.81
CA ASN A 15 13.36 8.83 -6.19
C ASN A 15 13.57 8.73 -7.71
N ILE A 16 13.78 9.87 -8.35
CA ILE A 16 13.99 9.90 -9.79
C ILE A 16 15.36 9.34 -10.16
N GLN A 17 15.56 8.05 -9.90
CA GLN A 17 16.83 7.41 -10.21
C GLN A 17 17.98 8.04 -9.42
N LYS A 18 19.19 7.61 -9.71
CA LYS A 18 20.38 8.14 -9.04
C LYS A 18 20.51 9.64 -9.26
N SER A 19 21.57 10.23 -8.71
CA SER A 19 21.81 11.66 -8.85
C SER A 19 23.28 11.95 -9.10
N LYS A 20 23.57 12.66 -10.18
CA LYS A 20 24.94 13.01 -10.53
C LYS A 20 25.37 14.31 -9.86
N SER A 21 26.67 14.51 -9.74
CA SER A 21 27.21 15.72 -9.12
C SER A 21 28.53 16.11 -9.76
N LEU A 22 28.75 17.43 -9.88
CA LEU A 22 29.98 17.93 -10.48
C LEU A 22 30.78 18.75 -9.46
N ASN A 23 30.67 18.37 -8.20
CA ASN A 23 31.39 19.05 -7.13
C ASN A 23 32.87 18.70 -7.14
N ARG A 24 33.58 19.05 -6.08
CA ARG A 24 35.00 18.77 -5.97
C ARG A 24 35.24 17.48 -5.20
N ASN A 25 34.43 16.46 -5.49
CA ASN A 25 34.55 15.17 -4.82
C ASN A 25 33.55 14.17 -5.39
N LEU A 26 33.83 12.88 -5.20
CA LEU A 26 32.96 11.82 -5.70
C LEU A 26 32.92 10.66 -4.73
N ASN A 27 34.10 10.16 -4.35
CA ASN A 27 34.20 9.03 -3.43
C ASN A 27 34.40 9.52 -2.00
N SER A 28 33.32 9.94 -1.37
CA SER A 28 33.37 10.43 0.01
C SER A 28 31.99 10.39 0.65
N PRO A 29 31.90 9.96 1.93
CA PRO A 29 30.63 9.88 2.65
C PRO A 29 29.88 11.21 2.64
N ASN A 30 28.57 11.15 2.85
CA ASN A 30 27.73 12.34 2.87
C ASN A 30 26.81 12.34 4.08
N LEU A 31 26.48 13.53 4.57
CA LEU A 31 25.61 13.67 5.73
C LEU A 31 24.27 14.29 5.32
N ASP A 32 23.66 13.73 4.27
CA ASP A 32 22.38 14.21 3.79
C ASP A 32 21.27 13.19 4.06
N LYS A 33 20.81 13.16 5.30
CA LYS A 33 19.74 12.24 5.69
C LYS A 33 18.79 12.89 6.69
N VAL A 34 19.35 13.51 7.73
CA VAL A 34 18.57 14.18 8.75
C VAL A 34 17.37 13.34 9.19
N ILE A 35 17.51 12.02 9.11
CA ILE A 35 16.44 11.11 9.50
C ILE A 35 15.21 11.30 8.62
N ASP A 36 14.53 10.20 8.30
CA ASP A 36 13.33 10.25 7.47
C ASP A 36 12.51 8.96 7.64
N ASN A 37 11.29 9.12 8.12
CA ASN A 37 10.39 7.98 8.33
C ASN A 37 9.00 8.26 7.77
N THR A 38 8.49 7.35 6.95
CA THR A 38 7.17 7.50 6.37
C THR A 38 6.81 6.30 5.51
N GLY A 39 5.52 6.01 5.41
CA GLY A 39 5.07 4.87 4.62
C GLY A 39 3.77 4.29 5.12
N THR A 40 3.69 2.96 5.18
CA THR A 40 2.49 2.28 5.65
C THR A 40 2.84 1.16 6.62
N TRP A 41 1.99 0.97 7.63
CA TRP A 41 2.20 -0.06 8.63
C TRP A 41 0.91 -0.80 8.94
N GLY A 42 0.79 -2.02 8.43
CA GLY A 42 -0.41 -2.81 8.66
C GLY A 42 -0.11 -4.28 8.84
N ILE A 43 -1.14 -5.11 8.74
CA ILE A 43 -0.99 -6.55 8.90
C ILE A 43 -1.09 -7.26 7.56
N ARG A 44 -0.56 -8.47 7.48
CA ARG A 44 -0.60 -9.25 6.25
C ARG A 44 -1.29 -10.59 6.49
N ALA A 45 -2.23 -10.93 5.62
CA ALA A 45 -2.97 -12.17 5.73
C ALA A 45 -3.67 -12.49 4.41
N GLY A 46 -3.29 -13.62 3.81
CA GLY A 46 -3.90 -14.02 2.55
C GLY A 46 -3.97 -15.52 2.38
N GLN A 47 -3.76 -15.99 1.16
CA GLN A 47 -3.81 -17.42 0.87
C GLN A 47 -2.96 -17.75 -0.35
N GLN A 48 -2.04 -18.70 -0.18
CA GLN A 48 -1.17 -19.10 -1.26
C GLN A 48 -1.71 -20.34 -1.99
N PHE A 49 -2.18 -20.12 -3.22
CA PHE A 49 -2.73 -21.19 -4.03
C PHE A 49 -1.68 -21.69 -5.02
N GLU A 50 -1.87 -22.90 -5.52
CA GLU A 50 -0.93 -23.50 -6.47
C GLU A 50 -0.72 -22.59 -7.69
N GLN A 51 -1.72 -21.79 -8.03
CA GLN A 51 -1.62 -20.89 -9.18
C GLN A 51 -2.14 -19.50 -8.86
N GLY A 52 -2.12 -19.12 -7.58
CA GLY A 52 -2.60 -17.79 -7.21
C GLY A 52 -2.38 -17.50 -5.74
N ARG A 53 -1.85 -16.32 -5.44
CA ARG A 53 -1.59 -15.92 -4.06
C ARG A 53 -2.43 -14.70 -3.68
N TYR A 54 -3.08 -14.78 -2.52
CA TYR A 54 -3.92 -13.68 -2.04
C TYR A 54 -3.12 -12.80 -1.09
N TYR A 55 -3.29 -11.48 -1.21
CA TYR A 55 -2.58 -10.54 -0.36
C TYR A 55 -3.53 -9.52 0.26
N ALA A 56 -3.88 -9.74 1.52
CA ALA A 56 -4.78 -8.84 2.23
C ALA A 56 -3.99 -8.02 3.26
N THR A 57 -3.99 -6.71 3.09
CA THR A 57 -3.27 -5.83 3.99
C THR A 57 -4.20 -4.80 4.62
N TYR A 58 -4.37 -4.89 5.93
CA TYR A 58 -5.23 -3.97 6.67
C TYR A 58 -4.44 -2.75 7.13
N GLU A 59 -4.73 -1.60 6.54
CA GLU A 59 -4.05 -0.36 6.89
C GLU A 59 -5.01 0.82 6.92
N ASN A 60 -4.48 2.00 7.24
CA ASN A 60 -5.29 3.22 7.30
C ASN A 60 -4.46 4.45 6.93
N ILE A 61 -3.61 4.88 7.85
CA ILE A 61 -2.77 6.05 7.63
C ILE A 61 -1.56 6.04 8.55
N SER A 62 -0.40 6.44 8.03
CA SER A 62 0.82 6.48 8.81
C SER A 62 1.20 7.92 9.14
N ASP A 63 0.88 8.84 8.24
CA ASP A 63 1.19 10.25 8.46
C ASP A 63 -0.09 11.08 8.56
N THR A 64 -0.12 11.95 9.56
CA THR A 64 -1.29 12.81 9.78
C THR A 64 -0.90 14.28 9.73
N SER A 65 0.10 14.60 8.91
CA SER A 65 0.57 15.98 8.76
C SER A 65 -0.47 16.83 8.04
N SER A 66 -1.23 16.20 7.14
CA SER A 66 -2.26 16.91 6.39
C SER A 66 -3.31 17.50 7.33
N GLY A 67 -3.60 16.78 8.40
CA GLY A 67 -4.59 17.26 9.37
C GLY A 67 -4.81 16.28 10.50
N ASN A 68 -6.08 16.04 10.83
CA ASN A 68 -6.42 15.12 11.92
C ASN A 68 -7.13 13.89 11.37
N LYS A 69 -6.70 12.71 11.82
CA LYS A 69 -7.29 11.46 11.37
C LYS A 69 -7.09 10.37 12.42
N LEU A 70 -7.93 9.34 12.36
CA LEU A 70 -7.83 8.22 13.31
C LEU A 70 -8.76 7.08 12.89
N ARG A 71 -10.06 7.33 12.93
CA ARG A 71 -11.04 6.32 12.56
C ARG A 71 -11.03 6.09 11.04
N GLN A 72 -10.24 5.12 10.60
CA GLN A 72 -10.14 4.81 9.18
C GLN A 72 -9.74 3.36 8.97
N GLN A 73 -10.29 2.75 7.92
CA GLN A 73 -9.99 1.36 7.60
C GLN A 73 -9.79 1.17 6.10
N ASN A 74 -8.65 0.61 5.73
CA ASN A 74 -8.33 0.37 4.32
C ASN A 74 -7.92 -1.07 4.09
N LEU A 75 -8.78 -1.82 3.39
CA LEU A 75 -8.51 -3.22 3.09
C LEU A 75 -8.11 -3.39 1.63
N LEU A 76 -6.88 -3.85 1.39
CA LEU A 76 -6.39 -4.05 0.04
C LEU A 76 -6.27 -5.53 -0.29
N GLY A 77 -6.95 -5.95 -1.35
CA GLY A 77 -6.91 -7.34 -1.76
C GLY A 77 -6.38 -7.49 -3.17
N SER A 78 -5.29 -8.24 -3.32
CA SER A 78 -4.69 -8.45 -4.63
C SER A 78 -4.44 -9.92 -4.91
N TYR A 79 -4.60 -10.31 -6.17
CA TYR A 79 -4.38 -11.69 -6.60
C TYR A 79 -3.22 -11.76 -7.58
N ASP A 80 -2.12 -12.36 -7.13
CA ASP A 80 -0.93 -12.48 -7.98
C ASP A 80 -0.47 -13.92 -8.08
N ALA A 81 0.38 -14.20 -9.06
CA ALA A 81 0.91 -15.54 -9.26
C ALA A 81 2.40 -15.58 -8.91
N PHE A 82 2.74 -16.39 -7.91
CA PHE A 82 4.12 -16.52 -7.46
C PHE A 82 4.80 -17.74 -8.07
N LEU A 83 6.13 -17.72 -8.06
CA LEU A 83 6.91 -18.83 -8.62
C LEU A 83 8.38 -18.74 -8.18
N PRO A 84 8.91 -19.80 -7.55
CA PRO A 84 10.31 -19.81 -7.09
C PRO A 84 11.29 -19.52 -8.21
N ILE A 85 11.89 -18.34 -8.18
CA ILE A 85 12.86 -17.94 -9.20
C ILE A 85 13.80 -16.86 -8.68
N GLY A 86 15.09 -17.11 -8.81
CA GLY A 86 16.07 -16.14 -8.37
C GLY A 86 17.13 -16.74 -7.47
N ASP A 87 16.92 -16.62 -6.16
CA ASP A 87 17.88 -17.15 -5.18
C ASP A 87 17.62 -18.63 -4.95
N ASN A 88 16.56 -18.95 -4.22
CA ASN A 88 16.22 -20.33 -3.92
C ASN A 88 14.87 -20.43 -3.21
N ASN A 89 14.62 -19.49 -2.31
CA ASN A 89 13.36 -19.48 -1.56
C ASN A 89 12.54 -18.22 -1.86
N THR A 90 12.90 -17.52 -2.94
CA THR A 90 12.19 -16.31 -3.34
C THR A 90 10.90 -16.67 -4.08
N LYS A 91 9.91 -15.80 -4.02
CA LYS A 91 8.65 -16.08 -4.71
C LYS A 91 8.22 -14.89 -5.56
N LEU A 92 8.63 -14.91 -6.83
CA LEU A 92 8.27 -13.86 -7.75
C LEU A 92 6.79 -13.88 -8.02
N PHE A 93 6.08 -12.96 -7.40
CA PHE A 93 4.64 -12.86 -7.55
C PHE A 93 4.27 -11.61 -8.32
N GLY A 94 3.15 -11.66 -9.04
CA GLY A 94 2.71 -10.52 -9.81
C GLY A 94 1.30 -10.66 -10.33
N GLY A 95 0.50 -9.62 -10.15
CA GLY A 95 -0.88 -9.66 -10.61
C GLY A 95 -1.59 -8.33 -10.44
N ALA A 96 -2.88 -8.39 -10.13
CA ALA A 96 -3.68 -7.18 -9.94
C ALA A 96 -4.03 -6.98 -8.47
N THR A 97 -4.35 -5.75 -8.09
CA THR A 97 -4.72 -5.45 -6.72
C THR A 97 -6.01 -4.63 -6.67
N LEU A 98 -6.75 -4.79 -5.57
CA LEU A 98 -8.01 -4.08 -5.39
C LEU A 98 -8.40 -4.04 -3.91
N GLY A 99 -8.67 -2.84 -3.41
CA GLY A 99 -9.05 -2.70 -2.02
C GLY A 99 -10.30 -1.86 -1.84
N LEU A 100 -10.46 -1.29 -0.65
CA LEU A 100 -11.61 -0.45 -0.34
C LEU A 100 -11.26 0.54 0.76
N VAL A 101 -11.49 1.82 0.49
CA VAL A 101 -11.21 2.87 1.46
C VAL A 101 -12.49 3.49 1.99
N LYS A 102 -12.65 3.50 3.30
CA LYS A 102 -13.84 4.06 3.93
C LYS A 102 -13.49 4.84 5.19
N LEU A 103 -14.21 5.92 5.44
CA LEU A 103 -13.96 6.75 6.62
C LEU A 103 -15.22 6.82 7.50
N GLU A 104 -15.02 7.15 8.77
CA GLU A 104 -16.13 7.27 9.71
C GLU A 104 -16.09 8.60 10.44
N GLN A 105 -17.22 9.31 10.41
CA GLN A 105 -17.32 10.61 11.08
C GLN A 105 -18.28 10.54 12.25
N ASP A 106 -18.14 11.50 13.18
CA ASP A 106 -19.00 11.56 14.35
C ASP A 106 -18.94 12.93 15.02
N GLY A 107 -20.10 13.47 15.35
CA GLY A 107 -20.16 14.77 15.98
C GLY A 107 -21.52 15.44 15.82
N LYS A 108 -21.69 16.18 14.73
CA LYS A 108 -22.96 16.86 14.48
C LYS A 108 -22.89 17.63 13.16
N GLY A 109 -21.73 18.21 12.86
CA GLY A 109 -21.57 18.96 11.63
C GLY A 109 -21.94 18.15 10.39
N PHE A 110 -20.93 17.63 9.71
CA PHE A 110 -21.15 16.83 8.51
C PHE A 110 -21.26 15.36 8.84
N LYS A 111 -22.23 14.69 8.23
CA LYS A 111 -22.44 13.26 8.46
C LYS A 111 -22.95 12.58 7.20
N ARG A 112 -23.06 11.25 7.25
CA ARG A 112 -23.55 10.49 6.11
C ARG A 112 -22.64 10.68 4.90
N ASP A 113 -23.03 10.09 3.78
CA ASP A 113 -22.25 10.20 2.54
C ASP A 113 -20.96 9.39 2.65
N SER A 114 -20.08 9.81 3.55
CA SER A 114 -18.81 9.13 3.74
C SER A 114 -17.94 9.20 2.49
N ASP A 115 -16.63 9.20 2.67
CA ASP A 115 -15.70 9.27 1.56
C ASP A 115 -15.23 7.89 1.14
N VAL A 116 -16.16 7.07 0.65
CA VAL A 116 -15.85 5.72 0.23
C VAL A 116 -15.42 5.69 -1.23
N GLY A 117 -14.62 4.69 -1.60
CA GLY A 117 -14.15 4.58 -2.97
C GLY A 117 -13.72 3.17 -3.31
N TYR A 118 -13.05 3.01 -4.45
CA TYR A 118 -12.58 1.71 -4.90
C TYR A 118 -11.14 1.79 -5.40
N ALA A 119 -10.31 0.83 -4.98
CA ALA A 119 -8.92 0.79 -5.39
C ALA A 119 -8.67 -0.33 -6.41
N ALA A 120 -7.81 -0.05 -7.38
CA ALA A 120 -7.49 -1.03 -8.41
C ALA A 120 -6.14 -0.74 -9.06
N GLY A 121 -5.32 -1.77 -9.21
CA GLY A 121 -4.01 -1.60 -9.81
C GLY A 121 -3.30 -2.91 -10.03
N LEU A 122 -1.99 -2.93 -9.75
CA LEU A 122 -1.19 -4.14 -9.91
C LEU A 122 0.03 -4.10 -9.01
N GLN A 123 0.63 -5.25 -8.77
CA GLN A 123 1.81 -5.35 -7.91
C GLN A 123 2.62 -6.60 -8.24
N ALA A 124 3.75 -6.76 -7.54
CA ALA A 124 4.63 -7.89 -7.74
C ALA A 124 5.88 -7.76 -6.87
N GLY A 125 6.34 -8.89 -6.33
CA GLY A 125 7.52 -8.87 -5.49
C GLY A 125 8.24 -10.21 -5.46
N ILE A 126 8.73 -10.59 -4.28
CA ILE A 126 9.45 -11.84 -4.11
C ILE A 126 9.43 -12.25 -2.64
N LEU A 127 8.87 -13.42 -2.35
CA LEU A 127 8.80 -13.92 -0.99
C LEU A 127 9.96 -14.87 -0.71
N GLN A 128 10.89 -14.42 0.12
CA GLN A 128 12.05 -15.22 0.48
C GLN A 128 11.87 -15.86 1.86
N GLU A 129 12.33 -17.09 2.00
CA GLU A 129 12.23 -17.81 3.27
C GLU A 129 13.61 -18.14 3.83
N LEU A 130 13.73 -18.18 5.15
CA LEU A 130 15.00 -18.49 5.79
C LEU A 130 14.97 -19.87 6.44
N SER A 131 13.83 -20.20 7.05
CA SER A 131 13.66 -21.48 7.72
C SER A 131 12.19 -21.68 8.09
N LYS A 132 11.93 -22.65 8.97
CA LYS A 132 10.58 -22.93 9.41
C LYS A 132 10.20 -22.01 10.57
N ASN A 133 10.36 -20.71 10.37
CA ASN A 133 10.03 -19.73 11.41
C ASN A 133 9.21 -18.58 10.83
N ALA A 134 9.74 -17.94 9.80
CA ALA A 134 9.06 -16.82 9.17
C ALA A 134 9.68 -16.47 7.82
N SER A 135 8.87 -15.96 6.90
CA SER A 135 9.35 -15.59 5.58
C SER A 135 9.42 -14.07 5.44
N ILE A 136 10.05 -13.62 4.35
CA ILE A 136 10.19 -12.20 4.09
C ILE A 136 9.80 -11.88 2.66
N GLU A 137 9.02 -10.82 2.49
CA GLU A 137 8.58 -10.40 1.16
C GLU A 137 9.09 -9.01 0.83
N GLY A 138 9.27 -8.74 -0.46
CA GLY A 138 9.75 -7.45 -0.90
C GLY A 138 9.48 -7.19 -2.36
N GLY A 139 8.69 -6.15 -2.65
CA GLY A 139 8.36 -5.84 -4.03
C GLY A 139 7.85 -4.42 -4.20
N TYR A 140 7.01 -4.22 -5.21
CA TYR A 140 6.45 -2.91 -5.50
C TYR A 140 4.93 -3.01 -5.70
N ARG A 141 4.24 -1.87 -5.57
CA ARG A 141 2.80 -1.84 -5.74
C ARG A 141 2.35 -0.51 -6.35
N TYR A 142 1.44 -0.58 -7.31
CA TYR A 142 0.93 0.61 -7.97
C TYR A 142 -0.55 0.45 -8.31
N LEU A 143 -1.36 1.42 -7.90
CA LEU A 143 -2.80 1.37 -8.17
C LEU A 143 -3.40 2.78 -8.14
N ARG A 144 -4.58 2.92 -8.71
CA ARG A 144 -5.27 4.21 -8.75
C ARG A 144 -6.39 4.26 -7.71
N THR A 145 -6.78 5.47 -7.32
CA THR A 145 -7.84 5.65 -6.34
C THR A 145 -9.09 6.21 -6.99
N ASN A 146 -10.22 5.56 -6.74
CA ASN A 146 -11.49 5.99 -7.31
C ASN A 146 -12.56 6.14 -6.23
N ALA A 147 -13.51 7.03 -6.46
CA ALA A 147 -14.58 7.26 -5.50
C ALA A 147 -15.95 7.26 -6.20
N SER A 148 -16.03 7.96 -7.32
CA SER A 148 -17.27 8.04 -8.08
C SER A 148 -17.03 7.70 -9.55
N THR A 149 -18.08 7.82 -10.35
CA THR A 149 -17.97 7.52 -11.78
C THR A 149 -18.79 8.52 -12.60
N GLU A 150 -20.11 8.47 -12.44
CA GLU A 150 -21.00 9.36 -13.17
C GLU A 150 -21.03 10.75 -12.52
N MET A 151 -20.13 11.62 -12.97
CA MET A 151 -20.05 12.97 -12.43
C MET A 151 -21.36 13.72 -12.65
N THR A 152 -21.89 13.64 -13.87
CA THR A 152 -23.14 14.31 -14.21
C THR A 152 -24.22 13.30 -14.58
N PRO A 153 -25.48 13.57 -14.23
CA PRO A 153 -26.60 12.68 -14.54
C PRO A 153 -26.97 12.69 -16.01
N HIS A 154 -27.03 13.88 -16.59
CA HIS A 154 -27.36 14.03 -18.00
C HIS A 154 -26.20 14.62 -18.79
N GLY A 155 -26.21 14.41 -20.10
CA GLY A 155 -25.14 14.92 -20.94
C GLY A 155 -24.08 13.89 -21.23
N GLY A 156 -23.90 12.95 -20.30
CA GLY A 156 -22.91 11.91 -20.48
C GLY A 156 -21.64 12.18 -19.69
N ASN A 157 -20.57 11.48 -20.05
CA ASN A 157 -19.28 11.65 -19.37
C ASN A 157 -18.25 12.24 -20.32
N LYS A 158 -17.55 13.27 -19.85
CA LYS A 158 -16.52 13.92 -20.66
C LYS A 158 -15.20 14.00 -19.90
N LEU A 159 -15.17 14.85 -18.88
CA LEU A 159 -13.96 15.02 -18.07
C LEU A 159 -14.04 14.19 -16.78
N GLY A 160 -13.54 12.96 -16.86
CA GLY A 160 -13.57 12.09 -15.71
C GLY A 160 -13.24 10.65 -16.06
N SER A 161 -12.24 10.47 -16.92
CA SER A 161 -11.82 9.14 -17.33
C SER A 161 -10.44 9.18 -17.97
N LEU A 162 -9.81 8.01 -18.09
CA LEU A 162 -8.48 7.91 -18.68
C LEU A 162 -7.43 8.57 -17.78
N ASP A 163 -7.47 9.88 -17.71
CA ASP A 163 -6.53 10.63 -16.88
C ASP A 163 -6.74 10.34 -15.40
N LEU A 164 -6.25 9.18 -14.96
CA LEU A 164 -6.38 8.77 -13.57
C LEU A 164 -5.04 8.80 -12.86
N HIS A 165 -3.97 8.47 -13.60
CA HIS A 165 -2.63 8.46 -13.04
C HIS A 165 -2.53 7.47 -11.89
N SER A 166 -1.31 6.99 -11.65
CA SER A 166 -1.07 6.03 -10.57
C SER A 166 0.08 6.48 -9.68
N SER A 167 0.07 6.04 -8.43
CA SER A 167 1.11 6.41 -7.48
C SER A 167 2.15 5.31 -7.37
N SER A 168 3.27 5.61 -6.72
CA SER A 168 4.35 4.66 -6.56
C SER A 168 4.41 4.15 -5.11
N GLN A 169 4.32 2.84 -4.94
CA GLN A 169 4.36 2.24 -3.61
C GLN A 169 5.38 1.10 -3.57
N PHE A 170 5.88 0.81 -2.38
CA PHE A 170 6.85 -0.24 -2.20
C PHE A 170 6.24 -1.38 -1.39
N TYR A 171 6.88 -2.52 -1.43
CA TYR A 171 6.42 -3.71 -0.73
C TYR A 171 7.56 -4.35 0.06
N LEU A 172 7.33 -4.56 1.34
CA LEU A 172 8.33 -5.18 2.21
C LEU A 172 7.69 -5.67 3.51
N GLY A 173 7.95 -6.92 3.87
CA GLY A 173 7.38 -7.47 5.09
C GLY A 173 7.68 -8.95 5.26
N ALA A 174 6.79 -9.64 5.98
CA ALA A 174 6.96 -11.07 6.22
C ALA A 174 5.70 -11.83 5.82
N ASN A 175 5.79 -13.16 5.84
CA ASN A 175 4.67 -14.02 5.49
C ASN A 175 4.80 -15.39 6.14
N TYR A 176 3.81 -15.73 6.97
CA TYR A 176 3.81 -17.01 7.66
C TYR A 176 2.57 -17.82 7.31
N LYS A 177 2.79 -18.97 6.67
CA LYS A 177 1.70 -19.85 6.25
C LYS A 177 1.24 -20.72 7.42
N PHE A 178 -0.06 -21.01 7.46
CA PHE A 178 -0.63 -21.83 8.51
C PHE A 178 -0.81 -23.28 8.05
N ALA A 1 -1.01 -25.18 -2.77
CA ALA A 1 -2.02 -24.42 -1.98
C ALA A 1 -1.67 -24.43 -0.49
N ASP A 2 -1.62 -23.24 0.11
CA ASP A 2 -1.30 -23.12 1.52
C ASP A 2 -1.71 -21.75 2.06
N ASN A 3 -2.27 -21.73 3.27
CA ASN A 3 -2.69 -20.48 3.88
C ASN A 3 -1.50 -19.76 4.51
N PHE A 4 -1.62 -18.45 4.68
CA PHE A 4 -0.54 -17.67 5.27
C PHE A 4 -1.07 -16.38 5.88
N VAL A 5 -0.23 -15.77 6.71
CA VAL A 5 -0.58 -14.52 7.39
C VAL A 5 0.68 -13.77 7.82
N GLY A 6 0.76 -12.50 7.45
CA GLY A 6 1.91 -11.68 7.82
C GLY A 6 1.57 -10.22 7.96
N LEU A 7 2.52 -9.36 7.62
CA LEU A 7 2.31 -7.92 7.71
C LEU A 7 3.04 -7.19 6.59
N THR A 8 2.38 -6.21 5.99
CA THR A 8 2.97 -5.44 4.90
C THR A 8 3.48 -4.10 5.40
N TRP A 9 4.50 -3.57 4.73
CA TRP A 9 5.08 -2.29 5.11
C TRP A 9 5.64 -1.56 3.90
N GLY A 10 5.23 -0.29 3.74
CA GLY A 10 5.70 0.49 2.61
C GLY A 10 6.79 1.47 3.01
N GLU A 11 7.80 1.59 2.16
CA GLU A 11 8.91 2.49 2.43
C GLU A 11 8.56 3.92 2.01
N THR A 12 8.39 4.79 3.00
CA THR A 12 8.05 6.19 2.74
C THR A 12 9.22 7.11 3.08
N SER A 13 9.35 8.19 2.33
CA SER A 13 10.43 9.14 2.56
C SER A 13 10.00 10.55 2.15
N ASN A 14 9.68 11.37 3.15
CA ASN A 14 9.25 12.75 2.90
C ASN A 14 7.96 12.77 2.09
N ASN A 15 6.83 12.87 2.77
CA ASN A 15 5.53 12.90 2.11
C ASN A 15 5.09 14.34 1.86
N ILE A 16 4.32 14.54 0.79
CA ILE A 16 3.83 15.87 0.43
C ILE A 16 2.37 15.81 -0.02
N GLN A 17 1.62 14.87 0.53
CA GLN A 17 0.21 14.71 0.18
C GLN A 17 -0.69 15.23 1.30
N LYS A 18 -0.52 14.67 2.49
CA LYS A 18 -1.32 15.08 3.64
C LYS A 18 -0.56 14.85 4.94
N SER A 19 -0.87 15.67 5.94
CA SER A 19 -0.21 15.56 7.24
C SER A 19 1.30 15.79 7.11
N LYS A 20 1.77 16.92 7.63
CA LYS A 20 3.19 17.26 7.57
C LYS A 20 3.76 17.46 8.97
N SER A 21 3.15 18.35 9.73
CA SER A 21 3.59 18.64 11.08
C SER A 21 5.01 19.19 11.08
N LEU A 22 5.35 19.94 12.12
CA LEU A 22 6.68 20.52 12.24
C LEU A 22 7.05 20.73 13.71
N ASN A 23 8.36 20.79 13.99
CA ASN A 23 8.84 20.99 15.35
C ASN A 23 9.56 22.33 15.48
N ARG A 24 10.10 22.59 16.66
CA ARG A 24 10.82 23.83 16.92
C ARG A 24 12.19 23.55 17.51
N ASN A 25 12.24 22.66 18.48
CA ASN A 25 13.50 22.30 19.13
C ASN A 25 13.65 20.78 19.22
N LEU A 26 12.83 20.16 20.06
CA LEU A 26 12.88 18.71 20.24
C LEU A 26 14.24 18.27 20.76
N ASN A 27 14.31 18.00 22.06
CA ASN A 27 15.56 17.57 22.69
C ASN A 27 15.46 16.11 23.14
N SER A 28 14.94 15.25 22.26
CA SER A 28 14.80 13.83 22.58
C SER A 28 15.34 12.97 21.46
N PRO A 29 16.60 12.51 21.57
CA PRO A 29 17.22 11.67 20.55
C PRO A 29 16.59 10.29 20.46
N ASN A 30 16.30 9.70 21.63
CA ASN A 30 15.68 8.38 21.68
C ASN A 30 14.17 8.47 21.53
N LEU A 31 13.73 9.05 20.41
CA LEU A 31 12.30 9.20 20.15
C LEU A 31 12.02 9.10 18.64
N ASP A 32 12.79 9.85 17.85
CA ASP A 32 12.62 9.84 16.41
C ASP A 32 13.96 10.02 15.70
N LYS A 33 14.66 8.91 15.47
CA LYS A 33 15.95 8.96 14.80
C LYS A 33 15.79 9.21 13.31
N VAL A 34 15.31 8.19 12.59
CA VAL A 34 15.12 8.30 11.15
C VAL A 34 13.76 7.74 10.74
N ILE A 35 13.44 6.55 11.25
CA ILE A 35 12.18 5.90 10.94
C ILE A 35 11.38 5.62 12.21
N ASP A 36 10.36 6.43 12.46
CA ASP A 36 9.51 6.27 13.63
C ASP A 36 8.04 6.21 13.23
N ASN A 37 7.53 7.29 12.65
CA ASN A 37 6.14 7.35 12.23
C ASN A 37 6.04 7.51 10.72
N THR A 38 7.02 6.96 10.00
CA THR A 38 7.04 7.04 8.55
C THR A 38 6.98 5.65 7.92
N GLY A 39 5.92 5.40 7.16
CA GLY A 39 5.77 4.10 6.52
C GLY A 39 4.37 3.54 6.68
N THR A 40 3.84 2.96 5.62
CA THR A 40 2.51 2.38 5.65
C THR A 40 2.55 0.89 5.96
N TRP A 41 2.09 0.51 7.16
CA TRP A 41 2.09 -0.88 7.57
C TRP A 41 0.83 -1.58 7.09
N GLY A 42 0.68 -2.85 7.43
CA GLY A 42 -0.49 -3.61 7.01
C GLY A 42 -0.49 -5.03 7.52
N ILE A 43 -1.68 -5.61 7.57
CA ILE A 43 -1.84 -6.99 8.03
C ILE A 43 -2.12 -7.90 6.84
N ARG A 44 -1.31 -8.93 6.68
CA ARG A 44 -1.46 -9.87 5.59
C ARG A 44 -2.05 -11.18 6.07
N ALA A 45 -3.02 -11.66 5.33
CA ALA A 45 -3.69 -12.92 5.65
C ALA A 45 -4.46 -13.42 4.43
N GLY A 46 -4.01 -14.52 3.85
CA GLY A 46 -4.68 -15.07 2.69
C GLY A 46 -4.39 -16.53 2.45
N GLN A 47 -4.67 -17.01 1.25
CA GLN A 47 -4.44 -18.39 0.88
C GLN A 47 -3.60 -18.52 -0.37
N GLN A 48 -2.72 -19.51 -0.39
CA GLN A 48 -1.85 -19.76 -1.53
C GLN A 48 -2.43 -20.84 -2.44
N PHE A 49 -1.95 -20.90 -3.67
CA PHE A 49 -2.43 -21.88 -4.63
C PHE A 49 -1.27 -22.70 -5.20
N GLU A 50 -1.56 -23.47 -6.24
CA GLU A 50 -0.55 -24.31 -6.88
C GLU A 50 0.51 -23.46 -7.58
N GLN A 51 0.10 -22.31 -8.09
CA GLN A 51 1.03 -21.42 -8.80
C GLN A 51 1.00 -20.00 -8.25
N GLY A 52 -0.17 -19.55 -7.82
CA GLY A 52 -0.30 -18.21 -7.29
C GLY A 52 -0.75 -18.19 -5.85
N ARG A 53 -1.16 -17.02 -5.37
CA ARG A 53 -1.62 -16.89 -4.00
C ARG A 53 -2.42 -15.60 -3.79
N TYR A 54 -3.24 -15.60 -2.74
CA TYR A 54 -4.05 -14.44 -2.39
C TYR A 54 -3.67 -13.93 -1.01
N TYR A 55 -3.70 -12.61 -0.83
CA TYR A 55 -3.34 -12.02 0.45
C TYR A 55 -3.93 -10.62 0.59
N ALA A 56 -4.77 -10.44 1.60
CA ALA A 56 -5.40 -9.15 1.85
C ALA A 56 -4.55 -8.32 2.81
N THR A 57 -4.47 -7.02 2.54
CA THR A 57 -3.69 -6.10 3.38
C THR A 57 -4.55 -4.93 3.83
N TYR A 58 -4.76 -4.82 5.14
CA TYR A 58 -5.58 -3.75 5.69
C TYR A 58 -4.88 -3.03 6.84
N GLU A 59 -4.78 -1.70 6.73
CA GLU A 59 -4.13 -0.89 7.76
C GLU A 59 -4.59 0.55 7.68
N ASN A 60 -4.07 1.39 8.58
CA ASN A 60 -4.42 2.80 8.61
C ASN A 60 -3.42 3.61 7.78
N ILE A 61 -3.44 4.93 7.96
CA ILE A 61 -2.53 5.80 7.23
C ILE A 61 -1.96 6.89 8.13
N SER A 62 -0.64 6.93 8.24
CA SER A 62 0.04 7.93 9.07
C SER A 62 -0.45 7.83 10.52
N ASP A 63 0.26 7.04 11.33
CA ASP A 63 -0.09 6.87 12.73
C ASP A 63 1.07 6.25 13.51
N THR A 64 0.87 6.09 14.82
CA THR A 64 1.91 5.52 15.68
C THR A 64 1.51 4.12 16.12
N SER A 65 2.35 3.51 16.95
CA SER A 65 2.10 2.16 17.46
C SER A 65 1.29 2.22 18.75
N SER A 66 1.66 3.14 19.64
CA SER A 66 0.97 3.29 20.92
C SER A 66 -0.01 4.45 20.87
N GLY A 67 -0.52 4.74 19.67
CA GLY A 67 -1.48 5.83 19.52
C GLY A 67 -2.91 5.35 19.60
N ASN A 68 -3.81 6.07 18.93
CA ASN A 68 -5.22 5.71 18.93
C ASN A 68 -5.87 6.04 17.59
N LYS A 69 -6.76 5.18 17.13
CA LYS A 69 -7.46 5.38 15.87
C LYS A 69 -8.45 6.53 15.97
N LEU A 70 -8.97 6.97 14.82
CA LEU A 70 -9.94 8.06 14.79
C LEU A 70 -11.15 7.67 13.95
N ARG A 71 -10.95 7.54 12.64
CA ARG A 71 -12.02 7.18 11.73
C ARG A 71 -11.51 6.99 10.30
N GLN A 72 -10.31 6.43 10.19
CA GLN A 72 -9.70 6.20 8.89
C GLN A 72 -9.10 4.80 8.80
N GLN A 73 -9.21 4.18 7.63
CA GLN A 73 -8.68 2.84 7.43
C GLN A 73 -8.69 2.47 5.95
N ASN A 74 -7.88 1.49 5.58
CA ASN A 74 -7.79 1.05 4.19
C ASN A 74 -7.53 -0.45 4.11
N LEU A 75 -8.47 -1.17 3.48
CA LEU A 75 -8.34 -2.61 3.32
C LEU A 75 -8.50 -3.01 1.86
N LEU A 76 -7.77 -4.03 1.44
CA LEU A 76 -7.84 -4.51 0.06
C LEU A 76 -7.37 -5.95 -0.06
N GLY A 77 -7.79 -6.61 -1.12
CA GLY A 77 -7.41 -8.00 -1.35
C GLY A 77 -6.49 -8.14 -2.55
N SER A 78 -5.27 -8.59 -2.31
CA SER A 78 -4.29 -8.76 -3.38
C SER A 78 -4.21 -10.22 -3.83
N TYR A 79 -4.23 -10.42 -5.14
CA TYR A 79 -4.15 -11.76 -5.72
C TYR A 79 -3.14 -11.78 -6.86
N ASP A 80 -2.03 -12.49 -6.65
CA ASP A 80 -0.99 -12.57 -7.67
C ASP A 80 -0.42 -13.98 -7.78
N ALA A 81 0.41 -14.19 -8.79
CA ALA A 81 1.04 -15.47 -9.01
C ALA A 81 2.54 -15.40 -8.76
N PHE A 82 3.02 -16.17 -7.79
CA PHE A 82 4.43 -16.20 -7.45
C PHE A 82 5.14 -17.39 -8.08
N LEU A 83 6.48 -17.36 -8.06
CA LEU A 83 7.26 -18.44 -8.62
C LEU A 83 8.74 -18.31 -8.22
N PRO A 84 9.37 -19.42 -7.80
CA PRO A 84 10.77 -19.41 -7.38
C PRO A 84 11.68 -18.78 -8.43
N ILE A 85 12.34 -17.69 -8.05
CA ILE A 85 13.25 -16.99 -8.96
C ILE A 85 14.66 -16.93 -8.38
N GLY A 86 15.56 -17.75 -8.94
CA GLY A 86 16.93 -17.77 -8.47
C GLY A 86 17.31 -19.10 -7.86
N ASP A 87 17.22 -19.20 -6.54
CA ASP A 87 17.57 -20.43 -5.83
C ASP A 87 16.71 -20.59 -4.59
N ASN A 88 15.39 -20.48 -4.76
CA ASN A 88 14.46 -20.61 -3.65
C ASN A 88 14.73 -19.57 -2.57
N ASN A 89 15.24 -18.41 -3.00
CA ASN A 89 15.55 -17.32 -2.08
C ASN A 89 14.55 -16.17 -2.25
N THR A 90 13.95 -16.09 -3.43
CA THR A 90 12.98 -15.04 -3.73
C THR A 90 11.76 -15.62 -4.45
N LYS A 91 10.60 -15.00 -4.28
CA LYS A 91 9.38 -15.47 -4.94
C LYS A 91 8.77 -14.38 -5.80
N LEU A 92 9.14 -14.37 -7.08
CA LEU A 92 8.64 -13.39 -8.01
C LEU A 92 7.13 -13.52 -8.17
N PHE A 93 6.43 -12.61 -7.53
CA PHE A 93 4.96 -12.59 -7.58
C PHE A 93 4.46 -11.36 -8.32
N GLY A 94 3.25 -11.45 -8.86
CA GLY A 94 2.68 -10.34 -9.59
C GLY A 94 1.25 -10.59 -10.01
N GLY A 95 0.37 -9.64 -9.70
CA GLY A 95 -1.03 -9.79 -10.04
C GLY A 95 -1.79 -8.48 -9.96
N ALA A 96 -2.95 -8.51 -9.32
CA ALA A 96 -3.78 -7.32 -9.17
C ALA A 96 -4.27 -7.16 -7.73
N THR A 97 -4.78 -5.98 -7.42
CA THR A 97 -5.29 -5.70 -6.08
C THR A 97 -6.62 -4.95 -6.14
N LEU A 98 -7.42 -5.08 -5.10
CA LEU A 98 -8.72 -4.40 -5.04
C LEU A 98 -9.23 -4.28 -3.61
N GLY A 99 -9.64 -3.08 -3.22
CA GLY A 99 -10.14 -2.86 -1.88
C GLY A 99 -10.95 -1.59 -1.76
N LEU A 100 -10.97 -1.02 -0.56
CA LEU A 100 -11.72 0.20 -0.29
C LEU A 100 -11.02 1.03 0.78
N VAL A 101 -10.67 2.26 0.44
CA VAL A 101 -10.00 3.16 1.37
C VAL A 101 -10.91 4.29 1.81
N LYS A 102 -11.01 4.51 3.11
CA LYS A 102 -11.85 5.56 3.66
C LYS A 102 -11.01 6.63 4.35
N LEU A 103 -11.34 7.89 4.07
CA LEU A 103 -10.60 9.01 4.67
C LEU A 103 -11.58 10.04 5.25
N GLU A 104 -11.19 10.63 6.37
CA GLU A 104 -12.03 11.63 7.03
C GLU A 104 -11.40 13.02 6.91
N GLN A 105 -12.26 14.04 6.84
CA GLN A 105 -11.80 15.42 6.72
C GLN A 105 -12.26 16.25 7.91
N ASP A 106 -11.49 17.28 8.24
CA ASP A 106 -11.82 18.16 9.36
C ASP A 106 -10.90 19.37 9.39
N GLY A 107 -10.51 19.85 8.22
CA GLY A 107 -9.64 21.00 8.14
C GLY A 107 -9.80 21.77 6.84
N LYS A 108 -10.90 22.49 6.73
CA LYS A 108 -11.18 23.28 5.52
C LYS A 108 -12.44 24.12 5.70
N GLY A 109 -13.58 23.44 5.87
CA GLY A 109 -14.83 24.15 6.05
C GLY A 109 -15.98 23.46 5.34
N PHE A 110 -16.01 23.59 4.01
CA PHE A 110 -17.07 22.98 3.22
C PHE A 110 -16.95 21.46 3.23
N LYS A 111 -18.03 20.79 2.86
CA LYS A 111 -18.06 19.33 2.83
C LYS A 111 -17.46 18.80 1.52
N ARG A 112 -16.18 18.46 1.57
CA ARG A 112 -15.50 17.93 0.40
C ARG A 112 -15.64 16.41 0.30
N ASP A 113 -15.26 15.86 -0.84
CA ASP A 113 -15.35 14.41 -1.05
C ASP A 113 -14.30 13.68 -0.22
N SER A 114 -14.76 12.85 0.71
CA SER A 114 -13.86 12.09 1.57
C SER A 114 -14.65 11.11 2.45
N ASP A 115 -14.87 9.91 1.94
CA ASP A 115 -15.60 8.90 2.68
C ASP A 115 -15.10 7.50 2.34
N VAL A 116 -15.36 7.07 1.11
CA VAL A 116 -14.94 5.75 0.66
C VAL A 116 -14.99 5.65 -0.87
N GLY A 117 -13.96 5.05 -1.46
CA GLY A 117 -13.91 4.91 -2.90
C GLY A 117 -13.41 3.54 -3.32
N TYR A 118 -13.53 3.25 -4.62
CA TYR A 118 -13.08 1.97 -5.15
C TYR A 118 -11.59 1.98 -5.46
N ALA A 119 -10.88 0.95 -5.02
CA ALA A 119 -9.45 0.85 -5.24
C ALA A 119 -9.11 -0.34 -6.14
N ALA A 120 -8.11 -0.16 -6.99
CA ALA A 120 -7.69 -1.22 -7.91
C ALA A 120 -6.38 -0.86 -8.59
N GLY A 121 -5.49 -1.85 -8.71
CA GLY A 121 -4.21 -1.62 -9.34
C GLY A 121 -3.46 -2.91 -9.60
N LEU A 122 -2.15 -2.89 -9.34
CA LEU A 122 -1.32 -4.07 -9.55
C LEU A 122 -0.20 -4.14 -8.51
N GLN A 123 0.32 -5.34 -8.29
CA GLN A 123 1.39 -5.56 -7.34
C GLN A 123 2.39 -6.58 -7.86
N ALA A 124 3.59 -6.60 -7.28
CA ALA A 124 4.62 -7.53 -7.69
C ALA A 124 5.88 -7.32 -6.87
N GLY A 125 6.55 -8.43 -6.55
CA GLY A 125 7.76 -8.34 -5.77
C GLY A 125 8.51 -9.66 -5.71
N ILE A 126 8.97 -10.03 -4.52
CA ILE A 126 9.70 -11.26 -4.31
C ILE A 126 9.62 -11.68 -2.85
N LEU A 127 9.08 -12.88 -2.61
CA LEU A 127 8.95 -13.39 -1.25
C LEU A 127 10.13 -14.29 -0.91
N GLN A 128 10.95 -13.83 0.03
CA GLN A 128 12.13 -14.58 0.46
C GLN A 128 11.83 -15.41 1.70
N GLU A 129 12.07 -16.71 1.60
CA GLU A 129 11.83 -17.61 2.73
C GLU A 129 13.16 -18.17 3.26
N LEU A 130 13.21 -18.45 4.55
CA LEU A 130 14.42 -18.99 5.16
C LEU A 130 14.26 -20.46 5.47
N SER A 131 13.13 -20.80 6.09
CA SER A 131 12.82 -22.18 6.45
C SER A 131 11.36 -22.32 6.80
N LYS A 132 11.00 -23.42 7.44
CA LYS A 132 9.61 -23.65 7.83
C LYS A 132 9.29 -22.91 9.13
N ASN A 133 9.52 -21.61 9.14
CA ASN A 133 9.26 -20.79 10.32
C ASN A 133 8.56 -19.48 9.94
N ALA A 134 9.22 -18.69 9.11
CA ALA A 134 8.66 -17.41 8.67
C ALA A 134 9.23 -17.00 7.32
N SER A 135 8.44 -16.24 6.56
CA SER A 135 8.87 -15.78 5.24
C SER A 135 9.04 -14.27 5.22
N ILE A 136 9.54 -13.75 4.11
CA ILE A 136 9.75 -12.32 3.96
C ILE A 136 9.24 -11.83 2.61
N GLU A 137 8.53 -10.71 2.63
CA GLU A 137 7.97 -10.13 1.42
C GLU A 137 8.63 -8.80 1.10
N GLY A 138 8.87 -8.55 -0.19
CA GLY A 138 9.49 -7.30 -0.61
C GLY A 138 9.30 -7.03 -2.09
N GLY A 139 8.70 -5.89 -2.40
CA GLY A 139 8.47 -5.53 -3.79
C GLY A 139 7.88 -4.15 -3.96
N TYR A 140 6.91 -4.04 -4.88
CA TYR A 140 6.26 -2.77 -5.15
C TYR A 140 4.74 -2.93 -5.19
N ARG A 141 4.03 -1.82 -5.03
CA ARG A 141 2.57 -1.85 -5.05
C ARG A 141 2.00 -0.64 -5.79
N TYR A 142 0.99 -0.88 -6.61
CA TYR A 142 0.35 0.18 -7.38
C TYR A 142 -1.16 0.08 -7.26
N LEU A 143 -1.80 1.19 -6.91
CA LEU A 143 -3.25 1.23 -6.76
C LEU A 143 -3.83 2.51 -7.32
N ARG A 144 -5.08 2.43 -7.79
CA ARG A 144 -5.76 3.59 -8.35
C ARG A 144 -6.98 3.96 -7.50
N THR A 145 -7.49 5.18 -7.70
CA THR A 145 -8.65 5.65 -6.97
C THR A 145 -9.89 5.72 -7.86
N ASN A 146 -11.01 5.23 -7.35
CA ASN A 146 -12.25 5.23 -8.11
C ASN A 146 -13.41 5.68 -7.23
N ALA A 147 -14.44 6.26 -7.86
CA ALA A 147 -15.61 6.74 -7.13
C ALA A 147 -16.72 7.13 -8.09
N SER A 148 -16.38 7.95 -9.08
CA SER A 148 -17.36 8.40 -10.07
C SER A 148 -18.48 9.18 -9.41
N THR A 149 -18.31 10.49 -9.33
CA THR A 149 -19.32 11.36 -8.72
C THR A 149 -20.05 12.19 -9.78
N GLU A 150 -19.27 12.78 -10.68
CA GLU A 150 -19.84 13.60 -11.75
C GLU A 150 -19.76 12.86 -13.09
N MET A 151 -20.92 12.66 -13.72
CA MET A 151 -20.98 11.97 -14.99
C MET A 151 -20.99 12.97 -16.15
N THR A 152 -21.79 14.02 -15.99
CA THR A 152 -21.89 15.06 -17.03
C THR A 152 -20.81 16.13 -16.84
N PRO A 153 -20.21 16.60 -17.94
CA PRO A 153 -19.17 17.63 -17.89
C PRO A 153 -19.73 19.01 -17.61
N HIS A 154 -18.97 19.82 -16.88
CA HIS A 154 -19.39 21.17 -16.54
C HIS A 154 -18.24 21.96 -15.93
N GLY A 155 -18.25 23.27 -16.15
CA GLY A 155 -17.20 24.13 -15.60
C GLY A 155 -16.11 24.40 -16.61
N GLY A 156 -15.28 25.40 -16.32
CA GLY A 156 -14.19 25.75 -17.22
C GLY A 156 -12.84 25.29 -16.70
N ASN A 157 -12.77 24.05 -16.25
CA ASN A 157 -11.53 23.50 -15.72
C ASN A 157 -11.49 21.98 -15.90
N LYS A 158 -10.35 21.48 -16.35
CA LYS A 158 -10.17 20.05 -16.57
C LYS A 158 -9.13 19.47 -15.62
N LEU A 159 -9.30 18.20 -15.27
CA LEU A 159 -8.37 17.53 -14.35
C LEU A 159 -7.23 16.88 -15.12
N GLY A 160 -7.54 16.37 -16.32
CA GLY A 160 -6.52 15.74 -17.13
C GLY A 160 -6.95 14.37 -17.62
N SER A 161 -7.13 14.23 -18.93
CA SER A 161 -7.53 12.96 -19.52
C SER A 161 -6.47 12.44 -20.49
N LEU A 162 -6.56 11.16 -20.82
CA LEU A 162 -5.60 10.53 -21.73
C LEU A 162 -4.18 10.62 -21.18
N ASP A 163 -4.06 10.83 -19.87
CA ASP A 163 -2.76 10.93 -19.22
C ASP A 163 -2.91 11.19 -17.73
N LEU A 164 -3.13 10.13 -16.96
CA LEU A 164 -3.30 10.24 -15.52
C LEU A 164 -2.11 9.62 -14.79
N HIS A 165 -1.81 10.14 -13.60
CA HIS A 165 -0.70 9.64 -12.79
C HIS A 165 -1.10 8.36 -12.06
N SER A 166 -0.13 7.77 -11.38
CA SER A 166 -0.38 6.54 -10.63
C SER A 166 0.26 6.62 -9.24
N SER A 167 0.00 5.61 -8.42
CA SER A 167 0.55 5.55 -7.07
C SER A 167 1.78 4.66 -7.02
N SER A 168 2.91 5.24 -6.64
CA SER A 168 4.16 4.50 -6.55
C SER A 168 4.55 4.26 -5.09
N GLN A 169 4.38 3.02 -4.64
CA GLN A 169 4.71 2.65 -3.28
C GLN A 169 5.58 1.39 -3.25
N PHE A 170 6.35 1.24 -2.17
CA PHE A 170 7.22 0.09 -2.01
C PHE A 170 6.51 -0.99 -1.20
N TYR A 171 7.08 -2.17 -1.24
CA TYR A 171 6.52 -3.32 -0.53
C TYR A 171 7.61 -4.03 0.26
N LEU A 172 7.34 -4.24 1.54
CA LEU A 172 8.29 -4.92 2.43
C LEU A 172 7.58 -5.39 3.71
N GLY A 173 7.87 -6.63 4.12
CA GLY A 173 7.26 -7.16 5.31
C GLY A 173 7.56 -8.63 5.51
N ALA A 174 6.57 -9.38 6.02
CA ALA A 174 6.74 -10.81 6.26
C ALA A 174 5.45 -11.57 5.94
N ASN A 175 5.53 -12.90 5.96
CA ASN A 175 4.38 -13.74 5.68
C ASN A 175 4.54 -15.11 6.33
N TYR A 176 3.63 -15.44 7.24
CA TYR A 176 3.67 -16.71 7.95
C TYR A 176 2.63 -17.68 7.38
N LYS A 177 3.11 -18.72 6.72
CA LYS A 177 2.24 -19.73 6.12
C LYS A 177 1.78 -20.75 7.17
N PHE A 178 0.56 -21.25 7.00
CA PHE A 178 0.01 -22.23 7.93
C PHE A 178 0.35 -23.65 7.48
N ALA A 1 -4.83 -24.67 -2.36
CA ALA A 1 -4.08 -23.48 -1.85
C ALA A 1 -3.76 -23.66 -0.37
N ASP A 2 -2.83 -22.85 0.12
CA ASP A 2 -2.41 -22.90 1.52
C ASP A 2 -2.81 -21.62 2.25
N ASN A 3 -2.72 -21.63 3.57
CA ASN A 3 -3.08 -20.46 4.37
C ASN A 3 -1.83 -19.63 4.68
N PHE A 4 -1.88 -18.34 4.34
CA PHE A 4 -0.74 -17.46 4.58
C PHE A 4 -1.19 -16.13 5.19
N VAL A 5 -0.42 -15.64 6.15
CA VAL A 5 -0.73 -14.38 6.81
C VAL A 5 0.54 -13.67 7.28
N GLY A 6 0.66 -12.39 6.96
CA GLY A 6 1.83 -11.63 7.37
C GLY A 6 1.54 -10.16 7.57
N LEU A 7 2.61 -9.35 7.57
CA LEU A 7 2.47 -7.92 7.75
C LEU A 7 2.99 -7.17 6.52
N THR A 8 2.32 -6.08 6.17
CA THR A 8 2.72 -5.28 5.02
C THR A 8 3.26 -3.93 5.45
N TRP A 9 4.53 -3.66 5.13
CA TRP A 9 5.16 -2.40 5.48
C TRP A 9 5.81 -1.76 4.25
N GLY A 10 5.26 -0.63 3.82
CA GLY A 10 5.79 0.05 2.65
C GLY A 10 6.55 1.31 3.02
N GLU A 11 7.49 1.70 2.17
CA GLU A 11 8.29 2.90 2.40
C GLU A 11 7.69 4.11 1.68
N THR A 12 7.59 5.22 2.39
CA THR A 12 7.03 6.44 1.83
C THR A 12 8.13 7.45 1.50
N SER A 13 8.39 7.64 0.22
CA SER A 13 9.42 8.57 -0.22
C SER A 13 9.07 9.17 -1.59
N ASN A 14 8.59 10.41 -1.58
CA ASN A 14 8.21 11.09 -2.81
C ASN A 14 9.37 11.93 -3.34
N ASN A 15 9.74 11.69 -4.59
CA ASN A 15 10.84 12.42 -5.22
C ASN A 15 10.49 13.90 -5.38
N ILE A 16 11.45 14.76 -5.11
CA ILE A 16 11.24 16.21 -5.22
C ILE A 16 12.50 16.91 -5.67
N GLN A 17 13.62 16.58 -5.04
CA GLN A 17 14.92 17.17 -5.38
C GLN A 17 14.85 18.70 -5.27
N LYS A 18 15.15 19.21 -4.09
CA LYS A 18 15.12 20.66 -3.85
C LYS A 18 16.27 21.09 -2.96
N SER A 19 17.17 21.90 -3.51
CA SER A 19 18.32 22.39 -2.76
C SER A 19 18.38 23.90 -2.78
N LYS A 20 17.63 24.54 -1.87
CA LYS A 20 17.60 25.99 -1.79
C LYS A 20 18.57 26.50 -0.71
N SER A 21 19.76 26.90 -1.14
CA SER A 21 20.77 27.41 -0.22
C SER A 21 20.83 28.94 -0.27
N LEU A 22 19.94 29.58 0.48
CA LEU A 22 19.89 31.03 0.53
C LEU A 22 20.36 31.56 1.88
N ASN A 23 19.62 31.23 2.93
CA ASN A 23 19.97 31.66 4.28
C ASN A 23 19.95 30.48 5.24
N ARG A 24 20.62 30.64 6.39
CA ARG A 24 20.67 29.60 7.40
C ARG A 24 19.44 29.65 8.30
N ASN A 25 18.59 28.63 8.17
CA ASN A 25 17.37 28.55 8.97
C ASN A 25 17.52 27.51 10.08
N LEU A 26 17.15 27.89 11.30
CA LEU A 26 17.24 27.00 12.44
C LEU A 26 15.91 26.92 13.18
N ASN A 27 15.56 28.01 13.87
CA ASN A 27 14.32 28.07 14.63
C ASN A 27 14.28 27.01 15.71
N SER A 28 14.90 27.32 16.85
CA SER A 28 14.94 26.39 17.99
C SER A 28 15.68 25.11 17.61
N PRO A 29 16.37 24.48 18.58
CA PRO A 29 17.11 23.24 18.35
C PRO A 29 16.21 22.03 18.16
N ASN A 30 14.95 22.16 18.61
CA ASN A 30 13.99 21.07 18.50
C ASN A 30 14.45 19.85 19.29
N LEU A 31 14.06 19.80 20.56
CA LEU A 31 14.42 18.69 21.44
C LEU A 31 13.30 17.65 21.47
N ASP A 32 12.06 18.12 21.52
CA ASP A 32 10.91 17.23 21.56
C ASP A 32 10.71 16.53 20.22
N LYS A 33 11.11 17.20 19.14
CA LYS A 33 10.96 16.64 17.81
C LYS A 33 9.50 16.41 17.46
N VAL A 34 8.95 17.26 16.61
CA VAL A 34 7.56 17.14 16.19
C VAL A 34 7.31 15.82 15.47
N ILE A 35 8.35 15.28 14.86
CA ILE A 35 8.25 14.02 14.12
C ILE A 35 7.37 14.18 12.88
N ASP A 36 7.80 13.56 11.79
CA ASP A 36 7.05 13.63 10.54
C ASP A 36 6.31 12.33 10.27
N ASN A 37 6.84 11.23 10.81
CA ASN A 37 6.20 9.92 10.63
C ASN A 37 6.21 9.51 9.15
N THR A 38 7.26 8.80 8.75
CA THR A 38 7.38 8.34 7.37
C THR A 38 7.40 6.82 7.30
N GLY A 39 6.23 6.22 7.06
CA GLY A 39 6.14 4.78 6.97
C GLY A 39 4.71 4.30 6.83
N THR A 40 4.51 3.28 6.00
CA THR A 40 3.17 2.72 5.79
C THR A 40 3.08 1.30 6.33
N TRP A 41 2.19 1.11 7.30
CA TRP A 41 2.00 -0.20 7.92
C TRP A 41 0.73 -0.87 7.40
N GLY A 42 0.63 -2.18 7.58
CA GLY A 42 -0.54 -2.91 7.13
C GLY A 42 -0.53 -4.37 7.56
N ILE A 43 -1.45 -5.15 7.01
CA ILE A 43 -1.54 -6.57 7.34
C ILE A 43 -1.71 -7.41 6.08
N ARG A 44 -1.40 -8.70 6.19
CA ARG A 44 -1.53 -9.62 5.06
C ARG A 44 -2.12 -10.95 5.52
N ALA A 45 -3.02 -11.48 4.69
CA ALA A 45 -3.67 -12.75 5.01
C ALA A 45 -4.48 -13.24 3.81
N GLY A 46 -4.15 -14.43 3.32
CA GLY A 46 -4.86 -14.98 2.19
C GLY A 46 -4.56 -16.45 1.95
N GLN A 47 -4.47 -16.83 0.68
CA GLN A 47 -4.18 -18.21 0.32
C GLN A 47 -2.92 -18.30 -0.53
N GLN A 48 -2.13 -19.34 -0.31
CA GLN A 48 -0.90 -19.54 -1.06
C GLN A 48 -0.95 -20.82 -1.88
N PHE A 49 -1.03 -20.66 -3.20
CA PHE A 49 -1.08 -21.80 -4.11
C PHE A 49 -0.07 -21.62 -5.23
N GLU A 50 0.21 -22.71 -5.95
CA GLU A 50 1.17 -22.68 -7.05
C GLU A 50 0.67 -21.81 -8.20
N GLN A 51 -0.64 -21.55 -8.23
CA GLN A 51 -1.22 -20.73 -9.28
C GLN A 51 -1.79 -19.43 -8.72
N GLY A 52 -1.27 -18.99 -7.58
CA GLY A 52 -1.74 -17.77 -6.96
C GLY A 52 -1.49 -17.74 -5.47
N ARG A 53 -1.15 -16.55 -4.96
CA ARG A 53 -0.88 -16.39 -3.54
C ARG A 53 -1.52 -15.12 -3.00
N TYR A 54 -1.66 -15.04 -1.67
CA TYR A 54 -2.27 -13.88 -1.03
C TYR A 54 -3.78 -13.89 -1.17
N TYR A 55 -4.42 -12.83 -0.70
CA TYR A 55 -5.88 -12.71 -0.77
C TYR A 55 -6.36 -11.42 -0.12
N ALA A 56 -5.79 -11.10 1.05
CA ALA A 56 -6.16 -9.88 1.76
C ALA A 56 -4.96 -8.98 2.00
N THR A 57 -5.16 -7.68 1.79
CA THR A 57 -4.09 -6.70 1.99
C THR A 57 -4.65 -5.43 2.62
N TYR A 58 -4.14 -5.09 3.80
CA TYR A 58 -4.60 -3.90 4.50
C TYR A 58 -3.48 -2.86 4.59
N GLU A 59 -3.86 -1.59 4.61
CA GLU A 59 -2.90 -0.49 4.69
C GLU A 59 -3.27 0.47 5.82
N ASN A 60 -2.27 1.19 6.32
CA ASN A 60 -2.49 2.16 7.39
C ASN A 60 -1.28 3.07 7.56
N ILE A 61 -1.53 4.37 7.49
CA ILE A 61 -0.45 5.36 7.64
C ILE A 61 -0.79 6.38 8.72
N SER A 62 0.17 6.68 9.57
CA SER A 62 -0.02 7.65 10.65
C SER A 62 0.10 9.07 10.12
N ASP A 63 1.32 9.45 9.72
CA ASP A 63 1.57 10.78 9.20
C ASP A 63 1.39 11.84 10.28
N THR A 64 0.13 12.11 10.63
CA THR A 64 -0.18 13.11 11.65
C THR A 64 0.23 12.61 13.03
N SER A 65 0.64 13.53 13.89
CA SER A 65 1.06 13.18 15.25
C SER A 65 -0.14 13.13 16.20
N SER A 66 -1.20 13.85 15.85
CA SER A 66 -2.40 13.88 16.67
C SER A 66 -3.43 12.86 16.18
N GLY A 67 -2.95 11.80 15.53
CA GLY A 67 -3.84 10.78 15.02
C GLY A 67 -3.12 9.49 14.68
N ASN A 68 -3.05 8.59 15.65
CA ASN A 68 -2.38 7.31 15.44
C ASN A 68 -3.34 6.15 15.64
N LYS A 69 -3.25 5.15 14.76
CA LYS A 69 -4.12 3.98 14.83
C LYS A 69 -5.59 4.39 14.72
N LEU A 70 -5.84 5.51 14.05
CA LEU A 70 -7.21 5.99 13.87
C LEU A 70 -7.22 7.26 13.02
N ARG A 71 -7.23 7.08 11.70
CA ARG A 71 -7.25 8.21 10.78
C ARG A 71 -7.52 7.74 9.35
N GLN A 72 -6.88 6.64 8.96
CA GLN A 72 -7.05 6.10 7.63
C GLN A 72 -7.06 4.57 7.65
N GLN A 73 -8.13 3.98 7.10
CA GLN A 73 -8.26 2.53 7.06
C GLN A 73 -8.32 2.03 5.63
N ASN A 74 -7.51 1.03 5.31
CA ASN A 74 -7.47 0.47 3.96
C ASN A 74 -7.63 -1.05 4.00
N LEU A 75 -8.69 -1.54 3.35
CA LEU A 75 -8.95 -2.97 3.30
C LEU A 75 -9.17 -3.41 1.86
N LEU A 76 -8.27 -4.24 1.34
CA LEU A 76 -8.38 -4.73 -0.03
C LEU A 76 -7.93 -6.17 -0.14
N GLY A 77 -8.20 -6.77 -1.31
CA GLY A 77 -7.82 -8.14 -1.54
C GLY A 77 -6.73 -8.26 -2.59
N SER A 78 -5.57 -8.76 -2.18
CA SER A 78 -4.44 -8.91 -3.09
C SER A 78 -4.24 -10.37 -3.50
N TYR A 79 -4.20 -10.60 -4.81
CA TYR A 79 -4.00 -11.94 -5.34
C TYR A 79 -3.00 -11.91 -6.50
N ASP A 80 -1.83 -12.48 -6.28
CA ASP A 80 -0.78 -12.50 -7.30
C ASP A 80 -0.23 -13.90 -7.52
N ALA A 81 0.60 -14.04 -8.55
CA ALA A 81 1.21 -15.33 -8.87
C ALA A 81 2.73 -15.24 -8.75
N PHE A 82 3.29 -16.06 -7.88
CA PHE A 82 4.74 -16.07 -7.66
C PHE A 82 5.42 -17.18 -8.43
N LEU A 83 6.75 -17.16 -8.42
CA LEU A 83 7.55 -18.16 -9.12
C LEU A 83 8.99 -18.12 -8.64
N PRO A 84 9.61 -19.29 -8.38
CA PRO A 84 10.99 -19.38 -7.92
C PRO A 84 11.94 -18.57 -8.79
N ILE A 85 12.60 -17.58 -8.18
CA ILE A 85 13.53 -16.72 -8.91
C ILE A 85 14.88 -16.67 -8.20
N GLY A 86 15.89 -17.30 -8.80
CA GLY A 86 17.22 -17.31 -8.21
C GLY A 86 17.71 -18.71 -7.91
N ASP A 87 16.96 -19.44 -7.10
CA ASP A 87 17.32 -20.80 -6.74
C ASP A 87 16.14 -21.52 -6.07
N ASN A 88 15.67 -20.98 -4.97
CA ASN A 88 14.55 -21.57 -4.23
C ASN A 88 14.27 -20.79 -2.95
N ASN A 89 14.39 -19.47 -3.04
CA ASN A 89 14.14 -18.61 -1.88
C ASN A 89 13.18 -17.48 -2.25
N THR A 90 13.64 -16.57 -3.09
CA THR A 90 12.82 -15.44 -3.52
C THR A 90 11.66 -15.93 -4.39
N LYS A 91 10.51 -15.28 -4.28
CA LYS A 91 9.35 -15.66 -5.06
C LYS A 91 8.78 -14.48 -5.83
N LEU A 92 9.24 -14.32 -7.07
CA LEU A 92 8.78 -13.24 -7.92
C LEU A 92 7.29 -13.36 -8.15
N PHE A 93 6.55 -12.52 -7.45
CA PHE A 93 5.08 -12.51 -7.56
C PHE A 93 4.58 -11.25 -8.25
N GLY A 94 3.35 -11.31 -8.72
CA GLY A 94 2.75 -10.17 -9.41
C GLY A 94 1.33 -10.45 -9.85
N GLY A 95 0.42 -9.56 -9.47
CA GLY A 95 -0.98 -9.73 -9.85
C GLY A 95 -1.77 -8.45 -9.73
N ALA A 96 -2.96 -8.54 -9.13
CA ALA A 96 -3.82 -7.37 -8.96
C ALA A 96 -4.52 -7.41 -7.61
N THR A 97 -4.96 -6.24 -7.14
CA THR A 97 -5.65 -6.12 -5.86
C THR A 97 -6.88 -5.23 -5.99
N LEU A 98 -7.79 -5.34 -5.03
CA LEU A 98 -9.01 -4.53 -5.04
C LEU A 98 -9.63 -4.47 -3.66
N GLY A 99 -10.00 -3.26 -3.23
CA GLY A 99 -10.60 -3.08 -1.92
C GLY A 99 -11.41 -1.80 -1.81
N LEU A 100 -11.37 -1.20 -0.62
CA LEU A 100 -12.10 0.04 -0.37
C LEU A 100 -11.44 0.81 0.77
N VAL A 101 -11.19 2.09 0.54
CA VAL A 101 -10.55 2.93 1.54
C VAL A 101 -11.55 3.95 2.10
N LYS A 102 -11.58 4.08 3.42
CA LYS A 102 -12.48 5.01 4.09
C LYS A 102 -11.70 5.98 4.97
N LEU A 103 -11.98 7.28 4.81
CA LEU A 103 -11.30 8.30 5.60
C LEU A 103 -12.30 9.02 6.52
N GLU A 104 -11.88 9.23 7.77
CA GLU A 104 -12.71 9.90 8.74
C GLU A 104 -11.88 10.44 9.90
N GLN A 105 -12.18 11.66 10.32
CA GLN A 105 -11.45 12.28 11.42
C GLN A 105 -12.41 13.00 12.36
N ASP A 106 -12.29 12.73 13.65
CA ASP A 106 -13.15 13.36 14.66
C ASP A 106 -12.90 14.87 14.71
N GLY A 107 -13.89 15.63 14.26
CA GLY A 107 -13.77 17.08 14.26
C GLY A 107 -15.13 17.77 14.37
N LYS A 108 -15.11 19.01 14.84
CA LYS A 108 -16.33 19.79 14.99
C LYS A 108 -16.34 20.99 14.06
N GLY A 109 -16.87 20.79 12.85
CA GLY A 109 -16.92 21.87 11.88
C GLY A 109 -16.98 21.37 10.45
N PHE A 110 -15.92 20.71 10.01
CA PHE A 110 -15.84 20.17 8.66
C PHE A 110 -16.38 18.74 8.61
N LYS A 111 -16.54 18.20 7.41
CA LYS A 111 -17.04 16.85 7.24
C LYS A 111 -16.30 16.13 6.11
N ARG A 112 -16.35 14.80 6.13
CA ARG A 112 -15.69 13.99 5.12
C ARG A 112 -16.10 14.42 3.71
N ASP A 113 -15.41 13.89 2.71
CA ASP A 113 -15.70 14.22 1.31
C ASP A 113 -15.71 12.97 0.45
N SER A 114 -16.03 11.83 1.06
CA SER A 114 -16.07 10.57 0.34
C SER A 114 -16.75 9.48 1.19
N ASP A 115 -16.00 8.93 2.14
CA ASP A 115 -16.51 7.87 3.02
C ASP A 115 -16.50 6.51 2.34
N VAL A 116 -16.22 6.48 1.04
CA VAL A 116 -16.19 5.22 0.29
C VAL A 116 -15.44 5.40 -1.03
N GLY A 117 -14.35 4.68 -1.19
CA GLY A 117 -13.57 4.77 -2.42
C GLY A 117 -13.12 3.42 -2.93
N TYR A 118 -13.33 3.17 -4.22
CA TYR A 118 -12.95 1.90 -4.82
C TYR A 118 -11.48 1.93 -5.23
N ALA A 119 -10.69 1.04 -4.63
CA ALA A 119 -9.27 0.95 -4.93
C ALA A 119 -8.94 -0.33 -5.69
N ALA A 120 -7.98 -0.24 -6.60
CA ALA A 120 -7.58 -1.39 -7.40
C ALA A 120 -6.32 -1.07 -8.22
N GLY A 121 -5.43 -2.05 -8.33
CA GLY A 121 -4.20 -1.84 -9.08
C GLY A 121 -3.43 -3.13 -9.30
N LEU A 122 -2.12 -3.06 -9.13
CA LEU A 122 -1.26 -4.23 -9.32
C LEU A 122 -0.09 -4.21 -8.33
N GLN A 123 0.41 -5.40 -8.01
CA GLN A 123 1.53 -5.54 -7.09
C GLN A 123 2.58 -6.50 -7.64
N ALA A 124 3.72 -6.59 -6.96
CA ALA A 124 4.79 -7.48 -7.39
C ALA A 124 6.01 -7.34 -6.49
N GLY A 125 6.67 -8.45 -6.22
CA GLY A 125 7.84 -8.43 -5.37
C GLY A 125 8.60 -9.75 -5.38
N ILE A 126 8.97 -10.23 -4.20
CA ILE A 126 9.70 -11.48 -4.07
C ILE A 126 9.60 -12.01 -2.65
N LEU A 127 9.05 -13.20 -2.50
CA LEU A 127 8.90 -13.81 -1.18
C LEU A 127 10.05 -14.76 -0.87
N GLN A 128 10.87 -14.38 0.11
CA GLN A 128 12.00 -15.20 0.52
C GLN A 128 11.67 -16.00 1.77
N GLU A 129 12.12 -17.25 1.81
CA GLU A 129 11.86 -18.12 2.95
C GLU A 129 13.02 -18.07 3.95
N LEU A 130 12.71 -18.27 5.22
CA LEU A 130 13.72 -18.25 6.27
C LEU A 130 13.72 -19.55 7.05
N SER A 131 12.52 -20.03 7.37
CA SER A 131 12.37 -21.27 8.11
C SER A 131 11.16 -22.06 7.58
N LYS A 132 10.72 -23.04 8.36
CA LYS A 132 9.57 -23.84 7.97
C LYS A 132 8.27 -23.24 8.51
N ASN A 133 8.25 -21.93 8.66
CA ASN A 133 7.06 -21.23 9.16
C ASN A 133 7.31 -19.73 9.30
N ALA A 134 8.12 -19.19 8.40
CA ALA A 134 8.43 -17.76 8.42
C ALA A 134 9.09 -17.33 7.11
N SER A 135 8.57 -16.27 6.51
CA SER A 135 9.09 -15.77 5.25
C SER A 135 9.06 -14.25 5.19
N ILE A 136 9.71 -13.69 4.18
CA ILE A 136 9.77 -12.25 3.99
C ILE A 136 9.46 -11.90 2.54
N GLU A 137 8.61 -10.89 2.35
CA GLU A 137 8.23 -10.46 1.01
C GLU A 137 8.42 -8.96 0.84
N GLY A 138 8.73 -8.55 -0.39
CA GLY A 138 8.93 -7.14 -0.67
C GLY A 138 8.93 -6.85 -2.15
N GLY A 139 8.56 -5.63 -2.51
CA GLY A 139 8.53 -5.25 -3.92
C GLY A 139 7.90 -3.88 -4.13
N TYR A 140 6.97 -3.81 -5.09
CA TYR A 140 6.29 -2.56 -5.40
C TYR A 140 4.80 -2.78 -5.57
N ARG A 141 4.00 -1.75 -5.30
CA ARG A 141 2.56 -1.84 -5.43
C ARG A 141 1.97 -0.56 -6.02
N TYR A 142 1.24 -0.70 -7.12
CA TYR A 142 0.63 0.44 -7.78
C TYR A 142 -0.89 0.31 -7.76
N LEU A 143 -1.57 1.32 -7.23
CA LEU A 143 -3.02 1.31 -7.14
C LEU A 143 -3.60 2.72 -7.21
N ARG A 144 -4.92 2.82 -7.33
CA ARG A 144 -5.59 4.10 -7.40
C ARG A 144 -7.01 4.01 -6.86
N THR A 145 -7.47 5.06 -6.20
CA THR A 145 -8.80 5.09 -5.64
C THR A 145 -9.71 6.05 -6.41
N ASN A 146 -10.87 5.57 -6.82
CA ASN A 146 -11.82 6.37 -7.57
C ASN A 146 -13.25 6.08 -7.12
N ALA A 147 -13.90 7.09 -6.56
CA ALA A 147 -15.28 6.95 -6.08
C ALA A 147 -16.26 7.62 -7.03
N SER A 148 -17.54 7.61 -6.67
CA SER A 148 -18.57 8.22 -7.49
C SER A 148 -18.93 9.61 -6.98
N THR A 149 -19.80 10.30 -7.71
CA THR A 149 -20.22 11.64 -7.33
C THR A 149 -20.95 11.62 -5.98
N GLU A 150 -21.24 12.81 -5.45
CA GLU A 150 -21.92 12.92 -4.17
C GLU A 150 -23.35 13.44 -4.35
N MET A 151 -23.54 14.27 -5.38
CA MET A 151 -24.85 14.84 -5.67
C MET A 151 -24.83 15.61 -6.99
N THR A 152 -23.82 16.46 -7.16
CA THR A 152 -23.69 17.25 -8.38
C THR A 152 -22.31 17.07 -9.01
N PRO A 153 -22.22 17.16 -10.34
CA PRO A 153 -20.94 17.00 -11.05
C PRO A 153 -20.01 18.19 -10.84
N HIS A 154 -18.71 17.93 -10.95
CA HIS A 154 -17.71 18.98 -10.76
C HIS A 154 -16.32 18.45 -11.07
N GLY A 155 -16.02 17.24 -10.62
CA GLY A 155 -14.72 16.65 -10.85
C GLY A 155 -14.61 16.03 -12.24
N GLY A 156 -14.02 16.77 -13.16
CA GLY A 156 -13.87 16.29 -14.52
C GLY A 156 -12.52 16.64 -15.11
N ASN A 157 -11.73 15.62 -15.44
CA ASN A 157 -10.40 15.83 -16.01
C ASN A 157 -10.13 14.83 -17.13
N LYS A 158 -9.63 15.33 -18.26
CA LYS A 158 -9.33 14.48 -19.40
C LYS A 158 -7.82 14.28 -19.54
N LEU A 159 -7.44 13.28 -20.34
CA LEU A 159 -6.03 12.98 -20.55
C LEU A 159 -5.37 14.06 -21.42
N GLY A 160 -4.78 15.05 -20.75
CA GLY A 160 -4.12 16.13 -21.47
C GLY A 160 -2.63 16.16 -21.21
N SER A 161 -2.03 15.00 -20.99
CA SER A 161 -0.60 14.91 -20.72
C SER A 161 -0.03 13.61 -21.28
N LEU A 162 1.30 13.52 -21.31
CA LEU A 162 1.97 12.34 -21.83
C LEU A 162 2.49 11.47 -20.68
N ASP A 163 1.78 11.50 -19.56
CA ASP A 163 2.17 10.72 -18.39
C ASP A 163 0.98 9.93 -17.84
N LEU A 164 1.14 8.61 -17.78
CA LEU A 164 0.08 7.74 -17.28
C LEU A 164 -0.25 8.07 -15.83
N HIS A 165 -1.46 7.69 -15.40
CA HIS A 165 -1.89 7.95 -14.03
C HIS A 165 -1.67 6.74 -13.15
N SER A 166 -0.52 6.70 -12.48
CA SER A 166 -0.18 5.58 -11.61
C SER A 166 0.53 6.07 -10.35
N SER A 167 0.39 5.32 -9.27
CA SER A 167 1.03 5.69 -8.00
C SER A 167 2.20 4.77 -7.70
N SER A 168 3.19 5.29 -6.98
CA SER A 168 4.37 4.52 -6.62
C SER A 168 4.34 4.15 -5.14
N GLN A 169 4.77 2.93 -4.83
CA GLN A 169 4.79 2.45 -3.45
C GLN A 169 5.83 1.35 -3.27
N PHE A 170 6.30 1.19 -2.03
CA PHE A 170 7.28 0.17 -1.71
C PHE A 170 6.65 -0.92 -0.87
N TYR A 171 7.04 -2.15 -1.13
CA TYR A 171 6.51 -3.30 -0.41
C TYR A 171 7.62 -4.05 0.31
N LEU A 172 7.42 -4.27 1.59
CA LEU A 172 8.38 -4.98 2.42
C LEU A 172 7.73 -5.43 3.73
N GLY A 173 7.90 -6.71 4.06
CA GLY A 173 7.31 -7.23 5.28
C GLY A 173 7.58 -8.71 5.48
N ALA A 174 6.74 -9.35 6.26
CA ALA A 174 6.89 -10.78 6.54
C ALA A 174 5.66 -11.57 6.08
N ASN A 175 5.76 -12.89 6.12
CA ASN A 175 4.66 -13.75 5.72
C ASN A 175 4.69 -15.07 6.48
N TYR A 176 3.67 -15.30 7.29
CA TYR A 176 3.57 -16.52 8.09
C TYR A 176 2.37 -17.37 7.67
N LYS A 177 2.64 -18.60 7.27
CA LYS A 177 1.60 -19.52 6.85
C LYS A 177 0.91 -20.19 8.05
N PHE A 178 -0.26 -20.76 7.80
CA PHE A 178 -1.01 -21.43 8.85
C PHE A 178 -1.34 -22.86 8.45
N ALA A 1 -5.15 -21.42 -1.80
CA ALA A 1 -5.17 -22.84 -1.35
C ALA A 1 -4.55 -22.98 0.04
N ASP A 2 -3.44 -22.26 0.26
CA ASP A 2 -2.75 -22.31 1.54
C ASP A 2 -3.16 -21.13 2.41
N ASN A 3 -2.79 -21.18 3.69
CA ASN A 3 -3.12 -20.10 4.61
C ASN A 3 -1.88 -19.30 4.99
N PHE A 4 -1.89 -18.01 4.67
CA PHE A 4 -0.76 -17.14 4.96
C PHE A 4 -1.19 -15.94 5.79
N VAL A 5 -0.31 -15.50 6.69
CA VAL A 5 -0.61 -14.36 7.56
C VAL A 5 0.67 -13.74 8.09
N GLY A 6 0.83 -12.44 7.87
CA GLY A 6 2.01 -11.73 8.33
C GLY A 6 1.81 -10.24 8.43
N LEU A 7 2.88 -9.48 8.22
CA LEU A 7 2.82 -8.03 8.28
C LEU A 7 3.35 -7.40 6.99
N THR A 8 2.97 -6.16 6.74
CA THR A 8 3.42 -5.46 5.53
C THR A 8 3.93 -4.06 5.88
N TRP A 9 5.13 -3.75 5.42
CA TRP A 9 5.73 -2.44 5.67
C TRP A 9 6.21 -1.81 4.36
N GLY A 10 5.56 -0.72 3.97
CA GLY A 10 5.95 -0.05 2.73
C GLY A 10 6.65 1.27 2.99
N GLU A 11 7.23 1.84 1.94
CA GLU A 11 7.94 3.10 2.05
C GLU A 11 7.18 4.22 1.33
N THR A 12 6.99 5.34 2.02
CA THR A 12 6.29 6.48 1.45
C THR A 12 7.26 7.56 1.00
N SER A 13 7.32 7.79 -0.30
CA SER A 13 8.21 8.80 -0.86
C SER A 13 7.63 9.39 -2.14
N ASN A 14 7.07 10.59 -2.04
CA ASN A 14 6.48 11.26 -3.19
C ASN A 14 7.38 12.39 -3.68
N ASN A 15 8.11 12.12 -4.76
CA ASN A 15 9.02 13.12 -5.34
C ASN A 15 8.31 13.92 -6.42
N ILE A 16 8.48 15.24 -6.38
CA ILE A 16 7.87 16.12 -7.36
C ILE A 16 8.84 17.21 -7.80
N GLN A 17 8.43 18.00 -8.79
CA GLN A 17 9.25 19.08 -9.31
C GLN A 17 8.41 20.09 -10.09
N LYS A 18 8.23 21.28 -9.51
CA LYS A 18 7.45 22.33 -10.15
C LYS A 18 8.20 23.65 -10.13
N SER A 19 8.77 24.00 -8.97
CA SER A 19 9.51 25.24 -8.82
C SER A 19 10.95 25.07 -9.32
N LYS A 20 11.61 26.20 -9.59
CA LYS A 20 12.98 26.17 -10.07
C LYS A 20 13.69 27.48 -9.75
N SER A 21 14.90 27.38 -9.20
CA SER A 21 15.68 28.55 -8.84
C SER A 21 14.96 29.39 -7.79
N LEU A 22 14.17 28.73 -6.95
CA LEU A 22 13.43 29.41 -5.90
C LEU A 22 13.88 28.94 -4.52
N ASN A 23 14.14 27.64 -4.40
CA ASN A 23 14.57 27.07 -3.13
C ASN A 23 15.65 26.01 -3.36
N ARG A 24 16.10 25.39 -2.27
CA ARG A 24 17.12 24.35 -2.35
C ARG A 24 17.21 23.57 -1.05
N ASN A 25 17.85 22.40 -1.10
CA ASN A 25 18.01 21.57 0.08
C ASN A 25 19.40 21.74 0.69
N LEU A 26 19.93 22.96 0.61
CA LEU A 26 21.24 23.26 1.16
C LEU A 26 21.26 24.64 1.80
N ASN A 27 20.64 24.76 2.97
CA ASN A 27 20.59 26.03 3.69
C ASN A 27 19.90 25.87 5.04
N SER A 28 18.60 25.56 4.99
CA SER A 28 17.82 25.38 6.20
C SER A 28 16.71 24.34 6.00
N PRO A 29 16.97 23.08 6.36
CA PRO A 29 15.99 22.00 6.20
C PRO A 29 14.62 22.37 6.78
N ASN A 30 13.72 22.80 5.92
CA ASN A 30 12.38 23.20 6.35
C ASN A 30 11.41 22.02 6.23
N LEU A 31 11.04 21.67 5.00
CA LEU A 31 10.12 20.57 4.75
C LEU A 31 8.74 20.88 5.33
N ASP A 32 8.60 20.71 6.64
CA ASP A 32 7.33 20.96 7.31
C ASP A 32 6.23 20.06 6.76
N LYS A 33 5.98 18.96 7.45
CA LYS A 33 4.95 18.01 7.04
C LYS A 33 3.99 17.71 8.18
N VAL A 34 4.46 16.98 9.18
CA VAL A 34 3.65 16.63 10.34
C VAL A 34 4.46 15.88 11.37
N ILE A 35 5.30 14.96 10.91
CA ILE A 35 6.13 14.16 11.80
C ILE A 35 7.37 13.62 11.08
N ASP A 36 7.80 14.35 10.05
CA ASP A 36 8.97 13.95 9.28
C ASP A 36 8.79 12.55 8.68
N ASN A 37 7.81 12.44 7.79
CA ASN A 37 7.52 11.16 7.14
C ASN A 37 7.12 10.11 8.17
N THR A 38 6.39 9.09 7.72
CA THR A 38 5.95 8.03 8.61
C THR A 38 6.17 6.66 7.96
N GLY A 39 5.43 6.38 6.90
CA GLY A 39 5.56 5.11 6.20
C GLY A 39 4.23 4.43 6.00
N THR A 40 4.27 3.13 5.72
CA THR A 40 3.05 2.36 5.50
C THR A 40 3.12 1.01 6.21
N TRP A 41 2.35 0.88 7.28
CA TRP A 41 2.33 -0.36 8.05
C TRP A 41 0.92 -0.95 8.08
N GLY A 42 0.83 -2.28 8.10
CA GLY A 42 -0.46 -2.94 8.12
C GLY A 42 -0.34 -4.42 8.40
N ILE A 43 -1.41 -5.16 8.14
CA ILE A 43 -1.43 -6.59 8.37
C ILE A 43 -1.38 -7.35 7.05
N ARG A 44 -1.01 -8.64 7.12
CA ARG A 44 -0.91 -9.47 5.92
C ARG A 44 -1.64 -10.79 6.14
N ALA A 45 -2.38 -11.21 5.12
CA ALA A 45 -3.12 -12.46 5.18
C ALA A 45 -3.77 -12.77 3.83
N GLY A 46 -3.45 -13.93 3.28
CA GLY A 46 -4.01 -14.32 1.99
C GLY A 46 -4.11 -15.81 1.83
N GLN A 47 -3.92 -16.30 0.60
CA GLN A 47 -4.00 -17.71 0.32
C GLN A 47 -3.01 -18.11 -0.77
N GLN A 48 -2.18 -19.10 -0.48
CA GLN A 48 -1.19 -19.57 -1.45
C GLN A 48 -1.72 -20.76 -2.25
N PHE A 49 -1.98 -20.51 -3.52
CA PHE A 49 -2.48 -21.55 -4.43
C PHE A 49 -1.37 -22.02 -5.37
N GLU A 50 -1.50 -23.24 -5.87
CA GLU A 50 -0.51 -23.80 -6.78
C GLU A 50 -0.47 -23.04 -8.10
N GLN A 51 -1.53 -22.29 -8.38
CA GLN A 51 -1.61 -21.51 -9.63
C GLN A 51 -2.00 -20.06 -9.35
N GLY A 52 -1.74 -19.60 -8.13
CA GLY A 52 -2.08 -18.24 -7.76
C GLY A 52 -1.94 -18.01 -6.27
N ARG A 53 -1.88 -16.75 -5.86
CA ARG A 53 -1.74 -16.42 -4.44
C ARG A 53 -2.51 -15.16 -4.08
N TYR A 54 -3.13 -15.17 -2.90
CA TYR A 54 -3.90 -14.03 -2.42
C TYR A 54 -3.06 -13.22 -1.44
N TYR A 55 -3.26 -11.91 -1.44
CA TYR A 55 -2.51 -11.04 -0.54
C TYR A 55 -3.35 -9.89 -0.02
N ALA A 56 -3.91 -10.06 1.18
CA ALA A 56 -4.73 -9.03 1.78
C ALA A 56 -3.86 -8.11 2.64
N THR A 57 -4.12 -6.81 2.59
CA THR A 57 -3.34 -5.85 3.36
C THR A 57 -4.22 -4.76 3.96
N TYR A 58 -4.12 -4.60 5.27
CA TYR A 58 -4.89 -3.59 5.99
C TYR A 58 -3.99 -2.39 6.30
N GLU A 59 -4.18 -1.31 5.55
CA GLU A 59 -3.37 -0.11 5.74
C GLU A 59 -4.13 0.96 6.51
N ASN A 60 -3.38 1.82 7.20
CA ASN A 60 -3.97 2.90 7.99
C ASN A 60 -3.31 4.23 7.63
N ILE A 61 -3.52 5.24 8.47
CA ILE A 61 -2.94 6.56 8.24
C ILE A 61 -1.84 6.86 9.24
N SER A 62 -0.60 6.86 8.75
CA SER A 62 0.56 7.14 9.60
C SER A 62 0.66 6.13 10.74
N ASP A 63 -0.07 6.39 11.83
CA ASP A 63 -0.08 5.51 12.99
C ASP A 63 -1.00 6.04 14.08
N THR A 64 -1.03 5.35 15.21
CA THR A 64 -1.87 5.75 16.33
C THR A 64 -1.06 6.46 17.40
N SER A 65 -0.05 7.21 16.96
CA SER A 65 0.81 7.94 17.89
C SER A 65 0.28 9.36 18.13
N SER A 66 -0.69 9.78 17.32
CA SER A 66 -1.26 11.11 17.46
C SER A 66 -2.54 11.08 18.28
N GLY A 67 -2.64 10.09 19.18
CA GLY A 67 -3.81 9.98 20.02
C GLY A 67 -5.10 9.86 19.22
N ASN A 68 -6.16 10.47 19.72
CA ASN A 68 -7.46 10.43 19.05
C ASN A 68 -7.69 11.71 18.26
N LYS A 69 -7.91 11.56 16.95
CA LYS A 69 -8.16 12.71 16.08
C LYS A 69 -8.45 12.26 14.65
N LEU A 70 -7.71 11.24 14.20
CA LEU A 70 -7.90 10.71 12.85
C LEU A 70 -7.88 9.18 12.85
N ARG A 71 -8.66 8.59 11.96
CA ARG A 71 -8.73 7.13 11.85
C ARG A 71 -9.15 6.71 10.46
N GLN A 72 -8.33 5.89 9.81
CA GLN A 72 -8.62 5.41 8.47
C GLN A 72 -8.44 3.89 8.38
N GLN A 73 -9.13 3.28 7.43
CA GLN A 73 -9.05 1.83 7.24
C GLN A 73 -9.05 1.48 5.76
N ASN A 74 -7.99 0.80 5.31
CA ASN A 74 -7.87 0.41 3.92
C ASN A 74 -7.65 -1.09 3.79
N LEU A 75 -8.65 -1.79 3.26
CA LEU A 75 -8.57 -3.24 3.08
C LEU A 75 -8.69 -3.60 1.61
N LEU A 76 -7.64 -4.19 1.05
CA LEU A 76 -7.63 -4.59 -0.35
C LEU A 76 -7.06 -5.98 -0.54
N GLY A 77 -7.59 -6.70 -1.52
CA GLY A 77 -7.14 -8.05 -1.80
C GLY A 77 -6.42 -8.13 -3.13
N SER A 78 -5.13 -8.47 -3.09
CA SER A 78 -4.35 -8.57 -4.32
C SER A 78 -4.07 -10.03 -4.69
N TYR A 79 -4.53 -10.41 -5.88
CA TYR A 79 -4.33 -11.78 -6.36
C TYR A 79 -3.14 -11.81 -7.32
N ASP A 80 -2.05 -12.44 -6.90
CA ASP A 80 -0.85 -12.52 -7.73
C ASP A 80 -0.35 -13.95 -7.87
N ALA A 81 0.47 -14.17 -8.89
CA ALA A 81 1.05 -15.49 -9.16
C ALA A 81 2.53 -15.50 -8.80
N PHE A 82 2.89 -16.36 -7.86
CA PHE A 82 4.28 -16.46 -7.41
C PHE A 82 5.02 -17.60 -8.11
N LEU A 83 6.35 -17.50 -8.11
CA LEU A 83 7.19 -18.52 -8.73
C LEU A 83 8.65 -18.36 -8.29
N PRO A 84 9.27 -19.42 -7.75
CA PRO A 84 10.67 -19.38 -7.30
C PRO A 84 11.61 -18.85 -8.38
N ILE A 85 11.97 -17.58 -8.28
CA ILE A 85 12.88 -16.97 -9.24
C ILE A 85 13.57 -15.75 -8.66
N GLY A 86 14.90 -15.73 -8.74
CA GLY A 86 15.65 -14.60 -8.22
C GLY A 86 16.98 -15.02 -7.61
N ASP A 87 16.93 -15.45 -6.35
CA ASP A 87 18.13 -15.86 -5.64
C ASP A 87 18.12 -17.38 -5.42
N ASN A 88 17.15 -17.85 -4.65
CA ASN A 88 17.05 -19.27 -4.35
C ASN A 88 15.72 -19.59 -3.67
N ASN A 89 15.30 -18.71 -2.76
CA ASN A 89 14.05 -18.91 -2.04
C ASN A 89 13.10 -17.73 -2.23
N THR A 90 13.35 -16.92 -3.27
CA THR A 90 12.51 -15.77 -3.56
C THR A 90 11.25 -16.23 -4.27
N LYS A 91 10.16 -15.47 -4.14
CA LYS A 91 8.91 -15.85 -4.79
C LYS A 91 8.32 -14.68 -5.55
N LEU A 92 8.67 -14.57 -6.83
CA LEU A 92 8.16 -13.49 -7.66
C LEU A 92 6.66 -13.63 -7.80
N PHE A 93 5.95 -12.81 -7.05
CA PHE A 93 4.49 -12.82 -7.06
C PHE A 93 3.96 -11.53 -7.67
N GLY A 94 3.20 -11.67 -8.74
CA GLY A 94 2.63 -10.50 -9.41
C GLY A 94 1.21 -10.73 -9.89
N GLY A 95 0.41 -9.66 -9.88
CA GLY A 95 -0.97 -9.76 -10.31
C GLY A 95 -1.71 -8.45 -10.24
N ALA A 96 -2.96 -8.50 -9.79
CA ALA A 96 -3.79 -7.31 -9.67
C ALA A 96 -4.12 -7.02 -8.21
N THR A 97 -4.81 -5.90 -7.98
CA THR A 97 -5.20 -5.50 -6.64
C THR A 97 -6.54 -4.78 -6.64
N LEU A 98 -7.32 -4.99 -5.59
CA LEU A 98 -8.63 -4.35 -5.47
C LEU A 98 -9.09 -4.34 -4.01
N GLY A 99 -9.54 -3.17 -3.56
CA GLY A 99 -10.01 -3.05 -2.19
C GLY A 99 -11.01 -1.92 -2.01
N LEU A 100 -11.05 -1.35 -0.81
CA LEU A 100 -11.96 -0.26 -0.51
C LEU A 100 -11.43 0.59 0.64
N VAL A 101 -11.32 1.89 0.41
CA VAL A 101 -10.82 2.81 1.43
C VAL A 101 -11.93 3.71 1.94
N LYS A 102 -11.89 4.01 3.24
CA LYS A 102 -12.89 4.87 3.85
C LYS A 102 -12.32 5.56 5.09
N LEU A 103 -12.64 6.84 5.25
CA LEU A 103 -12.16 7.61 6.39
C LEU A 103 -13.30 8.31 7.10
N GLU A 104 -13.19 8.44 8.42
CA GLU A 104 -14.21 9.08 9.22
C GLU A 104 -13.61 9.71 10.49
N GLN A 105 -13.99 10.95 10.77
CA GLN A 105 -13.48 11.66 11.94
C GLN A 105 -14.57 11.78 13.01
N ASP A 106 -14.18 11.57 14.26
CA ASP A 106 -15.13 11.66 15.37
C ASP A 106 -14.42 11.47 16.71
N GLY A 107 -15.18 11.49 17.78
CA GLY A 107 -14.60 11.31 19.11
C GLY A 107 -15.07 10.03 19.77
N LYS A 108 -16.35 9.70 19.61
CA LYS A 108 -16.91 8.50 20.20
C LYS A 108 -17.60 7.64 19.14
N GLY A 109 -18.64 8.19 18.52
CA GLY A 109 -19.36 7.47 17.49
C GLY A 109 -20.06 8.39 16.51
N PHE A 110 -19.41 9.50 16.19
CA PHE A 110 -19.98 10.47 15.26
C PHE A 110 -19.58 10.15 13.83
N LYS A 111 -20.16 10.87 12.88
CA LYS A 111 -19.86 10.66 11.46
C LYS A 111 -20.16 11.92 10.64
N ARG A 112 -19.21 12.29 9.80
CA ARG A 112 -19.37 13.48 8.96
C ARG A 112 -18.97 13.19 7.51
N ASP A 113 -17.69 12.91 7.30
CA ASP A 113 -17.17 12.60 5.97
C ASP A 113 -16.68 11.17 5.89
N SER A 114 -17.50 10.31 5.26
CA SER A 114 -17.14 8.90 5.12
C SER A 114 -18.21 8.16 4.32
N ASP A 115 -17.77 7.35 3.35
CA ASP A 115 -18.68 6.58 2.52
C ASP A 115 -18.05 5.28 2.05
N VAL A 116 -17.27 5.34 0.98
CA VAL A 116 -16.61 4.16 0.44
C VAL A 116 -15.49 4.54 -0.51
N GLY A 117 -14.67 3.57 -0.89
CA GLY A 117 -13.59 3.82 -1.81
C GLY A 117 -13.36 2.67 -2.78
N TYR A 118 -12.89 2.99 -3.98
CA TYR A 118 -12.63 1.98 -5.00
C TYR A 118 -11.17 1.95 -5.40
N ALA A 119 -10.49 0.84 -5.10
CA ALA A 119 -9.08 0.70 -5.42
C ALA A 119 -8.87 -0.37 -6.48
N ALA A 120 -7.97 -0.11 -7.43
CA ALA A 120 -7.68 -1.04 -8.50
C ALA A 120 -6.32 -0.75 -9.13
N GLY A 121 -5.50 -1.79 -9.26
CA GLY A 121 -4.18 -1.62 -9.85
C GLY A 121 -3.45 -2.94 -10.02
N LEU A 122 -2.17 -2.94 -9.71
CA LEU A 122 -1.35 -4.15 -9.82
C LEU A 122 -0.25 -4.17 -8.76
N GLN A 123 0.43 -5.30 -8.66
CA GLN A 123 1.50 -5.47 -7.68
C GLN A 123 2.54 -6.47 -8.16
N ALA A 124 3.67 -6.53 -7.48
CA ALA A 124 4.74 -7.46 -7.83
C ALA A 124 5.86 -7.39 -6.81
N GLY A 125 6.44 -8.54 -6.50
CA GLY A 125 7.52 -8.60 -5.54
C GLY A 125 8.25 -9.95 -5.54
N ILE A 126 8.71 -10.35 -4.36
CA ILE A 126 9.42 -11.62 -4.20
C ILE A 126 9.41 -12.04 -2.74
N LEU A 127 8.84 -13.21 -2.45
CA LEU A 127 8.79 -13.71 -1.08
C LEU A 127 9.93 -14.66 -0.79
N GLN A 128 10.82 -14.24 0.10
CA GLN A 128 11.98 -15.05 0.48
C GLN A 128 11.69 -15.85 1.74
N GLU A 129 11.69 -17.18 1.61
CA GLU A 129 11.42 -18.06 2.74
C GLU A 129 12.71 -18.69 3.25
N LEU A 130 12.76 -18.97 4.55
CA LEU A 130 13.94 -19.56 5.15
C LEU A 130 13.69 -21.02 5.52
N SER A 131 12.48 -21.28 6.02
CA SER A 131 12.10 -22.64 6.41
C SER A 131 10.60 -22.70 6.69
N LYS A 132 10.17 -23.76 7.35
CA LYS A 132 8.76 -23.93 7.67
C LYS A 132 8.42 -23.18 8.97
N ASN A 133 8.71 -21.89 8.99
CA ASN A 133 8.44 -21.07 10.17
C ASN A 133 7.92 -19.69 9.76
N ALA A 134 8.74 -18.96 9.01
CA ALA A 134 8.37 -17.63 8.56
C ALA A 134 9.21 -17.20 7.36
N SER A 135 8.69 -16.27 6.58
CA SER A 135 9.41 -15.77 5.41
C SER A 135 9.35 -14.25 5.32
N ILE A 136 9.92 -13.71 4.25
CA ILE A 136 9.93 -12.26 4.05
C ILE A 136 9.44 -11.93 2.65
N GLU A 137 8.57 -10.93 2.55
CA GLU A 137 8.03 -10.50 1.28
C GLU A 137 8.28 -9.02 1.03
N GLY A 138 8.61 -8.68 -0.21
CA GLY A 138 8.87 -7.30 -0.55
C GLY A 138 8.80 -7.05 -2.04
N GLY A 139 8.29 -5.88 -2.42
CA GLY A 139 8.18 -5.54 -3.83
C GLY A 139 7.65 -4.14 -4.06
N TYR A 140 6.86 -3.98 -5.12
CA TYR A 140 6.29 -2.68 -5.46
C TYR A 140 4.79 -2.81 -5.72
N ARG A 141 4.09 -1.69 -5.59
CA ARG A 141 2.64 -1.67 -5.82
C ARG A 141 2.21 -0.35 -6.46
N TYR A 142 1.28 -0.43 -7.40
CA TYR A 142 0.78 0.75 -8.10
C TYR A 142 -0.70 0.61 -8.42
N LEU A 143 -1.54 1.30 -7.66
CA LEU A 143 -2.99 1.27 -7.87
C LEU A 143 -3.61 2.65 -7.72
N ARG A 144 -4.74 2.86 -8.37
CA ARG A 144 -5.44 4.14 -8.30
C ARG A 144 -6.72 4.01 -7.48
N THR A 145 -7.08 5.09 -6.80
CA THR A 145 -8.29 5.10 -5.98
C THR A 145 -9.25 6.19 -6.43
N ASN A 146 -10.50 5.80 -6.69
CA ASN A 146 -11.52 6.73 -7.14
C ASN A 146 -12.86 6.41 -6.51
N ALA A 147 -13.36 7.33 -5.68
CA ALA A 147 -14.63 7.16 -5.01
C ALA A 147 -15.71 8.05 -5.62
N SER A 148 -16.97 7.66 -5.43
CA SER A 148 -18.09 8.43 -5.96
C SER A 148 -18.44 9.59 -5.03
N THR A 149 -17.67 10.67 -5.11
CA THR A 149 -17.91 11.84 -4.28
C THR A 149 -18.36 13.02 -5.13
N GLU A 150 -17.47 13.49 -6.01
CA GLU A 150 -17.77 14.62 -6.89
C GLU A 150 -16.81 14.66 -8.07
N MET A 151 -17.28 15.23 -9.18
CA MET A 151 -16.46 15.33 -10.38
C MET A 151 -15.30 16.29 -10.16
N THR A 152 -14.35 16.27 -11.08
CA THR A 152 -13.18 17.14 -10.99
C THR A 152 -13.12 18.11 -12.17
N PRO A 153 -12.89 19.41 -11.91
CA PRO A 153 -12.81 20.43 -12.96
C PRO A 153 -11.81 20.05 -14.05
N HIS A 154 -11.90 20.74 -15.19
CA HIS A 154 -11.01 20.48 -16.31
C HIS A 154 -10.58 21.79 -16.97
N GLY A 155 -9.27 21.93 -17.19
CA GLY A 155 -8.75 23.14 -17.80
C GLY A 155 -7.71 22.83 -18.86
N GLY A 156 -6.48 23.31 -18.62
CA GLY A 156 -5.40 23.07 -19.58
C GLY A 156 -4.12 22.63 -18.89
N ASN A 157 -2.99 23.01 -19.47
CA ASN A 157 -1.69 22.65 -18.92
C ASN A 157 -0.67 23.77 -19.12
N LYS A 158 0.56 23.52 -18.68
CA LYS A 158 1.62 24.51 -18.83
C LYS A 158 2.87 23.87 -19.43
N LEU A 159 3.35 22.81 -18.79
CA LEU A 159 4.53 22.11 -19.26
C LEU A 159 4.22 21.25 -20.49
N GLY A 160 5.26 20.78 -21.16
CA GLY A 160 5.07 19.95 -22.33
C GLY A 160 5.13 18.47 -22.02
N SER A 161 4.60 18.08 -20.87
CA SER A 161 4.61 16.68 -20.45
C SER A 161 3.43 16.40 -19.53
N LEU A 162 2.99 15.14 -19.52
CA LEU A 162 1.87 14.73 -18.67
C LEU A 162 2.33 14.47 -17.25
N ASP A 163 1.42 13.96 -16.42
CA ASP A 163 1.74 13.65 -15.03
C ASP A 163 0.80 12.58 -14.48
N LEU A 164 1.29 11.35 -14.42
CA LEU A 164 0.51 10.23 -13.91
C LEU A 164 0.06 10.48 -12.48
N HIS A 165 -1.22 10.28 -12.22
CA HIS A 165 -1.77 10.48 -10.89
C HIS A 165 -1.93 9.15 -10.16
N SER A 166 -1.06 8.20 -10.47
CA SER A 166 -1.11 6.89 -9.85
C SER A 166 -0.50 6.92 -8.45
N SER A 167 -0.58 5.80 -7.76
CA SER A 167 -0.02 5.70 -6.41
C SER A 167 1.26 4.88 -6.40
N SER A 168 2.32 5.45 -5.87
CA SER A 168 3.61 4.77 -5.80
C SER A 168 3.93 4.36 -4.37
N GLN A 169 4.10 3.05 -4.16
CA GLN A 169 4.40 2.53 -2.83
C GLN A 169 5.31 1.32 -2.92
N PHE A 170 6.05 1.07 -1.84
CA PHE A 170 6.95 -0.07 -1.78
C PHE A 170 6.37 -1.17 -0.91
N TYR A 171 6.94 -2.34 -1.01
CA TYR A 171 6.47 -3.50 -0.25
C TYR A 171 7.64 -4.20 0.43
N LEU A 172 7.51 -4.40 1.73
CA LEU A 172 8.55 -5.06 2.52
C LEU A 172 7.99 -5.51 3.87
N GLY A 173 8.21 -6.78 4.22
CA GLY A 173 7.70 -7.29 5.49
C GLY A 173 7.92 -8.78 5.64
N ALA A 174 7.06 -9.42 6.43
CA ALA A 174 7.17 -10.86 6.66
C ALA A 174 5.86 -11.57 6.32
N ASN A 175 5.89 -12.89 6.33
CA ASN A 175 4.71 -13.69 6.03
C ASN A 175 4.73 -15.01 6.79
N TYR A 176 3.77 -15.18 7.70
CA TYR A 176 3.68 -16.40 8.49
C TYR A 176 2.52 -17.26 8.02
N LYS A 177 2.85 -18.44 7.50
CA LYS A 177 1.84 -19.37 7.00
C LYS A 177 1.25 -20.19 8.15
N PHE A 178 0.10 -20.81 7.88
CA PHE A 178 -0.56 -21.63 8.90
C PHE A 178 -0.82 -23.04 8.38
N ALA A 1 -3.65 -24.01 -2.17
CA ALA A 1 -4.65 -23.59 -1.16
C ALA A 1 -4.03 -23.51 0.23
N ASP A 2 -2.96 -22.72 0.35
CA ASP A 2 -2.28 -22.56 1.63
C ASP A 2 -2.80 -21.33 2.37
N ASN A 3 -2.42 -21.21 3.64
CA ASN A 3 -2.85 -20.07 4.46
C ASN A 3 -1.68 -19.17 4.79
N PHE A 4 -1.86 -17.87 4.62
CA PHE A 4 -0.80 -16.91 4.92
C PHE A 4 -1.33 -15.76 5.78
N VAL A 5 -0.54 -15.34 6.76
CA VAL A 5 -0.92 -14.25 7.64
C VAL A 5 0.30 -13.56 8.25
N GLY A 6 0.38 -12.25 8.08
CA GLY A 6 1.50 -11.51 8.62
C GLY A 6 1.31 -10.00 8.53
N LEU A 7 2.31 -9.33 7.96
CA LEU A 7 2.25 -7.87 7.82
C LEU A 7 3.21 -7.40 6.73
N THR A 8 3.08 -6.14 6.32
CA THR A 8 3.93 -5.58 5.29
C THR A 8 4.19 -4.09 5.55
N TRP A 9 5.36 -3.62 5.11
CA TRP A 9 5.73 -2.23 5.29
C TRP A 9 5.74 -1.48 3.96
N GLY A 10 4.87 -0.49 3.83
CA GLY A 10 4.79 0.27 2.60
C GLY A 10 5.67 1.51 2.63
N GLU A 11 6.37 1.78 1.53
CA GLU A 11 7.25 2.93 1.43
C GLU A 11 6.64 4.01 0.54
N THR A 12 6.35 5.16 1.11
CA THR A 12 5.78 6.27 0.36
C THR A 12 6.66 7.51 0.44
N SER A 13 7.34 7.82 -0.66
CA SER A 13 8.22 8.98 -0.71
C SER A 13 8.30 9.54 -2.13
N ASN A 14 7.59 10.63 -2.36
CA ASN A 14 7.57 11.28 -3.67
C ASN A 14 8.16 12.69 -3.59
N ASN A 15 8.99 13.03 -4.58
CA ASN A 15 9.61 14.34 -4.61
C ASN A 15 8.75 15.33 -5.41
N ILE A 16 8.41 16.44 -4.78
CA ILE A 16 7.59 17.46 -5.43
C ILE A 16 8.20 18.86 -5.26
N GLN A 17 8.77 19.11 -4.09
CA GLN A 17 9.39 20.41 -3.81
C GLN A 17 10.30 20.32 -2.58
N LYS A 18 10.86 21.46 -2.20
CA LYS A 18 11.75 21.52 -1.04
C LYS A 18 11.08 22.22 0.13
N SER A 19 11.50 21.89 1.34
CA SER A 19 10.94 22.50 2.54
C SER A 19 11.97 22.52 3.66
N LYS A 20 11.58 23.10 4.80
CA LYS A 20 12.47 23.20 5.94
C LYS A 20 11.69 23.19 7.26
N SER A 21 12.14 22.37 8.20
CA SER A 21 11.48 22.27 9.50
C SER A 21 12.33 22.89 10.60
N LEU A 22 12.10 24.16 10.87
CA LEU A 22 12.85 24.87 11.90
C LEU A 22 12.03 24.99 13.18
N ASN A 23 11.19 24.00 13.43
CA ASN A 23 10.34 23.99 14.62
C ASN A 23 10.94 23.10 15.71
N ARG A 24 10.98 21.81 15.44
CA ARG A 24 11.53 20.85 16.41
C ARG A 24 13.06 20.87 16.38
N ASN A 25 13.65 21.29 17.49
CA ASN A 25 15.10 21.36 17.60
C ASN A 25 15.66 20.08 18.22
N LEU A 26 15.38 19.86 19.49
CA LEU A 26 15.85 18.68 20.19
C LEU A 26 17.38 18.64 20.21
N ASN A 27 17.94 17.83 21.10
CA ASN A 27 19.38 17.69 21.21
C ASN A 27 19.80 16.23 21.26
N SER A 28 20.29 15.72 20.13
CA SER A 28 20.72 14.33 20.05
C SER A 28 21.87 14.18 19.04
N PRO A 29 22.89 13.38 19.38
CA PRO A 29 24.04 13.17 18.50
C PRO A 29 23.63 12.71 17.10
N ASN A 30 22.78 11.70 17.05
CA ASN A 30 22.30 11.17 15.78
C ASN A 30 20.81 10.84 15.84
N LEU A 31 20.26 10.35 14.74
CA LEU A 31 18.85 9.99 14.67
C LEU A 31 17.97 11.21 14.94
N ASP A 32 17.59 11.89 13.87
CA ASP A 32 16.74 13.08 13.97
C ASP A 32 16.41 13.63 12.59
N LYS A 33 17.42 13.73 11.74
CA LYS A 33 17.24 14.25 10.39
C LYS A 33 17.07 13.12 9.38
N VAL A 34 17.40 11.90 9.79
CA VAL A 34 17.29 10.74 8.92
C VAL A 34 15.97 10.00 9.14
N ILE A 35 14.95 10.74 9.56
CA ILE A 35 13.63 10.15 9.80
C ILE A 35 12.52 11.12 9.41
N ASP A 36 12.16 11.11 8.13
CA ASP A 36 11.11 11.99 7.63
C ASP A 36 9.82 11.21 7.41
N ASN A 37 9.77 10.44 6.33
CA ASN A 37 8.58 9.64 6.02
C ASN A 37 8.82 8.17 6.31
N THR A 38 8.07 7.63 7.27
CA THR A 38 8.20 6.23 7.65
C THR A 38 7.61 5.32 6.59
N GLY A 39 6.35 5.58 6.24
CA GLY A 39 5.68 4.77 5.23
C GLY A 39 4.27 4.38 5.64
N THR A 40 3.90 3.14 5.38
CA THR A 40 2.56 2.66 5.71
C THR A 40 2.63 1.25 6.31
N TRP A 41 2.40 1.15 7.61
CA TRP A 41 2.42 -0.14 8.29
C TRP A 41 1.04 -0.76 8.32
N GLY A 42 0.96 -2.04 7.94
CA GLY A 42 -0.32 -2.73 7.93
C GLY A 42 -0.19 -4.20 8.23
N ILE A 43 -1.31 -4.91 8.15
CA ILE A 43 -1.34 -6.35 8.42
C ILE A 43 -1.49 -7.14 7.12
N ARG A 44 -1.30 -8.45 7.21
CA ARG A 44 -1.42 -9.31 6.04
C ARG A 44 -2.14 -10.61 6.39
N ALA A 45 -2.96 -11.08 5.46
CA ALA A 45 -3.71 -12.32 5.66
C ALA A 45 -4.40 -12.75 4.37
N GLY A 46 -4.05 -13.96 3.91
CA GLY A 46 -4.63 -14.47 2.68
C GLY A 46 -4.49 -15.97 2.55
N GLN A 47 -4.54 -16.45 1.32
CA GLN A 47 -4.40 -17.88 1.05
C GLN A 47 -3.59 -18.13 -0.21
N GLN A 48 -2.64 -19.05 -0.11
CA GLN A 48 -1.78 -19.42 -1.23
C GLN A 48 -2.46 -20.43 -2.14
N PHE A 49 -1.96 -20.55 -3.36
CA PHE A 49 -2.51 -21.50 -4.33
C PHE A 49 -1.43 -22.43 -4.85
N GLU A 50 -1.76 -23.18 -5.89
CA GLU A 50 -0.81 -24.13 -6.48
C GLU A 50 0.35 -23.40 -7.15
N GLN A 51 0.05 -22.30 -7.83
CA GLN A 51 1.07 -21.52 -8.53
C GLN A 51 1.10 -20.08 -8.05
N GLY A 52 -0.04 -19.58 -7.58
CA GLY A 52 -0.10 -18.20 -7.12
C GLY A 52 -0.59 -18.09 -5.69
N ARG A 53 -1.08 -16.91 -5.32
CA ARG A 53 -1.57 -16.69 -3.96
C ARG A 53 -2.26 -15.33 -3.83
N TYR A 54 -2.95 -15.14 -2.71
CA TYR A 54 -3.64 -13.88 -2.45
C TYR A 54 -3.51 -13.50 -0.98
N TYR A 55 -3.86 -12.26 -0.66
CA TYR A 55 -3.77 -11.78 0.71
C TYR A 55 -4.18 -10.32 0.80
N ALA A 56 -4.97 -10.01 1.81
CA ALA A 56 -5.44 -8.65 2.03
C ALA A 56 -4.48 -7.90 2.94
N THR A 57 -4.46 -6.57 2.84
CA THR A 57 -3.57 -5.77 3.67
C THR A 57 -4.27 -4.54 4.21
N TYR A 58 -4.25 -4.40 5.54
CA TYR A 58 -4.88 -3.27 6.20
C TYR A 58 -3.88 -2.13 6.34
N GLU A 59 -4.07 -1.06 5.56
CA GLU A 59 -3.18 0.09 5.61
C GLU A 59 -3.81 1.27 6.32
N ASN A 60 -3.04 2.36 6.43
CA ASN A 60 -3.51 3.57 7.09
C ASN A 60 -2.62 4.75 6.74
N ILE A 61 -2.74 5.83 7.49
CA ILE A 61 -1.93 7.03 7.26
C ILE A 61 -1.10 7.38 8.48
N SER A 62 0.22 7.36 8.33
CA SER A 62 1.13 7.67 9.42
C SER A 62 1.75 9.05 9.22
N ASP A 63 1.02 10.08 9.62
CA ASP A 63 1.50 11.46 9.48
C ASP A 63 2.26 11.89 10.74
N THR A 64 1.53 11.99 11.85
CA THR A 64 2.12 12.39 13.11
C THR A 64 2.44 11.18 13.99
N SER A 65 3.58 11.23 14.66
CA SER A 65 4.00 10.14 15.54
C SER A 65 3.29 10.22 16.89
N SER A 66 3.01 11.43 17.33
CA SER A 66 2.34 11.65 18.60
C SER A 66 0.83 11.55 18.45
N GLY A 67 0.33 11.92 17.27
CA GLY A 67 -1.09 11.86 17.01
C GLY A 67 -1.52 10.54 16.40
N ASN A 68 -1.05 9.44 16.97
CA ASN A 68 -1.39 8.12 16.48
C ASN A 68 -2.80 7.72 16.92
N LYS A 69 -3.64 7.42 15.93
CA LYS A 69 -5.02 7.03 16.21
C LYS A 69 -5.65 6.32 15.01
N LEU A 70 -6.54 5.38 15.28
CA LEU A 70 -7.20 4.63 14.21
C LEU A 70 -8.51 5.29 13.82
N ARG A 71 -8.43 6.24 12.89
CA ARG A 71 -9.61 6.95 12.41
C ARG A 71 -10.02 6.47 11.02
N GLN A 72 -9.04 6.04 10.24
CA GLN A 72 -9.30 5.55 8.89
C GLN A 72 -8.93 4.09 8.76
N GLN A 73 -9.34 3.48 7.65
CA GLN A 73 -9.05 2.06 7.41
C GLN A 73 -8.95 1.79 5.90
N ASN A 74 -7.88 1.09 5.50
CA ASN A 74 -7.68 0.76 4.10
C ASN A 74 -7.62 -0.75 3.90
N LEU A 75 -8.64 -1.29 3.25
CA LEU A 75 -8.71 -2.72 2.99
C LEU A 75 -8.47 -3.01 1.52
N LEU A 76 -7.38 -3.72 1.21
CA LEU A 76 -7.04 -4.06 -0.16
C LEU A 76 -6.66 -5.52 -0.29
N GLY A 77 -7.22 -6.19 -1.30
CA GLY A 77 -6.92 -7.59 -1.53
C GLY A 77 -6.13 -7.80 -2.80
N SER A 78 -4.91 -8.31 -2.66
CA SER A 78 -4.05 -8.55 -3.81
C SER A 78 -3.96 -10.03 -4.16
N TYR A 79 -4.07 -10.33 -5.45
CA TYR A 79 -3.99 -11.70 -5.93
C TYR A 79 -2.97 -11.80 -7.06
N ASP A 80 -1.85 -12.48 -6.79
CA ASP A 80 -0.79 -12.62 -7.78
C ASP A 80 -0.24 -14.04 -7.83
N ALA A 81 0.61 -14.29 -8.82
CA ALA A 81 1.23 -15.59 -9.00
C ALA A 81 2.74 -15.49 -8.80
N PHE A 82 3.26 -16.27 -7.86
CA PHE A 82 4.68 -16.26 -7.55
C PHE A 82 5.41 -17.42 -8.24
N LEU A 83 6.74 -17.31 -8.29
CA LEU A 83 7.57 -18.33 -8.92
C LEU A 83 9.03 -18.12 -8.55
N PRO A 84 9.71 -19.17 -8.04
CA PRO A 84 11.13 -19.08 -7.65
C PRO A 84 12.01 -18.59 -8.79
N ILE A 85 12.47 -17.35 -8.67
CA ILE A 85 13.33 -16.75 -9.69
C ILE A 85 14.27 -15.72 -9.07
N GLY A 86 15.57 -15.95 -9.22
CA GLY A 86 16.54 -15.03 -8.67
C GLY A 86 17.82 -15.73 -8.26
N ASP A 87 17.80 -16.38 -7.10
CA ASP A 87 18.96 -17.08 -6.60
C ASP A 87 18.55 -18.35 -5.85
N ASN A 88 18.00 -18.17 -4.65
CA ASN A 88 17.57 -19.29 -3.84
C ASN A 88 16.76 -18.82 -2.64
N ASN A 89 16.05 -17.71 -2.80
CA ASN A 89 15.24 -17.16 -1.71
C ASN A 89 14.37 -16.01 -2.20
N THR A 90 13.96 -16.06 -3.47
CA THR A 90 13.12 -15.03 -4.05
C THR A 90 12.00 -15.64 -4.87
N LYS A 91 10.77 -15.19 -4.65
CA LYS A 91 9.63 -15.70 -5.40
C LYS A 91 8.96 -14.60 -6.21
N LEU A 92 9.40 -14.47 -7.46
CA LEU A 92 8.86 -13.46 -8.36
C LEU A 92 7.35 -13.59 -8.47
N PHE A 93 6.65 -12.71 -7.78
CA PHE A 93 5.19 -12.70 -7.79
C PHE A 93 4.66 -11.48 -8.51
N GLY A 94 3.44 -11.58 -9.02
CA GLY A 94 2.84 -10.47 -9.73
C GLY A 94 1.39 -10.74 -10.14
N GLY A 95 0.54 -9.75 -9.93
CA GLY A 95 -0.87 -9.91 -10.28
C GLY A 95 -1.63 -8.61 -10.21
N ALA A 96 -2.84 -8.66 -9.66
CA ALA A 96 -3.68 -7.47 -9.54
C ALA A 96 -4.11 -7.24 -8.09
N THR A 97 -4.55 -6.02 -7.80
CA THR A 97 -4.98 -5.66 -6.46
C THR A 97 -6.23 -4.79 -6.50
N LEU A 98 -7.08 -4.91 -5.49
CA LEU A 98 -8.31 -4.14 -5.41
C LEU A 98 -8.79 -4.03 -3.97
N GLY A 99 -9.09 -2.82 -3.52
CA GLY A 99 -9.56 -2.63 -2.17
C GLY A 99 -10.66 -1.59 -2.05
N LEU A 100 -10.87 -1.13 -0.83
CA LEU A 100 -11.88 -0.13 -0.53
C LEU A 100 -11.50 0.64 0.73
N VAL A 101 -11.76 1.92 0.74
CA VAL A 101 -11.46 2.76 1.88
C VAL A 101 -12.72 3.20 2.62
N LYS A 102 -12.62 3.32 3.94
CA LYS A 102 -13.74 3.73 4.76
C LYS A 102 -13.30 4.71 5.85
N LEU A 103 -14.16 5.66 6.17
CA LEU A 103 -13.86 6.65 7.20
C LEU A 103 -14.87 6.57 8.35
N GLU A 104 -14.44 5.99 9.46
CA GLU A 104 -15.30 5.84 10.63
C GLU A 104 -14.77 6.68 11.80
N GLN A 105 -15.60 6.85 12.82
CA GLN A 105 -15.23 7.62 14.00
C GLN A 105 -15.73 6.95 15.27
N ASP A 106 -15.41 7.54 16.41
CA ASP A 106 -15.85 7.01 17.70
C ASP A 106 -16.25 8.13 18.64
N GLY A 107 -17.06 7.79 19.64
CA GLY A 107 -17.51 8.78 20.61
C GLY A 107 -18.96 9.15 20.43
N LYS A 108 -19.81 8.12 20.26
CA LYS A 108 -21.24 8.34 20.08
C LYS A 108 -21.51 9.19 18.84
N GLY A 109 -20.66 9.04 17.83
CA GLY A 109 -20.82 9.81 16.61
C GLY A 109 -21.25 8.94 15.44
N PHE A 110 -22.49 9.14 14.99
CA PHE A 110 -23.03 8.38 13.88
C PHE A 110 -23.05 9.20 12.60
N LYS A 111 -22.90 8.53 11.46
CA LYS A 111 -22.90 9.22 10.17
C LYS A 111 -23.46 8.31 9.07
N ARG A 112 -23.98 8.92 8.01
CA ARG A 112 -24.54 8.17 6.90
C ARG A 112 -23.46 7.81 5.88
N ASP A 113 -22.88 8.83 5.26
CA ASP A 113 -21.84 8.64 4.27
C ASP A 113 -20.59 8.03 4.91
N SER A 114 -20.22 6.84 4.45
CA SER A 114 -19.05 6.16 4.98
C SER A 114 -18.76 4.88 4.19
N ASP A 115 -17.49 4.47 4.19
CA ASP A 115 -17.08 3.27 3.47
C ASP A 115 -17.34 3.41 1.98
N VAL A 116 -16.48 4.16 1.30
CA VAL A 116 -16.61 4.38 -0.13
C VAL A 116 -15.26 4.65 -0.78
N GLY A 117 -14.69 3.63 -1.42
CA GLY A 117 -13.41 3.78 -2.07
C GLY A 117 -13.14 2.69 -3.09
N TYR A 118 -12.71 3.09 -4.28
CA TYR A 118 -12.44 2.12 -5.34
C TYR A 118 -10.95 2.10 -5.68
N ALA A 119 -10.31 0.96 -5.42
CA ALA A 119 -8.89 0.80 -5.70
C ALA A 119 -8.66 -0.36 -6.65
N ALA A 120 -7.76 -0.17 -7.61
CA ALA A 120 -7.45 -1.21 -8.59
C ALA A 120 -6.12 -0.95 -9.28
N GLY A 121 -5.29 -1.99 -9.36
CA GLY A 121 -4.01 -1.85 -10.01
C GLY A 121 -3.27 -3.17 -10.15
N LEU A 122 -1.96 -3.13 -9.92
CA LEU A 122 -1.13 -4.33 -10.03
C LEU A 122 0.03 -4.28 -9.04
N GLN A 123 0.65 -5.44 -8.81
CA GLN A 123 1.78 -5.52 -7.89
C GLN A 123 2.75 -6.62 -8.32
N ALA A 124 3.90 -6.67 -7.69
CA ALA A 124 4.91 -7.68 -8.01
C ALA A 124 6.17 -7.47 -7.17
N GLY A 125 6.78 -8.58 -6.76
CA GLY A 125 7.99 -8.52 -5.97
C GLY A 125 8.74 -9.83 -5.92
N ILE A 126 9.05 -10.29 -4.70
CA ILE A 126 9.76 -11.54 -4.51
C ILE A 126 9.57 -12.03 -3.08
N LEU A 127 9.03 -13.24 -2.95
CA LEU A 127 8.79 -13.82 -1.63
C LEU A 127 9.96 -14.70 -1.21
N GLN A 128 10.66 -14.28 -0.17
CA GLN A 128 11.81 -15.02 0.34
C GLN A 128 11.40 -15.90 1.51
N GLU A 129 11.67 -17.20 1.39
CA GLU A 129 11.34 -18.16 2.44
C GLU A 129 12.61 -18.70 3.11
N LEU A 130 12.50 -19.04 4.38
CA LEU A 130 13.64 -19.56 5.12
C LEU A 130 13.46 -21.05 5.40
N SER A 131 12.27 -21.40 5.85
CA SER A 131 11.95 -22.79 6.17
C SER A 131 10.45 -22.94 6.41
N LYS A 132 10.05 -24.06 6.99
CA LYS A 132 8.65 -24.30 7.28
C LYS A 132 8.23 -23.60 8.57
N ASN A 133 8.47 -22.28 8.63
CA ASN A 133 8.12 -21.50 9.80
C ASN A 133 7.50 -20.16 9.42
N ALA A 134 8.24 -19.37 8.64
CA ALA A 134 7.77 -18.07 8.21
C ALA A 134 8.31 -17.72 6.82
N SER A 135 7.81 -16.63 6.25
CA SER A 135 8.23 -16.19 4.93
C SER A 135 8.35 -14.68 4.87
N ILE A 136 8.97 -14.17 3.81
CA ILE A 136 9.15 -12.74 3.62
C ILE A 136 8.67 -12.32 2.24
N GLU A 137 7.92 -11.23 2.19
CA GLU A 137 7.40 -10.73 0.93
C GLU A 137 7.73 -9.25 0.74
N GLY A 138 8.26 -8.89 -0.42
CA GLY A 138 8.61 -7.51 -0.70
C GLY A 138 8.59 -7.18 -2.18
N GLY A 139 8.18 -5.97 -2.51
CA GLY A 139 8.15 -5.58 -3.91
C GLY A 139 7.57 -4.19 -4.13
N TYR A 140 6.96 -4.01 -5.31
CA TYR A 140 6.37 -2.72 -5.68
C TYR A 140 4.88 -2.87 -5.94
N ARG A 141 4.14 -1.78 -5.74
CA ARG A 141 2.69 -1.79 -5.96
C ARG A 141 2.27 -0.59 -6.79
N TYR A 142 1.49 -0.84 -7.84
CA TYR A 142 1.02 0.22 -8.72
C TYR A 142 -0.50 0.13 -8.90
N LEU A 143 -1.22 1.00 -8.19
CA LEU A 143 -2.68 1.01 -8.28
C LEU A 143 -3.24 2.40 -8.02
N ARG A 144 -4.50 2.61 -8.40
CA ARG A 144 -5.16 3.89 -8.20
C ARG A 144 -6.04 3.86 -6.97
N THR A 145 -6.26 5.03 -6.38
CA THR A 145 -7.10 5.15 -5.18
C THR A 145 -8.42 5.83 -5.50
N ASN A 146 -9.33 5.84 -4.53
CA ASN A 146 -10.64 6.47 -4.71
C ASN A 146 -10.49 7.93 -5.12
N ALA A 147 -10.95 8.24 -6.33
CA ALA A 147 -10.88 9.60 -6.85
C ALA A 147 -12.18 10.35 -6.60
N SER A 148 -12.21 11.11 -5.51
CA SER A 148 -13.40 11.88 -5.15
C SER A 148 -14.60 10.96 -4.93
N THR A 149 -15.70 11.54 -4.46
CA THR A 149 -16.91 10.78 -4.21
C THR A 149 -18.15 11.52 -4.72
N GLU A 150 -18.31 12.76 -4.26
CA GLU A 150 -19.45 13.57 -4.68
C GLU A 150 -19.10 15.05 -4.65
N MET A 151 -19.49 15.77 -5.70
CA MET A 151 -19.22 17.20 -5.79
C MET A 151 -17.71 17.46 -5.80
N THR A 152 -17.18 17.78 -6.97
CA THR A 152 -15.75 18.05 -7.11
C THR A 152 -15.51 19.53 -7.36
N PRO A 153 -15.29 20.32 -6.29
CA PRO A 153 -15.04 21.76 -6.41
C PRO A 153 -13.69 22.07 -7.05
N HIS A 154 -13.70 22.24 -8.37
CA HIS A 154 -12.47 22.54 -9.10
C HIS A 154 -12.63 23.82 -9.93
N GLY A 155 -11.51 24.48 -10.19
CA GLY A 155 -11.54 25.71 -10.97
C GLY A 155 -11.72 25.45 -12.44
N GLY A 156 -10.71 24.82 -13.05
CA GLY A 156 -10.78 24.53 -14.47
C GLY A 156 -9.86 25.41 -15.29
N ASN A 157 -8.69 24.88 -15.64
CA ASN A 157 -7.72 25.63 -16.43
C ASN A 157 -8.13 25.68 -17.90
N LYS A 158 -7.31 26.33 -18.72
CA LYS A 158 -7.59 26.45 -20.14
C LYS A 158 -6.60 25.63 -20.96
N LEU A 159 -6.14 24.52 -20.39
CA LEU A 159 -5.21 23.64 -21.07
C LEU A 159 -5.42 22.19 -20.67
N GLY A 160 -5.50 21.95 -19.37
CA GLY A 160 -5.72 20.60 -18.87
C GLY A 160 -5.69 20.52 -17.36
N SER A 161 -5.91 19.33 -16.83
CA SER A 161 -5.92 19.12 -15.38
C SER A 161 -5.52 17.68 -15.05
N LEU A 162 -4.56 17.53 -14.14
CA LEU A 162 -4.10 16.22 -13.73
C LEU A 162 -3.53 15.44 -14.92
N ASP A 163 -3.05 14.24 -14.64
CA ASP A 163 -2.48 13.38 -15.70
C ASP A 163 -2.77 11.92 -15.43
N LEU A 164 -2.24 11.39 -14.32
CA LEU A 164 -2.44 10.00 -13.96
C LEU A 164 -2.91 9.88 -12.51
N HIS A 165 -3.80 8.92 -12.26
CA HIS A 165 -4.33 8.71 -10.92
C HIS A 165 -3.76 7.44 -10.30
N SER A 166 -2.51 7.13 -10.63
CA SER A 166 -1.84 5.94 -10.11
C SER A 166 -0.74 6.33 -9.12
N SER A 167 -0.12 5.32 -8.52
CA SER A 167 0.94 5.55 -7.56
C SER A 167 1.84 4.31 -7.43
N SER A 168 3.15 4.54 -7.49
CA SER A 168 4.12 3.45 -7.37
C SER A 168 4.83 3.49 -6.02
N GLN A 169 4.74 2.40 -5.28
CA GLN A 169 5.36 2.31 -3.97
C GLN A 169 5.95 0.92 -3.73
N PHE A 170 6.99 0.86 -2.91
CA PHE A 170 7.64 -0.40 -2.59
C PHE A 170 7.17 -0.90 -1.23
N TYR A 171 6.58 -2.10 -1.21
CA TYR A 171 6.08 -2.67 0.03
C TYR A 171 6.66 -4.06 0.27
N LEU A 172 7.24 -4.23 1.44
CA LEU A 172 7.84 -5.50 1.84
C LEU A 172 7.71 -5.72 3.34
N GLY A 173 7.74 -6.98 3.76
CA GLY A 173 7.62 -7.31 5.17
C GLY A 173 7.75 -8.79 5.43
N ALA A 174 6.84 -9.34 6.22
CA ALA A 174 6.86 -10.76 6.55
C ALA A 174 5.48 -11.38 6.40
N ASN A 175 5.42 -12.72 6.46
CA ASN A 175 4.16 -13.43 6.32
C ASN A 175 4.25 -14.82 6.94
N TYR A 176 3.43 -15.07 7.95
CA TYR A 176 3.41 -16.35 8.64
C TYR A 176 2.24 -17.20 8.17
N LYS A 177 2.54 -18.36 7.57
CA LYS A 177 1.51 -19.26 7.08
C LYS A 177 1.05 -20.21 8.18
N PHE A 178 -0.18 -20.70 8.04
CA PHE A 178 -0.75 -21.62 9.02
C PHE A 178 -1.15 -22.94 8.37
N ALA A 1 -2.65 -24.61 -2.23
CA ALA A 1 -3.62 -24.03 -1.27
C ALA A 1 -3.00 -23.90 0.11
N ASP A 2 -2.18 -22.87 0.30
CA ASP A 2 -1.53 -22.64 1.59
C ASP A 2 -2.10 -21.40 2.27
N ASN A 3 -2.07 -21.38 3.60
CA ASN A 3 -2.59 -20.25 4.36
C ASN A 3 -1.45 -19.52 5.06
N PHE A 4 -1.28 -18.24 4.73
CA PHE A 4 -0.23 -17.44 5.35
C PHE A 4 -0.78 -16.18 5.99
N VAL A 5 -0.05 -15.68 6.99
CA VAL A 5 -0.45 -14.48 7.71
C VAL A 5 0.77 -13.74 8.25
N GLY A 6 0.85 -12.44 7.96
CA GLY A 6 1.97 -11.66 8.42
C GLY A 6 1.67 -10.16 8.47
N LEU A 7 2.65 -9.36 8.10
CA LEU A 7 2.49 -7.90 8.10
C LEU A 7 2.98 -7.31 6.77
N THR A 8 2.61 -6.06 6.54
CA THR A 8 3.00 -5.37 5.31
C THR A 8 3.63 -4.01 5.62
N TRP A 9 4.63 -3.64 4.84
CA TRP A 9 5.32 -2.37 5.02
C TRP A 9 5.65 -1.73 3.67
N GLY A 10 5.00 -0.60 3.38
CA GLY A 10 5.24 0.08 2.12
C GLY A 10 5.76 1.49 2.32
N GLU A 11 6.78 1.85 1.54
CA GLU A 11 7.38 3.18 1.63
C GLU A 11 6.53 4.20 0.88
N THR A 12 6.14 5.27 1.57
CA THR A 12 5.33 6.31 0.96
C THR A 12 6.13 7.61 0.81
N SER A 13 6.29 8.05 -0.44
CA SER A 13 7.04 9.27 -0.72
C SER A 13 6.51 9.96 -1.97
N ASN A 14 5.73 11.02 -1.77
CA ASN A 14 5.15 11.76 -2.87
C ASN A 14 5.90 13.08 -3.10
N ASN A 15 5.83 13.96 -2.12
CA ASN A 15 6.51 15.25 -2.20
C ASN A 15 8.01 15.10 -2.03
N ILE A 16 8.78 15.71 -2.91
CA ILE A 16 10.24 15.64 -2.85
C ILE A 16 10.86 16.99 -3.16
N GLN A 17 11.69 17.49 -2.24
CA GLN A 17 12.36 18.77 -2.42
C GLN A 17 13.37 19.02 -1.31
N LYS A 18 14.26 19.98 -1.53
CA LYS A 18 15.28 20.31 -0.54
C LYS A 18 14.89 21.56 0.25
N SER A 19 14.85 21.43 1.57
CA SER A 19 14.49 22.54 2.45
C SER A 19 15.42 22.62 3.65
N LYS A 20 16.67 22.21 3.44
CA LYS A 20 17.66 22.24 4.52
C LYS A 20 19.03 22.62 3.97
N SER A 21 19.66 23.60 4.60
CA SER A 21 20.99 24.06 4.18
C SER A 21 22.08 23.27 4.90
N LEU A 22 22.89 22.57 4.12
CA LEU A 22 23.99 21.78 4.68
C LEU A 22 25.32 22.14 4.03
N ASN A 23 26.40 21.57 4.55
CA ASN A 23 27.74 21.84 4.02
C ASN A 23 28.40 20.56 3.55
N ARG A 24 29.06 20.63 2.40
CA ARG A 24 29.75 19.47 1.84
C ARG A 24 31.26 19.70 1.80
N ASN A 25 31.98 18.71 1.27
CA ASN A 25 33.44 18.80 1.16
C ASN A 25 34.00 17.58 0.45
N LEU A 26 33.64 16.40 0.94
CA LEU A 26 34.11 15.15 0.35
C LEU A 26 33.24 13.97 0.78
N ASN A 27 32.94 13.92 2.07
CA ASN A 27 32.11 12.85 2.62
C ASN A 27 30.63 13.20 2.53
N SER A 28 29.89 12.44 1.75
CA SER A 28 28.45 12.66 1.58
C SER A 28 27.67 12.08 2.76
N PRO A 29 26.99 12.93 3.55
CA PRO A 29 26.21 12.47 4.70
C PRO A 29 24.98 11.66 4.28
N ASN A 30 25.14 10.34 4.23
CA ASN A 30 24.05 9.46 3.85
C ASN A 30 23.69 8.50 4.98
N LEU A 31 22.41 8.47 5.34
CA LEU A 31 21.93 7.59 6.40
C LEU A 31 22.61 7.96 7.73
N ASP A 32 22.19 9.07 8.32
CA ASP A 32 22.75 9.51 9.59
C ASP A 32 21.73 9.39 10.71
N LYS A 33 20.53 9.91 10.47
CA LYS A 33 19.47 9.85 11.48
C LYS A 33 18.09 10.01 10.81
N VAL A 34 17.62 8.93 10.20
CA VAL A 34 16.32 8.94 9.53
C VAL A 34 15.39 7.87 10.12
N ILE A 35 15.75 6.61 9.93
CA ILE A 35 14.95 5.50 10.43
C ILE A 35 13.63 5.38 9.68
N ASP A 36 12.76 6.37 9.87
CA ASP A 36 11.46 6.38 9.20
C ASP A 36 10.69 7.66 9.53
N ASN A 37 9.80 8.05 8.63
CA ASN A 37 9.00 9.26 8.82
C ASN A 37 7.55 9.02 8.42
N THR A 38 7.34 8.60 7.18
CA THR A 38 6.00 8.33 6.68
C THR A 38 5.99 7.11 5.77
N GLY A 39 4.93 6.33 5.86
CA GLY A 39 4.82 5.13 5.04
C GLY A 39 3.54 4.36 5.30
N THR A 40 3.53 3.08 4.94
CA THR A 40 2.37 2.23 5.14
C THR A 40 2.69 1.06 6.06
N TRP A 41 1.75 0.75 6.96
CA TRP A 41 1.93 -0.35 7.90
C TRP A 41 0.59 -1.01 8.22
N GLY A 42 0.59 -2.33 8.32
CA GLY A 42 -0.63 -3.06 8.63
C GLY A 42 -0.41 -4.55 8.75
N ILE A 43 -1.49 -5.31 8.72
CA ILE A 43 -1.42 -6.76 8.84
C ILE A 43 -1.69 -7.44 7.49
N ARG A 44 -1.29 -8.69 7.37
CA ARG A 44 -1.49 -9.44 6.14
C ARG A 44 -1.87 -10.89 6.44
N ALA A 45 -2.67 -11.47 5.56
CA ALA A 45 -3.12 -12.85 5.73
C ALA A 45 -3.97 -13.29 4.54
N GLY A 46 -3.57 -14.38 3.90
CA GLY A 46 -4.31 -14.88 2.75
C GLY A 46 -4.01 -16.32 2.43
N GLN A 47 -4.37 -16.74 1.22
CA GLN A 47 -4.14 -18.11 0.76
C GLN A 47 -3.21 -18.13 -0.45
N GLN A 48 -2.14 -18.91 -0.35
CA GLN A 48 -1.17 -19.02 -1.43
C GLN A 48 -1.20 -20.43 -2.05
N PHE A 49 -1.70 -20.50 -3.29
CA PHE A 49 -1.77 -21.77 -4.00
C PHE A 49 -0.95 -21.71 -5.28
N GLU A 50 -0.59 -22.88 -5.81
CA GLU A 50 0.20 -22.95 -7.04
C GLU A 50 -0.54 -22.31 -8.20
N GLN A 51 -1.86 -22.23 -8.10
CA GLN A 51 -2.67 -21.62 -9.16
C GLN A 51 -3.04 -20.18 -8.82
N GLY A 52 -2.24 -19.54 -7.97
CA GLY A 52 -2.51 -18.17 -7.58
C GLY A 52 -2.40 -17.96 -6.10
N ARG A 53 -2.31 -16.71 -5.68
CA ARG A 53 -2.19 -16.38 -4.27
C ARG A 53 -3.04 -15.16 -3.90
N TYR A 54 -3.58 -15.17 -2.69
CA TYR A 54 -4.40 -14.06 -2.20
C TYR A 54 -3.92 -13.60 -0.83
N TYR A 55 -4.31 -12.39 -0.44
CA TYR A 55 -3.90 -11.85 0.85
C TYR A 55 -4.53 -10.49 1.11
N ALA A 56 -5.19 -10.36 2.24
CA ALA A 56 -5.83 -9.12 2.63
C ALA A 56 -4.90 -8.30 3.53
N THR A 57 -4.86 -6.99 3.32
CA THR A 57 -4.00 -6.12 4.10
C THR A 57 -4.77 -4.93 4.66
N TYR A 58 -4.84 -4.86 5.99
CA TYR A 58 -5.54 -3.76 6.65
C TYR A 58 -4.54 -2.65 7.01
N GLU A 59 -4.74 -1.47 6.43
CA GLU A 59 -3.86 -0.34 6.70
C GLU A 59 -4.59 0.76 7.47
N ASN A 60 -3.85 1.80 7.85
CA ASN A 60 -4.40 2.91 8.60
C ASN A 60 -3.48 4.12 8.53
N ILE A 61 -3.73 5.11 9.39
CA ILE A 61 -2.92 6.31 9.43
C ILE A 61 -1.91 6.26 10.57
N SER A 62 -0.63 6.32 10.23
CA SER A 62 0.43 6.27 11.23
C SER A 62 0.67 7.66 11.83
N ASP A 63 0.94 8.63 10.96
CA ASP A 63 1.20 10.00 11.40
C ASP A 63 0.04 10.91 11.02
N THR A 64 -0.35 11.78 11.95
CA THR A 64 -1.45 12.71 11.72
C THR A 64 -1.03 14.15 12.03
N SER A 65 -0.83 14.94 10.98
CA SER A 65 -0.42 16.33 11.14
C SER A 65 -1.55 17.15 11.76
N SER A 66 -2.78 16.89 11.32
CA SER A 66 -3.93 17.62 11.83
C SER A 66 -4.10 17.40 13.34
N GLY A 67 -3.80 16.19 13.78
CA GLY A 67 -3.91 15.89 15.20
C GLY A 67 -5.35 15.86 15.67
N ASN A 68 -6.22 15.27 14.87
CA ASN A 68 -7.64 15.19 15.22
C ASN A 68 -7.98 13.82 15.78
N LYS A 69 -9.20 13.67 16.29
CA LYS A 69 -9.65 12.42 16.86
C LYS A 69 -10.58 11.68 15.89
N LEU A 70 -9.99 10.98 14.93
CA LEU A 70 -10.75 10.23 13.94
C LEU A 70 -9.86 9.23 13.22
N ARG A 71 -10.39 8.01 13.03
CA ARG A 71 -9.64 6.96 12.35
C ARG A 71 -10.53 6.22 11.36
N GLN A 72 -9.91 5.68 10.31
CA GLN A 72 -10.65 4.94 9.30
C GLN A 72 -10.04 3.56 9.07
N GLN A 73 -10.61 2.81 8.14
CA GLN A 73 -10.12 1.47 7.83
C GLN A 73 -9.70 1.37 6.36
N ASN A 74 -8.60 0.68 6.11
CA ASN A 74 -8.09 0.51 4.75
C ASN A 74 -8.15 -0.96 4.34
N LEU A 75 -9.01 -1.27 3.38
CA LEU A 75 -9.15 -2.63 2.89
C LEU A 75 -8.36 -2.82 1.60
N LEU A 76 -7.34 -3.67 1.67
CA LEU A 76 -6.50 -3.93 0.51
C LEU A 76 -6.57 -5.40 0.09
N GLY A 77 -7.13 -5.65 -1.09
CA GLY A 77 -7.25 -7.00 -1.60
C GLY A 77 -6.37 -7.21 -2.81
N SER A 78 -5.40 -8.11 -2.68
CA SER A 78 -4.47 -8.39 -3.78
C SER A 78 -4.43 -9.87 -4.12
N TYR A 79 -4.30 -10.15 -5.41
CA TYR A 79 -4.22 -11.53 -5.89
C TYR A 79 -3.06 -11.65 -6.88
N ASP A 80 -2.02 -12.36 -6.47
CA ASP A 80 -0.84 -12.53 -7.31
C ASP A 80 -0.42 -13.99 -7.43
N ALA A 81 0.46 -14.26 -8.39
CA ALA A 81 0.97 -15.58 -8.63
C ALA A 81 2.48 -15.60 -8.46
N PHE A 82 2.97 -16.52 -7.64
CA PHE A 82 4.39 -16.63 -7.37
C PHE A 82 5.05 -17.69 -8.23
N LEU A 83 6.38 -17.70 -8.22
CA LEU A 83 7.16 -18.67 -8.98
C LEU A 83 8.57 -18.79 -8.40
N PRO A 84 9.06 -20.02 -8.19
CA PRO A 84 10.40 -20.25 -7.63
C PRO A 84 11.50 -19.76 -8.56
N ILE A 85 12.13 -18.65 -8.19
CA ILE A 85 13.21 -18.07 -8.99
C ILE A 85 14.51 -18.01 -8.19
N GLY A 86 15.42 -18.94 -8.47
CA GLY A 86 16.69 -18.97 -7.78
C GLY A 86 16.90 -20.26 -7.02
N ASP A 87 16.56 -20.26 -5.73
CA ASP A 87 16.72 -21.45 -4.90
C ASP A 87 16.03 -21.27 -3.56
N ASN A 88 14.72 -21.04 -3.59
CA ASN A 88 13.94 -20.84 -2.38
C ASN A 88 14.38 -19.58 -1.64
N ASN A 89 14.95 -18.63 -2.39
CA ASN A 89 15.40 -17.38 -1.81
C ASN A 89 14.48 -16.24 -2.19
N THR A 90 13.97 -16.29 -3.42
CA THR A 90 13.05 -15.27 -3.92
C THR A 90 11.89 -15.91 -4.67
N LYS A 91 10.70 -15.34 -4.52
CA LYS A 91 9.52 -15.89 -5.19
C LYS A 91 8.85 -14.83 -6.06
N LEU A 92 9.14 -14.88 -7.35
CA LEU A 92 8.58 -13.94 -8.32
C LEU A 92 7.06 -13.95 -8.24
N PHE A 93 6.53 -12.91 -7.62
CA PHE A 93 5.09 -12.76 -7.45
C PHE A 93 4.54 -11.65 -8.33
N GLY A 94 3.33 -11.82 -8.83
CA GLY A 94 2.72 -10.82 -9.68
C GLY A 94 1.23 -10.99 -9.86
N GLY A 95 0.49 -9.88 -9.86
CA GLY A 95 -0.94 -9.94 -10.03
C GLY A 95 -1.60 -8.57 -10.00
N ALA A 96 -2.82 -8.52 -9.48
CA ALA A 96 -3.57 -7.28 -9.39
C ALA A 96 -3.68 -6.79 -7.95
N THR A 97 -4.37 -5.67 -7.76
CA THR A 97 -4.55 -5.10 -6.43
C THR A 97 -5.92 -4.45 -6.28
N LEU A 98 -6.35 -4.24 -5.03
CA LEU A 98 -7.64 -3.63 -4.76
C LEU A 98 -7.56 -2.81 -3.47
N GLY A 99 -8.03 -1.57 -3.54
CA GLY A 99 -8.02 -0.70 -2.38
C GLY A 99 -9.36 -0.04 -2.14
N LEU A 100 -9.90 -0.24 -0.94
CA LEU A 100 -11.18 0.34 -0.57
C LEU A 100 -11.19 0.75 0.90
N VAL A 101 -11.43 2.03 1.14
CA VAL A 101 -11.46 2.57 2.49
C VAL A 101 -12.88 2.95 2.90
N LYS A 102 -13.20 2.76 4.18
CA LYS A 102 -14.52 3.09 4.70
C LYS A 102 -14.42 3.99 5.92
N LEU A 103 -15.28 5.00 5.97
CA LEU A 103 -15.30 5.94 7.09
C LEU A 103 -16.62 5.89 7.83
N GLU A 104 -16.56 5.79 9.15
CA GLU A 104 -17.76 5.73 9.97
C GLU A 104 -17.53 6.45 11.31
N GLN A 105 -18.61 7.01 11.85
CA GLN A 105 -18.54 7.73 13.12
C GLN A 105 -19.33 7.00 14.20
N ASP A 106 -18.95 7.22 15.45
CA ASP A 106 -19.63 6.59 16.58
C ASP A 106 -20.50 7.59 17.33
N GLY A 107 -21.06 7.15 18.46
CA GLY A 107 -21.90 8.02 19.24
C GLY A 107 -23.20 8.36 18.55
N LYS A 108 -24.20 8.78 19.32
CA LYS A 108 -25.50 9.15 18.76
C LYS A 108 -25.43 10.50 18.05
N GLY A 109 -26.26 10.65 17.01
CA GLY A 109 -26.27 11.88 16.26
C GLY A 109 -26.56 11.66 14.79
N PHE A 110 -26.31 12.69 13.98
CA PHE A 110 -26.55 12.59 12.54
C PHE A 110 -25.30 12.14 11.81
N LYS A 111 -25.42 11.07 11.03
CA LYS A 111 -24.30 10.54 10.28
C LYS A 111 -24.73 10.14 8.87
N ARG A 112 -24.39 10.98 7.89
CA ARG A 112 -24.75 10.71 6.50
C ARG A 112 -23.51 10.73 5.61
N ASP A 113 -22.61 11.67 5.87
CA ASP A 113 -21.39 11.80 5.08
C ASP A 113 -20.62 10.49 5.04
N SER A 114 -19.70 10.37 4.08
CA SER A 114 -18.91 9.15 3.94
C SER A 114 -17.78 9.38 2.93
N ASP A 115 -16.71 8.61 3.07
CA ASP A 115 -15.56 8.71 2.17
C ASP A 115 -15.09 7.33 1.73
N VAL A 116 -15.74 6.79 0.70
CA VAL A 116 -15.39 5.48 0.18
C VAL A 116 -14.62 5.60 -1.14
N GLY A 117 -13.32 5.34 -1.09
CA GLY A 117 -12.50 5.43 -2.28
C GLY A 117 -12.28 4.08 -2.93
N TYR A 118 -12.12 4.07 -4.25
CA TYR A 118 -11.90 2.83 -4.99
C TYR A 118 -10.51 2.82 -5.62
N ALA A 119 -9.76 1.75 -5.36
CA ALA A 119 -8.42 1.61 -5.90
C ALA A 119 -8.20 0.22 -6.49
N ALA A 120 -7.35 0.15 -7.52
CA ALA A 120 -7.05 -1.11 -8.18
C ALA A 120 -5.93 -0.94 -9.19
N GLY A 121 -4.97 -1.87 -9.17
CA GLY A 121 -3.86 -1.82 -10.08
C GLY A 121 -3.13 -3.13 -10.22
N LEU A 122 -1.82 -3.12 -9.97
CA LEU A 122 -1.02 -4.33 -10.07
C LEU A 122 0.03 -4.37 -8.95
N GLN A 123 0.67 -5.53 -8.82
CA GLN A 123 1.69 -5.72 -7.80
C GLN A 123 2.61 -6.88 -8.18
N ALA A 124 3.85 -6.85 -7.70
CA ALA A 124 4.81 -7.89 -7.99
C ALA A 124 6.13 -7.64 -7.28
N GLY A 125 6.75 -8.72 -6.82
CA GLY A 125 8.02 -8.62 -6.13
C GLY A 125 8.75 -9.95 -6.04
N ILE A 126 9.10 -10.35 -4.82
CA ILE A 126 9.79 -11.61 -4.59
C ILE A 126 9.64 -12.04 -3.14
N LEU A 127 9.06 -13.22 -2.93
CA LEU A 127 8.87 -13.74 -1.59
C LEU A 127 10.02 -14.66 -1.18
N GLN A 128 10.77 -14.25 -0.18
CA GLN A 128 11.91 -15.03 0.31
C GLN A 128 11.51 -15.91 1.49
N GLU A 129 12.22 -17.01 1.66
CA GLU A 129 11.94 -17.95 2.74
C GLU A 129 13.04 -17.87 3.80
N LEU A 130 12.67 -18.13 5.06
CA LEU A 130 13.63 -18.08 6.16
C LEU A 130 13.69 -19.43 6.87
N SER A 131 12.53 -20.06 7.03
CA SER A 131 12.43 -21.35 7.70
C SER A 131 11.14 -22.06 7.30
N LYS A 132 10.77 -23.08 8.06
CA LYS A 132 9.57 -23.84 7.78
C LYS A 132 8.35 -23.19 8.46
N ASN A 133 8.38 -21.88 8.62
CA ASN A 133 7.29 -21.15 9.24
C ASN A 133 7.59 -19.66 9.33
N ALA A 134 8.29 -19.14 8.32
CA ALA A 134 8.65 -17.73 8.28
C ALA A 134 9.14 -17.33 6.90
N SER A 135 8.43 -16.38 6.28
CA SER A 135 8.79 -15.91 4.95
C SER A 135 8.89 -14.39 4.91
N ILE A 136 9.37 -13.86 3.79
CA ILE A 136 9.52 -12.43 3.61
C ILE A 136 9.06 -12.00 2.23
N GLU A 137 8.30 -10.92 2.16
CA GLU A 137 7.79 -10.41 0.90
C GLU A 137 8.25 -8.98 0.66
N GLY A 138 8.85 -8.74 -0.51
CA GLY A 138 9.33 -7.41 -0.84
C GLY A 138 9.22 -7.11 -2.31
N GLY A 139 8.51 -6.05 -2.66
CA GLY A 139 8.35 -5.69 -4.06
C GLY A 139 7.80 -4.29 -4.25
N TYR A 140 7.02 -4.10 -5.31
CA TYR A 140 6.44 -2.79 -5.61
C TYR A 140 4.98 -2.93 -6.01
N ARG A 141 4.24 -1.83 -5.93
CA ARG A 141 2.82 -1.82 -6.28
C ARG A 141 2.50 -0.63 -7.18
N TYR A 142 1.52 -0.81 -8.06
CA TYR A 142 1.12 0.25 -8.97
C TYR A 142 -0.40 0.21 -9.22
N LEU A 143 -1.10 1.21 -8.69
CA LEU A 143 -2.54 1.28 -8.84
C LEU A 143 -3.03 2.73 -8.79
N ARG A 144 -4.27 2.94 -9.24
CA ARG A 144 -4.86 4.28 -9.25
C ARG A 144 -6.00 4.37 -8.25
N THR A 145 -6.16 5.55 -7.65
CA THR A 145 -7.22 5.77 -6.67
C THR A 145 -8.30 6.68 -7.24
N ASN A 146 -9.55 6.26 -7.11
CA ASN A 146 -10.69 7.04 -7.62
C ASN A 146 -11.87 6.96 -6.65
N ALA A 147 -12.36 8.13 -6.23
CA ALA A 147 -13.48 8.19 -5.30
C ALA A 147 -14.73 7.58 -5.93
N SER A 148 -14.95 7.84 -7.20
CA SER A 148 -16.11 7.32 -7.91
C SER A 148 -15.91 5.84 -8.27
N THR A 149 -16.94 5.23 -8.82
CA THR A 149 -16.88 3.83 -9.21
C THR A 149 -17.62 3.59 -10.53
N GLU A 150 -18.86 4.09 -10.59
CA GLU A 150 -19.67 3.93 -11.80
C GLU A 150 -19.58 5.17 -12.68
N MET A 151 -18.61 5.18 -13.58
CA MET A 151 -18.42 6.31 -14.49
C MET A 151 -19.06 6.03 -15.84
N THR A 152 -19.68 7.06 -16.42
CA THR A 152 -20.33 6.93 -17.71
C THR A 152 -19.40 7.36 -18.84
N PRO A 153 -18.85 6.40 -19.61
CA PRO A 153 -17.94 6.71 -20.72
C PRO A 153 -18.65 7.43 -21.87
N HIS A 154 -18.03 8.50 -22.35
CA HIS A 154 -18.60 9.28 -23.45
C HIS A 154 -18.01 8.84 -24.79
N GLY A 155 -18.83 8.87 -25.83
CA GLY A 155 -18.38 8.47 -27.15
C GLY A 155 -19.52 8.27 -28.13
N GLY A 156 -20.18 7.11 -28.04
CA GLY A 156 -21.28 6.83 -28.93
C GLY A 156 -20.85 6.14 -30.20
N ASN A 157 -19.75 5.39 -30.11
CA ASN A 157 -19.23 4.68 -31.27
C ASN A 157 -18.06 3.77 -30.87
N LYS A 158 -17.17 4.29 -30.05
CA LYS A 158 -16.01 3.53 -29.58
C LYS A 158 -15.61 3.94 -28.17
N LEU A 159 -15.66 3.00 -27.24
CA LEU A 159 -15.30 3.27 -25.85
C LEU A 159 -13.79 3.32 -25.68
N GLY A 160 -13.33 4.16 -24.76
CA GLY A 160 -11.91 4.29 -24.51
C GLY A 160 -11.61 4.79 -23.11
N SER A 161 -10.37 4.57 -22.67
CA SER A 161 -9.95 4.99 -21.34
C SER A 161 -9.77 6.52 -21.29
N LEU A 162 -10.15 7.12 -20.17
CA LEU A 162 -10.03 8.56 -19.99
C LEU A 162 -8.63 8.93 -19.52
N ASP A 163 -8.42 10.22 -19.30
CA ASP A 163 -7.12 10.71 -18.84
C ASP A 163 -7.03 10.66 -17.32
N LEU A 164 -5.95 10.09 -16.81
CA LEU A 164 -5.73 9.99 -15.38
C LEU A 164 -4.24 9.81 -15.06
N HIS A 165 -3.93 9.67 -13.78
CA HIS A 165 -2.56 9.49 -13.33
C HIS A 165 -2.45 8.31 -12.36
N SER A 166 -1.25 7.74 -12.26
CA SER A 166 -1.01 6.63 -11.36
C SER A 166 -0.09 7.03 -10.22
N SER A 167 0.10 6.11 -9.27
CA SER A 167 0.95 6.38 -8.12
C SER A 167 2.01 5.29 -7.95
N SER A 168 3.09 5.63 -7.26
CA SER A 168 4.17 4.67 -7.03
C SER A 168 4.18 4.21 -5.57
N GLN A 169 4.25 2.90 -5.37
CA GLN A 169 4.26 2.33 -4.03
C GLN A 169 5.27 1.19 -3.92
N PHE A 170 5.73 0.94 -2.70
CA PHE A 170 6.70 -0.12 -2.46
C PHE A 170 6.06 -1.20 -1.59
N TYR A 171 6.70 -2.35 -1.55
CA TYR A 171 6.21 -3.47 -0.75
C TYR A 171 7.35 -4.17 -0.02
N LEU A 172 7.16 -4.37 1.28
CA LEU A 172 8.16 -5.03 2.11
C LEU A 172 7.54 -5.47 3.43
N GLY A 173 7.76 -6.74 3.80
CA GLY A 173 7.20 -7.25 5.04
C GLY A 173 7.52 -8.71 5.26
N ALA A 174 6.69 -9.37 6.06
CA ALA A 174 6.87 -10.78 6.35
C ALA A 174 5.58 -11.57 6.13
N ASN A 175 5.67 -12.89 6.22
CA ASN A 175 4.51 -13.75 6.02
C ASN A 175 4.65 -15.05 6.80
N TYR A 176 3.77 -15.25 7.77
CA TYR A 176 3.80 -16.45 8.59
C TYR A 176 2.78 -17.48 8.08
N LYS A 177 3.27 -18.59 7.55
CA LYS A 177 2.41 -19.64 7.02
C LYS A 177 1.92 -20.55 8.14
N PHE A 178 0.74 -21.13 7.93
CA PHE A 178 0.14 -22.02 8.93
C PHE A 178 0.36 -23.48 8.53
N ALA A 1 -2.75 -24.28 -2.38
CA ALA A 1 -3.87 -24.20 -1.42
C ALA A 1 -3.36 -24.07 0.02
N ASP A 2 -2.54 -23.05 0.25
CA ASP A 2 -1.97 -22.81 1.58
C ASP A 2 -2.47 -21.50 2.16
N ASN A 3 -2.23 -21.29 3.45
CA ASN A 3 -2.64 -20.07 4.13
C ASN A 3 -1.43 -19.23 4.52
N PHE A 4 -1.56 -17.91 4.40
CA PHE A 4 -0.47 -17.00 4.75
C PHE A 4 -0.98 -15.88 5.65
N VAL A 5 -0.16 -15.48 6.62
CA VAL A 5 -0.53 -14.42 7.55
C VAL A 5 0.70 -13.82 8.21
N GLY A 6 0.89 -12.52 8.03
CA GLY A 6 2.04 -11.84 8.63
C GLY A 6 1.83 -10.35 8.77
N LEU A 7 2.88 -9.58 8.51
CA LEU A 7 2.80 -8.12 8.60
C LEU A 7 3.25 -7.46 7.30
N THR A 8 2.65 -6.33 6.98
CA THR A 8 2.98 -5.59 5.77
C THR A 8 3.57 -4.23 6.10
N TRP A 9 4.72 -3.91 5.50
CA TRP A 9 5.37 -2.64 5.73
C TRP A 9 5.63 -1.92 4.41
N GLY A 10 4.94 -0.80 4.21
CA GLY A 10 5.10 -0.04 2.98
C GLY A 10 6.05 1.12 3.13
N GLU A 11 6.95 1.28 2.17
CA GLU A 11 7.93 2.37 2.20
C GLU A 11 7.45 3.54 1.35
N THR A 12 7.25 4.69 2.00
CA THR A 12 6.79 5.89 1.30
C THR A 12 7.87 6.97 1.33
N SER A 13 7.92 7.77 0.26
CA SER A 13 8.90 8.84 0.16
C SER A 13 8.35 10.00 -0.67
N ASN A 14 7.92 11.06 0.00
CA ASN A 14 7.38 12.22 -0.66
C ASN A 14 7.53 13.48 0.19
N ASN A 15 7.74 14.62 -0.46
CA ASN A 15 7.91 15.88 0.25
C ASN A 15 6.56 16.43 0.71
N ILE A 16 6.28 16.29 2.00
CA ILE A 16 5.02 16.77 2.56
C ILE A 16 5.27 17.91 3.54
N GLN A 17 6.31 18.69 3.29
CA GLN A 17 6.66 19.81 4.16
C GLN A 17 7.47 20.85 3.39
N LYS A 18 6.85 22.01 3.15
CA LYS A 18 7.51 23.09 2.43
C LYS A 18 7.33 24.42 3.16
N SER A 19 8.34 25.28 3.06
CA SER A 19 8.29 26.58 3.71
C SER A 19 8.98 27.64 2.86
N LYS A 20 8.86 28.90 3.27
CA LYS A 20 9.47 30.01 2.54
C LYS A 20 10.86 30.31 3.07
N SER A 21 11.06 30.10 4.37
CA SER A 21 12.35 30.36 4.99
C SER A 21 13.30 29.17 4.77
N LEU A 22 14.54 29.48 4.44
CA LEU A 22 15.55 28.45 4.20
C LEU A 22 16.95 28.98 4.52
N ASN A 23 17.91 28.07 4.59
CA ASN A 23 19.29 28.43 4.87
C ASN A 23 20.26 27.61 4.04
N ARG A 24 21.40 28.21 3.68
CA ARG A 24 22.41 27.52 2.88
C ARG A 24 23.61 27.15 3.74
N ASN A 25 23.36 26.79 5.00
CA ASN A 25 24.42 26.41 5.91
C ASN A 25 23.93 25.35 6.90
N LEU A 26 22.87 25.68 7.63
CA LEU A 26 22.31 24.76 8.61
C LEU A 26 21.13 24.01 8.03
N ASN A 27 21.07 22.70 8.29
CA ASN A 27 20.00 21.86 7.79
C ASN A 27 18.91 21.67 8.85
N SER A 28 17.65 21.71 8.42
CA SER A 28 16.53 21.54 9.33
C SER A 28 16.43 20.10 9.82
N PRO A 29 16.28 19.14 8.88
CA PRO A 29 16.16 17.72 9.23
C PRO A 29 17.49 17.12 9.67
N ASN A 30 17.56 16.72 10.94
CA ASN A 30 18.76 16.13 11.50
C ASN A 30 18.61 14.62 11.68
N LEU A 31 19.73 13.91 11.72
CA LEU A 31 19.71 12.47 11.88
C LEU A 31 19.71 12.09 13.37
N ASP A 32 18.52 12.12 13.97
CA ASP A 32 18.37 11.78 15.37
C ASP A 32 17.16 10.87 15.60
N LYS A 33 16.79 10.12 14.57
CA LYS A 33 15.64 9.22 14.66
C LYS A 33 14.37 9.97 15.00
N VAL A 34 14.17 11.12 14.35
CA VAL A 34 13.00 11.94 14.58
C VAL A 34 12.18 12.11 13.29
N ILE A 35 12.76 12.81 12.32
CA ILE A 35 12.10 13.05 11.05
C ILE A 35 12.89 12.44 9.89
N ASP A 36 12.58 11.20 9.57
CA ASP A 36 13.27 10.50 8.49
C ASP A 36 12.34 10.36 7.27
N ASN A 37 11.18 9.75 7.48
CA ASN A 37 10.21 9.55 6.40
C ASN A 37 8.94 8.90 6.94
N THR A 38 8.00 8.65 6.03
CA THR A 38 6.73 8.02 6.41
C THR A 38 6.87 6.50 6.45
N GLY A 39 5.74 5.81 6.58
CA GLY A 39 5.76 4.37 6.63
C GLY A 39 4.38 3.78 6.86
N THR A 40 4.12 2.62 6.25
CA THR A 40 2.83 1.95 6.39
C THR A 40 2.95 0.73 7.29
N TRP A 41 2.09 0.65 8.30
CA TRP A 41 2.09 -0.47 9.23
C TRP A 41 0.72 -1.11 9.30
N GLY A 42 0.67 -2.41 9.03
CA GLY A 42 -0.59 -3.14 9.07
C GLY A 42 -0.41 -4.63 9.20
N ILE A 43 -1.47 -5.38 8.94
CA ILE A 43 -1.42 -6.83 9.03
C ILE A 43 -1.42 -7.48 7.65
N ARG A 44 -1.01 -8.74 7.59
CA ARG A 44 -0.96 -9.48 6.33
C ARG A 44 -1.66 -10.82 6.45
N ALA A 45 -2.42 -11.17 5.43
CA ALA A 45 -3.15 -12.43 5.41
C ALA A 45 -3.70 -12.72 4.01
N GLY A 46 -3.28 -13.84 3.43
CA GLY A 46 -3.73 -14.18 2.10
C GLY A 46 -4.06 -15.65 1.95
N GLN A 47 -4.07 -16.13 0.71
CA GLN A 47 -4.36 -17.53 0.43
C GLN A 47 -3.52 -18.04 -0.72
N GLN A 48 -2.66 -19.03 -0.43
CA GLN A 48 -1.78 -19.61 -1.43
C GLN A 48 -2.50 -20.68 -2.24
N PHE A 49 -2.11 -20.81 -3.51
CA PHE A 49 -2.69 -21.80 -4.40
C PHE A 49 -1.61 -22.56 -5.14
N GLU A 50 -2.00 -23.29 -6.18
CA GLU A 50 -1.05 -24.07 -6.96
C GLU A 50 -0.02 -23.16 -7.65
N GLN A 51 -0.51 -22.10 -8.28
CA GLN A 51 0.38 -21.16 -8.97
C GLN A 51 0.00 -19.70 -8.69
N GLY A 52 -0.87 -19.49 -7.70
CA GLY A 52 -1.29 -18.14 -7.37
C GLY A 52 -1.59 -17.97 -5.90
N ARG A 53 -1.44 -16.75 -5.39
CA ARG A 53 -1.71 -16.48 -3.98
C ARG A 53 -2.38 -15.13 -3.80
N TYR A 54 -3.28 -15.06 -2.81
CA TYR A 54 -3.99 -13.82 -2.51
C TYR A 54 -3.20 -13.01 -1.49
N TYR A 55 -3.40 -11.70 -1.51
CA TYR A 55 -2.70 -10.81 -0.59
C TYR A 55 -3.65 -9.80 0.06
N ALA A 56 -3.99 -10.06 1.31
CA ALA A 56 -4.88 -9.17 2.05
C ALA A 56 -4.13 -8.50 3.19
N THR A 57 -4.13 -7.17 3.20
CA THR A 57 -3.43 -6.42 4.23
C THR A 57 -4.23 -5.19 4.65
N TYR A 58 -4.41 -5.05 5.96
CA TYR A 58 -5.14 -3.91 6.50
C TYR A 58 -4.18 -2.76 6.79
N GLU A 59 -4.41 -1.62 6.13
CA GLU A 59 -3.55 -0.45 6.31
C GLU A 59 -4.19 0.58 7.23
N ASN A 60 -3.37 1.50 7.72
CA ASN A 60 -3.85 2.55 8.60
C ASN A 60 -3.08 3.85 8.36
N ILE A 61 -3.29 4.83 9.23
CA ILE A 61 -2.61 6.12 9.10
C ILE A 61 -1.42 6.22 10.05
N SER A 62 -0.23 6.38 9.48
CA SER A 62 0.99 6.47 10.27
C SER A 62 1.45 7.93 10.37
N ASP A 63 1.28 8.52 11.55
CA ASP A 63 1.68 9.91 11.77
C ASP A 63 1.98 10.15 13.25
N THR A 64 3.18 10.66 13.51
CA THR A 64 3.60 10.93 14.89
C THR A 64 3.67 12.44 15.14
N SER A 65 3.95 13.20 14.08
CA SER A 65 4.06 14.65 14.19
C SER A 65 2.77 15.25 14.75
N SER A 66 1.65 14.61 14.46
CA SER A 66 0.35 15.09 14.93
C SER A 66 -0.19 14.17 16.02
N GLY A 67 0.16 12.88 15.93
CA GLY A 67 -0.31 11.92 16.92
C GLY A 67 -1.02 10.74 16.29
N ASN A 68 -0.77 9.55 16.82
CA ASN A 68 -1.38 8.34 16.31
C ASN A 68 -2.90 8.43 16.38
N LYS A 69 -3.53 8.80 15.27
CA LYS A 69 -4.99 8.92 15.22
C LYS A 69 -5.56 8.03 14.13
N LEU A 70 -5.80 6.76 14.47
CA LEU A 70 -6.35 5.80 13.54
C LEU A 70 -7.86 5.98 13.40
N ARG A 71 -8.27 6.94 12.58
CA ARG A 71 -9.68 7.21 12.38
C ARG A 71 -10.18 6.56 11.09
N GLN A 72 -9.29 6.46 10.10
CA GLN A 72 -9.64 5.85 8.83
C GLN A 72 -8.93 4.52 8.63
N GLN A 73 -9.36 3.75 7.64
CA GLN A 73 -8.76 2.46 7.35
C GLN A 73 -8.75 2.19 5.85
N ASN A 74 -7.94 1.22 5.43
CA ASN A 74 -7.86 0.88 4.01
C ASN A 74 -7.64 -0.63 3.83
N LEU A 75 -8.63 -1.30 3.27
CA LEU A 75 -8.56 -2.73 3.04
C LEU A 75 -7.82 -3.03 1.74
N LEU A 76 -6.93 -4.01 1.78
CA LEU A 76 -6.15 -4.39 0.61
C LEU A 76 -6.44 -5.82 0.18
N GLY A 77 -6.48 -6.05 -1.13
CA GLY A 77 -6.74 -7.37 -1.67
C GLY A 77 -6.26 -7.50 -3.09
N SER A 78 -5.30 -8.39 -3.32
CA SER A 78 -4.76 -8.59 -4.66
C SER A 78 -4.51 -10.06 -4.96
N TYR A 79 -4.76 -10.45 -6.21
CA TYR A 79 -4.56 -11.83 -6.64
C TYR A 79 -3.40 -11.89 -7.63
N ASP A 80 -2.30 -12.49 -7.20
CA ASP A 80 -1.12 -12.59 -8.05
C ASP A 80 -0.62 -14.04 -8.15
N ALA A 81 0.35 -14.24 -9.04
CA ALA A 81 0.94 -15.55 -9.25
C ALA A 81 2.44 -15.52 -8.94
N PHE A 82 2.85 -16.33 -7.96
CA PHE A 82 4.25 -16.37 -7.55
C PHE A 82 4.98 -17.54 -8.19
N LEU A 83 6.31 -17.47 -8.20
CA LEU A 83 7.14 -18.51 -8.77
C LEU A 83 8.59 -18.36 -8.32
N PRO A 84 9.27 -19.47 -7.98
CA PRO A 84 10.67 -19.42 -7.53
C PRO A 84 11.60 -18.79 -8.56
N ILE A 85 12.22 -17.67 -8.21
CA ILE A 85 13.14 -16.98 -9.10
C ILE A 85 14.52 -16.84 -8.46
N GLY A 86 15.48 -17.63 -8.93
CA GLY A 86 16.82 -17.57 -8.39
C GLY A 86 17.32 -18.93 -7.93
N ASP A 87 16.49 -19.64 -7.17
CA ASP A 87 16.84 -20.95 -6.66
C ASP A 87 15.68 -21.58 -5.90
N ASN A 88 15.33 -21.00 -4.76
CA ASN A 88 14.23 -21.50 -3.94
C ASN A 88 14.05 -20.64 -2.70
N ASN A 89 14.23 -19.33 -2.86
CA ASN A 89 14.09 -18.40 -1.75
C ASN A 89 13.08 -17.31 -2.08
N THR A 90 13.40 -16.50 -3.08
CA THR A 90 12.51 -15.43 -3.50
C THR A 90 11.34 -15.98 -4.30
N LYS A 91 10.21 -15.26 -4.27
CA LYS A 91 9.03 -15.72 -5.00
C LYS A 91 8.44 -14.58 -5.83
N LEU A 92 8.87 -14.50 -7.09
CA LEU A 92 8.38 -13.48 -7.99
C LEU A 92 6.89 -13.61 -8.20
N PHE A 93 6.15 -12.75 -7.55
CA PHE A 93 4.69 -12.74 -7.65
C PHE A 93 4.21 -11.50 -8.39
N GLY A 94 3.04 -11.59 -9.01
CA GLY A 94 2.50 -10.47 -9.74
C GLY A 94 1.12 -10.73 -10.30
N GLY A 95 0.25 -9.71 -10.23
CA GLY A 95 -1.10 -9.87 -10.73
C GLY A 95 -1.91 -8.59 -10.63
N ALA A 96 -3.14 -8.70 -10.17
CA ALA A 96 -4.03 -7.55 -10.04
C ALA A 96 -4.24 -7.20 -8.56
N THR A 97 -4.56 -5.93 -8.30
CA THR A 97 -4.80 -5.46 -6.94
C THR A 97 -6.14 -4.75 -6.82
N LEU A 98 -6.76 -4.85 -5.65
CA LEU A 98 -8.04 -4.22 -5.40
C LEU A 98 -8.29 -4.07 -3.90
N GLY A 99 -8.48 -2.83 -3.46
CA GLY A 99 -8.72 -2.58 -2.05
C GLY A 99 -9.96 -1.75 -1.81
N LEU A 100 -9.99 -1.07 -0.67
CA LEU A 100 -11.12 -0.22 -0.32
C LEU A 100 -10.70 0.87 0.66
N VAL A 101 -11.00 2.12 0.32
CA VAL A 101 -10.65 3.25 1.17
C VAL A 101 -11.88 3.86 1.82
N LYS A 102 -11.90 3.91 3.14
CA LYS A 102 -13.03 4.46 3.87
C LYS A 102 -12.55 5.27 5.09
N LEU A 103 -13.25 6.35 5.39
CA LEU A 103 -12.90 7.20 6.53
C LEU A 103 -14.12 7.48 7.39
N GLU A 104 -13.87 7.89 8.63
CA GLU A 104 -14.95 8.20 9.57
C GLU A 104 -14.74 9.57 10.21
N GLN A 105 -15.81 10.35 10.28
CA GLN A 105 -15.75 11.68 10.86
C GLN A 105 -16.45 11.72 12.22
N ASP A 106 -15.94 12.54 13.12
CA ASP A 106 -16.51 12.66 14.45
C ASP A 106 -17.87 13.35 14.40
N GLY A 107 -18.94 12.59 14.67
CA GLY A 107 -20.27 13.14 14.65
C GLY A 107 -21.27 12.27 15.41
N LYS A 108 -22.54 12.61 15.29
CA LYS A 108 -23.60 11.87 15.96
C LYS A 108 -24.86 11.81 15.12
N GLY A 109 -25.05 10.71 14.40
CA GLY A 109 -26.22 10.56 13.56
C GLY A 109 -26.16 9.30 12.71
N PHE A 110 -26.94 9.28 11.63
CA PHE A 110 -26.98 8.13 10.73
C PHE A 110 -26.01 8.32 9.57
N LYS A 111 -24.78 7.85 9.75
CA LYS A 111 -23.76 7.96 8.71
C LYS A 111 -23.29 6.59 8.25
N ARG A 112 -23.08 6.45 6.95
CA ARG A 112 -22.62 5.17 6.38
C ARG A 112 -21.66 5.41 5.23
N ASP A 113 -22.03 6.31 4.31
CA ASP A 113 -21.20 6.62 3.15
C ASP A 113 -20.71 8.06 3.22
N SER A 114 -19.40 8.24 3.08
CA SER A 114 -18.80 9.56 3.12
C SER A 114 -17.74 9.71 2.03
N ASP A 115 -16.70 8.87 2.09
CA ASP A 115 -15.62 8.92 1.11
C ASP A 115 -15.17 7.51 0.75
N VAL A 116 -16.13 6.63 0.48
CA VAL A 116 -15.83 5.25 0.12
C VAL A 116 -15.30 5.16 -1.31
N GLY A 117 -14.01 4.87 -1.45
CA GLY A 117 -13.41 4.76 -2.76
C GLY A 117 -13.03 3.34 -3.12
N TYR A 118 -12.81 3.09 -4.40
CA TYR A 118 -12.45 1.75 -4.87
C TYR A 118 -11.02 1.74 -5.42
N ALA A 119 -10.22 0.78 -4.96
CA ALA A 119 -8.84 0.66 -5.41
C ALA A 119 -8.70 -0.44 -6.46
N ALA A 120 -7.87 -0.17 -7.47
CA ALA A 120 -7.66 -1.14 -8.54
C ALA A 120 -6.36 -0.83 -9.30
N GLY A 121 -5.54 -1.87 -9.48
CA GLY A 121 -4.29 -1.68 -10.19
C GLY A 121 -3.53 -2.99 -10.39
N LEU A 122 -2.25 -2.98 -10.05
CA LEU A 122 -1.42 -4.18 -10.19
C LEU A 122 -0.33 -4.20 -9.12
N GLN A 123 0.18 -5.40 -8.84
CA GLN A 123 1.23 -5.57 -7.84
C GLN A 123 2.22 -6.65 -8.28
N ALA A 124 3.38 -6.68 -7.63
CA ALA A 124 4.41 -7.65 -7.94
C ALA A 124 5.62 -7.46 -7.05
N GLY A 125 6.24 -8.57 -6.65
CA GLY A 125 7.40 -8.50 -5.79
C GLY A 125 8.18 -9.80 -5.76
N ILE A 126 8.60 -10.21 -4.56
CA ILE A 126 9.35 -11.43 -4.37
C ILE A 126 9.29 -11.86 -2.90
N LEU A 127 8.79 -13.06 -2.67
CA LEU A 127 8.67 -13.57 -1.30
C LEU A 127 9.89 -14.44 -0.96
N GLN A 128 10.71 -13.93 -0.04
CA GLN A 128 11.91 -14.63 0.39
C GLN A 128 11.65 -15.40 1.68
N GLU A 129 11.77 -16.73 1.61
CA GLU A 129 11.55 -17.58 2.77
C GLU A 129 12.86 -17.88 3.49
N LEU A 130 12.79 -18.05 4.80
CA LEU A 130 13.97 -18.34 5.60
C LEU A 130 13.95 -19.79 6.08
N SER A 131 12.75 -20.32 6.29
CA SER A 131 12.58 -21.69 6.74
C SER A 131 11.17 -22.19 6.44
N LYS A 132 10.78 -23.29 7.06
CA LYS A 132 9.45 -23.86 6.86
C LYS A 132 8.45 -23.27 7.86
N ASN A 133 8.40 -21.95 7.92
CA ASN A 133 7.49 -21.27 8.83
C ASN A 133 7.64 -19.75 8.74
N ALA A 134 8.87 -19.29 8.52
CA ALA A 134 9.14 -17.87 8.42
C ALA A 134 9.34 -17.44 6.96
N SER A 135 8.57 -16.44 6.54
CA SER A 135 8.66 -15.95 5.16
C SER A 135 8.88 -14.44 5.15
N ILE A 136 9.31 -13.92 4.01
CA ILE A 136 9.56 -12.49 3.86
C ILE A 136 8.98 -11.97 2.55
N GLU A 137 8.31 -10.83 2.63
CA GLU A 137 7.71 -10.23 1.44
C GLU A 137 8.41 -8.92 1.08
N GLY A 138 8.61 -8.70 -0.21
CA GLY A 138 9.26 -7.49 -0.67
C GLY A 138 8.98 -7.21 -2.13
N GLY A 139 8.22 -6.16 -2.41
CA GLY A 139 7.91 -5.82 -3.78
C GLY A 139 7.40 -4.40 -3.95
N TYR A 140 6.56 -4.19 -4.95
CA TYR A 140 6.00 -2.88 -5.23
C TYR A 140 4.52 -2.99 -5.60
N ARG A 141 3.81 -1.87 -5.49
CA ARG A 141 2.39 -1.84 -5.82
C ARG A 141 2.04 -0.58 -6.60
N TYR A 142 1.17 -0.73 -7.59
CA TYR A 142 0.75 0.40 -8.42
C TYR A 142 -0.74 0.32 -8.73
N LEU A 143 -1.49 1.31 -8.23
CA LEU A 143 -2.94 1.35 -8.45
C LEU A 143 -3.48 2.75 -8.22
N ARG A 144 -4.76 2.94 -8.50
CA ARG A 144 -5.41 4.23 -8.32
C ARG A 144 -6.74 4.07 -7.60
N THR A 145 -7.23 5.17 -7.02
CA THR A 145 -8.50 5.15 -6.30
C THR A 145 -9.58 5.90 -7.07
N ASN A 146 -10.72 5.24 -7.29
CA ASN A 146 -11.82 5.85 -8.01
C ASN A 146 -13.16 5.47 -7.39
N ALA A 147 -14.01 6.46 -7.17
CA ALA A 147 -15.33 6.23 -6.58
C ALA A 147 -16.32 5.76 -7.63
N SER A 148 -16.59 6.61 -8.62
CA SER A 148 -17.52 6.29 -9.69
C SER A 148 -17.25 7.13 -10.93
N THR A 149 -17.13 8.44 -10.73
CA THR A 149 -16.87 9.36 -11.84
C THR A 149 -16.26 10.66 -11.33
N GLU A 150 -15.67 11.43 -12.24
CA GLU A 150 -15.04 12.69 -11.89
C GLU A 150 -15.02 13.64 -13.09
N MET A 151 -14.22 13.31 -14.09
CA MET A 151 -14.10 14.13 -15.28
C MET A 151 -13.62 15.53 -14.94
N THR A 152 -12.81 15.63 -13.89
CA THR A 152 -12.27 16.92 -13.46
C THR A 152 -11.03 17.29 -14.27
N PRO A 153 -10.74 18.60 -14.38
CA PRO A 153 -9.59 19.09 -15.13
C PRO A 153 -8.26 18.74 -14.45
N HIS A 154 -7.16 19.16 -15.07
CA HIS A 154 -5.84 18.89 -14.52
C HIS A 154 -4.87 20.03 -14.84
N GLY A 155 -4.74 20.34 -16.14
CA GLY A 155 -3.85 21.41 -16.55
C GLY A 155 -2.41 21.16 -16.15
N GLY A 156 -1.73 20.28 -16.88
CA GLY A 156 -0.35 19.97 -16.57
C GLY A 156 0.56 21.17 -16.75
N ASN A 157 0.46 21.83 -17.89
CA ASN A 157 1.29 23.00 -18.18
C ASN A 157 0.42 24.21 -18.50
N LYS A 158 -0.23 24.18 -19.66
CA LYS A 158 -1.09 25.26 -20.09
C LYS A 158 -2.38 24.73 -20.72
N LEU A 159 -2.23 23.86 -21.71
CA LEU A 159 -3.38 23.28 -22.39
C LEU A 159 -2.97 22.02 -23.17
N GLY A 160 -3.66 20.92 -22.89
CA GLY A 160 -3.35 19.67 -23.57
C GLY A 160 -2.32 18.84 -22.83
N SER A 161 -2.38 18.89 -21.50
CA SER A 161 -1.44 18.13 -20.68
C SER A 161 -2.15 17.54 -19.46
N LEU A 162 -1.91 16.26 -19.20
CA LEU A 162 -2.53 15.57 -18.08
C LEU A 162 -1.45 15.02 -17.13
N ASP A 163 -0.51 14.27 -17.69
CA ASP A 163 0.56 13.69 -16.90
C ASP A 163 0.00 12.74 -15.84
N LEU A 164 0.89 12.16 -15.04
CA LEU A 164 0.49 11.24 -13.98
C LEU A 164 -0.21 10.01 -14.56
N HIS A 165 0.37 8.85 -14.32
CA HIS A 165 -0.20 7.59 -14.82
C HIS A 165 -0.60 6.68 -13.66
N SER A 166 0.28 6.57 -12.67
CA SER A 166 0.03 5.73 -11.51
C SER A 166 0.82 6.22 -10.30
N SER A 167 0.58 5.59 -9.15
CA SER A 167 1.27 5.97 -7.93
C SER A 167 2.45 5.04 -7.65
N SER A 168 3.35 5.48 -6.79
CA SER A 168 4.53 4.70 -6.44
C SER A 168 4.40 4.11 -5.03
N GLN A 169 4.36 2.79 -4.94
CA GLN A 169 4.23 2.11 -3.66
C GLN A 169 5.37 1.12 -3.45
N PHE A 170 5.66 0.83 -2.19
CA PHE A 170 6.72 -0.10 -1.85
C PHE A 170 6.20 -1.19 -0.92
N TYR A 171 6.64 -2.41 -1.14
CA TYR A 171 6.22 -3.55 -0.32
C TYR A 171 7.41 -4.23 0.31
N LEU A 172 7.35 -4.38 1.63
CA LEU A 172 8.43 -5.02 2.38
C LEU A 172 7.93 -5.43 3.78
N GLY A 173 8.19 -6.68 4.15
CA GLY A 173 7.75 -7.16 5.45
C GLY A 173 7.98 -8.65 5.63
N ALA A 174 7.16 -9.26 6.49
CA ALA A 174 7.27 -10.69 6.76
C ALA A 174 5.96 -11.41 6.46
N ASN A 175 5.98 -12.73 6.51
CA ASN A 175 4.79 -13.53 6.24
C ASN A 175 4.87 -14.89 6.93
N TYR A 176 3.94 -15.14 7.85
CA TYR A 176 3.90 -16.40 8.56
C TYR A 176 2.73 -17.26 8.09
N LYS A 177 3.06 -18.37 7.43
CA LYS A 177 2.03 -19.27 6.91
C LYS A 177 1.61 -20.29 7.97
N PHE A 178 0.42 -20.85 7.80
CA PHE A 178 -0.10 -21.84 8.74
C PHE A 178 -0.09 -23.23 8.12
N ALA A 1 -2.40 -24.60 -2.63
CA ALA A 1 -3.48 -24.05 -1.77
C ALA A 1 -3.07 -24.05 -0.30
N ASP A 2 -2.61 -22.90 0.19
CA ASP A 2 -2.18 -22.78 1.58
C ASP A 2 -2.65 -21.47 2.18
N ASN A 3 -2.70 -21.41 3.51
CA ASN A 3 -3.13 -20.22 4.21
C ASN A 3 -1.97 -19.58 4.97
N PHE A 4 -1.90 -18.26 4.96
CA PHE A 4 -0.81 -17.57 5.65
C PHE A 4 -1.27 -16.20 6.18
N VAL A 5 -0.43 -15.62 7.03
CA VAL A 5 -0.73 -14.32 7.63
C VAL A 5 0.55 -13.62 8.06
N GLY A 6 0.64 -12.32 7.80
CA GLY A 6 1.82 -11.57 8.18
C GLY A 6 1.58 -10.07 8.21
N LEU A 7 2.61 -9.31 7.88
CA LEU A 7 2.52 -7.85 7.87
C LEU A 7 3.22 -7.27 6.65
N THR A 8 2.92 -6.01 6.34
CA THR A 8 3.53 -5.35 5.19
C THR A 8 3.96 -3.93 5.56
N TRP A 9 5.11 -3.52 5.02
CA TRP A 9 5.64 -2.19 5.29
C TRP A 9 5.94 -1.45 3.99
N GLY A 10 5.18 -0.39 3.72
CA GLY A 10 5.37 0.39 2.51
C GLY A 10 6.51 1.38 2.63
N GLU A 11 7.34 1.45 1.61
CA GLU A 11 8.48 2.37 1.60
C GLU A 11 8.23 3.53 0.65
N THR A 12 8.04 4.72 1.20
CA THR A 12 7.79 5.91 0.40
C THR A 12 9.11 6.53 -0.07
N SER A 13 9.19 6.83 -1.36
CA SER A 13 10.38 7.42 -1.95
C SER A 13 10.04 8.32 -3.13
N ASN A 14 10.05 9.63 -2.90
CA ASN A 14 9.74 10.59 -3.94
C ASN A 14 10.58 11.85 -3.79
N ASN A 15 11.80 11.69 -3.28
CA ASN A 15 12.70 12.81 -3.08
C ASN A 15 13.43 13.17 -4.37
N ILE A 16 14.00 14.37 -4.43
CA ILE A 16 14.73 14.82 -5.60
C ILE A 16 13.79 15.00 -6.79
N GLN A 17 13.25 16.20 -6.92
CA GLN A 17 12.33 16.51 -8.02
C GLN A 17 12.13 18.01 -8.15
N LYS A 18 13.19 18.77 -7.89
CA LYS A 18 13.12 20.23 -7.99
C LYS A 18 13.91 20.73 -9.20
N SER A 19 13.79 22.03 -9.48
CA SER A 19 14.49 22.63 -10.60
C SER A 19 15.85 23.18 -10.17
N LYS A 20 16.87 22.94 -10.99
CA LYS A 20 18.22 23.42 -10.69
C LYS A 20 18.34 24.91 -10.94
N SER A 21 19.51 25.47 -10.65
CA SER A 21 19.75 26.89 -10.85
C SER A 21 21.24 27.16 -11.07
N LEU A 22 21.54 28.23 -11.81
CA LEU A 22 22.91 28.60 -12.09
C LEU A 22 23.06 30.11 -12.22
N ASN A 23 23.86 30.70 -11.34
CA ASN A 23 24.08 32.15 -11.37
C ASN A 23 25.56 32.46 -11.51
N ARG A 24 26.37 32.01 -10.56
CA ARG A 24 27.80 32.23 -10.58
C ARG A 24 28.57 30.99 -10.16
N ASN A 25 28.39 30.59 -8.90
CA ASN A 25 29.07 29.42 -8.36
C ASN A 25 28.10 28.57 -7.54
N LEU A 26 28.35 27.26 -7.53
CA LEU A 26 27.51 26.34 -6.78
C LEU A 26 27.67 26.54 -5.28
N ASN A 27 26.62 26.23 -4.52
CA ASN A 27 26.66 26.38 -3.07
C ASN A 27 26.80 25.02 -2.39
N SER A 28 27.51 25.01 -1.26
CA SER A 28 27.72 23.78 -0.51
C SER A 28 26.99 23.81 0.82
N PRO A 29 25.70 23.45 0.84
CA PRO A 29 24.89 23.44 2.07
C PRO A 29 25.29 22.34 3.02
N ASN A 30 24.69 22.33 4.21
CA ASN A 30 24.99 21.33 5.22
C ASN A 30 24.20 20.06 4.97
N LEU A 31 22.88 20.19 4.89
CA LEU A 31 22.01 19.05 4.66
C LEU A 31 20.89 19.41 3.69
N ASP A 32 20.93 18.83 2.49
CA ASP A 32 19.92 19.09 1.48
C ASP A 32 18.81 18.04 1.53
N LYS A 33 19.17 16.83 1.92
CA LYS A 33 18.20 15.73 2.01
C LYS A 33 17.76 15.52 3.45
N VAL A 34 16.82 16.34 3.91
CA VAL A 34 16.30 16.24 5.27
C VAL A 34 14.92 15.61 5.29
N ILE A 35 14.86 14.29 5.17
CA ILE A 35 13.59 13.58 5.18
C ILE A 35 13.74 12.20 5.80
N ASP A 36 12.87 11.88 6.75
CA ASP A 36 12.90 10.58 7.42
C ASP A 36 11.94 9.61 6.76
N ASN A 37 10.81 10.12 6.28
CA ASN A 37 9.80 9.29 5.62
C ASN A 37 9.28 8.22 6.58
N THR A 38 8.12 7.66 6.25
CA THR A 38 7.51 6.62 7.08
C THR A 38 6.96 5.49 6.22
N GLY A 39 5.82 5.73 5.59
CA GLY A 39 5.22 4.72 4.74
C GLY A 39 3.82 4.35 5.19
N THR A 40 3.50 3.06 5.10
CA THR A 40 2.18 2.58 5.50
C THR A 40 2.28 1.20 6.16
N TRP A 41 2.08 1.16 7.47
CA TRP A 41 2.16 -0.09 8.22
C TRP A 41 0.79 -0.76 8.28
N GLY A 42 0.74 -2.01 7.83
CA GLY A 42 -0.52 -2.74 7.85
C GLY A 42 -0.35 -4.21 8.19
N ILE A 43 -1.40 -4.99 8.00
CA ILE A 43 -1.37 -6.41 8.29
C ILE A 43 -1.66 -7.23 7.04
N ARG A 44 -1.32 -8.52 7.08
CA ARG A 44 -1.54 -9.40 5.94
C ARG A 44 -2.12 -10.73 6.40
N ALA A 45 -3.03 -11.27 5.60
CA ALA A 45 -3.68 -12.53 5.91
C ALA A 45 -4.48 -13.05 4.71
N GLY A 46 -4.10 -14.24 4.23
CA GLY A 46 -4.81 -14.82 3.10
C GLY A 46 -4.39 -16.26 2.84
N GLN A 47 -4.24 -16.60 1.55
CA GLN A 47 -3.84 -17.95 1.18
C GLN A 47 -3.04 -17.94 -0.12
N GLN A 48 -2.05 -18.82 -0.22
CA GLN A 48 -1.21 -18.91 -1.41
C GLN A 48 -1.33 -20.28 -2.06
N PHE A 49 -1.97 -20.32 -3.23
CA PHE A 49 -2.15 -21.56 -3.97
C PHE A 49 -0.95 -21.82 -4.89
N GLU A 50 -0.88 -23.04 -5.40
CA GLU A 50 0.22 -23.43 -6.29
C GLU A 50 0.14 -22.68 -7.61
N GLN A 51 -1.04 -22.17 -7.96
CA GLN A 51 -1.23 -21.44 -9.20
C GLN A 51 -1.63 -19.99 -8.94
N GLY A 52 -1.28 -19.47 -7.77
CA GLY A 52 -1.62 -18.11 -7.43
C GLY A 52 -1.46 -17.82 -5.95
N ARG A 53 -1.53 -16.55 -5.59
CA ARG A 53 -1.38 -16.14 -4.20
C ARG A 53 -2.35 -15.01 -3.84
N TYR A 54 -3.14 -15.23 -2.79
CA TYR A 54 -4.10 -14.23 -2.34
C TYR A 54 -3.77 -13.78 -0.92
N TYR A 55 -4.10 -12.53 -0.62
CA TYR A 55 -3.83 -11.98 0.71
C TYR A 55 -4.35 -10.57 0.84
N ALA A 56 -5.14 -10.34 1.88
CA ALA A 56 -5.70 -9.02 2.14
C ALA A 56 -4.77 -8.21 3.03
N THR A 57 -4.68 -6.91 2.77
CA THR A 57 -3.81 -6.05 3.55
C THR A 57 -4.52 -4.77 3.99
N TYR A 58 -4.59 -4.56 5.29
CA TYR A 58 -5.23 -3.38 5.85
C TYR A 58 -4.21 -2.27 6.03
N GLU A 59 -4.48 -1.11 5.43
CA GLU A 59 -3.56 0.03 5.53
C GLU A 59 -4.08 1.07 6.51
N ASN A 60 -3.24 2.04 6.82
CA ASN A 60 -3.60 3.11 7.75
C ASN A 60 -2.76 4.36 7.49
N ILE A 61 -2.76 5.28 8.45
CA ILE A 61 -2.00 6.53 8.32
C ILE A 61 -0.92 6.61 9.39
N SER A 62 0.34 6.67 8.94
CA SER A 62 1.47 6.76 9.86
C SER A 62 1.82 8.22 10.16
N ASP A 63 0.87 8.92 10.77
CA ASP A 63 1.08 10.34 11.12
C ASP A 63 1.80 10.46 12.46
N THR A 64 1.87 11.69 12.97
CA THR A 64 2.53 11.95 14.24
C THR A 64 1.72 11.39 15.40
N SER A 65 2.36 11.24 16.55
CA SER A 65 1.69 10.72 17.74
C SER A 65 0.66 11.71 18.26
N SER A 66 1.09 12.95 18.46
CA SER A 66 0.20 14.00 18.96
C SER A 66 -0.54 14.67 17.81
N GLY A 67 0.09 14.73 16.65
CA GLY A 67 -0.52 15.35 15.49
C GLY A 67 -1.59 14.50 14.87
N ASN A 68 -2.70 14.33 15.58
CA ASN A 68 -3.82 13.52 15.10
C ASN A 68 -5.11 14.32 15.08
N LYS A 69 -6.07 13.87 14.29
CA LYS A 69 -7.36 14.55 14.19
C LYS A 69 -8.37 13.71 13.41
N LEU A 70 -7.91 13.10 12.32
CA LEU A 70 -8.77 12.27 11.49
C LEU A 70 -8.35 10.80 11.56
N ARG A 71 -9.11 9.94 10.91
CA ARG A 71 -8.83 8.51 10.90
C ARG A 71 -9.55 7.82 9.75
N GLN A 72 -8.84 6.92 9.06
CA GLN A 72 -9.42 6.19 7.94
C GLN A 72 -8.96 4.74 7.94
N GLN A 73 -9.66 3.91 7.17
CA GLN A 73 -9.32 2.49 7.08
C GLN A 73 -9.25 2.05 5.62
N ASN A 74 -8.17 1.36 5.26
CA ASN A 74 -7.98 0.89 3.89
C ASN A 74 -7.83 -0.63 3.85
N LEU A 75 -8.83 -1.31 3.30
CA LEU A 75 -8.81 -2.76 3.18
C LEU A 75 -8.88 -3.19 1.73
N LEU A 76 -7.87 -3.92 1.27
CA LEU A 76 -7.81 -4.38 -0.10
C LEU A 76 -7.24 -5.79 -0.20
N GLY A 77 -7.55 -6.48 -1.29
CA GLY A 77 -7.06 -7.82 -1.49
C GLY A 77 -6.11 -7.91 -2.68
N SER A 78 -4.86 -8.26 -2.42
CA SER A 78 -3.86 -8.38 -3.47
C SER A 78 -3.70 -9.83 -3.91
N TYR A 79 -3.91 -10.09 -5.19
CA TYR A 79 -3.77 -11.43 -5.74
C TYR A 79 -2.66 -11.48 -6.78
N ASP A 80 -1.57 -12.16 -6.45
CA ASP A 80 -0.43 -12.27 -7.35
C ASP A 80 0.02 -13.72 -7.50
N ALA A 81 0.77 -13.99 -8.56
CA ALA A 81 1.28 -15.32 -8.84
C ALA A 81 2.80 -15.35 -8.71
N PHE A 82 3.30 -16.18 -7.79
CA PHE A 82 4.73 -16.29 -7.56
C PHE A 82 5.33 -17.47 -8.31
N LEU A 83 6.64 -17.44 -8.48
CA LEU A 83 7.36 -18.51 -9.17
C LEU A 83 8.85 -18.47 -8.83
N PRO A 84 9.41 -19.58 -8.29
CA PRO A 84 10.82 -19.65 -7.93
C PRO A 84 11.74 -19.29 -9.08
N ILE A 85 12.50 -18.20 -8.92
CA ILE A 85 13.42 -17.77 -9.96
C ILE A 85 14.65 -17.09 -9.35
N GLY A 86 15.83 -17.64 -9.63
CA GLY A 86 17.04 -17.08 -9.10
C GLY A 86 17.88 -18.09 -8.35
N ASP A 87 17.21 -18.89 -7.52
CA ASP A 87 17.89 -19.92 -6.73
C ASP A 87 16.89 -20.71 -5.90
N ASN A 88 16.21 -20.03 -4.98
CA ASN A 88 15.22 -20.67 -4.12
C ASN A 88 14.66 -19.70 -3.09
N ASN A 89 15.48 -18.73 -2.68
CA ASN A 89 15.07 -17.73 -1.70
C ASN A 89 14.43 -16.52 -2.36
N THR A 90 14.00 -16.67 -3.61
CA THR A 90 13.38 -15.58 -4.35
C THR A 90 12.15 -16.07 -5.10
N LYS A 91 10.98 -15.49 -4.81
CA LYS A 91 9.75 -15.91 -5.47
C LYS A 91 9.12 -14.75 -6.24
N LEU A 92 9.47 -14.64 -7.52
CA LEU A 92 8.94 -13.59 -8.37
C LEU A 92 7.43 -13.66 -8.45
N PHE A 93 6.79 -12.77 -7.72
CA PHE A 93 5.34 -12.70 -7.68
C PHE A 93 4.83 -11.45 -8.38
N GLY A 94 3.57 -11.47 -8.79
CA GLY A 94 2.99 -10.33 -9.48
C GLY A 94 1.52 -10.53 -9.80
N GLY A 95 0.73 -9.46 -9.67
CA GLY A 95 -0.69 -9.55 -9.96
C GLY A 95 -1.39 -8.21 -9.85
N ALA A 96 -2.61 -8.23 -9.31
CA ALA A 96 -3.39 -7.01 -9.15
C ALA A 96 -3.92 -6.88 -7.72
N THR A 97 -4.45 -5.71 -7.40
CA THR A 97 -5.01 -5.46 -6.07
C THR A 97 -6.31 -4.67 -6.16
N LEU A 98 -7.20 -4.87 -5.19
CA LEU A 98 -8.48 -4.18 -5.17
C LEU A 98 -9.08 -4.20 -3.77
N GLY A 99 -9.53 -3.03 -3.32
CA GLY A 99 -10.12 -2.94 -1.99
C GLY A 99 -11.17 -1.85 -1.90
N LEU A 100 -11.37 -1.34 -0.69
CA LEU A 100 -12.35 -0.29 -0.45
C LEU A 100 -11.98 0.51 0.80
N VAL A 101 -11.92 1.82 0.66
CA VAL A 101 -11.58 2.70 1.78
C VAL A 101 -12.79 3.51 2.24
N LYS A 102 -12.86 3.74 3.55
CA LYS A 102 -13.96 4.50 4.13
C LYS A 102 -13.44 5.59 5.06
N LEU A 103 -14.14 6.73 5.07
CA LEU A 103 -13.74 7.85 5.92
C LEU A 103 -14.71 8.01 7.10
N GLU A 104 -14.20 8.49 8.21
CA GLU A 104 -15.00 8.70 9.41
C GLU A 104 -14.77 10.09 10.00
N GLN A 105 -15.73 10.56 10.79
CA GLN A 105 -15.62 11.87 11.40
C GLN A 105 -15.73 11.77 12.92
N ASP A 106 -15.16 12.75 13.62
CA ASP A 106 -15.20 12.77 15.08
C ASP A 106 -15.34 14.20 15.61
N GLY A 107 -16.38 14.42 16.42
CA GLY A 107 -16.60 15.74 16.97
C GLY A 107 -18.07 16.04 17.17
N LYS A 108 -18.69 16.68 16.17
CA LYS A 108 -20.10 17.01 16.25
C LYS A 108 -20.64 17.36 14.86
N GLY A 109 -21.48 16.48 14.31
CA GLY A 109 -22.05 16.72 13.00
C GLY A 109 -21.25 16.06 11.90
N PHE A 110 -21.86 15.09 11.23
CA PHE A 110 -21.18 14.38 10.14
C PHE A 110 -21.57 14.97 8.79
N LYS A 111 -20.71 15.82 8.25
CA LYS A 111 -20.97 16.45 6.96
C LYS A 111 -20.17 15.77 5.85
N ARG A 112 -20.73 14.70 5.29
CA ARG A 112 -20.06 13.96 4.22
C ARG A 112 -21.07 13.14 3.43
N ASP A 113 -20.68 12.73 2.22
CA ASP A 113 -21.55 11.93 1.36
C ASP A 113 -20.74 10.92 0.57
N SER A 114 -19.63 10.46 1.15
CA SER A 114 -18.77 9.48 0.48
C SER A 114 -18.74 8.17 1.27
N ASP A 115 -17.99 8.16 2.36
CA ASP A 115 -17.86 6.97 3.20
C ASP A 115 -17.67 5.70 2.37
N VAL A 116 -17.02 5.87 1.22
CA VAL A 116 -16.77 4.74 0.33
C VAL A 116 -15.81 5.13 -0.80
N GLY A 117 -15.06 4.15 -1.30
CA GLY A 117 -14.11 4.42 -2.37
C GLY A 117 -13.52 3.15 -2.95
N TYR A 118 -13.48 3.07 -4.27
CA TYR A 118 -12.93 1.90 -4.95
C TYR A 118 -11.46 2.08 -5.26
N ALA A 119 -10.65 1.08 -4.93
CA ALA A 119 -9.22 1.13 -5.18
C ALA A 119 -8.77 -0.03 -6.06
N ALA A 120 -7.73 0.21 -6.86
CA ALA A 120 -7.20 -0.82 -7.75
C ALA A 120 -5.78 -0.48 -8.20
N GLY A 121 -4.91 -1.49 -8.18
CA GLY A 121 -3.54 -1.28 -8.59
C GLY A 121 -2.86 -2.57 -9.00
N LEU A 122 -1.58 -2.71 -8.63
CA LEU A 122 -0.81 -3.90 -8.96
C LEU A 122 0.28 -4.15 -7.93
N GLN A 123 0.95 -5.28 -8.03
CA GLN A 123 2.02 -5.64 -7.11
C GLN A 123 2.98 -6.63 -7.76
N ALA A 124 4.18 -6.74 -7.19
CA ALA A 124 5.20 -7.65 -7.70
C ALA A 124 6.49 -7.53 -6.91
N GLY A 125 7.14 -8.65 -6.69
CA GLY A 125 8.39 -8.66 -5.94
C GLY A 125 9.07 -10.01 -5.95
N ILE A 126 9.46 -10.48 -4.76
CA ILE A 126 10.13 -11.76 -4.61
C ILE A 126 9.93 -12.27 -3.19
N LEU A 127 9.32 -13.44 -3.07
CA LEU A 127 9.07 -14.02 -1.75
C LEU A 127 10.17 -15.01 -1.37
N GLN A 128 10.90 -14.66 -0.32
CA GLN A 128 12.00 -15.49 0.18
C GLN A 128 11.54 -16.32 1.37
N GLU A 129 11.52 -17.63 1.20
CA GLU A 129 11.11 -18.54 2.27
C GLU A 129 12.24 -18.74 3.27
N LEU A 130 11.86 -18.88 4.54
CA LEU A 130 12.85 -19.09 5.60
C LEU A 130 12.76 -20.51 6.13
N SER A 131 11.56 -21.08 6.08
CA SER A 131 11.32 -22.43 6.54
C SER A 131 9.96 -22.93 6.06
N LYS A 132 9.53 -24.08 6.56
CA LYS A 132 8.24 -24.63 6.17
C LYS A 132 7.11 -24.05 7.02
N ASN A 133 7.03 -22.73 7.07
CA ASN A 133 5.99 -22.06 7.86
C ASN A 133 6.14 -20.54 7.83
N ALA A 134 7.38 -20.06 7.71
CA ALA A 134 7.63 -18.62 7.70
C ALA A 134 8.36 -18.19 6.42
N SER A 135 8.01 -17.01 5.93
CA SER A 135 8.63 -16.47 4.73
C SER A 135 8.52 -14.94 4.70
N ILE A 136 9.30 -14.32 3.82
CA ILE A 136 9.30 -12.87 3.70
C ILE A 136 9.49 -12.44 2.25
N GLU A 137 8.70 -11.47 1.80
CA GLU A 137 8.79 -10.98 0.43
C GLU A 137 8.98 -9.47 0.39
N GLY A 138 9.14 -8.94 -0.81
CA GLY A 138 9.34 -7.51 -0.97
C GLY A 138 9.38 -7.09 -2.41
N GLY A 139 8.81 -5.92 -2.70
CA GLY A 139 8.80 -5.43 -4.07
C GLY A 139 8.10 -4.09 -4.22
N TYR A 140 7.32 -3.94 -5.28
CA TYR A 140 6.59 -2.71 -5.55
C TYR A 140 5.09 -2.96 -5.60
N ARG A 141 4.32 -1.89 -5.44
CA ARG A 141 2.86 -1.99 -5.47
C ARG A 141 2.23 -0.69 -5.96
N TYR A 142 1.20 -0.81 -6.78
CA TYR A 142 0.50 0.34 -7.32
C TYR A 142 -0.90 0.45 -6.74
N LEU A 143 -1.50 1.63 -6.87
CA LEU A 143 -2.85 1.85 -6.34
C LEU A 143 -3.57 2.96 -7.11
N ARG A 144 -4.87 2.80 -7.27
CA ARG A 144 -5.69 3.79 -7.99
C ARG A 144 -6.85 4.26 -7.12
N THR A 145 -7.31 5.47 -7.37
CA THR A 145 -8.42 6.04 -6.61
C THR A 145 -9.69 6.12 -7.46
N ASN A 146 -10.77 5.53 -6.97
CA ASN A 146 -12.04 5.53 -7.68
C ASN A 146 -13.20 5.71 -6.70
N ALA A 147 -14.28 6.30 -7.18
CA ALA A 147 -15.46 6.52 -6.35
C ALA A 147 -16.72 6.61 -7.20
N SER A 148 -17.88 6.53 -6.54
CA SER A 148 -19.16 6.59 -7.24
C SER A 148 -20.08 7.61 -6.58
N THR A 149 -19.83 8.89 -6.85
CA THR A 149 -20.64 9.96 -6.28
C THR A 149 -21.45 10.66 -7.36
N GLU A 150 -22.29 11.60 -6.94
CA GLU A 150 -23.14 12.35 -7.88
C GLU A 150 -23.50 13.71 -7.31
N MET A 151 -23.92 13.74 -6.05
CA MET A 151 -24.30 14.98 -5.39
C MET A 151 -23.05 15.77 -4.98
N THR A 152 -21.99 15.06 -4.64
CA THR A 152 -20.75 15.70 -4.23
C THR A 152 -19.64 15.44 -5.26
N PRO A 153 -19.48 16.36 -6.23
CA PRO A 153 -18.45 16.22 -7.28
C PRO A 153 -17.05 16.41 -6.73
N HIS A 154 -16.06 16.40 -7.61
CA HIS A 154 -14.67 16.58 -7.23
C HIS A 154 -14.03 17.72 -8.00
N GLY A 155 -14.22 17.73 -9.31
CA GLY A 155 -13.65 18.77 -10.15
C GLY A 155 -12.83 18.22 -11.29
N GLY A 156 -12.89 18.89 -12.44
CA GLY A 156 -12.13 18.45 -13.59
C GLY A 156 -11.70 19.60 -14.48
N ASN A 157 -10.93 20.52 -13.92
CA ASN A 157 -10.46 21.67 -14.67
C ASN A 157 -9.06 21.42 -15.24
N LYS A 158 -8.45 22.46 -15.81
CA LYS A 158 -7.12 22.34 -16.39
C LYS A 158 -6.06 22.87 -15.43
N LEU A 159 -6.29 22.69 -14.14
CA LEU A 159 -5.36 23.16 -13.12
C LEU A 159 -4.92 22.00 -12.23
N GLY A 160 -3.84 21.33 -12.63
CA GLY A 160 -3.33 20.21 -11.85
C GLY A 160 -3.70 18.87 -12.45
N SER A 161 -3.51 18.73 -13.76
CA SER A 161 -3.82 17.50 -14.45
C SER A 161 -2.56 16.70 -14.74
N LEU A 162 -2.70 15.37 -14.83
CA LEU A 162 -1.57 14.51 -15.11
C LEU A 162 -1.91 13.51 -16.21
N ASP A 163 -0.87 12.92 -16.81
CA ASP A 163 -1.07 11.95 -17.89
C ASP A 163 -1.72 10.68 -17.36
N LEU A 164 -1.29 10.22 -16.19
CA LEU A 164 -1.84 9.03 -15.57
C LEU A 164 -2.31 9.31 -14.16
N HIS A 165 -2.84 8.28 -13.49
CA HIS A 165 -3.33 8.42 -12.13
C HIS A 165 -2.75 7.33 -11.23
N SER A 166 -1.53 6.90 -11.54
CA SER A 166 -0.85 5.87 -10.76
C SER A 166 0.42 6.41 -10.12
N SER A 167 1.07 5.59 -9.30
CA SER A 167 2.29 5.99 -8.63
C SER A 167 3.18 4.78 -8.35
N SER A 168 4.43 5.04 -7.99
CA SER A 168 5.38 3.98 -7.70
C SER A 168 5.65 3.88 -6.20
N GLN A 169 5.68 2.65 -5.69
CA GLN A 169 5.91 2.42 -4.27
C GLN A 169 6.56 1.05 -4.04
N PHE A 170 7.27 0.93 -2.94
CA PHE A 170 7.94 -0.33 -2.59
C PHE A 170 7.32 -0.94 -1.34
N TYR A 171 6.89 -2.19 -1.44
CA TYR A 171 6.27 -2.88 -0.31
C TYR A 171 6.94 -4.23 -0.07
N LEU A 172 7.38 -4.44 1.17
CA LEU A 172 8.03 -5.68 1.56
C LEU A 172 7.78 -5.97 3.05
N GLY A 173 7.67 -7.25 3.39
CA GLY A 173 7.43 -7.63 4.76
C GLY A 173 7.59 -9.12 4.99
N ALA A 174 6.83 -9.65 5.94
CA ALA A 174 6.89 -11.07 6.27
C ALA A 174 5.52 -11.73 6.08
N ASN A 175 5.51 -13.07 6.12
CA ASN A 175 4.28 -13.83 5.96
C ASN A 175 4.37 -15.17 6.65
N TYR A 176 3.53 -15.38 7.66
CA TYR A 176 3.52 -16.64 8.40
C TYR A 176 2.40 -17.55 7.92
N LYS A 177 2.78 -18.67 7.35
CA LYS A 177 1.81 -19.65 6.83
C LYS A 177 1.27 -20.53 7.96
N PHE A 178 0.06 -21.05 7.77
CA PHE A 178 -0.57 -21.91 8.76
C PHE A 178 -0.59 -23.35 8.30
N ALA A 1 -5.74 -24.30 -2.40
CA ALA A 1 -5.32 -23.07 -1.69
C ALA A 1 -4.99 -23.34 -0.23
N ASP A 2 -4.00 -22.63 0.30
CA ASP A 2 -3.60 -22.81 1.68
C ASP A 2 -3.72 -21.51 2.47
N ASN A 3 -3.62 -21.59 3.79
CA ASN A 3 -3.72 -20.42 4.64
C ASN A 3 -2.44 -19.58 4.57
N PHE A 4 -2.59 -18.28 4.37
CA PHE A 4 -1.46 -17.37 4.29
C PHE A 4 -1.62 -16.21 5.25
N VAL A 5 -0.52 -15.82 5.91
CA VAL A 5 -0.54 -14.72 6.85
C VAL A 5 0.86 -14.14 7.08
N GLY A 6 0.99 -12.83 6.89
CA GLY A 6 2.28 -12.20 7.08
C GLY A 6 2.18 -10.77 7.59
N LEU A 7 3.08 -9.92 7.13
CA LEU A 7 3.09 -8.52 7.55
C LEU A 7 3.09 -7.59 6.33
N THR A 8 2.67 -6.35 6.52
CA THR A 8 2.62 -5.38 5.44
C THR A 8 3.39 -4.11 5.81
N TRP A 9 4.13 -3.57 4.84
CA TRP A 9 4.91 -2.36 5.06
C TRP A 9 5.10 -1.60 3.74
N GLY A 10 4.49 -0.42 3.66
CA GLY A 10 4.61 0.39 2.46
C GLY A 10 5.34 1.69 2.70
N GLU A 11 6.31 1.99 1.85
CA GLU A 11 7.09 3.22 1.97
C GLU A 11 6.39 4.38 1.26
N THR A 12 5.88 5.32 2.05
CA THR A 12 5.19 6.49 1.51
C THR A 12 6.07 7.72 1.61
N SER A 13 6.22 8.42 0.48
CA SER A 13 7.03 9.63 0.44
C SER A 13 6.50 10.60 -0.62
N ASN A 14 5.79 11.63 -0.17
CA ASN A 14 5.24 12.63 -1.07
C ASN A 14 4.90 13.92 -0.33
N ASN A 15 4.08 13.80 0.72
CA ASN A 15 3.69 14.95 1.52
C ASN A 15 4.57 15.07 2.76
N ILE A 16 5.62 15.89 2.65
CA ILE A 16 6.54 16.11 3.76
C ILE A 16 6.04 17.21 4.68
N GLN A 17 5.42 16.82 5.79
CA GLN A 17 4.90 17.77 6.76
C GLN A 17 5.80 17.84 7.99
N LYS A 18 5.38 18.64 8.96
CA LYS A 18 6.15 18.80 10.20
C LYS A 18 7.55 19.34 9.91
N SER A 19 7.69 20.66 9.99
CA SER A 19 8.98 21.31 9.75
C SER A 19 9.41 22.15 10.94
N LYS A 20 8.62 23.18 11.26
CA LYS A 20 8.92 24.05 12.38
C LYS A 20 7.85 23.95 13.46
N SER A 21 7.35 22.73 13.67
CA SER A 21 6.32 22.49 14.68
C SER A 21 5.05 23.28 14.35
N LEU A 22 3.95 22.91 14.99
CA LEU A 22 2.67 23.58 14.77
C LEU A 22 2.33 24.49 15.94
N ASN A 23 3.17 25.49 16.17
CA ASN A 23 2.96 26.44 17.26
C ASN A 23 2.92 25.72 18.60
N ARG A 24 2.63 26.48 19.66
CA ARG A 24 2.57 25.92 21.01
C ARG A 24 1.17 26.08 21.60
N ASN A 25 0.70 25.04 22.27
CA ASN A 25 -0.63 25.06 22.88
C ASN A 25 -0.71 24.08 24.04
N LEU A 26 -1.60 24.35 24.99
CA LEU A 26 -1.77 23.49 26.15
C LEU A 26 -2.58 22.25 25.78
N ASN A 27 -2.75 21.36 26.75
CA ASN A 27 -3.50 20.12 26.53
C ASN A 27 -2.85 19.28 25.44
N SER A 28 -1.54 19.38 25.33
CA SER A 28 -0.80 18.63 24.31
C SER A 28 0.38 17.88 24.94
N PRO A 29 0.23 16.56 25.17
CA PRO A 29 1.29 15.74 25.77
C PRO A 29 2.64 15.94 25.09
N ASN A 30 3.62 16.39 25.86
CA ASN A 30 4.96 16.62 25.34
C ASN A 30 5.88 15.44 25.63
N LEU A 31 6.62 15.01 24.61
CA LEU A 31 7.54 13.88 24.76
C LEU A 31 8.73 14.03 23.82
N ASP A 32 8.45 14.10 22.52
CA ASP A 32 9.50 14.24 21.53
C ASP A 32 8.90 14.52 20.15
N LYS A 33 8.24 13.53 19.58
CA LYS A 33 7.62 13.66 18.26
C LYS A 33 6.53 12.62 18.06
N VAL A 34 5.34 12.91 18.57
CA VAL A 34 4.21 12.00 18.44
C VAL A 34 3.08 12.63 17.65
N ILE A 35 3.44 13.45 16.66
CA ILE A 35 2.45 14.12 15.83
C ILE A 35 2.72 13.87 14.35
N ASP A 36 1.76 13.25 13.68
CA ASP A 36 1.89 12.94 12.26
C ASP A 36 3.10 12.04 12.00
N ASN A 37 2.84 10.75 11.83
CA ASN A 37 3.90 9.78 11.58
C ASN A 37 4.11 9.58 10.09
N THR A 38 5.14 8.83 9.73
CA THR A 38 5.46 8.56 8.34
C THR A 38 5.82 7.09 8.13
N GLY A 39 4.93 6.37 7.43
CA GLY A 39 5.17 4.96 7.19
C GLY A 39 3.90 4.13 7.25
N THR A 40 3.72 3.25 6.28
CA THR A 40 2.54 2.39 6.24
C THR A 40 2.82 1.04 6.90
N TRP A 41 2.08 0.74 7.96
CA TRP A 41 2.25 -0.52 8.67
C TRP A 41 0.94 -1.29 8.73
N GLY A 42 0.96 -2.54 8.29
CA GLY A 42 -0.24 -3.36 8.30
C GLY A 42 0.06 -4.84 8.43
N ILE A 43 -0.97 -5.66 8.33
CA ILE A 43 -0.82 -7.11 8.43
C ILE A 43 -1.23 -7.79 7.13
N ARG A 44 -1.07 -9.11 7.08
CA ARG A 44 -1.43 -9.89 5.90
C ARG A 44 -2.17 -11.16 6.30
N ALA A 45 -3.11 -11.57 5.47
CA ALA A 45 -3.91 -12.76 5.71
C ALA A 45 -4.83 -13.06 4.54
N GLY A 46 -4.66 -14.23 3.93
CA GLY A 46 -5.49 -14.61 2.80
C GLY A 46 -5.36 -16.08 2.44
N GLN A 47 -5.27 -16.36 1.14
CA GLN A 47 -5.13 -17.73 0.67
C GLN A 47 -4.13 -17.82 -0.47
N GLN A 48 -3.01 -18.48 -0.21
CA GLN A 48 -1.95 -18.64 -1.21
C GLN A 48 -1.44 -20.07 -1.26
N PHE A 49 -1.41 -20.65 -2.45
CA PHE A 49 -0.94 -22.02 -2.63
C PHE A 49 0.45 -22.03 -3.26
N GLU A 50 0.89 -23.19 -3.72
CA GLU A 50 2.20 -23.32 -4.35
C GLU A 50 2.40 -22.25 -5.43
N GLN A 51 1.30 -21.81 -6.03
CA GLN A 51 1.34 -20.80 -7.06
C GLN A 51 0.66 -19.51 -6.61
N GLY A 52 0.58 -19.32 -5.29
CA GLY A 52 -0.06 -18.13 -4.76
C GLY A 52 -1.58 -18.17 -4.92
N ARG A 53 -2.21 -16.99 -4.94
CA ARG A 53 -3.66 -16.90 -5.09
C ARG A 53 -4.17 -15.53 -4.64
N TYR A 54 -4.37 -15.37 -3.34
CA TYR A 54 -4.86 -14.11 -2.79
C TYR A 54 -4.20 -13.79 -1.45
N TYR A 55 -4.31 -12.53 -1.04
CA TYR A 55 -3.72 -12.09 0.22
C TYR A 55 -4.27 -10.72 0.61
N ALA A 56 -4.96 -10.67 1.75
CA ALA A 56 -5.53 -9.42 2.23
C ALA A 56 -4.55 -8.69 3.14
N THR A 57 -4.60 -7.37 3.12
CA THR A 57 -3.71 -6.57 3.94
C THR A 57 -4.44 -5.38 4.56
N TYR A 58 -4.39 -5.29 5.87
CA TYR A 58 -5.05 -4.20 6.60
C TYR A 58 -4.09 -3.04 6.80
N GLU A 59 -4.48 -1.85 6.35
CA GLU A 59 -3.64 -0.66 6.48
C GLU A 59 -4.32 0.39 7.36
N ASN A 60 -3.53 1.36 7.82
CA ASN A 60 -4.05 2.43 8.66
C ASN A 60 -3.26 3.72 8.45
N ILE A 61 -3.62 4.75 9.19
CA ILE A 61 -2.93 6.04 9.07
C ILE A 61 -2.41 6.51 10.42
N SER A 62 -1.09 6.74 10.50
CA SER A 62 -0.46 7.19 11.72
C SER A 62 -0.65 6.17 12.84
N ASP A 63 0.36 5.33 13.04
CA ASP A 63 0.32 4.31 14.07
C ASP A 63 1.71 3.78 14.38
N THR A 64 2.46 4.52 15.20
CA THR A 64 3.81 4.14 15.57
C THR A 64 4.16 4.64 16.97
N SER A 65 4.15 5.96 17.13
CA SER A 65 4.46 6.56 18.42
C SER A 65 3.24 6.61 19.32
N SER A 66 2.11 7.02 18.75
CA SER A 66 0.86 7.10 19.49
C SER A 66 0.43 5.72 19.99
N GLY A 67 0.71 4.70 19.19
CA GLY A 67 0.35 3.35 19.58
C GLY A 67 -1.09 3.01 19.22
N ASN A 68 -2.03 3.78 19.75
CA ASN A 68 -3.45 3.56 19.48
C ASN A 68 -4.03 4.69 18.64
N LYS A 69 -5.05 4.37 17.86
CA LYS A 69 -5.70 5.37 17.00
C LYS A 69 -6.92 4.77 16.31
N LEU A 70 -7.82 5.65 15.88
CA LEU A 70 -9.05 5.21 15.20
C LEU A 70 -9.65 6.36 14.38
N ARG A 71 -9.11 6.57 13.18
CA ARG A 71 -9.59 7.63 12.30
C ARG A 71 -10.18 7.05 11.03
N GLN A 72 -9.55 5.99 10.51
CA GLN A 72 -10.01 5.35 9.30
C GLN A 72 -9.24 4.06 9.03
N GLN A 73 -9.90 3.09 8.42
CA GLN A 73 -9.27 1.81 8.10
C GLN A 73 -9.04 1.67 6.61
N ASN A 74 -8.25 0.67 6.21
CA ASN A 74 -7.96 0.44 4.80
C ASN A 74 -8.00 -1.05 4.48
N LEU A 75 -8.81 -1.42 3.49
CA LEU A 75 -8.93 -2.81 3.08
C LEU A 75 -8.23 -3.03 1.75
N LEU A 76 -7.16 -3.84 1.76
CA LEU A 76 -6.41 -4.12 0.55
C LEU A 76 -6.54 -5.58 0.14
N GLY A 77 -7.09 -5.80 -1.05
CA GLY A 77 -7.26 -7.15 -1.56
C GLY A 77 -6.51 -7.34 -2.87
N SER A 78 -5.52 -8.24 -2.86
CA SER A 78 -4.72 -8.48 -4.05
C SER A 78 -4.60 -9.97 -4.37
N TYR A 79 -4.80 -10.29 -5.65
CA TYR A 79 -4.68 -11.66 -6.12
C TYR A 79 -3.37 -11.82 -6.89
N ASP A 80 -2.43 -12.56 -6.33
CA ASP A 80 -1.14 -12.74 -6.98
C ASP A 80 -0.66 -14.19 -6.92
N ALA A 81 0.43 -14.46 -7.63
CA ALA A 81 1.02 -15.78 -7.67
C ALA A 81 2.54 -15.70 -7.58
N PHE A 82 3.11 -16.40 -6.59
CA PHE A 82 4.56 -16.39 -6.39
C PHE A 82 5.21 -17.61 -7.02
N LEU A 83 6.53 -17.54 -7.21
CA LEU A 83 7.28 -18.64 -7.80
C LEU A 83 8.77 -18.50 -7.50
N PRO A 84 9.44 -19.61 -7.16
CA PRO A 84 10.88 -19.60 -6.86
C PRO A 84 11.74 -19.39 -8.11
N ILE A 85 12.39 -18.24 -8.18
CA ILE A 85 13.24 -17.92 -9.33
C ILE A 85 14.69 -17.76 -8.90
N GLY A 86 15.50 -18.78 -9.17
CA GLY A 86 16.91 -18.73 -8.81
C GLY A 86 17.35 -19.94 -8.02
N ASP A 87 16.73 -20.15 -6.87
CA ASP A 87 17.05 -21.29 -6.01
C ASP A 87 16.14 -21.31 -4.79
N ASN A 88 16.29 -20.30 -3.93
CA ASN A 88 15.47 -20.21 -2.72
C ASN A 88 15.80 -18.93 -1.96
N ASN A 89 16.06 -17.85 -2.69
CA ASN A 89 16.38 -16.57 -2.08
C ASN A 89 15.32 -15.52 -2.41
N THR A 90 14.70 -15.65 -3.57
CA THR A 90 13.67 -14.72 -4.00
C THR A 90 12.48 -15.46 -4.59
N LYS A 91 11.27 -14.95 -4.36
CA LYS A 91 10.07 -15.58 -4.89
C LYS A 91 9.29 -14.61 -5.75
N LEU A 92 9.42 -14.76 -7.06
CA LEU A 92 8.73 -13.89 -8.01
C LEU A 92 7.23 -13.89 -7.74
N PHE A 93 6.79 -12.82 -7.11
CA PHE A 93 5.38 -12.66 -6.76
C PHE A 93 4.76 -11.56 -7.60
N GLY A 94 3.51 -11.74 -8.01
CA GLY A 94 2.85 -10.73 -8.83
C GLY A 94 1.40 -11.06 -9.13
N GLY A 95 0.62 -10.02 -9.42
CA GLY A 95 -0.79 -10.20 -9.73
C GLY A 95 -1.56 -8.90 -9.77
N ALA A 96 -2.78 -8.93 -9.25
CA ALA A 96 -3.63 -7.75 -9.21
C ALA A 96 -3.78 -7.22 -7.79
N THR A 97 -4.42 -6.07 -7.65
CA THR A 97 -4.61 -5.46 -6.33
C THR A 97 -5.97 -4.79 -6.21
N LEU A 98 -6.32 -4.39 -4.99
CA LEU A 98 -7.58 -3.73 -4.72
C LEU A 98 -7.46 -2.86 -3.47
N GLY A 99 -7.92 -1.62 -3.57
CA GLY A 99 -7.84 -0.72 -2.44
C GLY A 99 -9.17 -0.07 -2.11
N LEU A 100 -9.61 -0.26 -0.87
CA LEU A 100 -10.87 0.30 -0.40
C LEU A 100 -10.69 0.92 0.97
N VAL A 101 -10.97 2.21 1.07
CA VAL A 101 -10.85 2.94 2.34
C VAL A 101 -12.22 3.31 2.90
N LYS A 102 -12.35 3.24 4.21
CA LYS A 102 -13.61 3.58 4.87
C LYS A 102 -13.38 4.63 5.96
N LEU A 103 -14.22 5.66 5.95
CA LEU A 103 -14.11 6.74 6.94
C LEU A 103 -15.10 6.52 8.09
N GLU A 104 -14.71 6.97 9.28
CA GLU A 104 -15.54 6.82 10.47
C GLU A 104 -15.97 8.18 10.99
N GLN A 105 -17.17 8.25 11.55
CA GLN A 105 -17.70 9.49 12.11
C GLN A 105 -17.08 9.78 13.47
N ASP A 106 -16.84 11.06 13.75
CA ASP A 106 -16.27 11.47 15.02
C ASP A 106 -17.28 11.37 16.15
N GLY A 107 -18.46 11.95 15.93
CA GLY A 107 -19.50 11.92 16.94
C GLY A 107 -20.03 13.30 17.28
N LYS A 108 -19.18 14.32 17.12
CA LYS A 108 -19.56 15.69 17.41
C LYS A 108 -19.33 16.59 16.21
N GLY A 109 -20.24 17.53 15.98
CA GLY A 109 -20.11 18.43 14.85
C GLY A 109 -20.76 17.91 13.59
N PHE A 110 -21.62 18.72 12.99
CA PHE A 110 -22.31 18.32 11.77
C PHE A 110 -21.48 18.66 10.54
N LYS A 111 -20.70 17.68 10.07
CA LYS A 111 -19.86 17.87 8.90
C LYS A 111 -20.14 16.79 7.85
N ARG A 112 -19.44 16.89 6.72
CA ARG A 112 -19.62 15.93 5.64
C ARG A 112 -18.79 14.67 5.90
N ASP A 113 -19.44 13.64 6.44
CA ASP A 113 -18.77 12.39 6.74
C ASP A 113 -18.92 11.40 5.59
N SER A 114 -18.41 10.19 5.78
CA SER A 114 -18.48 9.15 4.75
C SER A 114 -17.70 9.56 3.51
N ASP A 115 -16.78 8.69 3.09
CA ASP A 115 -15.96 8.97 1.90
C ASP A 115 -15.21 7.72 1.47
N VAL A 116 -15.90 6.80 0.82
CA VAL A 116 -15.30 5.56 0.35
C VAL A 116 -14.85 5.68 -1.11
N GLY A 117 -13.63 5.26 -1.39
CA GLY A 117 -13.11 5.32 -2.75
C GLY A 117 -12.96 3.95 -3.37
N TYR A 118 -12.51 3.92 -4.63
CA TYR A 118 -12.33 2.66 -5.34
C TYR A 118 -10.93 2.59 -5.96
N ALA A 119 -10.15 1.61 -5.53
CA ALA A 119 -8.79 1.44 -6.03
C ALA A 119 -8.61 0.06 -6.65
N ALA A 120 -7.71 -0.04 -7.62
CA ALA A 120 -7.44 -1.30 -8.30
C ALA A 120 -6.25 -1.18 -9.24
N GLY A 121 -5.33 -2.14 -9.13
CA GLY A 121 -4.15 -2.11 -9.97
C GLY A 121 -3.43 -3.45 -10.01
N LEU A 122 -2.14 -3.45 -9.68
CA LEU A 122 -1.35 -4.67 -9.68
C LEU A 122 -0.18 -4.55 -8.71
N GLN A 123 0.55 -5.65 -8.54
CA GLN A 123 1.70 -5.68 -7.65
C GLN A 123 2.70 -6.74 -8.09
N ALA A 124 3.89 -6.74 -7.49
CA ALA A 124 4.92 -7.71 -7.81
C ALA A 124 6.19 -7.43 -7.02
N GLY A 125 6.85 -8.50 -6.61
CA GLY A 125 8.09 -8.36 -5.85
C GLY A 125 8.89 -9.65 -5.81
N ILE A 126 9.34 -10.03 -4.62
CA ILE A 126 10.13 -11.23 -4.43
C ILE A 126 10.12 -11.66 -2.97
N LEU A 127 9.63 -12.88 -2.71
CA LEU A 127 9.58 -13.37 -1.34
C LEU A 127 10.76 -14.27 -1.03
N GLN A 128 11.59 -13.84 -0.08
CA GLN A 128 12.76 -14.59 0.33
C GLN A 128 12.47 -15.46 1.55
N GLU A 129 13.06 -16.65 1.57
CA GLU A 129 12.86 -17.57 2.69
C GLU A 129 14.14 -17.70 3.51
N LEU A 130 13.99 -17.94 4.81
CA LEU A 130 15.14 -18.09 5.70
C LEU A 130 15.25 -19.52 6.19
N SER A 131 14.14 -20.06 6.67
CA SER A 131 14.09 -21.43 7.19
C SER A 131 12.65 -21.85 7.41
N LYS A 132 12.47 -22.93 8.15
CA LYS A 132 11.12 -23.44 8.44
C LYS A 132 10.48 -22.62 9.57
N ASN A 133 10.37 -21.31 9.35
CA ASN A 133 9.78 -20.42 10.34
C ASN A 133 8.94 -19.34 9.69
N ALA A 134 9.58 -18.51 8.86
CA ALA A 134 8.89 -17.43 8.17
C ALA A 134 9.72 -16.91 7.01
N SER A 135 9.12 -16.04 6.20
CA SER A 135 9.81 -15.46 5.06
C SER A 135 9.55 -13.96 4.96
N ILE A 136 10.32 -13.29 4.10
CA ILE A 136 10.18 -11.86 3.91
C ILE A 136 10.14 -11.53 2.42
N GLU A 137 9.21 -10.66 2.03
CA GLU A 137 9.07 -10.27 0.64
C GLU A 137 9.00 -8.76 0.48
N GLY A 138 9.03 -8.30 -0.76
CA GLY A 138 8.97 -6.87 -1.04
C GLY A 138 8.99 -6.58 -2.52
N GLY A 139 8.29 -5.52 -2.92
CA GLY A 139 8.24 -5.17 -4.34
C GLY A 139 7.60 -3.82 -4.58
N TYR A 140 6.93 -3.70 -5.72
CA TYR A 140 6.27 -2.45 -6.10
C TYR A 140 4.80 -2.68 -6.42
N ARG A 141 3.96 -1.70 -6.11
CA ARG A 141 2.53 -1.79 -6.38
C ARG A 141 2.05 -0.61 -7.20
N TYR A 142 1.29 -0.89 -8.25
CA TYR A 142 0.75 0.16 -9.12
C TYR A 142 -0.76 0.04 -9.25
N LEU A 143 -1.47 1.06 -8.78
CA LEU A 143 -2.92 1.07 -8.86
C LEU A 143 -3.46 2.50 -8.80
N ARG A 144 -4.69 2.69 -9.28
CA ARG A 144 -5.32 3.99 -9.30
C ARG A 144 -6.57 4.02 -8.42
N THR A 145 -6.74 5.08 -7.65
CA THR A 145 -7.90 5.21 -6.77
C THR A 145 -8.73 6.43 -7.15
N ASN A 146 -10.04 6.25 -7.22
CA ASN A 146 -10.95 7.34 -7.57
C ASN A 146 -12.21 7.30 -6.70
N ALA A 147 -12.42 8.34 -5.91
CA ALA A 147 -13.58 8.42 -5.04
C ALA A 147 -14.55 9.48 -5.53
N SER A 148 -14.62 9.65 -6.84
CA SER A 148 -15.52 10.64 -7.44
C SER A 148 -15.77 10.32 -8.91
N THR A 149 -16.75 10.99 -9.50
CA THR A 149 -17.10 10.78 -10.91
C THR A 149 -17.61 12.07 -11.53
N GLU A 150 -16.91 12.54 -12.56
CA GLU A 150 -17.29 13.77 -13.25
C GLU A 150 -16.61 13.85 -14.62
N MET A 151 -17.21 14.63 -15.52
CA MET A 151 -16.67 14.80 -16.86
C MET A 151 -15.67 15.94 -16.90
N THR A 152 -15.93 17.00 -16.13
CA THR A 152 -15.04 18.15 -16.08
C THR A 152 -13.93 17.95 -15.06
N PRO A 153 -12.72 18.46 -15.34
CA PRO A 153 -11.57 18.32 -14.43
C PRO A 153 -11.90 18.80 -13.02
N HIS A 154 -11.04 18.45 -12.07
CA HIS A 154 -11.23 18.85 -10.68
C HIS A 154 -9.89 19.18 -10.02
N GLY A 155 -8.99 19.77 -10.79
CA GLY A 155 -7.69 20.13 -10.26
C GLY A 155 -6.56 19.38 -10.95
N GLY A 156 -5.42 20.04 -11.08
CA GLY A 156 -4.27 19.42 -11.72
C GLY A 156 -3.22 20.43 -12.15
N ASN A 157 -1.98 19.97 -12.28
CA ASN A 157 -0.88 20.85 -12.68
C ASN A 157 -0.45 20.55 -14.11
N LYS A 158 -0.16 19.29 -14.40
CA LYS A 158 0.27 18.88 -15.73
C LYS A 158 -0.93 18.74 -16.66
N LEU A 159 -0.66 18.32 -17.90
CA LEU A 159 -1.71 18.14 -18.89
C LEU A 159 -1.54 16.82 -19.63
N GLY A 160 -0.32 16.55 -20.07
CA GLY A 160 -0.05 15.32 -20.79
C GLY A 160 1.12 14.56 -20.21
N SER A 161 1.12 14.37 -18.90
CA SER A 161 2.20 13.65 -18.22
C SER A 161 2.01 12.14 -18.37
N LEU A 162 2.98 11.39 -17.85
CA LEU A 162 2.92 9.93 -17.92
C LEU A 162 2.75 9.33 -16.54
N ASP A 163 3.44 9.89 -15.55
CA ASP A 163 3.36 9.40 -14.19
C ASP A 163 2.37 10.23 -13.37
N LEU A 164 1.24 10.58 -14.00
CA LEU A 164 0.21 11.36 -13.33
C LEU A 164 -0.99 10.49 -12.96
N HIS A 165 -1.40 9.64 -13.89
CA HIS A 165 -2.53 8.75 -13.67
C HIS A 165 -2.19 7.69 -12.63
N SER A 166 -1.08 6.99 -12.85
CA SER A 166 -0.65 5.95 -11.92
C SER A 166 0.35 6.49 -10.91
N SER A 167 0.50 5.79 -9.79
CA SER A 167 1.42 6.21 -8.75
C SER A 167 2.43 5.11 -8.44
N SER A 168 3.55 5.50 -7.85
CA SER A 168 4.60 4.55 -7.49
C SER A 168 4.65 4.31 -5.99
N GLN A 169 4.51 3.06 -5.59
CA GLN A 169 4.53 2.70 -4.17
C GLN A 169 5.47 1.53 -3.91
N PHE A 170 5.96 1.44 -2.68
CA PHE A 170 6.86 0.36 -2.30
C PHE A 170 6.10 -0.75 -1.61
N TYR A 171 6.75 -1.90 -1.50
CA TYR A 171 6.14 -3.06 -0.87
C TYR A 171 7.20 -3.90 -0.13
N LEU A 172 6.91 -4.21 1.12
CA LEU A 172 7.83 -5.01 1.94
C LEU A 172 7.10 -5.56 3.16
N GLY A 173 7.24 -6.86 3.39
CA GLY A 173 6.60 -7.47 4.54
C GLY A 173 7.06 -8.89 4.78
N ALA A 174 6.31 -9.62 5.60
CA ALA A 174 6.66 -11.00 5.91
C ALA A 174 5.71 -11.98 5.21
N ASN A 175 6.02 -13.26 5.30
CA ASN A 175 5.20 -14.29 4.68
C ASN A 175 5.19 -15.55 5.52
N TYR A 176 4.01 -15.89 6.05
CA TYR A 176 3.86 -17.08 6.88
C TYR A 176 2.52 -17.75 6.64
N LYS A 177 2.55 -18.94 6.04
CA LYS A 177 1.35 -19.69 5.76
C LYS A 177 0.93 -20.54 6.97
N PHE A 178 -0.35 -20.88 7.02
CA PHE A 178 -0.88 -21.68 8.12
C PHE A 178 -1.15 -23.11 7.67
N ALA A 1 -5.84 -24.19 -1.60
CA ALA A 1 -4.92 -23.06 -1.33
C ALA A 1 -4.31 -23.17 0.06
N ASP A 2 -3.25 -22.41 0.31
CA ASP A 2 -2.58 -22.42 1.61
C ASP A 2 -2.87 -21.13 2.37
N ASN A 3 -2.88 -21.22 3.70
CA ASN A 3 -3.15 -20.06 4.53
C ASN A 3 -1.87 -19.25 4.75
N PHE A 4 -1.95 -17.95 4.47
CA PHE A 4 -0.79 -17.07 4.64
C PHE A 4 -1.16 -15.87 5.50
N VAL A 5 -0.23 -15.47 6.38
CA VAL A 5 -0.44 -14.33 7.25
C VAL A 5 0.88 -13.67 7.64
N GLY A 6 0.96 -12.37 7.45
CA GLY A 6 2.18 -11.64 7.78
C GLY A 6 1.95 -10.17 8.00
N LEU A 7 2.98 -9.36 7.73
CA LEU A 7 2.88 -7.91 7.90
C LEU A 7 3.41 -7.19 6.67
N THR A 8 2.85 -6.01 6.40
CA THR A 8 3.27 -5.21 5.25
C THR A 8 4.00 -3.95 5.70
N TRP A 9 4.94 -3.50 4.86
CA TRP A 9 5.71 -2.30 5.18
C TRP A 9 6.18 -1.62 3.89
N GLY A 10 5.66 -0.43 3.63
CA GLY A 10 6.03 0.30 2.44
C GLY A 10 6.84 1.54 2.76
N GLU A 11 7.94 1.74 2.02
CA GLU A 11 8.80 2.89 2.23
C GLU A 11 8.59 3.93 1.12
N THR A 12 8.00 5.05 1.47
CA THR A 12 7.75 6.12 0.52
C THR A 12 8.42 7.41 0.96
N SER A 13 9.19 8.02 0.05
CA SER A 13 9.88 9.26 0.35
C SER A 13 10.04 10.10 -0.92
N ASN A 14 9.22 11.13 -1.06
CA ASN A 14 9.27 12.01 -2.22
C ASN A 14 8.71 13.38 -1.89
N ASN A 15 7.54 13.39 -1.23
CA ASN A 15 6.89 14.64 -0.85
C ASN A 15 7.78 15.46 0.08
N ILE A 16 8.03 16.72 -0.30
CA ILE A 16 8.86 17.60 0.50
C ILE A 16 8.04 18.73 1.12
N GLN A 17 7.91 18.70 2.44
CA GLN A 17 7.15 19.73 3.15
C GLN A 17 8.07 20.74 3.81
N LYS A 18 9.17 21.05 3.13
CA LYS A 18 10.14 22.01 3.66
C LYS A 18 10.79 22.80 2.53
N SER A 19 10.64 24.12 2.57
CA SER A 19 11.22 24.99 1.55
C SER A 19 11.47 26.39 2.10
N LYS A 20 11.68 26.48 3.42
CA LYS A 20 11.92 27.76 4.06
C LYS A 20 13.33 27.82 4.66
N SER A 21 13.84 26.65 5.06
CA SER A 21 15.17 26.56 5.65
C SER A 21 16.22 26.25 4.59
N LEU A 22 16.14 26.96 3.47
CA LEU A 22 17.09 26.76 2.37
C LEU A 22 17.05 25.33 1.86
N ASN A 23 17.83 25.04 0.83
CA ASN A 23 17.88 23.71 0.26
C ASN A 23 18.89 22.83 1.01
N ARG A 24 18.90 21.55 0.68
CA ARG A 24 19.82 20.61 1.33
C ARG A 24 19.85 19.28 0.58
N ASN A 25 21.05 18.79 0.31
CA ASN A 25 21.22 17.53 -0.41
C ASN A 25 22.35 16.71 0.20
N LEU A 26 23.48 17.35 0.46
CA LEU A 26 24.64 16.67 1.04
C LEU A 26 24.58 16.72 2.57
N ASN A 27 23.84 15.79 3.16
CA ASN A 27 23.71 15.72 4.61
C ASN A 27 24.51 14.55 5.17
N SER A 28 24.42 13.41 4.51
CA SER A 28 25.13 12.21 4.95
C SER A 28 24.93 11.06 3.95
N PRO A 29 25.99 10.29 3.68
CA PRO A 29 25.92 9.16 2.75
C PRO A 29 25.17 7.97 3.34
N ASN A 30 25.23 7.83 4.66
CA ASN A 30 24.56 6.73 5.35
C ASN A 30 23.06 6.97 5.41
N LEU A 31 22.30 5.88 5.59
CA LEU A 31 20.85 5.97 5.67
C LEU A 31 20.35 5.63 7.07
N ASP A 32 20.02 6.67 7.84
CA ASP A 32 19.54 6.48 9.20
C ASP A 32 18.06 6.87 9.31
N LYS A 33 17.71 7.97 8.66
CA LYS A 33 16.33 8.46 8.69
C LYS A 33 15.71 8.43 7.31
N VAL A 34 15.09 7.29 6.97
CA VAL A 34 14.46 7.14 5.67
C VAL A 34 13.01 7.62 5.69
N ILE A 35 12.22 7.06 6.60
CA ILE A 35 10.82 7.44 6.73
C ILE A 35 10.58 8.24 8.00
N ASP A 36 10.47 9.56 7.84
CA ASP A 36 10.24 10.45 8.97
C ASP A 36 8.82 10.29 9.51
N ASN A 37 7.84 10.71 8.73
CA ASN A 37 6.44 10.61 9.12
C ASN A 37 5.58 10.06 7.99
N THR A 38 6.17 9.18 7.19
CA THR A 38 5.46 8.57 6.07
C THR A 38 5.75 7.08 5.98
N GLY A 39 4.84 6.34 5.35
CA GLY A 39 5.02 4.92 5.21
C GLY A 39 3.71 4.15 5.29
N THR A 40 3.74 2.88 4.89
CA THR A 40 2.54 2.05 4.92
C THR A 40 2.74 0.84 5.82
N TRP A 41 2.09 0.86 6.97
CA TRP A 41 2.20 -0.24 7.94
C TRP A 41 0.83 -0.88 8.18
N GLY A 42 0.78 -2.21 8.07
CA GLY A 42 -0.47 -2.91 8.29
C GLY A 42 -0.27 -4.40 8.48
N ILE A 43 -1.36 -5.16 8.37
CA ILE A 43 -1.30 -6.61 8.54
C ILE A 43 -1.47 -7.32 7.20
N ARG A 44 -1.09 -8.59 7.15
CA ARG A 44 -1.20 -9.39 5.93
C ARG A 44 -1.82 -10.74 6.24
N ALA A 45 -2.72 -11.17 5.36
CA ALA A 45 -3.40 -12.46 5.53
C ALA A 45 -4.25 -12.78 4.32
N GLY A 46 -3.97 -13.93 3.69
CA GLY A 46 -4.73 -14.33 2.52
C GLY A 46 -4.68 -15.83 2.28
N GLN A 47 -4.52 -16.21 1.02
CA GLN A 47 -4.45 -17.62 0.65
C GLN A 47 -3.49 -17.83 -0.53
N GLN A 48 -2.47 -18.65 -0.29
CA GLN A 48 -1.47 -18.93 -1.32
C GLN A 48 -1.72 -20.29 -1.96
N PHE A 49 -2.10 -20.28 -3.24
CA PHE A 49 -2.36 -21.51 -3.98
C PHE A 49 -1.43 -21.63 -5.19
N GLU A 50 -1.32 -22.83 -5.74
CA GLU A 50 -0.46 -23.07 -6.90
C GLU A 50 -0.98 -22.34 -8.14
N GLN A 51 -2.25 -21.93 -8.11
CA GLN A 51 -2.85 -21.24 -9.25
C GLN A 51 -3.07 -19.76 -8.94
N GLY A 52 -2.29 -19.23 -8.00
CA GLY A 52 -2.42 -17.84 -7.63
C GLY A 52 -2.14 -17.59 -6.16
N ARG A 53 -1.98 -16.33 -5.79
CA ARG A 53 -1.70 -15.98 -4.40
C ARG A 53 -2.57 -14.82 -3.94
N TYR A 54 -3.45 -15.08 -2.97
CA TYR A 54 -4.33 -14.07 -2.42
C TYR A 54 -3.67 -13.40 -1.22
N TYR A 55 -3.58 -12.08 -1.24
CA TYR A 55 -2.95 -11.35 -0.15
C TYR A 55 -3.77 -10.15 0.28
N ALA A 56 -4.47 -10.30 1.41
CA ALA A 56 -5.28 -9.23 1.95
C ALA A 56 -4.51 -8.48 3.04
N THR A 57 -4.29 -7.18 2.83
CA THR A 57 -3.54 -6.38 3.78
C THR A 57 -4.30 -5.12 4.16
N TYR A 58 -4.55 -4.96 5.45
CA TYR A 58 -5.25 -3.81 5.97
C TYR A 58 -4.28 -2.66 6.23
N GLU A 59 -4.54 -1.50 5.63
CA GLU A 59 -3.69 -0.34 5.80
C GLU A 59 -4.29 0.65 6.79
N ASN A 60 -3.48 1.61 7.22
CA ASN A 60 -3.93 2.64 8.16
C ASN A 60 -3.42 4.01 7.76
N ILE A 61 -3.51 4.97 8.68
CA ILE A 61 -3.05 6.33 8.41
C ILE A 61 -1.68 6.58 9.03
N SER A 62 -0.68 6.78 8.17
CA SER A 62 0.68 7.01 8.63
C SER A 62 0.91 8.51 8.87
N ASP A 63 0.43 9.33 7.95
CA ASP A 63 0.58 10.78 8.07
C ASP A 63 -0.59 11.39 8.81
N THR A 64 -0.48 11.45 10.14
CA THR A 64 -1.54 12.00 10.97
C THR A 64 -1.50 13.54 10.95
N SER A 65 -2.68 14.15 10.95
CA SER A 65 -2.77 15.61 10.93
C SER A 65 -2.81 16.17 12.35
N SER A 66 -3.75 15.66 13.15
CA SER A 66 -3.90 16.12 14.53
C SER A 66 -3.45 15.04 15.50
N GLY A 67 -3.71 13.78 15.15
CA GLY A 67 -3.32 12.67 16.00
C GLY A 67 -4.52 11.93 16.56
N ASN A 68 -5.46 11.57 15.69
CA ASN A 68 -6.66 10.85 16.11
C ASN A 68 -7.06 9.83 15.04
N LYS A 69 -7.44 8.64 15.49
CA LYS A 69 -7.86 7.58 14.59
C LYS A 69 -8.90 6.68 15.23
N LEU A 70 -10.08 6.60 14.62
CA LEU A 70 -11.17 5.78 15.15
C LEU A 70 -11.89 5.06 14.01
N ARG A 71 -12.47 5.84 13.11
CA ARG A 71 -13.19 5.28 11.98
C ARG A 71 -12.40 5.42 10.68
N GLN A 72 -11.16 4.94 10.71
CA GLN A 72 -10.28 5.01 9.54
C GLN A 72 -9.62 3.65 9.27
N GLN A 73 -9.83 3.14 8.08
CA GLN A 73 -9.26 1.85 7.68
C GLN A 73 -9.30 1.68 6.17
N ASN A 74 -8.38 0.88 5.65
CA ASN A 74 -8.31 0.64 4.20
C ASN A 74 -7.89 -0.80 3.91
N LEU A 75 -8.82 -1.58 3.38
CA LEU A 75 -8.56 -2.98 3.04
C LEU A 75 -7.95 -3.08 1.65
N LEU A 76 -7.05 -4.05 1.47
CA LEU A 76 -6.39 -4.23 0.18
C LEU A 76 -6.27 -5.71 -0.16
N GLY A 77 -7.06 -6.16 -1.13
CA GLY A 77 -7.01 -7.54 -1.56
C GLY A 77 -6.50 -7.69 -2.98
N SER A 78 -5.38 -8.39 -3.14
CA SER A 78 -4.80 -8.58 -4.46
C SER A 78 -4.49 -10.05 -4.75
N TYR A 79 -4.55 -10.41 -6.03
CA TYR A 79 -4.26 -11.77 -6.46
C TYR A 79 -3.04 -11.78 -7.37
N ASP A 80 -1.94 -12.35 -6.89
CA ASP A 80 -0.71 -12.40 -7.67
C ASP A 80 -0.21 -13.83 -7.83
N ALA A 81 0.54 -14.07 -8.90
CA ALA A 81 1.09 -15.38 -9.18
C ALA A 81 2.56 -15.42 -8.78
N PHE A 82 2.89 -16.28 -7.83
CA PHE A 82 4.26 -16.41 -7.34
C PHE A 82 4.99 -17.57 -8.01
N LEU A 83 6.33 -17.45 -8.07
CA LEU A 83 7.16 -18.48 -8.68
C LEU A 83 8.60 -18.37 -8.17
N PRO A 84 9.29 -19.51 -7.96
CA PRO A 84 10.67 -19.53 -7.50
C PRO A 84 11.64 -18.88 -8.48
N ILE A 85 11.86 -17.58 -8.32
CA ILE A 85 12.76 -16.85 -9.19
C ILE A 85 13.29 -15.60 -8.50
N GLY A 86 14.62 -15.45 -8.49
CA GLY A 86 15.22 -14.29 -7.86
C GLY A 86 16.66 -14.53 -7.45
N ASP A 87 16.88 -15.55 -6.63
CA ASP A 87 18.22 -15.88 -6.17
C ASP A 87 18.33 -17.35 -5.80
N ASN A 88 17.36 -17.85 -5.05
CA ASN A 88 17.35 -19.24 -4.64
C ASN A 88 16.03 -19.64 -4.02
N ASN A 89 15.51 -18.80 -3.12
CA ASN A 89 14.25 -19.08 -2.44
C ASN A 89 13.27 -17.91 -2.59
N THR A 90 13.49 -17.06 -3.58
CA THR A 90 12.62 -15.92 -3.82
C THR A 90 11.38 -16.37 -4.56
N LYS A 91 10.27 -15.65 -4.39
CA LYS A 91 9.03 -16.01 -5.06
C LYS A 91 8.41 -14.81 -5.74
N LEU A 92 8.74 -14.62 -7.02
CA LEU A 92 8.22 -13.52 -7.78
C LEU A 92 6.71 -13.62 -7.87
N PHE A 93 6.04 -12.82 -7.07
CA PHE A 93 4.58 -12.80 -7.04
C PHE A 93 4.05 -11.49 -7.60
N GLY A 94 3.25 -11.59 -8.65
CA GLY A 94 2.70 -10.40 -9.27
C GLY A 94 1.27 -10.59 -9.75
N GLY A 95 0.50 -9.50 -9.77
CA GLY A 95 -0.87 -9.58 -10.21
C GLY A 95 -1.60 -8.25 -10.10
N ALA A 96 -2.86 -8.30 -9.67
CA ALA A 96 -3.66 -7.09 -9.52
C ALA A 96 -4.24 -6.98 -8.12
N THR A 97 -4.45 -5.75 -7.66
CA THR A 97 -4.98 -5.52 -6.32
C THR A 97 -6.32 -4.78 -6.39
N LEU A 98 -7.15 -4.99 -5.37
CA LEU A 98 -8.45 -4.34 -5.30
C LEU A 98 -8.97 -4.34 -3.87
N GLY A 99 -9.39 -3.17 -3.38
CA GLY A 99 -9.90 -3.07 -2.03
C GLY A 99 -10.92 -1.96 -1.86
N LEU A 100 -10.96 -1.38 -0.67
CA LEU A 100 -11.90 -0.31 -0.37
C LEU A 100 -11.37 0.56 0.76
N VAL A 101 -11.35 1.88 0.54
CA VAL A 101 -10.87 2.81 1.54
C VAL A 101 -12.01 3.64 2.13
N LYS A 102 -12.10 3.67 3.45
CA LYS A 102 -13.15 4.42 4.13
C LYS A 102 -12.54 5.44 5.10
N LEU A 103 -12.96 6.69 4.96
CA LEU A 103 -12.46 7.76 5.81
C LEU A 103 -13.60 8.60 6.36
N GLU A 104 -13.59 8.84 7.68
CA GLU A 104 -14.63 9.62 8.33
C GLU A 104 -14.07 10.35 9.55
N GLN A 105 -14.51 11.59 9.75
CA GLN A 105 -14.06 12.40 10.88
C GLN A 105 -14.96 12.17 12.08
N ASP A 106 -14.53 12.69 13.23
CA ASP A 106 -15.30 12.55 14.47
C ASP A 106 -15.21 13.82 15.30
N GLY A 107 -16.35 14.26 15.82
CA GLY A 107 -16.39 15.46 16.64
C GLY A 107 -17.70 16.20 16.53
N LYS A 108 -17.64 17.52 16.44
CA LYS A 108 -18.83 18.35 16.33
C LYS A 108 -18.49 19.75 15.84
N GLY A 109 -18.82 20.02 14.58
CA GLY A 109 -18.53 21.32 14.00
C GLY A 109 -18.24 21.25 12.52
N PHE A 110 -17.04 20.81 12.17
CA PHE A 110 -16.63 20.69 10.78
C PHE A 110 -17.52 19.69 10.03
N LYS A 111 -17.35 19.62 8.72
CA LYS A 111 -18.12 18.70 7.89
C LYS A 111 -17.55 17.29 7.95
N ARG A 112 -18.18 16.36 7.24
CA ARG A 112 -17.72 14.98 7.21
C ARG A 112 -17.06 14.65 5.88
N ASP A 113 -16.06 13.79 5.91
CA ASP A 113 -15.35 13.39 4.70
C ASP A 113 -16.11 12.29 3.96
N SER A 114 -15.78 12.12 2.68
CA SER A 114 -16.45 11.11 1.85
C SER A 114 -15.53 10.67 0.71
N ASP A 115 -14.47 9.94 1.06
CA ASP A 115 -13.53 9.45 0.07
C ASP A 115 -13.65 7.94 -0.11
N VAL A 116 -14.88 7.43 0.06
CA VAL A 116 -15.14 6.01 -0.10
C VAL A 116 -15.39 5.65 -1.55
N GLY A 117 -14.62 4.70 -2.06
CA GLY A 117 -14.78 4.28 -3.44
C GLY A 117 -14.18 2.91 -3.71
N TYR A 118 -13.96 2.60 -4.99
CA TYR A 118 -13.39 1.32 -5.37
C TYR A 118 -11.89 1.43 -5.59
N ALA A 119 -11.13 0.62 -4.86
CA ALA A 119 -9.67 0.64 -4.97
C ALA A 119 -9.19 -0.42 -5.94
N ALA A 120 -8.09 -0.12 -6.64
CA ALA A 120 -7.52 -1.04 -7.60
C ALA A 120 -6.14 -0.58 -8.05
N GLY A 121 -5.22 -1.53 -8.21
CA GLY A 121 -3.88 -1.18 -8.63
C GLY A 121 -3.10 -2.39 -9.14
N LEU A 122 -1.83 -2.49 -8.74
CA LEU A 122 -0.98 -3.59 -9.15
C LEU A 122 0.03 -3.94 -8.07
N GLN A 123 0.50 -5.18 -8.06
CA GLN A 123 1.47 -5.64 -7.08
C GLN A 123 2.54 -6.51 -7.72
N ALA A 124 3.69 -6.62 -7.06
CA ALA A 124 4.79 -7.41 -7.55
C ALA A 124 5.93 -7.43 -6.55
N GLY A 125 6.58 -8.57 -6.41
CA GLY A 125 7.70 -8.69 -5.48
C GLY A 125 8.39 -10.04 -5.55
N ILE A 126 8.87 -10.50 -4.40
CA ILE A 126 9.56 -11.78 -4.31
C ILE A 126 9.62 -12.23 -2.85
N LEU A 127 9.04 -13.39 -2.56
CA LEU A 127 9.03 -13.92 -1.20
C LEU A 127 10.20 -14.87 -0.97
N GLN A 128 11.14 -14.45 -0.14
CA GLN A 128 12.32 -15.25 0.16
C GLN A 128 12.19 -15.92 1.53
N GLU A 129 12.45 -17.22 1.58
CA GLU A 129 12.37 -17.97 2.81
C GLU A 129 13.75 -18.12 3.46
N LEU A 130 13.78 -18.19 4.78
CA LEU A 130 15.05 -18.32 5.50
C LEU A 130 15.18 -19.74 6.07
N SER A 131 14.11 -20.22 6.69
CA SER A 131 14.10 -21.54 7.28
C SER A 131 12.67 -21.94 7.65
N LYS A 132 12.54 -22.97 8.47
CA LYS A 132 11.23 -23.43 8.91
C LYS A 132 10.72 -22.57 10.06
N ASN A 133 10.66 -21.26 9.84
CA ASN A 133 10.19 -20.34 10.88
C ASN A 133 9.29 -19.27 10.28
N ALA A 134 9.83 -18.51 9.33
CA ALA A 134 9.08 -17.45 8.69
C ALA A 134 9.71 -17.07 7.35
N SER A 135 8.94 -16.38 6.52
CA SER A 135 9.43 -15.95 5.20
C SER A 135 9.49 -14.44 5.11
N ILE A 136 10.10 -13.93 4.04
CA ILE A 136 10.23 -12.50 3.83
C ILE A 136 9.77 -12.13 2.42
N GLU A 137 8.97 -11.07 2.33
CA GLU A 137 8.46 -10.61 1.04
C GLU A 137 8.82 -9.15 0.80
N GLY A 138 9.05 -8.81 -0.47
CA GLY A 138 9.41 -7.44 -0.81
C GLY A 138 9.26 -7.17 -2.29
N GLY A 139 8.79 -5.97 -2.62
CA GLY A 139 8.61 -5.61 -4.02
C GLY A 139 8.03 -4.22 -4.20
N TYR A 140 7.06 -4.10 -5.11
CA TYR A 140 6.42 -2.82 -5.38
C TYR A 140 4.90 -2.97 -5.43
N ARG A 141 4.20 -1.86 -5.28
CA ARG A 141 2.75 -1.85 -5.31
C ARG A 141 2.21 -0.56 -5.90
N TYR A 142 1.07 -0.66 -6.59
CA TYR A 142 0.45 0.52 -7.20
C TYR A 142 -0.95 0.74 -6.63
N LEU A 143 -1.29 2.01 -6.41
CA LEU A 143 -2.60 2.36 -5.87
C LEU A 143 -3.40 3.20 -6.86
N ARG A 144 -4.69 2.88 -6.99
CA ARG A 144 -5.57 3.60 -7.90
C ARG A 144 -7.02 3.47 -7.45
N THR A 145 -7.64 4.59 -7.13
CA THR A 145 -9.03 4.60 -6.68
C THR A 145 -9.94 5.22 -7.74
N ASN A 146 -11.04 4.52 -8.04
CA ASN A 146 -11.99 5.00 -9.04
C ASN A 146 -13.42 4.72 -8.60
N ALA A 147 -14.18 5.78 -8.35
CA ALA A 147 -15.57 5.65 -7.92
C ALA A 147 -16.40 4.91 -8.96
N SER A 148 -16.68 5.59 -10.08
CA SER A 148 -17.46 5.00 -11.15
C SER A 148 -17.27 5.79 -12.45
N THR A 149 -17.60 5.15 -13.58
CA THR A 149 -17.47 5.78 -14.88
C THR A 149 -18.34 5.08 -15.91
N GLU A 150 -19.53 4.68 -15.50
CA GLU A 150 -20.47 4.00 -16.39
C GLU A 150 -21.87 4.60 -16.29
N MET A 151 -22.33 4.81 -15.05
CA MET A 151 -23.64 5.38 -14.82
C MET A 151 -23.65 6.88 -15.06
N THR A 152 -22.48 7.50 -14.92
CA THR A 152 -22.35 8.95 -15.12
C THR A 152 -21.52 9.25 -16.37
N PRO A 153 -22.18 9.43 -17.52
CA PRO A 153 -21.50 9.73 -18.79
C PRO A 153 -20.53 10.91 -18.65
N HIS A 154 -19.79 11.17 -19.73
CA HIS A 154 -18.82 12.27 -19.73
C HIS A 154 -17.78 12.09 -18.64
N GLY A 155 -16.91 13.08 -18.48
CA GLY A 155 -15.88 13.01 -17.46
C GLY A 155 -15.42 14.38 -17.01
N GLY A 156 -14.19 14.75 -17.38
CA GLY A 156 -13.66 16.05 -17.00
C GLY A 156 -12.58 15.93 -15.93
N ASN A 157 -11.62 16.84 -15.98
CA ASN A 157 -10.53 16.85 -15.01
C ASN A 157 -10.26 18.26 -14.50
N LYS A 158 -10.72 18.53 -13.28
CA LYS A 158 -10.52 19.84 -12.67
C LYS A 158 -9.04 20.11 -12.40
N LEU A 159 -8.75 21.27 -11.82
CA LEU A 159 -7.38 21.65 -11.51
C LEU A 159 -7.00 21.22 -10.10
N GLY A 160 -5.71 21.31 -9.79
CA GLY A 160 -5.25 20.92 -8.46
C GLY A 160 -3.82 20.40 -8.48
N SER A 161 -3.54 19.48 -9.39
CA SER A 161 -2.20 18.90 -9.51
C SER A 161 -1.73 18.92 -10.96
N LEU A 162 -0.48 18.49 -11.17
CA LEU A 162 0.09 18.46 -12.51
C LEU A 162 0.03 17.05 -13.10
N ASP A 163 0.51 16.08 -12.34
CA ASP A 163 0.50 14.69 -12.79
C ASP A 163 -0.76 13.97 -12.31
N LEU A 164 -1.09 12.87 -12.98
CA LEU A 164 -2.27 12.09 -12.62
C LEU A 164 -2.35 10.81 -13.47
N HIS A 165 -2.06 9.68 -12.84
CA HIS A 165 -2.10 8.39 -13.52
C HIS A 165 -1.86 7.25 -12.53
N SER A 166 -0.67 7.22 -11.94
CA SER A 166 -0.33 6.18 -10.97
C SER A 166 0.76 6.66 -10.02
N SER A 167 0.89 5.98 -8.89
CA SER A 167 1.89 6.33 -7.89
C SER A 167 2.90 5.19 -7.69
N SER A 168 4.05 5.53 -7.14
CA SER A 168 5.10 4.54 -6.90
C SER A 168 5.21 4.22 -5.41
N GLN A 169 5.20 2.93 -5.09
CA GLN A 169 5.29 2.49 -3.70
C GLN A 169 6.20 1.26 -3.58
N PHE A 170 6.77 1.07 -2.40
CA PHE A 170 7.64 -0.06 -2.16
C PHE A 170 6.92 -1.12 -1.34
N TYR A 171 7.50 -2.30 -1.32
CA TYR A 171 6.92 -3.43 -0.58
C TYR A 171 8.00 -4.20 0.16
N LEU A 172 7.77 -4.43 1.45
CA LEU A 172 8.73 -5.17 2.27
C LEU A 172 8.05 -5.65 3.56
N GLY A 173 8.31 -6.91 3.93
CA GLY A 173 7.71 -7.44 5.14
C GLY A 173 7.97 -8.93 5.29
N ALA A 174 7.08 -9.61 5.99
CA ALA A 174 7.21 -11.05 6.22
C ALA A 174 5.90 -11.78 5.88
N ASN A 175 5.96 -13.10 5.88
CA ASN A 175 4.78 -13.91 5.56
C ASN A 175 4.85 -15.27 6.26
N TYR A 176 3.91 -15.50 7.18
CA TYR A 176 3.86 -16.75 7.91
C TYR A 176 2.56 -17.49 7.61
N LYS A 177 2.69 -18.68 7.03
CA LYS A 177 1.52 -19.50 6.68
C LYS A 177 1.01 -20.27 7.89
N PHE A 178 -0.22 -20.75 7.80
CA PHE A 178 -0.84 -21.51 8.88
C PHE A 178 -1.21 -22.91 8.42
N ALA A 1 -1.72 -24.90 -2.51
CA ALA A 1 -2.39 -23.79 -1.77
C ALA A 1 -2.02 -23.81 -0.29
N ASP A 2 -1.77 -22.64 0.26
CA ASP A 2 -1.41 -22.53 1.68
C ASP A 2 -1.82 -21.18 2.26
N ASN A 3 -2.36 -21.20 3.47
CA ASN A 3 -2.79 -19.98 4.13
C ASN A 3 -1.59 -19.14 4.55
N PHE A 4 -1.63 -17.85 4.22
CA PHE A 4 -0.54 -16.95 4.57
C PHE A 4 -1.04 -15.76 5.37
N VAL A 5 -0.27 -15.36 6.39
CA VAL A 5 -0.63 -14.24 7.24
C VAL A 5 0.61 -13.54 7.78
N GLY A 6 0.72 -12.25 7.51
CA GLY A 6 1.86 -11.49 7.98
C GLY A 6 1.60 -10.00 8.02
N LEU A 7 2.55 -9.21 7.53
CA LEU A 7 2.42 -7.76 7.52
C LEU A 7 3.08 -7.16 6.27
N THR A 8 2.79 -5.90 6.01
CA THR A 8 3.36 -5.21 4.85
C THR A 8 3.81 -3.81 5.20
N TRP A 9 4.88 -3.36 4.56
CA TRP A 9 5.43 -2.03 4.80
C TRP A 9 6.16 -1.51 3.56
N GLY A 10 5.67 -0.41 3.00
CA GLY A 10 6.29 0.15 1.82
C GLY A 10 6.43 1.67 1.89
N GLU A 11 6.92 2.26 0.81
CA GLU A 11 7.10 3.70 0.74
C GLU A 11 5.93 4.36 0.02
N THR A 12 5.63 5.60 0.42
CA THR A 12 4.53 6.34 -0.20
C THR A 12 5.04 7.20 -1.36
N SER A 13 4.34 7.11 -2.50
CA SER A 13 4.72 7.88 -3.68
C SER A 13 3.50 8.20 -4.53
N ASN A 14 3.04 9.44 -4.44
CA ASN A 14 1.88 9.88 -5.19
C ASN A 14 1.87 11.40 -5.35
N ASN A 15 1.43 11.87 -6.52
CA ASN A 15 1.38 13.30 -6.79
C ASN A 15 0.05 13.89 -6.34
N ILE A 16 0.05 14.48 -5.15
CA ILE A 16 -1.17 15.08 -4.60
C ILE A 16 -0.84 16.36 -3.84
N GLN A 17 -1.80 17.29 -3.81
CA GLN A 17 -1.62 18.55 -3.10
C GLN A 17 -2.38 18.55 -1.78
N LYS A 18 -1.74 19.09 -0.74
CA LYS A 18 -2.35 19.16 0.58
C LYS A 18 -3.42 20.25 0.63
N SER A 19 -3.20 21.31 -0.15
CA SER A 19 -4.14 22.43 -0.19
C SER A 19 -3.80 23.38 -1.32
N LYS A 20 -4.82 23.82 -2.05
CA LYS A 20 -4.62 24.73 -3.17
C LYS A 20 -4.37 26.15 -2.67
N SER A 21 -3.36 26.81 -3.25
CA SER A 21 -3.02 28.18 -2.86
C SER A 21 -3.26 29.14 -4.01
N LEU A 22 -4.25 30.01 -3.86
CA LEU A 22 -4.59 30.98 -4.89
C LEU A 22 -3.57 32.12 -4.91
N ASN A 23 -3.27 32.67 -3.74
CA ASN A 23 -2.31 33.76 -3.61
C ASN A 23 -1.59 33.71 -2.27
N ARG A 24 -0.35 33.24 -2.29
CA ARG A 24 0.45 33.14 -1.08
C ARG A 24 1.89 32.76 -1.40
N ASN A 25 2.77 32.94 -0.43
CA ASN A 25 4.18 32.62 -0.60
C ASN A 25 4.39 31.11 -0.72
N LEU A 26 5.56 30.71 -1.21
CA LEU A 26 5.88 29.30 -1.36
C LEU A 26 6.75 28.81 -0.21
N ASN A 27 6.11 28.44 0.89
CA ASN A 27 6.81 27.96 2.07
C ASN A 27 6.34 26.56 2.45
N SER A 28 6.81 25.55 1.72
CA SER A 28 6.44 24.18 1.98
C SER A 28 7.36 23.55 3.03
N PRO A 29 6.87 22.51 3.74
CA PRO A 29 7.65 21.83 4.77
C PRO A 29 8.81 21.02 4.19
N ASN A 30 8.52 20.27 3.13
CA ASN A 30 9.54 19.45 2.47
C ASN A 30 9.26 19.32 0.98
N LEU A 31 10.32 19.19 0.20
CA LEU A 31 10.19 19.05 -1.25
C LEU A 31 11.22 18.07 -1.81
N ASP A 32 11.56 17.07 -1.00
CA ASP A 32 12.54 16.07 -1.40
C ASP A 32 11.85 14.74 -1.73
N LYS A 33 11.41 14.04 -0.69
CA LYS A 33 10.74 12.76 -0.86
C LYS A 33 9.98 12.36 0.40
N VAL A 34 10.71 11.96 1.43
CA VAL A 34 10.11 11.56 2.70
C VAL A 34 11.10 11.71 3.86
N ILE A 35 11.21 12.92 4.38
CA ILE A 35 12.12 13.20 5.49
C ILE A 35 11.72 12.42 6.74
N ASP A 36 10.43 12.49 7.08
CA ASP A 36 9.93 11.78 8.26
C ASP A 36 8.45 12.09 8.48
N ASN A 37 7.68 12.15 7.39
CA ASN A 37 6.25 12.43 7.48
C ASN A 37 5.48 11.66 6.42
N THR A 38 5.89 10.41 6.19
CA THR A 38 5.24 9.55 5.22
C THR A 38 5.57 8.09 5.46
N GLY A 39 4.59 7.21 5.23
CA GLY A 39 4.81 5.79 5.43
C GLY A 39 3.58 4.98 5.14
N THR A 40 3.78 3.69 4.82
CA THR A 40 2.67 2.80 4.50
C THR A 40 2.90 1.41 5.09
N TRP A 41 2.14 1.09 6.13
CA TRP A 41 2.27 -0.21 6.78
C TRP A 41 0.90 -0.82 7.05
N GLY A 42 0.85 -2.13 7.22
CA GLY A 42 -0.41 -2.79 7.49
C GLY A 42 -0.25 -4.26 7.82
N ILE A 43 -1.35 -4.99 7.81
CA ILE A 43 -1.33 -6.42 8.10
C ILE A 43 -1.56 -7.25 6.84
N ARG A 44 -1.24 -8.54 6.89
CA ARG A 44 -1.42 -9.42 5.74
C ARG A 44 -2.04 -10.74 6.16
N ALA A 45 -2.97 -11.23 5.36
CA ALA A 45 -3.66 -12.49 5.64
C ALA A 45 -4.51 -12.93 4.47
N GLY A 46 -4.21 -14.10 3.92
CA GLY A 46 -4.97 -14.62 2.79
C GLY A 46 -4.77 -16.11 2.59
N GLN A 47 -4.53 -16.50 1.33
CA GLN A 47 -4.32 -17.90 1.00
C GLN A 47 -3.53 -18.04 -0.28
N GLN A 48 -2.74 -19.11 -0.37
CA GLN A 48 -1.92 -19.38 -1.54
C GLN A 48 -2.57 -20.43 -2.43
N PHE A 49 -2.11 -20.48 -3.67
CA PHE A 49 -2.65 -21.43 -4.65
C PHE A 49 -1.53 -22.15 -5.39
N GLU A 50 -1.87 -23.23 -6.08
CA GLU A 50 -0.90 -24.00 -6.83
C GLU A 50 -0.35 -23.21 -8.02
N GLN A 51 -1.13 -22.24 -8.49
CA GLN A 51 -0.71 -21.42 -9.63
C GLN A 51 -0.90 -19.93 -9.33
N GLY A 52 -0.90 -19.57 -8.06
CA GLY A 52 -1.06 -18.18 -7.68
C GLY A 52 -1.09 -17.99 -6.17
N ARG A 53 -1.19 -16.73 -5.74
CA ARG A 53 -1.23 -16.42 -4.31
C ARG A 53 -2.16 -15.25 -4.04
N TYR A 54 -2.91 -15.35 -2.93
CA TYR A 54 -3.83 -14.29 -2.54
C TYR A 54 -3.54 -13.81 -1.14
N TYR A 55 -3.81 -12.53 -0.87
CA TYR A 55 -3.57 -11.95 0.45
C TYR A 55 -4.01 -10.50 0.50
N ALA A 56 -4.84 -10.18 1.47
CA ALA A 56 -5.34 -8.82 1.64
C ALA A 56 -4.42 -8.03 2.56
N THR A 57 -4.55 -6.70 2.53
CA THR A 57 -3.71 -5.86 3.36
C THR A 57 -4.51 -4.68 3.92
N TYR A 58 -4.49 -4.54 5.23
CA TYR A 58 -5.19 -3.45 5.91
C TYR A 58 -4.24 -2.27 6.11
N GLU A 59 -4.54 -1.15 5.48
CA GLU A 59 -3.71 0.04 5.59
C GLU A 59 -4.39 1.14 6.40
N ASN A 60 -3.67 2.25 6.57
CA ASN A 60 -4.19 3.38 7.33
C ASN A 60 -3.34 4.62 7.06
N ILE A 61 -3.96 5.80 7.23
CA ILE A 61 -3.25 7.06 7.01
C ILE A 61 -2.80 7.67 8.32
N SER A 62 -1.53 8.05 8.40
CA SER A 62 -0.98 8.66 9.60
C SER A 62 -0.98 10.18 9.50
N ASP A 63 -1.85 10.82 10.26
CA ASP A 63 -1.96 12.28 10.25
C ASP A 63 -1.60 12.85 11.62
N THR A 64 -2.42 12.55 12.62
CA THR A 64 -2.19 13.05 13.97
C THR A 64 -1.24 12.12 14.73
N SER A 65 0.05 12.40 14.63
CA SER A 65 1.06 11.59 15.31
C SER A 65 0.99 11.78 16.82
N SER A 66 0.63 13.00 17.23
CA SER A 66 0.53 13.33 18.65
C SER A 66 -0.92 13.59 19.05
N GLY A 67 -1.67 14.20 18.13
CA GLY A 67 -3.06 14.51 18.41
C GLY A 67 -3.93 13.26 18.45
N ASN A 68 -5.17 13.39 18.01
CA ASN A 68 -6.10 12.27 18.01
C ASN A 68 -6.46 11.86 16.58
N LYS A 69 -6.36 10.57 16.30
CA LYS A 69 -6.67 10.05 14.97
C LYS A 69 -8.12 9.56 14.90
N LEU A 70 -8.80 9.90 13.82
CA LEU A 70 -10.19 9.49 13.64
C LEU A 70 -10.28 8.05 13.18
N ARG A 71 -11.46 7.46 13.33
CA ARG A 71 -11.68 6.07 12.93
C ARG A 71 -11.57 5.91 11.42
N GLN A 72 -10.71 5.01 10.97
CA GLN A 72 -10.52 4.77 9.56
C GLN A 72 -9.96 3.37 9.31
N GLN A 73 -10.11 2.88 8.08
CA GLN A 73 -9.64 1.55 7.72
C GLN A 73 -9.63 1.37 6.21
N ASN A 74 -8.55 0.79 5.69
CA ASN A 74 -8.41 0.57 4.25
C ASN A 74 -8.22 -0.91 3.94
N LEU A 75 -9.21 -1.49 3.26
CA LEU A 75 -9.15 -2.90 2.90
C LEU A 75 -8.67 -3.07 1.47
N LEU A 76 -7.66 -3.91 1.28
CA LEU A 76 -7.11 -4.16 -0.05
C LEU A 76 -6.81 -5.64 -0.26
N GLY A 77 -7.27 -6.16 -1.39
CA GLY A 77 -7.04 -7.55 -1.71
C GLY A 77 -6.09 -7.71 -2.88
N SER A 78 -4.94 -8.32 -2.63
CA SER A 78 -3.93 -8.51 -3.67
C SER A 78 -3.86 -9.96 -4.13
N TYR A 79 -3.99 -10.17 -5.43
CA TYR A 79 -3.92 -11.50 -6.02
C TYR A 79 -2.86 -11.53 -7.11
N ASP A 80 -1.77 -12.23 -6.86
CA ASP A 80 -0.68 -12.32 -7.82
C ASP A 80 -0.20 -13.75 -8.00
N ALA A 81 0.57 -13.97 -9.06
CA ALA A 81 1.12 -15.29 -9.35
C ALA A 81 2.63 -15.30 -9.09
N PHE A 82 3.05 -16.14 -8.16
CA PHE A 82 4.45 -16.24 -7.80
C PHE A 82 5.13 -17.42 -8.50
N LEU A 83 6.47 -17.43 -8.44
CA LEU A 83 7.26 -18.49 -9.05
C LEU A 83 8.66 -18.54 -8.43
N PRO A 84 9.05 -19.68 -7.84
CA PRO A 84 10.36 -19.84 -7.22
C PRO A 84 11.51 -19.39 -8.13
N ILE A 85 12.20 -18.32 -7.72
CA ILE A 85 13.31 -17.79 -8.50
C ILE A 85 14.28 -17.01 -7.62
N GLY A 86 15.54 -17.41 -7.64
CA GLY A 86 16.55 -16.73 -6.85
C GLY A 86 17.43 -17.70 -6.06
N ASP A 87 17.07 -17.93 -4.81
CA ASP A 87 17.83 -18.84 -3.95
C ASP A 87 16.97 -20.03 -3.52
N ASN A 88 16.07 -20.45 -4.40
CA ASN A 88 15.18 -21.58 -4.12
C ASN A 88 14.26 -21.25 -2.94
N ASN A 89 14.03 -19.96 -2.73
CA ASN A 89 13.16 -19.51 -1.65
C ASN A 89 12.32 -18.32 -2.09
N THR A 90 12.95 -17.37 -2.77
CA THR A 90 12.26 -16.18 -3.26
C THR A 90 11.09 -16.58 -4.16
N LYS A 91 10.05 -15.75 -4.18
CA LYS A 91 8.88 -16.03 -5.00
C LYS A 91 8.46 -14.82 -5.83
N LEU A 92 8.98 -14.74 -7.05
CA LEU A 92 8.65 -13.65 -7.94
C LEU A 92 7.17 -13.66 -8.26
N PHE A 93 6.44 -12.78 -7.62
CA PHE A 93 4.99 -12.68 -7.81
C PHE A 93 4.61 -11.40 -8.53
N GLY A 94 3.42 -11.40 -9.12
CA GLY A 94 2.95 -10.23 -9.84
C GLY A 94 1.51 -10.35 -10.28
N GLY A 95 0.69 -9.35 -9.93
CA GLY A 95 -0.70 -9.37 -10.30
C GLY A 95 -1.39 -8.03 -10.07
N ALA A 96 -2.63 -8.07 -9.58
CA ALA A 96 -3.38 -6.85 -9.31
C ALA A 96 -3.94 -6.85 -7.90
N THR A 97 -4.63 -5.77 -7.54
CA THR A 97 -5.23 -5.65 -6.21
C THR A 97 -6.57 -4.91 -6.27
N LEU A 98 -7.45 -5.22 -5.32
CA LEU A 98 -8.76 -4.59 -5.26
C LEU A 98 -9.36 -4.73 -3.86
N GLY A 99 -9.86 -3.62 -3.33
CA GLY A 99 -10.46 -3.64 -2.00
C GLY A 99 -11.48 -2.53 -1.79
N LEU A 100 -11.47 -1.95 -0.60
CA LEU A 100 -12.41 -0.87 -0.27
C LEU A 100 -11.84 0.01 0.84
N VAL A 101 -11.79 1.32 0.57
CA VAL A 101 -11.27 2.27 1.55
C VAL A 101 -12.38 3.15 2.10
N LYS A 102 -12.33 3.42 3.40
CA LYS A 102 -13.33 4.26 4.06
C LYS A 102 -12.69 5.16 5.10
N LEU A 103 -13.11 6.41 5.13
CA LEU A 103 -12.58 7.38 6.08
C LEU A 103 -13.64 8.41 6.46
N GLU A 104 -13.45 9.06 7.61
CA GLU A 104 -14.39 10.07 8.09
C GLU A 104 -13.68 11.40 8.30
N GLN A 105 -14.46 12.44 8.59
CA GLN A 105 -13.92 13.77 8.82
C GLN A 105 -14.64 14.47 9.97
N ASP A 106 -14.03 15.52 10.50
CA ASP A 106 -14.62 16.27 11.61
C ASP A 106 -14.60 17.77 11.30
N GLY A 107 -14.83 18.12 10.05
CA GLY A 107 -14.84 19.51 9.66
C GLY A 107 -16.00 20.29 10.28
N LYS A 108 -16.37 21.39 9.66
CA LYS A 108 -17.46 22.22 10.15
C LYS A 108 -18.55 22.39 9.09
N GLY A 109 -19.50 21.46 9.08
CA GLY A 109 -20.58 21.52 8.11
C GLY A 109 -21.22 20.17 7.87
N PHE A 110 -22.18 20.13 6.95
CA PHE A 110 -22.87 18.88 6.63
C PHE A 110 -21.99 17.98 5.78
N LYS A 111 -21.31 17.03 6.43
CA LYS A 111 -20.44 16.10 5.72
C LYS A 111 -21.12 14.75 5.55
N ARG A 112 -20.95 14.16 4.36
CA ARG A 112 -21.55 12.87 4.06
C ARG A 112 -20.47 11.82 3.77
N ASP A 113 -19.66 12.10 2.75
CA ASP A 113 -18.59 11.19 2.36
C ASP A 113 -17.23 11.87 2.48
N SER A 114 -16.44 11.44 3.45
CA SER A 114 -15.11 12.01 3.66
C SER A 114 -14.09 11.41 2.70
N ASP A 115 -13.87 10.10 2.84
CA ASP A 115 -12.92 9.41 1.97
C ASP A 115 -13.34 7.95 1.77
N VAL A 116 -14.28 7.73 0.85
CA VAL A 116 -14.76 6.39 0.57
C VAL A 116 -14.76 6.13 -0.93
N GLY A 117 -14.02 5.09 -1.35
CA GLY A 117 -13.94 4.76 -2.76
C GLY A 117 -13.45 3.34 -2.99
N TYR A 118 -13.44 2.92 -4.25
CA TYR A 118 -12.98 1.57 -4.59
C TYR A 118 -11.46 1.54 -4.73
N ALA A 119 -10.86 0.50 -4.18
CA ALA A 119 -9.41 0.34 -4.24
C ALA A 119 -9.00 -0.54 -5.41
N ALA A 120 -7.92 -0.16 -6.09
CA ALA A 120 -7.42 -0.92 -7.23
C ALA A 120 -6.00 -0.49 -7.59
N GLY A 121 -5.12 -1.48 -7.77
CA GLY A 121 -3.74 -1.18 -8.11
C GLY A 121 -3.00 -2.39 -8.64
N LEU A 122 -1.74 -2.53 -8.24
CA LEU A 122 -0.92 -3.65 -8.67
C LEU A 122 0.02 -4.10 -7.56
N GLN A 123 0.67 -5.24 -7.76
CA GLN A 123 1.60 -5.78 -6.78
C GLN A 123 2.56 -6.78 -7.42
N ALA A 124 3.76 -6.88 -6.86
CA ALA A 124 4.78 -7.79 -7.38
C ALA A 124 6.06 -7.65 -6.57
N GLY A 125 6.73 -8.77 -6.34
CA GLY A 125 7.97 -8.75 -5.59
C GLY A 125 8.63 -10.11 -5.53
N ILE A 126 8.94 -10.56 -4.31
CA ILE A 126 9.58 -11.84 -4.10
C ILE A 126 9.39 -12.31 -2.67
N LEU A 127 8.77 -13.47 -2.50
CA LEU A 127 8.54 -14.03 -1.17
C LEU A 127 9.51 -15.17 -0.89
N GLN A 128 10.36 -14.98 0.11
CA GLN A 128 11.34 -15.99 0.48
C GLN A 128 11.09 -16.49 1.90
N GLU A 129 10.96 -17.80 2.05
CA GLU A 129 10.70 -18.41 3.35
C GLU A 129 11.91 -18.28 4.26
N LEU A 130 11.66 -18.16 5.56
CA LEU A 130 12.73 -18.05 6.55
C LEU A 130 12.82 -19.33 7.38
N SER A 131 11.69 -19.98 7.56
CA SER A 131 11.62 -21.21 8.33
C SER A 131 10.34 -21.98 8.00
N LYS A 132 10.00 -22.95 8.83
CA LYS A 132 8.81 -23.74 8.62
C LYS A 132 7.60 -23.12 9.32
N ASN A 133 7.40 -21.82 9.09
CA ASN A 133 6.28 -21.10 9.70
C ASN A 133 6.35 -19.60 9.40
N ALA A 134 7.56 -19.08 9.20
CA ALA A 134 7.74 -17.66 8.92
C ALA A 134 8.43 -17.44 7.58
N SER A 135 8.23 -16.26 7.01
CA SER A 135 8.83 -15.92 5.72
C SER A 135 8.96 -14.41 5.56
N ILE A 136 9.70 -14.00 4.54
CA ILE A 136 9.89 -12.59 4.26
C ILE A 136 9.63 -12.28 2.79
N GLU A 137 8.90 -11.21 2.53
CA GLU A 137 8.57 -10.81 1.17
C GLU A 137 8.81 -9.33 0.97
N GLY A 138 8.78 -8.89 -0.28
CA GLY A 138 9.00 -7.49 -0.57
C GLY A 138 9.08 -7.21 -2.05
N GLY A 139 8.73 -5.98 -2.44
CA GLY A 139 8.78 -5.62 -3.85
C GLY A 139 8.16 -4.27 -4.13
N TYR A 140 7.21 -4.24 -5.06
CA TYR A 140 6.54 -3.01 -5.44
C TYR A 140 5.03 -3.20 -5.50
N ARG A 141 4.29 -2.10 -5.45
CA ARG A 141 2.83 -2.15 -5.51
C ARG A 141 2.27 -0.81 -5.96
N TYR A 142 1.14 -0.85 -6.68
CA TYR A 142 0.50 0.35 -7.18
C TYR A 142 -0.79 0.62 -6.41
N LEU A 143 -1.12 1.89 -6.26
CA LEU A 143 -2.32 2.29 -5.54
C LEU A 143 -3.16 3.28 -6.37
N ARG A 144 -4.46 3.04 -6.43
CA ARG A 144 -5.36 3.90 -7.18
C ARG A 144 -6.74 3.95 -6.54
N THR A 145 -7.40 5.10 -6.64
CA THR A 145 -8.73 5.28 -6.08
C THR A 145 -9.74 5.67 -7.16
N ASN A 146 -10.82 4.91 -7.25
CA ASN A 146 -11.86 5.18 -8.23
C ASN A 146 -13.25 4.94 -7.64
N ALA A 147 -14.04 6.01 -7.54
CA ALA A 147 -15.39 5.92 -7.00
C ALA A 147 -16.28 7.02 -7.56
N SER A 148 -16.01 7.42 -8.81
CA SER A 148 -16.79 8.45 -9.46
C SER A 148 -18.02 7.86 -10.13
N THR A 149 -18.99 8.73 -10.45
CA THR A 149 -20.21 8.28 -11.10
C THR A 149 -20.60 9.23 -12.24
N GLU A 150 -19.98 9.04 -13.39
CA GLU A 150 -20.25 9.88 -14.56
C GLU A 150 -20.33 9.04 -15.82
N MET A 151 -21.47 9.13 -16.52
CA MET A 151 -21.68 8.38 -17.74
C MET A 151 -21.98 9.31 -18.91
N THR A 152 -22.81 10.31 -18.66
CA THR A 152 -23.18 11.28 -19.70
C THR A 152 -22.17 12.42 -19.76
N PRO A 153 -21.97 13.01 -20.95
CA PRO A 153 -21.02 14.11 -21.14
C PRO A 153 -21.51 15.40 -20.49
N HIS A 154 -20.68 16.43 -20.54
CA HIS A 154 -21.03 17.73 -19.97
C HIS A 154 -21.29 17.61 -18.47
N GLY A 155 -20.39 18.18 -17.67
CA GLY A 155 -20.55 18.12 -16.22
C GLY A 155 -19.21 18.11 -15.50
N GLY A 156 -18.65 19.29 -15.27
CA GLY A 156 -17.38 19.39 -14.58
C GLY A 156 -16.99 20.83 -14.30
N ASN A 157 -17.21 21.71 -15.27
CA ASN A 157 -16.88 23.12 -15.12
C ASN A 157 -15.40 23.31 -14.84
N LYS A 158 -14.58 22.39 -15.36
CA LYS A 158 -13.14 22.45 -15.18
C LYS A 158 -12.44 21.31 -15.91
N LEU A 159 -11.49 21.66 -16.77
CA LEU A 159 -10.75 20.66 -17.54
C LEU A 159 -9.53 20.17 -16.76
N GLY A 160 -9.39 18.85 -16.64
CA GLY A 160 -8.27 18.29 -15.93
C GLY A 160 -7.37 17.46 -16.83
N SER A 161 -6.14 17.93 -17.04
CA SER A 161 -5.19 17.22 -17.89
C SER A 161 -4.85 15.86 -17.29
N LEU A 162 -4.23 15.01 -18.11
CA LEU A 162 -3.85 13.68 -17.67
C LEU A 162 -2.89 13.74 -16.49
N ASP A 163 -3.37 13.36 -15.31
CA ASP A 163 -2.56 13.38 -14.10
C ASP A 163 -2.72 12.09 -13.31
N LEU A 164 -1.87 11.92 -12.30
CA LEU A 164 -1.90 10.71 -11.46
C LEU A 164 -1.56 9.47 -12.27
N HIS A 165 -2.52 8.98 -13.05
CA HIS A 165 -2.31 7.79 -13.87
C HIS A 165 -2.09 6.56 -13.02
N SER A 166 -0.94 6.50 -12.35
CA SER A 166 -0.61 5.36 -11.49
C SER A 166 0.52 5.72 -10.53
N SER A 167 0.73 4.89 -9.52
CA SER A 167 1.77 5.13 -8.53
C SER A 167 2.67 3.90 -8.38
N SER A 168 3.98 4.14 -8.31
CA SER A 168 4.95 3.06 -8.17
C SER A 168 5.75 3.21 -6.89
N GLN A 169 5.63 2.24 -5.99
CA GLN A 169 6.35 2.28 -4.71
C GLN A 169 6.99 0.93 -4.42
N PHE A 170 8.05 0.94 -3.61
CA PHE A 170 8.75 -0.27 -3.24
C PHE A 170 8.53 -0.60 -1.77
N TYR A 171 8.03 -1.79 -1.49
CA TYR A 171 7.77 -2.20 -0.12
C TYR A 171 8.48 -3.51 0.22
N LEU A 172 8.28 -3.92 1.47
CA LEU A 172 8.87 -5.14 2.01
C LEU A 172 8.14 -5.54 3.30
N GLY A 173 8.05 -6.84 3.56
CA GLY A 173 7.38 -7.30 4.75
C GLY A 173 7.60 -8.77 5.03
N ALA A 174 6.76 -9.34 5.88
CA ALA A 174 6.87 -10.74 6.24
C ALA A 174 5.58 -11.49 5.94
N ASN A 175 5.62 -12.81 6.08
CA ASN A 175 4.45 -13.63 5.81
C ASN A 175 4.55 -14.96 6.55
N TYR A 176 3.61 -15.19 7.47
CA TYR A 176 3.57 -16.43 8.25
C TYR A 176 2.44 -17.33 7.78
N LYS A 177 2.80 -18.46 7.17
CA LYS A 177 1.82 -19.40 6.67
C LYS A 177 1.31 -20.30 7.79
N PHE A 178 0.09 -20.82 7.62
CA PHE A 178 -0.51 -21.69 8.62
C PHE A 178 -0.36 -23.16 8.22
N ALA A 1 -2.27 -23.72 -2.62
CA ALA A 1 -3.28 -23.98 -1.55
C ALA A 1 -2.63 -23.95 -0.17
N ASP A 2 -2.17 -22.76 0.24
CA ASP A 2 -1.53 -22.61 1.53
C ASP A 2 -1.88 -21.26 2.16
N ASN A 3 -2.43 -21.29 3.37
CA ASN A 3 -2.80 -20.06 4.06
C ASN A 3 -1.57 -19.21 4.37
N PHE A 4 -1.71 -17.90 4.16
CA PHE A 4 -0.60 -16.98 4.42
C PHE A 4 -1.04 -15.83 5.30
N VAL A 5 -0.18 -15.44 6.23
CA VAL A 5 -0.47 -14.34 7.15
C VAL A 5 0.81 -13.70 7.66
N GLY A 6 0.93 -12.38 7.47
CA GLY A 6 2.12 -11.68 7.93
C GLY A 6 1.89 -10.19 8.07
N LEU A 7 2.91 -9.40 7.75
CA LEU A 7 2.83 -7.95 7.85
C LEU A 7 3.51 -7.29 6.66
N THR A 8 2.93 -6.19 6.18
CA THR A 8 3.50 -5.45 5.06
C THR A 8 4.02 -4.09 5.50
N TRP A 9 5.13 -3.68 4.90
CA TRP A 9 5.74 -2.39 5.23
C TRP A 9 6.15 -1.64 3.97
N GLY A 10 5.49 -0.51 3.72
CA GLY A 10 5.79 0.28 2.53
C GLY A 10 6.73 1.42 2.84
N GLU A 11 7.76 1.58 2.02
CA GLU A 11 8.74 2.64 2.20
C GLU A 11 8.31 3.91 1.48
N THR A 12 7.94 4.93 2.26
CA THR A 12 7.49 6.20 1.69
C THR A 12 8.03 7.36 2.52
N SER A 13 8.53 8.39 1.83
CA SER A 13 9.06 9.56 2.49
C SER A 13 8.90 10.81 1.62
N ASN A 14 7.91 11.62 1.96
CA ASN A 14 7.63 12.85 1.22
C ASN A 14 8.57 13.97 1.65
N ASN A 15 8.83 14.05 2.95
CA ASN A 15 9.71 15.08 3.49
C ASN A 15 11.17 14.64 3.42
N ILE A 16 12.07 15.61 3.54
CA ILE A 16 13.51 15.32 3.48
C ILE A 16 14.18 15.64 4.81
N GLN A 17 15.41 15.16 4.98
CA GLN A 17 16.16 15.39 6.22
C GLN A 17 17.65 15.54 5.91
N LYS A 18 18.15 16.75 6.06
CA LYS A 18 19.56 17.03 5.81
C LYS A 18 20.33 17.17 7.12
N SER A 19 19.91 16.43 8.14
CA SER A 19 20.56 16.48 9.45
C SER A 19 20.36 15.15 10.20
N LYS A 20 21.46 14.41 10.35
CA LYS A 20 21.42 13.13 11.05
C LYS A 20 22.81 12.72 11.52
N SER A 21 23.78 12.80 10.61
CA SER A 21 25.15 12.43 10.93
C SER A 21 26.13 13.11 9.97
N LEU A 22 27.15 13.75 10.53
CA LEU A 22 28.16 14.43 9.73
C LEU A 22 29.54 13.83 9.97
N ASN A 23 30.07 14.05 11.16
CA ASN A 23 31.39 13.53 11.52
C ASN A 23 31.26 12.20 12.27
N ARG A 24 31.93 11.17 11.73
CA ARG A 24 31.89 9.85 12.35
C ARG A 24 33.30 9.31 12.55
N ASN A 25 33.47 8.48 13.58
CA ASN A 25 34.76 7.89 13.88
C ASN A 25 34.62 6.44 14.34
N LEU A 26 35.60 5.62 14.01
CA LEU A 26 35.58 4.22 14.39
C LEU A 26 36.75 3.88 15.32
N ASN A 27 36.51 4.01 16.62
CA ASN A 27 37.54 3.73 17.61
C ASN A 27 36.94 3.13 18.87
N SER A 28 35.94 3.82 19.42
CA SER A 28 35.27 3.36 20.63
C SER A 28 33.81 2.99 20.35
N PRO A 29 32.94 3.98 20.03
CA PRO A 29 31.53 3.73 19.76
C PRO A 29 31.32 3.05 18.40
N ASN A 30 30.06 2.81 18.06
CA ASN A 30 29.73 2.17 16.79
C ASN A 30 28.60 2.91 16.08
N LEU A 31 28.11 2.35 14.99
CA LEU A 31 27.03 2.96 14.22
C LEU A 31 25.67 2.45 14.68
N ASP A 32 24.96 3.28 15.46
CA ASP A 32 23.65 2.91 15.97
C ASP A 32 22.59 2.99 14.87
N LYS A 33 22.80 3.91 13.92
CA LYS A 33 21.86 4.08 12.82
C LYS A 33 20.49 4.48 13.33
N VAL A 34 20.24 5.79 13.40
CA VAL A 34 18.96 6.30 13.87
C VAL A 34 18.09 6.77 12.71
N ILE A 35 17.85 5.86 11.77
CA ILE A 35 17.03 6.18 10.60
C ILE A 35 15.66 5.51 10.70
N ASP A 36 14.62 6.33 10.86
CA ASP A 36 13.26 5.81 10.97
C ASP A 36 12.26 6.81 10.41
N ASN A 37 11.31 6.32 9.61
CA ASN A 37 10.30 7.17 9.01
C ASN A 37 8.95 6.45 8.93
N THR A 38 7.88 7.22 8.85
CA THR A 38 6.54 6.64 8.76
C THR A 38 5.95 6.83 7.37
N GLY A 39 5.43 5.75 6.79
CA GLY A 39 4.85 5.82 5.47
C GLY A 39 3.68 4.87 5.29
N THR A 40 3.97 3.57 5.29
CA THR A 40 2.92 2.56 5.14
C THR A 40 3.17 1.38 6.07
N TRP A 41 2.09 0.89 6.67
CA TRP A 41 2.19 -0.24 7.60
C TRP A 41 0.82 -0.89 7.81
N GLY A 42 0.77 -2.20 7.65
CA GLY A 42 -0.49 -2.92 7.83
C GLY A 42 -0.27 -4.39 8.12
N ILE A 43 -1.35 -5.17 8.03
CA ILE A 43 -1.29 -6.60 8.30
C ILE A 43 -1.47 -7.39 7.01
N ARG A 44 -1.06 -8.65 7.04
CA ARG A 44 -1.18 -9.52 5.87
C ARG A 44 -1.85 -10.84 6.25
N ALA A 45 -2.82 -11.25 5.44
CA ALA A 45 -3.54 -12.49 5.68
C ALA A 45 -4.41 -12.86 4.49
N GLY A 46 -4.15 -14.03 3.92
CA GLY A 46 -4.92 -14.48 2.77
C GLY A 46 -4.83 -15.98 2.57
N GLN A 47 -4.67 -16.39 1.32
CA GLN A 47 -4.57 -17.81 0.99
C GLN A 47 -3.78 -18.02 -0.30
N GLN A 48 -2.90 -19.01 -0.28
CA GLN A 48 -2.07 -19.33 -1.44
C GLN A 48 -2.78 -20.34 -2.33
N PHE A 49 -2.32 -20.44 -3.58
CA PHE A 49 -2.90 -21.37 -4.54
C PHE A 49 -1.82 -22.11 -5.30
N GLU A 50 -2.22 -23.17 -6.01
CA GLU A 50 -1.27 -23.96 -6.79
C GLU A 50 -0.70 -23.16 -7.96
N GLN A 51 -1.46 -22.17 -8.41
CA GLN A 51 -1.02 -21.33 -9.53
C GLN A 51 -1.26 -19.85 -9.23
N GLY A 52 -1.33 -19.51 -7.94
CA GLY A 52 -1.56 -18.14 -7.55
C GLY A 52 -1.46 -17.95 -6.05
N ARG A 53 -1.65 -16.73 -5.59
CA ARG A 53 -1.58 -16.43 -4.16
C ARG A 53 -2.34 -15.15 -3.82
N TYR A 54 -3.20 -15.24 -2.80
CA TYR A 54 -3.99 -14.09 -2.37
C TYR A 54 -3.46 -13.57 -1.04
N TYR A 55 -3.80 -12.31 -0.72
CA TYR A 55 -3.36 -11.70 0.52
C TYR A 55 -3.99 -10.33 0.71
N ALA A 56 -4.67 -10.16 1.84
CA ALA A 56 -5.32 -8.89 2.15
C ALA A 56 -4.38 -7.98 2.94
N THR A 57 -4.59 -6.67 2.81
CA THR A 57 -3.75 -5.70 3.50
C THR A 57 -4.60 -4.67 4.24
N TYR A 58 -4.44 -4.61 5.55
CA TYR A 58 -5.19 -3.67 6.37
C TYR A 58 -4.33 -2.45 6.71
N GLU A 59 -4.75 -1.28 6.26
CA GLU A 59 -4.02 -0.04 6.52
C GLU A 59 -4.77 0.85 7.50
N ASN A 60 -4.02 1.51 8.38
CA ASN A 60 -4.60 2.41 9.37
C ASN A 60 -3.65 3.56 9.67
N ILE A 61 -2.55 3.26 10.34
CA ILE A 61 -1.57 4.28 10.69
C ILE A 61 -0.17 3.67 10.79
N SER A 62 0.79 4.27 10.08
CA SER A 62 2.16 3.79 10.10
C SER A 62 2.95 4.43 11.25
N ASP A 63 2.43 4.28 12.46
CA ASP A 63 3.08 4.84 13.64
C ASP A 63 2.72 4.04 14.89
N THR A 64 3.62 4.05 15.87
CA THR A 64 3.40 3.33 17.11
C THR A 64 3.15 4.29 18.27
N SER A 65 3.83 5.43 18.24
CA SER A 65 3.68 6.44 19.28
C SER A 65 2.38 7.23 19.10
N SER A 66 2.15 7.69 17.87
CA SER A 66 0.94 8.46 17.57
C SER A 66 0.01 7.68 16.65
N GLY A 67 0.10 6.35 16.70
CA GLY A 67 -0.74 5.52 15.87
C GLY A 67 -1.83 4.83 16.65
N ASN A 68 -2.86 5.58 17.02
CA ASN A 68 -3.99 5.03 17.77
C ASN A 68 -5.31 5.46 17.17
N LYS A 69 -6.41 4.96 17.74
CA LYS A 69 -7.74 5.30 17.26
C LYS A 69 -7.92 4.84 15.81
N LEU A 70 -9.17 4.77 15.37
CA LEU A 70 -9.47 4.36 14.00
C LEU A 70 -10.23 5.45 13.26
N ARG A 71 -9.50 6.35 12.62
CA ARG A 71 -10.10 7.45 11.87
C ARG A 71 -10.41 7.02 10.44
N GLN A 72 -9.60 6.12 9.91
CA GLN A 72 -9.79 5.63 8.54
C GLN A 72 -9.45 4.14 8.44
N GLN A 73 -10.26 3.42 7.68
CA GLN A 73 -10.05 1.98 7.49
C GLN A 73 -9.76 1.66 6.03
N ASN A 74 -8.76 0.82 5.81
CA ASN A 74 -8.37 0.43 4.45
C ASN A 74 -8.28 -1.08 4.31
N LEU A 75 -9.11 -1.63 3.44
CA LEU A 75 -9.13 -3.08 3.21
C LEU A 75 -8.93 -3.37 1.72
N LEU A 76 -7.81 -4.01 1.39
CA LEU A 76 -7.51 -4.33 0.01
C LEU A 76 -7.03 -5.78 -0.14
N GLY A 77 -7.69 -6.53 -1.03
CA GLY A 77 -7.31 -7.90 -1.26
C GLY A 77 -6.76 -8.09 -2.67
N SER A 78 -5.49 -8.49 -2.75
CA SER A 78 -4.86 -8.70 -4.04
C SER A 78 -4.55 -10.17 -4.30
N TYR A 79 -4.42 -10.52 -5.57
CA TYR A 79 -4.13 -11.90 -5.97
C TYR A 79 -2.98 -11.91 -6.96
N ASP A 80 -1.84 -12.44 -6.53
CA ASP A 80 -0.66 -12.50 -7.40
C ASP A 80 -0.18 -13.93 -7.58
N ALA A 81 0.51 -14.18 -8.68
CA ALA A 81 1.04 -15.50 -8.99
C ALA A 81 2.55 -15.54 -8.77
N PHE A 82 2.97 -16.40 -7.86
CA PHE A 82 4.39 -16.54 -7.54
C PHE A 82 5.01 -17.71 -8.29
N LEU A 83 6.33 -17.65 -8.48
CA LEU A 83 7.05 -18.70 -9.18
C LEU A 83 8.52 -18.73 -8.76
N PRO A 84 9.10 -19.92 -8.60
CA PRO A 84 10.51 -20.07 -8.20
C PRO A 84 11.45 -19.30 -9.11
N ILE A 85 12.08 -18.26 -8.57
CA ILE A 85 13.02 -17.45 -9.34
C ILE A 85 14.42 -17.49 -8.74
N GLY A 86 15.26 -18.34 -9.31
CA GLY A 86 16.62 -18.47 -8.81
C GLY A 86 16.91 -19.84 -8.23
N ASP A 87 16.38 -20.10 -7.04
CA ASP A 87 16.57 -21.38 -6.38
C ASP A 87 15.43 -21.70 -5.43
N ASN A 88 15.08 -20.74 -4.58
CA ASN A 88 13.99 -20.94 -3.62
C ASN A 88 13.87 -19.75 -2.67
N ASN A 89 14.99 -19.06 -2.43
CA ASN A 89 14.99 -17.90 -1.53
C ASN A 89 14.33 -16.68 -2.16
N THR A 90 13.80 -16.84 -3.37
CA THR A 90 13.14 -15.74 -4.06
C THR A 90 11.84 -16.21 -4.71
N LYS A 91 10.74 -15.49 -4.48
CA LYS A 91 9.46 -15.88 -5.06
C LYS A 91 8.87 -14.75 -5.90
N LEU A 92 9.17 -14.77 -7.20
CA LEU A 92 8.66 -13.77 -8.11
C LEU A 92 7.15 -13.85 -8.21
N PHE A 93 6.49 -12.92 -7.52
CA PHE A 93 5.04 -12.87 -7.51
C PHE A 93 4.53 -11.59 -8.16
N GLY A 94 3.31 -11.64 -8.67
CA GLY A 94 2.73 -10.47 -9.31
C GLY A 94 1.27 -10.66 -9.67
N GLY A 95 0.48 -9.60 -9.53
CA GLY A 95 -0.93 -9.68 -9.85
C GLY A 95 -1.63 -8.35 -9.74
N ALA A 96 -2.88 -8.37 -9.29
CA ALA A 96 -3.67 -7.16 -9.14
C ALA A 96 -4.30 -7.07 -7.75
N THR A 97 -4.73 -5.87 -7.37
CA THR A 97 -5.34 -5.67 -6.07
C THR A 97 -6.67 -4.92 -6.21
N LEU A 98 -7.54 -5.10 -5.22
CA LEU A 98 -8.84 -4.45 -5.21
C LEU A 98 -9.42 -4.41 -3.81
N GLY A 99 -9.89 -3.24 -3.39
CA GLY A 99 -10.46 -3.10 -2.07
C GLY A 99 -11.41 -1.92 -1.95
N LEU A 100 -11.51 -1.36 -0.76
CA LEU A 100 -12.38 -0.22 -0.50
C LEU A 100 -11.87 0.60 0.68
N VAL A 101 -11.72 1.90 0.46
CA VAL A 101 -11.23 2.79 1.51
C VAL A 101 -12.34 3.72 1.99
N LYS A 102 -12.47 3.85 3.31
CA LYS A 102 -13.49 4.71 3.90
C LYS A 102 -12.87 5.78 4.77
N LEU A 103 -13.27 7.03 4.55
CA LEU A 103 -12.75 8.15 5.32
C LEU A 103 -13.87 8.89 6.04
N GLU A 104 -13.54 9.54 7.14
CA GLU A 104 -14.52 10.30 7.92
C GLU A 104 -13.84 11.16 8.98
N GLN A 105 -14.62 12.00 9.64
CA GLN A 105 -14.09 12.88 10.67
C GLN A 105 -14.40 12.32 12.06
N ASP A 106 -13.59 12.72 13.04
CA ASP A 106 -13.78 12.25 14.41
C ASP A 106 -14.18 13.41 15.33
N GLY A 107 -15.45 13.47 15.69
CA GLY A 107 -15.93 14.52 16.55
C GLY A 107 -16.84 14.01 17.65
N LYS A 108 -17.90 13.31 17.25
CA LYS A 108 -18.87 12.77 18.20
C LYS A 108 -18.78 11.24 18.24
N GLY A 109 -18.47 10.64 17.10
CA GLY A 109 -18.36 9.19 17.03
C GLY A 109 -19.42 8.58 16.14
N PHE A 110 -19.80 9.29 15.09
CA PHE A 110 -20.82 8.81 14.16
C PHE A 110 -20.23 7.77 13.20
N LYS A 111 -20.57 6.51 13.41
CA LYS A 111 -20.08 5.43 12.57
C LYS A 111 -20.77 5.45 11.20
N ARG A 112 -20.25 6.28 10.31
CA ARG A 112 -20.80 6.41 8.96
C ARG A 112 -19.81 7.07 8.02
N ASP A 113 -19.30 6.31 7.06
CA ASP A 113 -18.34 6.82 6.09
C ASP A 113 -19.03 7.14 4.76
N SER A 114 -18.84 8.37 4.29
CA SER A 114 -19.43 8.80 3.03
C SER A 114 -18.36 8.96 1.95
N ASP A 115 -17.15 9.29 2.37
CA ASP A 115 -16.04 9.47 1.44
C ASP A 115 -15.43 8.13 1.05
N VAL A 116 -16.24 7.27 0.45
CA VAL A 116 -15.78 5.95 0.03
C VAL A 116 -15.46 5.94 -1.47
N GLY A 117 -14.68 4.94 -1.89
CA GLY A 117 -14.31 4.84 -3.29
C GLY A 117 -13.91 3.43 -3.68
N TYR A 118 -13.53 3.25 -4.95
CA TYR A 118 -13.13 1.95 -5.44
C TYR A 118 -11.61 1.87 -5.58
N ALA A 119 -11.00 0.96 -4.84
CA ALA A 119 -9.55 0.79 -4.88
C ALA A 119 -9.16 -0.32 -5.85
N ALA A 120 -8.03 -0.12 -6.54
CA ALA A 120 -7.55 -1.10 -7.50
C ALA A 120 -6.16 -0.72 -8.02
N GLY A 121 -5.29 -1.73 -8.13
CA GLY A 121 -3.93 -1.49 -8.61
C GLY A 121 -3.22 -2.77 -8.99
N LEU A 122 -1.93 -2.81 -8.72
CA LEU A 122 -1.12 -3.99 -9.03
C LEU A 122 0.12 -4.06 -8.17
N GLN A 123 0.71 -5.25 -8.07
CA GLN A 123 1.92 -5.44 -7.26
C GLN A 123 2.70 -6.66 -7.73
N ALA A 124 3.95 -6.76 -7.28
CA ALA A 124 4.82 -7.87 -7.64
C ALA A 124 6.20 -7.68 -7.03
N GLY A 125 6.81 -8.77 -6.59
CA GLY A 125 8.12 -8.70 -5.99
C GLY A 125 8.84 -10.04 -5.94
N ILE A 126 9.30 -10.41 -4.75
CA ILE A 126 9.99 -11.66 -4.54
C ILE A 126 9.90 -12.09 -3.08
N LEU A 127 9.33 -13.26 -2.85
CA LEU A 127 9.17 -13.76 -1.49
C LEU A 127 10.32 -14.67 -1.10
N GLN A 128 11.13 -14.20 -0.15
CA GLN A 128 12.28 -14.95 0.32
C GLN A 128 11.99 -15.62 1.66
N GLU A 129 12.00 -16.95 1.68
CA GLU A 129 11.73 -17.71 2.89
C GLU A 129 12.93 -17.63 3.85
N LEU A 130 12.65 -17.69 5.14
CA LEU A 130 13.71 -17.63 6.15
C LEU A 130 13.91 -19.00 6.80
N SER A 131 12.81 -19.74 6.89
CA SER A 131 12.83 -21.07 7.49
C SER A 131 11.51 -21.79 7.23
N LYS A 132 11.35 -22.96 7.81
CA LYS A 132 10.12 -23.73 7.64
C LYS A 132 9.04 -23.23 8.58
N ASN A 133 8.74 -21.93 8.50
CA ASN A 133 7.71 -21.34 9.36
C ASN A 133 7.52 -19.86 9.06
N ALA A 134 8.62 -19.17 8.76
CA ALA A 134 8.56 -17.75 8.46
C ALA A 134 9.11 -17.46 7.06
N SER A 135 8.68 -16.34 6.48
CA SER A 135 9.12 -15.95 5.15
C SER A 135 9.37 -14.44 5.08
N ILE A 136 9.74 -13.97 3.90
CA ILE A 136 10.01 -12.56 3.70
C ILE A 136 9.44 -12.08 2.36
N GLU A 137 8.78 -10.94 2.38
CA GLU A 137 8.20 -10.37 1.16
C GLU A 137 8.77 -8.99 0.88
N GLY A 138 9.19 -8.77 -0.36
CA GLY A 138 9.75 -7.48 -0.73
C GLY A 138 9.63 -7.20 -2.22
N GLY A 139 9.01 -6.07 -2.55
CA GLY A 139 8.84 -5.70 -3.95
C GLY A 139 8.24 -4.32 -4.13
N TYR A 140 7.41 -4.18 -5.16
CA TYR A 140 6.76 -2.91 -5.44
C TYR A 140 5.25 -3.07 -5.53
N ARG A 141 4.52 -1.97 -5.40
CA ARG A 141 3.07 -1.99 -5.47
C ARG A 141 2.51 -0.66 -5.95
N TYR A 142 1.41 -0.72 -6.69
CA TYR A 142 0.77 0.49 -7.22
C TYR A 142 -0.64 0.62 -6.68
N LEU A 143 -1.03 1.84 -6.32
CA LEU A 143 -2.37 2.10 -5.79
C LEU A 143 -3.10 3.12 -6.64
N ARG A 144 -4.35 2.81 -6.98
CA ARG A 144 -5.18 3.70 -7.79
C ARG A 144 -6.65 3.55 -7.43
N THR A 145 -7.21 4.59 -6.83
CA THR A 145 -8.62 4.58 -6.42
C THR A 145 -9.44 5.55 -7.26
N ASN A 146 -10.66 5.16 -7.58
CA ASN A 146 -11.56 5.99 -8.37
C ASN A 146 -12.99 5.90 -7.85
N ALA A 147 -13.51 7.02 -7.36
CA ALA A 147 -14.86 7.07 -6.83
C ALA A 147 -15.82 7.70 -7.83
N SER A 148 -15.68 8.99 -8.06
CA SER A 148 -16.54 9.71 -9.01
C SER A 148 -15.73 10.73 -9.79
N THR A 149 -16.16 10.99 -11.03
CA THR A 149 -15.48 11.95 -11.89
C THR A 149 -16.49 12.89 -12.54
N GLU A 150 -15.98 13.79 -13.39
CA GLU A 150 -16.84 14.75 -14.08
C GLU A 150 -17.38 14.15 -15.39
N MET A 151 -18.05 13.01 -15.28
CA MET A 151 -18.62 12.33 -16.44
C MET A 151 -17.52 11.77 -17.33
N THR A 152 -16.72 12.66 -17.92
CA THR A 152 -15.63 12.25 -18.81
C THR A 152 -14.31 12.21 -18.06
N PRO A 153 -13.77 11.00 -17.79
CA PRO A 153 -12.49 10.85 -17.08
C PRO A 153 -11.34 11.52 -17.81
N HIS A 154 -11.26 11.28 -19.12
CA HIS A 154 -10.20 11.85 -19.94
C HIS A 154 -10.73 13.02 -20.78
N GLY A 155 -9.82 13.67 -21.50
CA GLY A 155 -10.22 14.79 -22.34
C GLY A 155 -9.88 16.13 -21.71
N GLY A 156 -9.00 16.88 -22.38
CA GLY A 156 -8.60 18.18 -21.89
C GLY A 156 -7.54 18.09 -20.81
N ASN A 157 -6.62 17.14 -20.97
CA ASN A 157 -5.54 16.94 -20.01
C ASN A 157 -4.31 17.75 -20.40
N LYS A 158 -4.26 18.99 -19.94
CA LYS A 158 -3.13 19.87 -20.23
C LYS A 158 -2.95 20.92 -19.14
N LEU A 159 -4.06 21.54 -18.74
CA LEU A 159 -4.02 22.56 -17.70
C LEU A 159 -5.19 22.39 -16.73
N GLY A 160 -4.88 22.36 -15.45
CA GLY A 160 -5.91 22.20 -14.44
C GLY A 160 -5.54 21.18 -13.39
N SER A 161 -6.24 21.21 -12.25
CA SER A 161 -5.98 20.28 -11.16
C SER A 161 -6.23 18.84 -11.59
N LEU A 162 -5.62 17.90 -10.89
CA LEU A 162 -5.78 16.49 -11.21
C LEU A 162 -6.20 15.70 -9.97
N ASP A 163 -7.48 15.36 -9.89
CA ASP A 163 -8.00 14.60 -8.77
C ASP A 163 -7.33 13.25 -8.64
N LEU A 164 -7.20 12.56 -9.77
CA LEU A 164 -6.55 11.24 -9.79
C LEU A 164 -5.07 11.38 -10.07
N HIS A 165 -4.25 10.73 -9.25
CA HIS A 165 -2.81 10.77 -9.42
C HIS A 165 -2.14 9.61 -8.68
N SER A 166 -1.92 8.51 -9.38
CA SER A 166 -1.27 7.34 -8.80
C SER A 166 0.15 7.65 -8.36
N SER A 167 0.77 6.70 -7.66
CA SER A 167 2.13 6.88 -7.19
C SER A 167 2.86 5.54 -7.11
N SER A 168 4.12 5.58 -6.69
CA SER A 168 4.92 4.37 -6.57
C SER A 168 5.13 3.99 -5.11
N GLN A 169 4.71 2.77 -4.76
CA GLN A 169 4.86 2.29 -3.39
C GLN A 169 5.87 1.14 -3.32
N PHE A 170 6.45 0.96 -2.14
CA PHE A 170 7.42 -0.09 -1.94
C PHE A 170 6.82 -1.21 -1.10
N TYR A 171 7.34 -2.40 -1.29
CA TYR A 171 6.87 -3.58 -0.58
C TYR A 171 8.01 -4.25 0.18
N LEU A 172 7.80 -4.45 1.46
CA LEU A 172 8.81 -5.08 2.32
C LEU A 172 8.17 -5.56 3.62
N GLY A 173 8.42 -6.82 3.98
CA GLY A 173 7.87 -7.36 5.21
C GLY A 173 8.09 -8.85 5.35
N ALA A 174 7.19 -9.52 6.06
CA ALA A 174 7.29 -10.95 6.29
C ALA A 174 5.99 -11.66 5.92
N ASN A 175 6.01 -12.99 5.92
CA ASN A 175 4.83 -13.78 5.59
C ASN A 175 4.84 -15.11 6.33
N TYR A 176 3.88 -15.30 7.22
CA TYR A 176 3.77 -16.52 7.99
C TYR A 176 2.59 -17.36 7.52
N LYS A 177 2.88 -18.51 6.92
CA LYS A 177 1.85 -19.40 6.42
C LYS A 177 1.31 -20.29 7.53
N PHE A 178 0.11 -20.84 7.31
CA PHE A 178 -0.51 -21.72 8.30
C PHE A 178 -0.85 -23.08 7.69
N ALA A 1 -4.49 -25.13 -2.21
CA ALA A 1 -4.51 -23.77 -1.63
C ALA A 1 -3.98 -23.76 -0.19
N ASP A 2 -3.08 -22.83 0.09
CA ASP A 2 -2.49 -22.73 1.44
C ASP A 2 -2.95 -21.45 2.14
N ASN A 3 -2.68 -21.36 3.44
CA ASN A 3 -3.05 -20.19 4.22
C ASN A 3 -1.82 -19.38 4.61
N PHE A 4 -1.90 -18.07 4.44
CA PHE A 4 -0.78 -17.19 4.78
C PHE A 4 -1.25 -15.98 5.58
N VAL A 5 -0.46 -15.60 6.59
CA VAL A 5 -0.80 -14.46 7.43
C VAL A 5 0.45 -13.86 8.06
N GLY A 6 0.67 -12.57 7.81
CA GLY A 6 1.83 -11.90 8.36
C GLY A 6 1.63 -10.39 8.44
N LEU A 7 2.69 -9.65 8.12
CA LEU A 7 2.63 -8.18 8.16
C LEU A 7 3.39 -7.59 6.97
N THR A 8 3.15 -6.31 6.70
CA THR A 8 3.81 -5.62 5.59
C THR A 8 4.02 -4.14 5.89
N TRP A 9 5.00 -3.55 5.23
CA TRP A 9 5.32 -2.15 5.42
C TRP A 9 5.98 -1.56 4.17
N GLY A 10 5.43 -0.45 3.69
CA GLY A 10 5.98 0.18 2.50
C GLY A 10 6.57 1.54 2.79
N GLU A 11 7.42 2.02 1.88
CA GLU A 11 8.04 3.32 2.04
C GLU A 11 7.31 4.39 1.23
N THR A 12 6.73 5.36 1.91
CA THR A 12 6.00 6.44 1.25
C THR A 12 6.26 7.77 1.94
N SER A 13 6.94 8.67 1.25
CA SER A 13 7.24 9.99 1.79
C SER A 13 7.33 11.03 0.68
N ASN A 14 6.28 11.83 0.55
CA ASN A 14 6.23 12.87 -0.48
C ASN A 14 6.51 14.24 0.13
N ASN A 15 7.78 14.64 0.15
CA ASN A 15 8.17 15.93 0.70
C ASN A 15 7.58 17.07 -0.12
N ILE A 16 6.84 17.95 0.55
CA ILE A 16 6.21 19.08 -0.11
C ILE A 16 7.12 20.31 -0.07
N GLN A 17 7.30 20.95 -1.22
CA GLN A 17 8.14 22.14 -1.30
C GLN A 17 7.29 23.40 -1.41
N LYS A 18 7.14 24.11 -0.31
CA LYS A 18 6.35 25.33 -0.28
C LYS A 18 7.05 26.41 0.55
N SER A 19 7.96 27.14 -0.09
CA SER A 19 8.71 28.20 0.58
C SER A 19 7.94 29.51 0.53
N LYS A 20 7.38 29.92 1.67
CA LYS A 20 6.62 31.16 1.75
C LYS A 20 7.39 32.22 2.53
N SER A 21 7.88 31.84 3.71
CA SER A 21 8.63 32.75 4.56
C SER A 21 9.55 31.99 5.50
N LEU A 22 10.61 32.65 5.97
CA LEU A 22 11.57 32.04 6.87
C LEU A 22 11.77 32.89 8.12
N ASN A 23 10.66 33.30 8.73
CA ASN A 23 10.72 34.13 9.93
C ASN A 23 10.56 33.27 11.19
N ARG A 24 9.42 32.60 11.30
CA ARG A 24 9.14 31.75 12.45
C ARG A 24 9.25 30.28 12.08
N ASN A 25 10.04 29.54 12.86
CA ASN A 25 10.23 28.12 12.61
C ASN A 25 11.10 27.48 13.70
N LEU A 26 10.77 26.24 14.05
CA LEU A 26 11.52 25.53 15.08
C LEU A 26 11.12 24.06 15.12
N ASN A 27 10.86 23.49 13.95
CA ASN A 27 10.46 22.09 13.85
C ASN A 27 11.30 21.37 12.80
N SER A 28 11.44 20.06 12.97
CA SER A 28 12.23 19.24 12.05
C SER A 28 11.73 17.80 12.04
N PRO A 29 11.51 17.22 10.84
CA PRO A 29 11.03 15.83 10.72
C PRO A 29 11.92 14.85 11.47
N ASN A 30 13.23 15.06 11.40
CA ASN A 30 14.18 14.18 12.07
C ASN A 30 14.07 12.75 11.56
N LEU A 31 14.78 12.45 10.49
CA LEU A 31 14.76 11.11 9.90
C LEU A 31 16.19 10.61 9.67
N ASP A 32 16.51 9.49 10.29
CA ASP A 32 17.84 8.89 10.14
C ASP A 32 17.75 7.39 9.94
N LYS A 33 17.30 6.68 10.98
CA LYS A 33 17.16 5.22 10.91
C LYS A 33 16.64 4.66 12.22
N VAL A 34 15.61 5.30 12.76
CA VAL A 34 15.00 4.86 14.02
C VAL A 34 13.49 5.09 14.02
N ILE A 35 13.09 6.28 13.60
CA ILE A 35 11.67 6.64 13.55
C ILE A 35 11.30 7.22 12.19
N ASP A 36 10.59 6.43 11.39
CA ASP A 36 10.16 6.86 10.07
C ASP A 36 9.09 7.94 10.16
N ASN A 37 7.98 7.60 10.83
CA ASN A 37 6.88 8.54 10.99
C ASN A 37 6.33 8.99 9.64
N THR A 38 6.44 8.10 8.64
CA THR A 38 5.96 8.41 7.30
C THR A 38 6.15 7.21 6.37
N GLY A 39 5.09 6.40 6.25
CA GLY A 39 5.16 5.23 5.39
C GLY A 39 3.87 4.44 5.40
N THR A 40 3.99 3.12 5.52
CA THR A 40 2.82 2.24 5.53
C THR A 40 3.02 1.09 6.50
N TRP A 41 2.02 0.86 7.35
CA TRP A 41 2.09 -0.23 8.32
C TRP A 41 0.73 -0.93 8.44
N GLY A 42 0.70 -2.21 8.11
CA GLY A 42 -0.52 -2.97 8.19
C GLY A 42 -0.28 -4.44 8.44
N ILE A 43 -1.31 -5.25 8.22
CA ILE A 43 -1.22 -6.69 8.42
C ILE A 43 -1.42 -7.45 7.11
N ARG A 44 -0.99 -8.71 7.09
CA ARG A 44 -1.12 -9.53 5.89
C ARG A 44 -1.83 -10.84 6.22
N ALA A 45 -2.71 -11.25 5.32
CA ALA A 45 -3.47 -12.47 5.49
C ALA A 45 -4.23 -12.83 4.22
N GLY A 46 -3.95 -13.99 3.66
CA GLY A 46 -4.62 -14.42 2.45
C GLY A 46 -4.63 -15.92 2.29
N GLN A 47 -4.41 -16.39 1.07
CA GLN A 47 -4.41 -17.82 0.78
C GLN A 47 -3.66 -18.13 -0.50
N GLN A 48 -2.90 -19.21 -0.49
CA GLN A 48 -2.12 -19.63 -1.65
C GLN A 48 -2.99 -20.44 -2.61
N PHE A 49 -2.53 -20.56 -3.84
CA PHE A 49 -3.26 -21.30 -4.86
C PHE A 49 -2.34 -22.29 -5.58
N GLU A 50 -2.81 -22.83 -6.70
CA GLU A 50 -2.04 -23.79 -7.47
C GLU A 50 -0.75 -23.16 -8.00
N GLN A 51 -0.86 -21.95 -8.55
CA GLN A 51 0.31 -21.26 -9.10
C GLN A 51 0.45 -19.85 -8.53
N GLY A 52 -0.63 -19.29 -7.99
CA GLY A 52 -0.57 -17.95 -7.45
C GLY A 52 -0.89 -17.90 -5.96
N ARG A 53 -0.85 -16.70 -5.39
CA ARG A 53 -1.12 -16.53 -3.96
C ARG A 53 -1.90 -15.25 -3.69
N TYR A 54 -2.81 -15.31 -2.73
CA TYR A 54 -3.62 -14.15 -2.36
C TYR A 54 -3.05 -13.51 -1.09
N TYR A 55 -3.29 -12.21 -0.93
CA TYR A 55 -2.79 -11.50 0.24
C TYR A 55 -3.59 -10.23 0.52
N ALA A 56 -4.27 -10.22 1.66
CA ALA A 56 -5.06 -9.06 2.07
C ALA A 56 -4.25 -8.14 2.96
N THR A 57 -4.28 -6.85 2.67
CA THR A 57 -3.53 -5.87 3.44
C THR A 57 -4.46 -4.84 4.08
N TYR A 58 -4.55 -4.89 5.41
CA TYR A 58 -5.39 -3.95 6.15
C TYR A 58 -4.55 -2.91 6.87
N GLU A 59 -4.64 -1.67 6.41
CA GLU A 59 -3.86 -0.57 7.00
C GLU A 59 -4.78 0.39 7.76
N ASN A 60 -4.17 1.42 8.34
CA ASN A 60 -4.92 2.43 9.09
C ASN A 60 -4.10 3.70 9.28
N ILE A 61 -3.11 3.63 10.16
CA ILE A 61 -2.25 4.78 10.43
C ILE A 61 -0.81 4.33 10.68
N SER A 62 0.12 4.90 9.92
CA SER A 62 1.53 4.57 10.06
C SER A 62 2.25 5.55 10.97
N ASP A 63 1.80 6.80 10.95
CA ASP A 63 2.38 7.84 11.78
C ASP A 63 2.29 7.48 13.26
N THR A 64 1.10 7.11 13.69
CA THR A 64 0.87 6.74 15.09
C THR A 64 1.43 7.79 16.04
N SER A 65 0.70 8.88 16.21
CA SER A 65 1.13 9.96 17.09
C SER A 65 0.72 9.69 18.53
N SER A 66 -0.57 9.39 18.72
CA SER A 66 -1.09 9.10 20.05
C SER A 66 -1.33 7.61 20.23
N GLY A 67 -1.67 6.93 19.14
CA GLY A 67 -1.92 5.50 19.20
C GLY A 67 -3.13 5.10 18.38
N ASN A 68 -4.32 5.38 18.92
CA ASN A 68 -5.56 5.03 18.24
C ASN A 68 -6.14 6.25 17.52
N LYS A 69 -6.38 6.12 16.23
CA LYS A 69 -6.93 7.21 15.43
C LYS A 69 -7.85 6.68 14.34
N LEU A 70 -9.09 6.39 14.69
CA LEU A 70 -10.06 5.88 13.73
C LEU A 70 -10.50 6.97 12.76
N ARG A 71 -9.60 7.33 11.85
CA ARG A 71 -9.89 8.37 10.86
C ARG A 71 -9.81 7.81 9.45
N GLN A 72 -8.84 6.94 9.21
CA GLN A 72 -8.66 6.34 7.89
C GLN A 72 -8.52 4.83 7.99
N GLN A 73 -9.08 4.11 7.02
CA GLN A 73 -9.02 2.66 6.98
C GLN A 73 -8.84 2.16 5.56
N ASN A 74 -7.92 1.21 5.38
CA ASN A 74 -7.66 0.65 4.05
C ASN A 74 -7.68 -0.87 4.08
N LEU A 75 -8.58 -1.46 3.30
CA LEU A 75 -8.70 -2.91 3.23
C LEU A 75 -8.78 -3.36 1.78
N LEU A 76 -7.77 -4.10 1.33
CA LEU A 76 -7.74 -4.58 -0.05
C LEU A 76 -7.11 -5.97 -0.14
N GLY A 77 -7.50 -6.73 -1.15
CA GLY A 77 -6.97 -8.05 -1.36
C GLY A 77 -6.22 -8.17 -2.67
N SER A 78 -4.96 -8.62 -2.61
CA SER A 78 -4.14 -8.75 -3.79
C SER A 78 -4.01 -10.21 -4.23
N TYR A 79 -4.22 -10.46 -5.52
CA TYR A 79 -4.11 -11.79 -6.08
C TYR A 79 -3.09 -11.81 -7.20
N ASP A 80 -1.96 -12.48 -6.97
CA ASP A 80 -0.89 -12.54 -7.97
C ASP A 80 -0.36 -13.95 -8.13
N ALA A 81 0.51 -14.13 -9.14
CA ALA A 81 1.12 -15.41 -9.41
C ALA A 81 2.60 -15.38 -9.03
N PHE A 82 2.98 -16.24 -8.09
CA PHE A 82 4.35 -16.30 -7.62
C PHE A 82 5.14 -17.41 -8.30
N LEU A 83 6.46 -17.32 -8.21
CA LEU A 83 7.36 -18.31 -8.82
C LEU A 83 8.76 -18.18 -8.24
N PRO A 84 9.37 -19.30 -7.81
CA PRO A 84 10.73 -19.29 -7.24
C PRO A 84 11.76 -18.76 -8.21
N ILE A 85 12.38 -17.64 -7.87
CA ILE A 85 13.39 -17.01 -8.71
C ILE A 85 14.36 -16.17 -7.89
N GLY A 86 15.64 -16.50 -7.97
CA GLY A 86 16.65 -15.77 -7.23
C GLY A 86 17.71 -16.68 -6.62
N ASP A 87 17.46 -17.12 -5.40
CA ASP A 87 18.40 -18.00 -4.70
C ASP A 87 17.68 -19.20 -4.11
N ASN A 88 16.66 -19.69 -4.82
CA ASN A 88 15.89 -20.84 -4.37
C ASN A 88 15.12 -20.50 -3.10
N ASN A 89 14.78 -19.23 -2.94
CA ASN A 89 14.04 -18.76 -1.78
C ASN A 89 13.05 -17.67 -2.17
N THR A 90 13.50 -16.72 -2.99
CA THR A 90 12.65 -15.62 -3.43
C THR A 90 11.51 -16.16 -4.29
N LYS A 91 10.40 -15.44 -4.31
CA LYS A 91 9.23 -15.86 -5.09
C LYS A 91 8.68 -14.69 -5.91
N LEU A 92 9.14 -14.56 -7.15
CA LEU A 92 8.69 -13.50 -8.01
C LEU A 92 7.19 -13.60 -8.23
N PHE A 93 6.47 -12.73 -7.54
CA PHE A 93 5.01 -12.70 -7.65
C PHE A 93 4.55 -11.42 -8.33
N GLY A 94 3.37 -11.48 -8.94
CA GLY A 94 2.84 -10.31 -9.63
C GLY A 94 1.43 -10.53 -10.13
N GLY A 95 0.56 -9.56 -9.89
CA GLY A 95 -0.82 -9.66 -10.33
C GLY A 95 -1.60 -8.37 -10.16
N ALA A 96 -2.81 -8.47 -9.61
CA ALA A 96 -3.64 -7.29 -9.42
C ALA A 96 -4.19 -7.24 -8.00
N THR A 97 -4.67 -6.07 -7.59
CA THR A 97 -5.22 -5.88 -6.25
C THR A 97 -6.54 -5.12 -6.31
N LEU A 98 -7.37 -5.30 -5.29
CA LEU A 98 -8.67 -4.63 -5.23
C LEU A 98 -9.20 -4.58 -3.80
N GLY A 99 -9.64 -3.41 -3.38
CA GLY A 99 -10.17 -3.25 -2.04
C GLY A 99 -11.15 -2.11 -1.91
N LEU A 100 -11.20 -1.50 -0.74
CA LEU A 100 -12.11 -0.38 -0.48
C LEU A 100 -11.57 0.50 0.63
N VAL A 101 -11.47 1.79 0.36
CA VAL A 101 -10.97 2.75 1.34
C VAL A 101 -12.10 3.67 1.82
N LYS A 102 -12.18 3.85 3.14
CA LYS A 102 -13.20 4.70 3.73
C LYS A 102 -12.60 5.68 4.73
N LEU A 103 -13.16 6.88 4.79
CA LEU A 103 -12.69 7.90 5.70
C LEU A 103 -13.82 8.45 6.56
N GLU A 104 -13.63 8.43 7.87
CA GLU A 104 -14.65 8.93 8.81
C GLU A 104 -14.00 9.56 10.02
N GLN A 105 -14.50 10.74 10.41
CA GLN A 105 -13.96 11.46 11.56
C GLN A 105 -14.62 10.97 12.85
N ASP A 106 -13.97 11.25 13.98
CA ASP A 106 -14.50 10.84 15.27
C ASP A 106 -15.74 11.65 15.65
N GLY A 107 -15.64 12.97 15.50
CA GLY A 107 -16.75 13.84 15.81
C GLY A 107 -17.80 13.87 14.72
N LYS A 108 -17.76 14.90 13.90
CA LYS A 108 -18.72 15.05 12.79
C LYS A 108 -18.43 14.04 11.70
N GLY A 109 -19.26 14.05 10.66
CA GLY A 109 -19.08 13.13 9.55
C GLY A 109 -20.11 13.32 8.46
N PHE A 110 -19.99 14.42 7.72
CA PHE A 110 -20.93 14.73 6.64
C PHE A 110 -20.50 14.03 5.35
N LYS A 111 -21.43 13.94 4.41
CA LYS A 111 -21.16 13.29 3.12
C LYS A 111 -20.66 14.31 2.11
N ARG A 112 -19.38 14.67 2.21
CA ARG A 112 -18.78 15.63 1.30
C ARG A 112 -17.25 15.56 1.36
N ASP A 113 -16.73 14.36 1.63
CA ASP A 113 -15.29 14.15 1.72
C ASP A 113 -14.93 12.70 1.42
N SER A 114 -15.01 12.33 0.14
CA SER A 114 -14.70 10.98 -0.28
C SER A 114 -15.68 9.98 0.32
N ASP A 115 -15.45 9.62 1.58
CA ASP A 115 -16.32 8.66 2.28
C ASP A 115 -16.05 7.24 1.81
N VAL A 116 -16.22 7.00 0.52
CA VAL A 116 -15.99 5.68 -0.06
C VAL A 116 -15.21 5.77 -1.36
N GLY A 117 -14.29 4.82 -1.56
CA GLY A 117 -13.49 4.82 -2.77
C GLY A 117 -13.03 3.42 -3.14
N TYR A 118 -13.16 3.08 -4.42
CA TYR A 118 -12.74 1.77 -4.90
C TYR A 118 -11.25 1.73 -5.20
N ALA A 119 -10.52 0.90 -4.47
CA ALA A 119 -9.08 0.77 -4.66
C ALA A 119 -8.74 -0.47 -5.47
N ALA A 120 -7.84 -0.32 -6.43
CA ALA A 120 -7.44 -1.44 -7.28
C ALA A 120 -6.26 -1.05 -8.17
N GLY A 121 -5.34 -2.00 -8.37
CA GLY A 121 -4.18 -1.74 -9.19
C GLY A 121 -3.39 -3.01 -9.49
N LEU A 122 -2.07 -2.90 -9.43
CA LEU A 122 -1.19 -4.04 -9.70
C LEU A 122 0.02 -4.01 -8.77
N GLN A 123 0.67 -5.16 -8.61
CA GLN A 123 1.84 -5.26 -7.75
C GLN A 123 2.70 -6.46 -8.14
N ALA A 124 3.87 -6.56 -7.51
CA ALA A 124 4.80 -7.65 -7.79
C ALA A 124 6.08 -7.47 -6.98
N GLY A 125 6.63 -8.59 -6.51
CA GLY A 125 7.85 -8.55 -5.74
C GLY A 125 8.57 -9.87 -5.70
N ILE A 126 8.96 -10.32 -4.50
CA ILE A 126 9.65 -11.58 -4.34
C ILE A 126 9.56 -12.06 -2.89
N LEU A 127 8.98 -13.25 -2.71
CA LEU A 127 8.82 -13.82 -1.38
C LEU A 127 9.98 -14.77 -1.07
N GLN A 128 10.78 -14.41 -0.06
CA GLN A 128 11.92 -15.22 0.34
C GLN A 128 11.62 -15.97 1.64
N GLU A 129 11.64 -17.30 1.56
CA GLU A 129 11.37 -18.14 2.73
C GLU A 129 12.65 -18.80 3.23
N LEU A 130 12.72 -19.04 4.53
CA LEU A 130 13.88 -19.68 5.14
C LEU A 130 13.62 -21.16 5.37
N SER A 131 12.36 -21.49 5.63
CA SER A 131 11.95 -22.87 5.87
C SER A 131 10.43 -22.98 5.89
N LYS A 132 9.93 -24.10 6.39
CA LYS A 132 8.49 -24.32 6.46
C LYS A 132 7.91 -23.69 7.72
N ASN A 133 8.14 -22.38 7.89
CA ASN A 133 7.64 -21.67 9.05
C ASN A 133 7.19 -20.26 8.68
N ALA A 134 8.15 -19.41 8.31
CA ALA A 134 7.87 -18.04 7.92
C ALA A 134 8.75 -17.59 6.77
N SER A 135 8.45 -16.42 6.23
CA SER A 135 9.23 -15.88 5.11
C SER A 135 9.11 -14.36 5.05
N ILE A 136 9.88 -13.75 4.16
CA ILE A 136 9.87 -12.31 3.98
C ILE A 136 9.83 -11.95 2.49
N GLU A 137 8.97 -11.00 2.15
CA GLU A 137 8.83 -10.57 0.76
C GLU A 137 8.97 -9.06 0.64
N GLY A 138 9.01 -8.57 -0.59
CA GLY A 138 9.14 -7.15 -0.82
C GLY A 138 9.18 -6.81 -2.30
N GLY A 139 8.61 -5.66 -2.65
CA GLY A 139 8.60 -5.24 -4.05
C GLY A 139 7.92 -3.91 -4.25
N TYR A 140 7.09 -3.82 -5.28
CA TYR A 140 6.36 -2.59 -5.59
C TYR A 140 4.86 -2.82 -5.54
N ARG A 141 4.10 -1.75 -5.34
CA ARG A 141 2.65 -1.84 -5.28
C ARG A 141 1.99 -0.65 -5.94
N TYR A 142 1.02 -0.92 -6.81
CA TYR A 142 0.30 0.13 -7.52
C TYR A 142 -1.20 0.02 -7.25
N LEU A 143 -1.83 1.15 -6.95
CA LEU A 143 -3.27 1.16 -6.67
C LEU A 143 -3.92 2.42 -7.25
N ARG A 144 -5.15 2.27 -7.70
CA ARG A 144 -5.90 3.40 -8.26
C ARG A 144 -7.02 3.83 -7.31
N THR A 145 -7.48 5.06 -7.48
CA THR A 145 -8.56 5.60 -6.65
C THR A 145 -9.86 5.71 -7.43
N ASN A 146 -10.97 5.63 -6.71
CA ASN A 146 -12.29 5.73 -7.33
C ASN A 146 -13.18 6.71 -6.56
N ALA A 147 -14.26 7.14 -7.20
CA ALA A 147 -15.19 8.07 -6.57
C ALA A 147 -14.52 9.43 -6.31
N SER A 148 -15.24 10.33 -5.68
CA SER A 148 -14.72 11.66 -5.37
C SER A 148 -14.37 12.41 -6.65
N THR A 149 -15.38 12.98 -7.29
CA THR A 149 -15.18 13.73 -8.52
C THR A 149 -15.38 15.23 -8.29
N GLU A 150 -14.36 15.89 -7.75
CA GLU A 150 -14.43 17.32 -7.47
C GLU A 150 -14.11 18.13 -8.72
N MET A 151 -15.13 18.76 -9.30
CA MET A 151 -14.95 19.57 -10.50
C MET A 151 -15.08 21.05 -10.18
N THR A 152 -14.27 21.87 -10.85
CA THR A 152 -14.28 23.31 -10.64
C THR A 152 -14.77 24.03 -11.89
N PRO A 153 -15.45 25.19 -11.71
CA PRO A 153 -15.96 25.98 -12.83
C PRO A 153 -14.85 26.67 -13.61
N HIS A 154 -13.76 27.00 -12.93
CA HIS A 154 -12.63 27.67 -13.55
C HIS A 154 -11.60 26.65 -14.04
N GLY A 155 -11.81 26.13 -15.25
CA GLY A 155 -10.89 25.15 -15.81
C GLY A 155 -10.35 25.58 -17.15
N GLY A 156 -9.52 24.72 -17.75
CA GLY A 156 -8.95 25.02 -19.04
C GLY A 156 -7.58 24.39 -19.24
N ASN A 157 -6.73 25.07 -20.00
CA ASN A 157 -5.38 24.57 -20.27
C ASN A 157 -4.35 25.69 -20.17
N LYS A 158 -3.18 25.37 -19.63
CA LYS A 158 -2.12 26.35 -19.49
C LYS A 158 -0.75 25.68 -19.48
N LEU A 159 -0.63 24.61 -18.71
CA LEU A 159 0.63 23.87 -18.63
C LEU A 159 0.78 22.92 -19.80
N GLY A 160 -0.33 22.33 -20.24
CA GLY A 160 -0.29 21.42 -21.35
C GLY A 160 -1.21 20.22 -21.15
N SER A 161 -0.62 19.02 -21.12
CA SER A 161 -1.38 17.80 -20.92
C SER A 161 -0.90 17.05 -19.68
N LEU A 162 -1.84 16.71 -18.81
CA LEU A 162 -1.51 15.99 -17.59
C LEU A 162 -1.28 14.51 -17.87
N ASP A 163 -0.36 13.91 -17.12
CA ASP A 163 -0.03 12.50 -17.28
C ASP A 163 -0.27 11.73 -15.99
N LEU A 164 -1.28 10.87 -15.99
CA LEU A 164 -1.62 10.07 -14.82
C LEU A 164 -2.09 8.67 -15.22
N HIS A 165 -1.41 7.66 -14.69
CA HIS A 165 -1.76 6.28 -15.00
C HIS A 165 -1.74 5.41 -13.74
N SER A 166 -0.61 5.42 -13.04
CA SER A 166 -0.47 4.65 -11.82
C SER A 166 0.41 5.37 -10.81
N SER A 167 0.55 4.79 -9.62
CA SER A 167 1.37 5.38 -8.56
C SER A 167 2.56 4.48 -8.23
N SER A 168 3.53 5.03 -7.51
CA SER A 168 4.71 4.28 -7.12
C SER A 168 4.75 4.07 -5.60
N GLN A 169 5.09 2.85 -5.20
CA GLN A 169 5.16 2.52 -3.78
C GLN A 169 6.10 1.34 -3.55
N PHE A 170 6.65 1.26 -2.32
CA PHE A 170 7.55 0.19 -1.96
C PHE A 170 6.83 -0.85 -1.13
N TYR A 171 7.31 -2.07 -1.21
CA TYR A 171 6.71 -3.18 -0.47
C TYR A 171 7.79 -4.04 0.21
N LEU A 172 7.60 -4.28 1.49
CA LEU A 172 8.54 -5.09 2.27
C LEU A 172 7.89 -5.55 3.58
N GLY A 173 7.98 -6.84 3.86
CA GLY A 173 7.39 -7.36 5.08
C GLY A 173 7.64 -8.84 5.26
N ALA A 174 6.80 -9.47 6.08
CA ALA A 174 6.92 -10.91 6.36
C ALA A 174 5.60 -11.62 6.09
N ASN A 175 5.64 -12.95 6.16
CA ASN A 175 4.44 -13.75 5.93
C ASN A 175 4.56 -15.11 6.62
N TYR A 176 3.66 -15.35 7.58
CA TYR A 176 3.66 -16.60 8.32
C TYR A 176 2.45 -17.45 7.93
N LYS A 177 2.72 -18.59 7.29
CA LYS A 177 1.65 -19.49 6.86
C LYS A 177 1.20 -20.39 8.00
N PHE A 178 0.04 -21.01 7.84
CA PHE A 178 -0.51 -21.91 8.85
C PHE A 178 -0.19 -23.36 8.53
N ALA A 1 -3.89 -24.33 -2.47
CA ALA A 1 -4.70 -23.49 -1.55
C ALA A 1 -4.18 -23.59 -0.13
N ASP A 2 -3.21 -22.75 0.21
CA ASP A 2 -2.62 -22.74 1.55
C ASP A 2 -3.00 -21.46 2.30
N ASN A 3 -2.73 -21.44 3.59
CA ASN A 3 -3.03 -20.28 4.42
C ASN A 3 -1.78 -19.45 4.68
N PHE A 4 -1.87 -18.14 4.43
CA PHE A 4 -0.74 -17.26 4.64
C PHE A 4 -1.15 -16.02 5.43
N VAL A 5 -0.29 -15.59 6.34
CA VAL A 5 -0.56 -14.42 7.16
C VAL A 5 0.73 -13.78 7.64
N GLY A 6 0.84 -12.46 7.46
CA GLY A 6 2.03 -11.75 7.89
C GLY A 6 1.82 -10.26 8.02
N LEU A 7 2.85 -9.48 7.74
CA LEU A 7 2.77 -8.03 7.83
C LEU A 7 3.21 -7.38 6.52
N THR A 8 2.92 -6.09 6.37
CA THR A 8 3.29 -5.36 5.17
C THR A 8 3.80 -3.95 5.52
N TRP A 9 4.83 -3.51 4.81
CA TRP A 9 5.40 -2.19 5.05
C TRP A 9 5.72 -1.49 3.74
N GLY A 10 5.04 -0.38 3.48
CA GLY A 10 5.28 0.37 2.26
C GLY A 10 6.13 1.60 2.48
N GLU A 11 7.08 1.83 1.56
CA GLU A 11 7.96 2.99 1.65
C GLU A 11 7.67 3.99 0.55
N THR A 12 7.59 5.27 0.92
CA THR A 12 7.33 6.33 -0.04
C THR A 12 8.62 6.86 -0.64
N SER A 13 8.70 6.86 -1.97
CA SER A 13 9.88 7.35 -2.66
C SER A 13 9.51 7.93 -4.03
N ASN A 14 9.48 9.25 -4.11
CA ASN A 14 9.14 9.93 -5.35
C ASN A 14 10.08 11.11 -5.61
N ASN A 15 11.36 10.90 -5.32
CA ASN A 15 12.35 11.95 -5.53
C ASN A 15 12.87 11.94 -6.96
N ILE A 16 12.68 13.07 -7.66
CA ILE A 16 13.12 13.19 -9.04
C ILE A 16 14.27 14.19 -9.16
N GLN A 17 14.29 15.18 -8.28
CA GLN A 17 15.33 16.20 -8.30
C GLN A 17 15.31 17.02 -7.01
N LYS A 18 16.27 17.93 -6.89
CA LYS A 18 16.37 18.78 -5.70
C LYS A 18 16.56 17.95 -4.44
N SER A 19 17.13 18.57 -3.41
CA SER A 19 17.37 17.87 -2.15
C SER A 19 16.34 18.29 -1.10
N LYS A 20 16.48 17.75 0.11
CA LYS A 20 15.57 18.06 1.20
C LYS A 20 16.24 18.91 2.26
N SER A 21 16.26 20.23 2.04
CA SER A 21 16.87 21.16 2.98
C SER A 21 15.82 22.06 3.63
N LEU A 22 16.28 23.01 4.43
CA LEU A 22 15.39 23.95 5.10
C LEU A 22 16.16 25.09 5.72
N ASN A 23 17.28 24.78 6.36
CA ASN A 23 18.12 25.78 7.00
C ASN A 23 19.54 25.73 6.46
N ARG A 24 20.21 24.59 6.67
CA ARG A 24 21.58 24.41 6.20
C ARG A 24 22.06 23.00 6.50
N ASN A 25 21.80 22.08 5.57
CA ASN A 25 22.22 20.69 5.74
C ASN A 25 22.79 20.14 4.43
N LEU A 26 24.01 19.61 4.50
CA LEU A 26 24.67 19.05 3.33
C LEU A 26 25.92 18.26 3.74
N ASN A 27 25.85 17.62 4.90
CA ASN A 27 26.97 16.83 5.40
C ASN A 27 26.92 15.41 4.84
N SER A 28 25.93 14.64 5.28
CA SER A 28 25.78 13.26 4.81
C SER A 28 24.87 13.19 3.59
N PRO A 29 25.22 12.36 2.60
CA PRO A 29 24.43 12.20 1.38
C PRO A 29 23.20 11.35 1.59
N ASN A 30 23.37 10.24 2.31
CA ASN A 30 22.26 9.32 2.59
C ASN A 30 21.77 9.49 4.02
N LEU A 31 22.70 9.71 4.94
CA LEU A 31 22.37 9.88 6.35
C LEU A 31 21.48 11.11 6.55
N ASP A 32 20.17 10.91 6.47
CA ASP A 32 19.21 12.00 6.64
C ASP A 32 17.84 11.46 7.04
N LYS A 33 17.73 11.03 8.30
CA LYS A 33 16.48 10.49 8.80
C LYS A 33 15.73 11.53 9.62
N VAL A 34 16.45 12.21 10.51
CA VAL A 34 15.86 13.24 11.37
C VAL A 34 14.93 12.63 12.40
N ILE A 35 13.82 12.06 11.93
CA ILE A 35 12.84 11.45 12.81
C ILE A 35 12.23 10.20 12.17
N ASP A 36 11.84 10.32 10.90
CA ASP A 36 11.24 9.20 10.17
C ASP A 36 9.78 9.01 10.59
N ASN A 37 8.87 9.30 9.66
CA ASN A 37 7.44 9.15 9.92
C ASN A 37 6.66 8.99 8.62
N THR A 38 7.31 8.41 7.63
CA THR A 38 6.68 8.20 6.32
C THR A 38 6.63 6.71 5.99
N GLY A 39 5.49 6.27 5.46
CA GLY A 39 5.33 4.87 5.10
C GLY A 39 4.00 4.31 5.53
N THR A 40 3.71 3.08 5.10
CA THR A 40 2.45 2.42 5.45
C THR A 40 2.70 1.05 6.05
N TRP A 41 2.18 0.82 7.25
CA TRP A 41 2.35 -0.45 7.93
C TRP A 41 1.00 -1.12 8.16
N GLY A 42 0.80 -2.28 7.52
CA GLY A 42 -0.45 -3.00 7.67
C GLY A 42 -0.25 -4.47 7.96
N ILE A 43 -1.35 -5.23 7.97
CA ILE A 43 -1.29 -6.66 8.23
C ILE A 43 -1.54 -7.45 6.96
N ARG A 44 -1.16 -8.74 6.97
CA ARG A 44 -1.35 -9.60 5.81
C ARG A 44 -1.96 -10.94 6.23
N ALA A 45 -2.95 -11.39 5.46
CA ALA A 45 -3.62 -12.65 5.75
C ALA A 45 -4.55 -13.06 4.61
N GLY A 46 -4.29 -14.23 4.03
CA GLY A 46 -5.10 -14.73 2.94
C GLY A 46 -4.85 -16.20 2.64
N GLN A 47 -4.88 -16.54 1.35
CA GLN A 47 -4.66 -17.92 0.93
C GLN A 47 -3.64 -17.98 -0.21
N GLN A 48 -2.65 -18.86 -0.07
CA GLN A 48 -1.61 -19.01 -1.08
C GLN A 48 -1.75 -20.34 -1.81
N PHE A 49 -2.09 -20.27 -3.09
CA PHE A 49 -2.25 -21.47 -3.90
C PHE A 49 -0.98 -21.75 -4.69
N GLU A 50 -0.97 -22.86 -5.42
CA GLU A 50 0.19 -23.26 -6.21
C GLU A 50 0.42 -22.28 -7.36
N GLN A 51 -0.65 -21.68 -7.85
CA GLN A 51 -0.55 -20.72 -8.96
C GLN A 51 -1.39 -19.47 -8.69
N GLY A 52 -1.63 -19.18 -7.42
CA GLY A 52 -2.41 -18.01 -7.05
C GLY A 52 -2.29 -17.66 -5.59
N ARG A 53 -1.61 -16.55 -5.31
CA ARG A 53 -1.41 -16.11 -3.93
C ARG A 53 -2.34 -14.95 -3.59
N TYR A 54 -3.29 -15.20 -2.69
CA TYR A 54 -4.23 -14.18 -2.26
C TYR A 54 -3.88 -13.71 -0.85
N TYR A 55 -4.21 -12.45 -0.55
CA TYR A 55 -3.92 -11.89 0.76
C TYR A 55 -4.40 -10.45 0.86
N ALA A 56 -5.15 -10.17 1.92
CA ALA A 56 -5.66 -8.84 2.16
C ALA A 56 -4.68 -8.04 3.00
N THR A 57 -4.65 -6.72 2.78
CA THR A 57 -3.73 -5.86 3.51
C THR A 57 -4.47 -4.66 4.13
N TYR A 58 -4.43 -4.58 5.44
CA TYR A 58 -5.07 -3.48 6.17
C TYR A 58 -4.06 -2.37 6.44
N GLU A 59 -4.21 -1.25 5.74
CA GLU A 59 -3.29 -0.13 5.91
C GLU A 59 -3.92 0.99 6.74
N ASN A 60 -3.13 2.01 7.03
CA ASN A 60 -3.59 3.15 7.81
C ASN A 60 -2.86 4.42 7.39
N ILE A 61 -3.31 5.57 7.90
CA ILE A 61 -2.70 6.85 7.57
C ILE A 61 -1.74 7.30 8.66
N SER A 62 -0.47 7.46 8.30
CA SER A 62 0.55 7.90 9.25
C SER A 62 0.68 9.42 9.26
N ASP A 63 0.51 10.03 8.09
CA ASP A 63 0.61 11.48 7.97
C ASP A 63 -0.33 11.99 6.88
N THR A 64 -1.18 12.95 7.26
CA THR A 64 -2.14 13.53 6.32
C THR A 64 -1.64 14.87 5.79
N SER A 65 -1.27 14.89 4.51
CA SER A 65 -0.77 16.11 3.89
C SER A 65 -1.91 16.95 3.34
N SER A 66 -2.91 16.27 2.77
CA SER A 66 -4.07 16.96 2.20
C SER A 66 -5.27 16.87 3.14
N GLY A 67 -5.37 15.77 3.86
CA GLY A 67 -6.47 15.59 4.79
C GLY A 67 -6.07 15.84 6.22
N ASN A 68 -7.01 15.67 7.15
CA ASN A 68 -6.74 15.89 8.56
C ASN A 68 -6.57 14.57 9.29
N LYS A 69 -5.69 14.55 10.29
CA LYS A 69 -5.42 13.35 11.06
C LYS A 69 -6.58 13.04 12.01
N LEU A 70 -7.14 11.85 11.88
CA LEU A 70 -8.27 11.44 12.72
C LEU A 70 -8.38 9.92 12.79
N ARG A 71 -8.72 9.31 11.65
CA ARG A 71 -8.85 7.86 11.57
C ARG A 71 -9.19 7.43 10.15
N GLN A 72 -8.91 6.16 9.84
CA GLN A 72 -9.18 5.63 8.52
C GLN A 72 -8.84 4.13 8.45
N GLN A 73 -9.43 3.43 7.48
CA GLN A 73 -9.18 2.01 7.32
C GLN A 73 -9.12 1.65 5.84
N ASN A 74 -8.01 1.05 5.43
CA ASN A 74 -7.82 0.65 4.03
C ASN A 74 -7.72 -0.87 3.91
N LEU A 75 -8.73 -1.47 3.32
CA LEU A 75 -8.76 -2.92 3.13
C LEU A 75 -8.74 -3.29 1.65
N LEU A 76 -7.68 -3.97 1.23
CA LEU A 76 -7.55 -4.36 -0.17
C LEU A 76 -7.00 -5.79 -0.29
N GLY A 77 -7.49 -6.50 -1.29
CA GLY A 77 -7.04 -7.87 -1.52
C GLY A 77 -6.23 -8.01 -2.78
N SER A 78 -4.96 -8.39 -2.62
CA SER A 78 -4.07 -8.55 -3.77
C SER A 78 -3.95 -10.02 -4.19
N TYR A 79 -4.05 -10.26 -5.49
CA TYR A 79 -3.94 -11.60 -6.03
C TYR A 79 -2.82 -11.67 -7.05
N ASP A 80 -1.74 -12.38 -6.71
CA ASP A 80 -0.59 -12.50 -7.59
C ASP A 80 -0.12 -13.95 -7.70
N ALA A 81 0.68 -14.23 -8.72
CA ALA A 81 1.21 -15.57 -8.94
C ALA A 81 2.72 -15.57 -8.71
N PHE A 82 3.15 -16.37 -7.73
CA PHE A 82 4.58 -16.45 -7.40
C PHE A 82 5.23 -17.66 -8.06
N LEU A 83 6.56 -17.63 -8.15
CA LEU A 83 7.31 -18.71 -8.75
C LEU A 83 8.79 -18.62 -8.36
N PRO A 84 9.34 -19.66 -7.71
CA PRO A 84 10.74 -19.69 -7.28
C PRO A 84 11.70 -19.39 -8.43
N ILE A 85 12.40 -18.28 -8.34
CA ILE A 85 13.36 -17.88 -9.38
C ILE A 85 14.80 -18.04 -8.89
N GLY A 86 15.42 -19.16 -9.24
CA GLY A 86 16.78 -19.41 -8.82
C GLY A 86 16.92 -20.68 -8.00
N ASP A 87 16.19 -20.74 -6.89
CA ASP A 87 16.24 -21.90 -6.01
C ASP A 87 15.13 -21.83 -4.96
N ASN A 88 15.32 -20.98 -3.96
CA ASN A 88 14.34 -20.80 -2.90
C ASN A 88 14.67 -19.60 -2.04
N ASN A 89 15.22 -18.56 -2.67
CA ASN A 89 15.59 -17.34 -1.95
C ASN A 89 14.62 -16.21 -2.28
N THR A 90 14.06 -16.24 -3.49
CA THR A 90 13.12 -15.22 -3.92
C THR A 90 11.93 -15.85 -4.65
N LYS A 91 10.75 -15.27 -4.48
CA LYS A 91 9.55 -15.77 -5.13
C LYS A 91 8.91 -14.71 -6.01
N LEU A 92 9.30 -14.72 -7.29
CA LEU A 92 8.78 -13.76 -8.25
C LEU A 92 7.26 -13.85 -8.33
N PHE A 93 6.62 -12.89 -7.69
CA PHE A 93 5.16 -12.82 -7.69
C PHE A 93 4.67 -11.60 -8.47
N GLY A 94 3.45 -11.70 -9.00
CA GLY A 94 2.90 -10.59 -9.77
C GLY A 94 1.43 -10.78 -10.09
N GLY A 95 0.66 -9.70 -10.02
CA GLY A 95 -0.75 -9.78 -10.31
C GLY A 95 -1.43 -8.41 -10.21
N ALA A 96 -2.62 -8.39 -9.61
CA ALA A 96 -3.37 -7.15 -9.45
C ALA A 96 -3.83 -6.97 -8.01
N THR A 97 -4.47 -5.84 -7.75
CA THR A 97 -4.97 -5.54 -6.40
C THR A 97 -6.27 -4.76 -6.46
N LEU A 98 -7.11 -4.92 -5.44
CA LEU A 98 -8.39 -4.23 -5.36
C LEU A 98 -8.91 -4.19 -3.94
N GLY A 99 -9.31 -3.00 -3.49
CA GLY A 99 -9.81 -2.86 -2.13
C GLY A 99 -10.86 -1.77 -2.01
N LEU A 100 -10.99 -1.20 -0.83
CA LEU A 100 -11.96 -0.15 -0.56
C LEU A 100 -11.51 0.71 0.61
N VAL A 101 -11.55 2.01 0.43
CA VAL A 101 -11.14 2.95 1.47
C VAL A 101 -12.34 3.69 2.04
N LYS A 102 -12.53 3.58 3.36
CA LYS A 102 -13.63 4.25 4.03
C LYS A 102 -13.15 4.96 5.29
N LEU A 103 -13.76 6.10 5.59
CA LEU A 103 -13.38 6.88 6.77
C LEU A 103 -14.43 6.74 7.86
N GLU A 104 -13.96 6.44 9.08
CA GLU A 104 -14.87 6.27 10.22
C GLU A 104 -14.64 7.37 11.26
N GLN A 105 -15.69 7.71 11.99
CA GLN A 105 -15.61 8.75 13.02
C GLN A 105 -16.93 8.86 13.77
N ASP A 106 -16.92 9.66 14.84
CA ASP A 106 -18.11 9.86 15.65
C ASP A 106 -18.00 11.12 16.50
N GLY A 107 -18.54 12.22 16.00
CA GLY A 107 -18.48 13.47 16.73
C GLY A 107 -19.81 13.85 17.35
N LYS A 108 -20.69 14.43 16.54
CA LYS A 108 -22.01 14.84 17.00
C LYS A 108 -23.11 14.25 16.12
N GLY A 109 -23.18 14.72 14.87
CA GLY A 109 -24.18 14.23 13.95
C GLY A 109 -23.58 13.41 12.83
N PHE A 110 -23.74 13.88 11.60
CA PHE A 110 -23.21 13.17 10.44
C PHE A 110 -22.04 13.94 9.83
N LYS A 111 -21.34 13.29 8.90
CA LYS A 111 -20.18 13.90 8.25
C LYS A 111 -20.06 13.42 6.80
N ARG A 112 -19.54 14.27 5.93
CA ARG A 112 -19.36 13.93 4.54
C ARG A 112 -17.92 14.15 4.09
N ASP A 113 -17.31 13.10 3.53
CA ASP A 113 -15.93 13.19 3.07
C ASP A 113 -15.70 12.25 1.89
N SER A 114 -15.68 10.95 2.17
CA SER A 114 -15.47 9.94 1.14
C SER A 114 -16.65 8.98 1.05
N ASP A 115 -16.89 8.27 2.15
CA ASP A 115 -17.99 7.30 2.22
C ASP A 115 -17.66 6.02 1.47
N VAL A 116 -17.34 6.15 0.18
CA VAL A 116 -17.00 5.00 -0.64
C VAL A 116 -15.85 5.32 -1.60
N GLY A 117 -14.79 4.52 -1.51
CA GLY A 117 -13.64 4.74 -2.38
C GLY A 117 -13.13 3.44 -2.98
N TYR A 118 -13.16 3.35 -4.31
CA TYR A 118 -12.70 2.16 -5.00
C TYR A 118 -11.20 2.23 -5.28
N ALA A 119 -10.48 1.16 -4.96
CA ALA A 119 -9.04 1.12 -5.19
C ALA A 119 -8.67 -0.09 -6.05
N ALA A 120 -7.65 0.08 -6.89
CA ALA A 120 -7.20 -0.98 -7.76
C ALA A 120 -5.89 -0.61 -8.46
N GLY A 121 -5.00 -1.59 -8.58
CA GLY A 121 -3.72 -1.35 -9.23
C GLY A 121 -3.00 -2.64 -9.59
N LEU A 122 -1.70 -2.68 -9.33
CA LEU A 122 -0.89 -3.85 -9.62
C LEU A 122 0.09 -4.14 -8.49
N GLN A 123 0.73 -5.30 -8.55
CA GLN A 123 1.70 -5.70 -7.54
C GLN A 123 2.64 -6.78 -8.07
N ALA A 124 3.85 -6.82 -7.53
CA ALA A 124 4.84 -7.80 -7.93
C ALA A 124 6.15 -7.58 -7.20
N GLY A 125 6.82 -8.67 -6.86
CA GLY A 125 8.09 -8.57 -6.15
C GLY A 125 8.80 -9.90 -6.05
N ILE A 126 9.18 -10.28 -4.83
CA ILE A 126 9.89 -11.53 -4.59
C ILE A 126 9.78 -11.93 -3.13
N LEU A 127 9.22 -13.10 -2.87
CA LEU A 127 9.05 -13.59 -1.50
C LEU A 127 10.23 -14.49 -1.11
N GLN A 128 11.01 -14.02 -0.15
CA GLN A 128 12.18 -14.77 0.31
C GLN A 128 11.85 -15.55 1.59
N GLU A 129 12.04 -16.86 1.55
CA GLU A 129 11.77 -17.72 2.69
C GLU A 129 13.05 -17.98 3.48
N LEU A 130 12.91 -18.16 4.80
CA LEU A 130 14.05 -18.42 5.66
C LEU A 130 14.02 -19.85 6.17
N SER A 131 12.83 -20.40 6.30
CA SER A 131 12.65 -21.76 6.77
C SER A 131 11.23 -22.24 6.49
N LYS A 132 10.88 -23.41 7.00
CA LYS A 132 9.54 -23.96 6.81
C LYS A 132 8.57 -23.41 7.83
N ASN A 133 8.49 -22.08 7.92
CA ASN A 133 7.58 -21.43 8.87
C ASN A 133 7.62 -19.91 8.72
N ALA A 134 8.80 -19.37 8.46
CA ALA A 134 8.95 -17.92 8.30
C ALA A 134 9.27 -17.54 6.86
N SER A 135 8.60 -16.50 6.38
CA SER A 135 8.81 -16.03 5.01
C SER A 135 8.99 -14.51 4.99
N ILE A 136 9.42 -13.99 3.84
CA ILE A 136 9.63 -12.56 3.69
C ILE A 136 9.12 -12.08 2.33
N GLU A 137 8.42 -10.95 2.34
CA GLU A 137 7.88 -10.38 1.11
C GLU A 137 8.44 -8.99 0.86
N GLY A 138 8.88 -8.75 -0.37
CA GLY A 138 9.44 -7.46 -0.72
C GLY A 138 9.37 -7.17 -2.20
N GLY A 139 8.82 -6.02 -2.56
CA GLY A 139 8.71 -5.66 -3.97
C GLY A 139 8.07 -4.29 -4.18
N TYR A 140 7.14 -4.23 -5.12
CA TYR A 140 6.45 -2.98 -5.44
C TYR A 140 4.94 -3.15 -5.31
N ARG A 141 4.23 -2.03 -5.18
CA ARG A 141 2.78 -2.06 -5.05
C ARG A 141 2.15 -0.82 -5.69
N TYR A 142 1.27 -1.04 -6.65
CA TYR A 142 0.58 0.05 -7.33
C TYR A 142 -0.92 0.02 -7.04
N LEU A 143 -1.50 1.20 -6.83
CA LEU A 143 -2.92 1.29 -6.53
C LEU A 143 -3.46 2.68 -6.86
N ARG A 144 -4.68 2.73 -7.37
CA ARG A 144 -5.32 3.99 -7.72
C ARG A 144 -6.53 4.25 -6.82
N THR A 145 -7.00 5.50 -6.80
CA THR A 145 -8.14 5.87 -5.99
C THR A 145 -9.28 6.40 -6.87
N ASN A 146 -10.44 5.78 -6.74
CA ASN A 146 -11.62 6.20 -7.51
C ASN A 146 -12.89 6.12 -6.66
N ALA A 147 -13.49 7.27 -6.40
CA ALA A 147 -14.71 7.32 -5.60
C ALA A 147 -15.91 6.81 -6.39
N SER A 148 -15.90 7.06 -7.70
CA SER A 148 -17.00 6.62 -8.57
C SER A 148 -18.32 7.27 -8.15
N THR A 149 -19.32 7.15 -9.01
CA THR A 149 -20.64 7.72 -8.74
C THR A 149 -21.67 6.62 -8.54
N GLU A 150 -22.07 5.99 -9.66
CA GLU A 150 -23.06 4.93 -9.61
C GLU A 150 -22.57 3.71 -10.39
N MET A 151 -21.30 3.37 -10.23
CA MET A 151 -20.71 2.24 -10.92
C MET A 151 -20.81 2.41 -12.43
N THR A 152 -20.75 3.65 -12.89
CA THR A 152 -20.83 3.94 -14.32
C THR A 152 -19.44 3.94 -14.96
N PRO A 153 -19.35 3.53 -16.23
CA PRO A 153 -18.07 3.48 -16.95
C PRO A 153 -17.47 4.87 -17.17
N HIS A 154 -16.16 4.96 -17.13
CA HIS A 154 -15.46 6.23 -17.33
C HIS A 154 -15.79 6.82 -18.69
N GLY A 155 -15.21 7.98 -18.98
CA GLY A 155 -15.45 8.63 -20.26
C GLY A 155 -14.60 8.05 -21.38
N GLY A 156 -15.22 7.89 -22.55
CA GLY A 156 -14.50 7.33 -23.69
C GLY A 156 -15.07 7.80 -25.01
N ASN A 157 -14.87 9.06 -25.34
CA ASN A 157 -15.38 9.62 -26.58
C ASN A 157 -14.39 10.65 -27.15
N LYS A 158 -13.56 10.20 -28.07
CA LYS A 158 -12.57 11.08 -28.71
C LYS A 158 -11.49 11.50 -27.71
N LEU A 159 -11.88 12.34 -26.74
CA LEU A 159 -10.96 12.82 -25.72
C LEU A 159 -10.76 11.77 -24.64
N GLY A 160 -9.88 12.07 -23.69
CA GLY A 160 -9.61 11.14 -22.60
C GLY A 160 -9.58 11.83 -21.25
N SER A 161 -8.69 11.35 -20.38
CA SER A 161 -8.56 11.91 -19.04
C SER A 161 -7.32 12.81 -18.94
N LEU A 162 -7.28 13.64 -17.92
CA LEU A 162 -6.16 14.55 -17.71
C LEU A 162 -5.73 14.56 -16.25
N ASP A 163 -5.91 13.42 -15.58
CA ASP A 163 -5.53 13.29 -14.18
C ASP A 163 -5.03 11.88 -13.87
N LEU A 164 -3.72 11.74 -13.75
CA LEU A 164 -3.12 10.44 -13.47
C LEU A 164 -3.27 10.10 -11.99
N HIS A 165 -4.27 9.29 -11.67
CA HIS A 165 -4.53 8.89 -10.29
C HIS A 165 -3.76 7.61 -9.95
N SER A 166 -2.44 7.67 -10.05
CA SER A 166 -1.60 6.52 -9.75
C SER A 166 -0.28 6.96 -9.13
N SER A 167 0.29 6.09 -8.29
CA SER A 167 1.56 6.40 -7.63
C SER A 167 2.42 5.15 -7.49
N SER A 168 3.70 5.34 -7.24
CA SER A 168 4.63 4.23 -7.07
C SER A 168 5.02 4.06 -5.61
N GLN A 169 4.81 2.85 -5.08
CA GLN A 169 5.14 2.56 -3.68
C GLN A 169 5.96 1.28 -3.58
N PHE A 170 6.73 1.17 -2.51
CA PHE A 170 7.55 0.00 -2.28
C PHE A 170 6.79 -1.03 -1.46
N TYR A 171 7.32 -2.23 -1.44
CA TYR A 171 6.71 -3.33 -0.69
C TYR A 171 7.76 -4.11 0.08
N LEU A 172 7.50 -4.32 1.36
CA LEU A 172 8.42 -5.05 2.22
C LEU A 172 7.73 -5.51 3.50
N GLY A 173 7.93 -6.77 3.87
CA GLY A 173 7.30 -7.30 5.07
C GLY A 173 7.63 -8.75 5.30
N ALA A 174 6.77 -9.44 6.06
CA ALA A 174 6.98 -10.85 6.36
C ALA A 174 5.76 -11.68 5.93
N ASN A 175 5.89 -13.00 6.02
CA ASN A 175 4.81 -13.90 5.64
C ASN A 175 4.87 -15.19 6.44
N TYR A 176 3.85 -15.41 7.28
CA TYR A 176 3.78 -16.61 8.10
C TYR A 176 2.57 -17.45 7.73
N LYS A 177 2.81 -18.62 7.16
CA LYS A 177 1.74 -19.53 6.75
C LYS A 177 1.25 -20.35 7.93
N PHE A 178 0.05 -20.92 7.80
CA PHE A 178 -0.54 -21.74 8.85
C PHE A 178 -0.92 -23.12 8.32
N ALA A 1 -1.47 -25.02 -2.73
CA ALA A 1 -2.27 -24.02 -1.97
C ALA A 1 -1.99 -24.10 -0.48
N ASP A 2 -1.90 -22.94 0.17
CA ASP A 2 -1.62 -22.89 1.60
C ASP A 2 -1.97 -21.52 2.18
N ASN A 3 -2.62 -21.51 3.34
CA ASN A 3 -3.00 -20.27 3.99
C ASN A 3 -1.79 -19.42 4.32
N PHE A 4 -1.91 -18.11 4.14
CA PHE A 4 -0.81 -17.20 4.42
C PHE A 4 -1.28 -16.02 5.28
N VAL A 5 -0.45 -15.63 6.23
CA VAL A 5 -0.77 -14.52 7.13
C VAL A 5 0.49 -13.87 7.68
N GLY A 6 0.56 -12.54 7.57
CA GLY A 6 1.72 -11.82 8.06
C GLY A 6 1.48 -10.33 8.17
N LEU A 7 2.50 -9.54 7.87
CA LEU A 7 2.40 -8.09 7.93
C LEU A 7 3.14 -7.44 6.77
N THR A 8 2.87 -6.16 6.54
CA THR A 8 3.51 -5.42 5.46
C THR A 8 3.99 -4.05 5.94
N TRP A 9 5.12 -3.61 5.39
CA TRP A 9 5.70 -2.32 5.75
C TRP A 9 6.19 -1.58 4.51
N GLY A 10 5.60 -0.42 4.24
CA GLY A 10 5.99 0.36 3.08
C GLY A 10 7.06 1.40 3.40
N GLU A 11 7.97 1.62 2.47
CA GLU A 11 9.04 2.59 2.66
C GLU A 11 8.91 3.74 1.67
N THR A 12 8.57 4.91 2.20
CA THR A 12 8.41 6.10 1.36
C THR A 12 9.62 7.02 1.48
N SER A 13 10.31 7.23 0.36
CA SER A 13 11.49 8.09 0.33
C SER A 13 11.65 8.75 -1.03
N ASN A 14 11.28 10.02 -1.12
CA ASN A 14 11.39 10.77 -2.35
C ASN A 14 12.57 11.73 -2.31
N ASN A 15 12.57 12.61 -1.31
CA ASN A 15 13.64 13.60 -1.15
C ASN A 15 14.90 12.94 -0.61
N ILE A 16 16.00 13.09 -1.34
CA ILE A 16 17.28 12.51 -0.93
C ILE A 16 17.98 13.40 0.09
N GLN A 17 19.16 12.98 0.52
CA GLN A 17 19.95 13.73 1.50
C GLN A 17 19.21 13.80 2.85
N LYS A 18 19.77 13.12 3.84
CA LYS A 18 19.19 13.10 5.18
C LYS A 18 20.08 13.83 6.18
N SER A 19 21.38 13.71 5.99
CA SER A 19 22.35 14.36 6.88
C SER A 19 22.21 13.82 8.31
N LYS A 20 23.28 13.96 9.09
CA LYS A 20 23.28 13.51 10.47
C LYS A 20 24.07 14.46 11.36
N SER A 21 24.21 14.09 12.64
CA SER A 21 24.93 14.92 13.59
C SER A 21 26.41 14.56 13.59
N LEU A 22 27.23 15.42 14.21
CA LEU A 22 28.67 15.19 14.28
C LEU A 22 29.02 14.37 15.51
N ASN A 23 30.08 13.57 15.39
CA ASN A 23 30.52 12.71 16.48
C ASN A 23 31.98 12.29 16.29
N ARG A 24 32.32 11.91 15.06
CA ARG A 24 33.69 11.49 14.74
C ARG A 24 34.00 10.16 15.40
N ASN A 25 33.81 9.07 14.67
CA ASN A 25 34.09 7.73 15.18
C ASN A 25 34.19 6.72 14.04
N LEU A 26 35.36 6.11 13.91
CA LEU A 26 35.59 5.12 12.86
C LEU A 26 34.91 3.80 13.20
N ASN A 27 35.17 3.31 14.41
CA ASN A 27 34.58 2.04 14.85
C ASN A 27 33.28 2.30 15.62
N SER A 28 32.20 2.50 14.88
CA SER A 28 30.90 2.75 15.48
C SER A 28 30.05 1.48 15.49
N PRO A 29 29.97 0.78 16.63
CA PRO A 29 29.19 -0.46 16.75
C PRO A 29 27.68 -0.19 16.78
N ASN A 30 27.18 0.42 15.70
CA ASN A 30 25.76 0.72 15.59
C ASN A 30 25.46 1.45 14.28
N LEU A 31 24.90 0.70 13.32
CA LEU A 31 24.56 1.26 12.02
C LEU A 31 23.24 2.02 12.08
N ASP A 32 23.33 3.34 12.10
CA ASP A 32 22.14 4.19 12.15
C ASP A 32 22.16 5.25 11.07
N LYS A 33 21.66 4.90 9.88
CA LYS A 33 21.64 5.81 8.76
C LYS A 33 20.27 6.49 8.63
N VAL A 34 19.52 6.52 9.73
CA VAL A 34 18.20 7.14 9.74
C VAL A 34 17.26 6.43 8.77
N ILE A 35 16.19 5.86 9.31
CA ILE A 35 15.20 5.15 8.50
C ILE A 35 14.51 6.10 7.52
N ASP A 36 14.45 7.38 7.89
CA ASP A 36 13.83 8.39 7.04
C ASP A 36 12.34 8.11 6.86
N ASN A 37 11.52 8.62 7.79
CA ASN A 37 10.08 8.42 7.73
C ASN A 37 9.73 6.93 7.74
N THR A 38 8.44 6.63 7.86
CA THR A 38 7.98 5.25 7.88
C THR A 38 7.37 4.86 6.53
N GLY A 39 6.18 5.38 6.24
CA GLY A 39 5.52 5.06 5.00
C GLY A 39 4.13 4.51 5.19
N THR A 40 4.03 3.19 5.26
CA THR A 40 2.73 2.52 5.45
C THR A 40 2.88 1.30 6.34
N TRP A 41 1.88 1.07 7.18
CA TRP A 41 1.89 -0.08 8.09
C TRP A 41 0.55 -0.81 8.06
N GLY A 42 0.61 -2.14 7.92
CA GLY A 42 -0.61 -2.93 7.87
C GLY A 42 -0.35 -4.40 8.13
N ILE A 43 -1.39 -5.21 7.97
CA ILE A 43 -1.27 -6.65 8.19
C ILE A 43 -1.47 -7.43 6.89
N ARG A 44 -1.33 -8.74 6.96
CA ARG A 44 -1.49 -9.60 5.79
C ARG A 44 -2.18 -10.90 6.18
N ALA A 45 -3.04 -11.40 5.29
CA ALA A 45 -3.77 -12.64 5.55
C ALA A 45 -4.61 -13.04 4.34
N GLY A 46 -4.36 -14.25 3.83
CA GLY A 46 -5.11 -14.72 2.68
C GLY A 46 -4.99 -16.23 2.50
N GLN A 47 -4.79 -16.65 1.25
CA GLN A 47 -4.66 -18.08 0.95
C GLN A 47 -3.83 -18.29 -0.31
N GLN A 48 -2.81 -19.13 -0.19
CA GLN A 48 -1.93 -19.44 -1.32
C GLN A 48 -2.54 -20.53 -2.20
N PHE A 49 -2.18 -20.52 -3.47
CA PHE A 49 -2.70 -21.50 -4.42
C PHE A 49 -1.54 -22.17 -5.17
N GLU A 50 -1.85 -23.28 -5.84
CA GLU A 50 -0.85 -24.02 -6.60
C GLU A 50 -0.35 -23.22 -7.80
N GLN A 51 -1.18 -22.29 -8.28
CA GLN A 51 -0.82 -21.47 -9.43
C GLN A 51 -0.96 -19.98 -9.11
N GLY A 52 -0.87 -19.64 -7.83
CA GLY A 52 -0.98 -18.26 -7.42
C GLY A 52 -1.03 -18.11 -5.91
N ARG A 53 -1.20 -16.87 -5.45
CA ARG A 53 -1.25 -16.60 -4.02
C ARG A 53 -2.07 -15.36 -3.71
N TYR A 54 -3.12 -15.54 -2.91
CA TYR A 54 -3.98 -14.43 -2.52
C TYR A 54 -3.65 -13.94 -1.12
N TYR A 55 -3.79 -12.64 -0.89
CA TYR A 55 -3.50 -12.07 0.41
C TYR A 55 -3.89 -10.60 0.47
N ALA A 56 -4.73 -10.27 1.44
CA ALA A 56 -5.18 -8.89 1.61
C ALA A 56 -4.25 -8.12 2.54
N THR A 57 -4.34 -6.80 2.51
CA THR A 57 -3.50 -5.96 3.34
C THR A 57 -4.28 -4.78 3.92
N TYR A 58 -4.25 -4.65 5.24
CA TYR A 58 -4.94 -3.56 5.91
C TYR A 58 -3.96 -2.49 6.34
N GLU A 59 -3.88 -1.40 5.58
CA GLU A 59 -2.97 -0.32 5.88
C GLU A 59 -3.70 0.89 6.44
N ASN A 60 -2.92 1.90 6.84
CA ASN A 60 -3.49 3.13 7.40
C ASN A 60 -2.57 4.32 7.14
N ILE A 61 -2.79 5.41 7.85
CA ILE A 61 -1.97 6.62 7.69
C ILE A 61 -1.18 6.91 8.96
N SER A 62 0.15 7.00 8.81
CA SER A 62 1.01 7.29 9.94
C SER A 62 1.00 8.77 10.28
N ASP A 63 0.27 9.12 11.33
CA ASP A 63 0.17 10.51 11.77
C ASP A 63 0.95 10.74 13.05
N THR A 64 0.77 11.91 13.65
CA THR A 64 1.46 12.26 14.89
C THR A 64 0.96 11.39 16.05
N SER A 65 1.88 11.04 16.95
CA SER A 65 1.53 10.22 18.10
C SER A 65 0.49 10.91 18.98
N SER A 66 0.58 12.24 19.04
CA SER A 66 -0.35 13.02 19.84
C SER A 66 -1.74 13.05 19.21
N GLY A 67 -1.78 12.99 17.88
CA GLY A 67 -3.05 13.02 17.18
C GLY A 67 -3.77 11.68 17.26
N ASN A 68 -4.88 11.58 16.55
CA ASN A 68 -5.67 10.35 16.54
C ASN A 68 -5.02 9.29 15.66
N LYS A 69 -4.89 8.08 16.19
CA LYS A 69 -4.29 6.98 15.45
C LYS A 69 -5.28 6.38 14.45
N LEU A 70 -6.31 5.72 14.96
CA LEU A 70 -7.32 5.10 14.11
C LEU A 70 -8.13 6.16 13.38
N ARG A 71 -7.58 6.65 12.27
CA ARG A 71 -8.25 7.68 11.48
C ARG A 71 -8.61 7.13 10.09
N GLN A 72 -7.62 6.59 9.40
CA GLN A 72 -7.83 6.04 8.06
C GLN A 72 -7.78 4.51 8.09
N GLN A 73 -8.23 3.89 7.02
CA GLN A 73 -8.23 2.43 6.92
C GLN A 73 -8.37 1.98 5.47
N ASN A 74 -7.43 1.16 5.01
CA ASN A 74 -7.45 0.65 3.65
C ASN A 74 -7.25 -0.86 3.62
N LEU A 75 -8.28 -1.58 3.16
CA LEU A 75 -8.22 -3.03 3.08
C LEU A 75 -8.52 -3.50 1.66
N LEU A 76 -7.58 -4.24 1.08
CA LEU A 76 -7.75 -4.74 -0.28
C LEU A 76 -7.13 -6.13 -0.44
N GLY A 77 -7.61 -6.87 -1.44
CA GLY A 77 -7.09 -8.20 -1.70
C GLY A 77 -6.32 -8.27 -3.01
N SER A 78 -5.04 -8.59 -2.91
CA SER A 78 -4.18 -8.68 -4.08
C SER A 78 -4.00 -10.13 -4.54
N TYR A 79 -4.39 -10.40 -5.79
CA TYR A 79 -4.26 -11.74 -6.36
C TYR A 79 -3.07 -11.77 -7.32
N ASP A 80 -2.02 -12.49 -6.95
CA ASP A 80 -0.83 -12.57 -7.79
C ASP A 80 -0.31 -14.01 -7.86
N ALA A 81 0.68 -14.21 -8.73
CA ALA A 81 1.29 -15.52 -8.90
C ALA A 81 2.79 -15.44 -8.65
N PHE A 82 3.27 -16.29 -7.74
CA PHE A 82 4.69 -16.32 -7.40
C PHE A 82 5.43 -17.41 -8.16
N LEU A 83 6.74 -17.24 -8.30
CA LEU A 83 7.57 -18.21 -9.01
C LEU A 83 9.03 -18.07 -8.59
N PRO A 84 9.72 -19.20 -8.33
CA PRO A 84 11.13 -19.20 -7.92
C PRO A 84 12.01 -18.45 -8.92
N ILE A 85 12.62 -17.37 -8.46
CA ILE A 85 13.49 -16.56 -9.31
C ILE A 85 14.92 -16.56 -8.77
N GLY A 86 15.79 -17.33 -9.41
CA GLY A 86 17.18 -17.40 -8.99
C GLY A 86 17.54 -18.76 -8.43
N ASP A 87 16.96 -19.11 -7.29
CA ASP A 87 17.22 -20.39 -6.65
C ASP A 87 16.13 -20.73 -5.64
N ASN A 88 16.17 -20.07 -4.49
CA ASN A 88 15.18 -20.30 -3.44
C ASN A 88 15.30 -19.24 -2.35
N ASN A 89 15.64 -18.03 -2.75
CA ASN A 89 15.78 -16.92 -1.80
C ASN A 89 14.70 -15.86 -2.04
N THR A 90 14.15 -15.83 -3.25
CA THR A 90 13.11 -14.86 -3.59
C THR A 90 11.98 -15.54 -4.37
N LYS A 91 10.79 -14.97 -4.27
CA LYS A 91 9.63 -15.52 -4.97
C LYS A 91 8.94 -14.46 -5.81
N LEU A 92 9.33 -14.37 -7.07
CA LEU A 92 8.77 -13.39 -7.99
C LEU A 92 7.26 -13.54 -8.08
N PHE A 93 6.58 -12.64 -7.41
CA PHE A 93 5.12 -12.62 -7.40
C PHE A 93 4.58 -11.41 -8.15
N GLY A 94 3.38 -11.54 -8.72
CA GLY A 94 2.81 -10.43 -9.46
C GLY A 94 1.36 -10.68 -9.85
N GLY A 95 0.55 -9.62 -9.79
CA GLY A 95 -0.86 -9.74 -10.14
C GLY A 95 -1.62 -8.45 -9.98
N ALA A 96 -2.87 -8.55 -9.53
CA ALA A 96 -3.71 -7.37 -9.34
C ALA A 96 -4.25 -7.32 -7.91
N THR A 97 -5.03 -6.28 -7.62
CA THR A 97 -5.62 -6.12 -6.29
C THR A 97 -6.82 -5.19 -6.34
N LEU A 98 -7.73 -5.35 -5.38
CA LEU A 98 -8.93 -4.53 -5.31
C LEU A 98 -9.53 -4.57 -3.90
N GLY A 99 -9.86 -3.40 -3.38
CA GLY A 99 -10.43 -3.32 -2.04
C GLY A 99 -11.28 -2.08 -1.83
N LEU A 100 -11.02 -1.36 -0.74
CA LEU A 100 -11.76 -0.16 -0.42
C LEU A 100 -10.92 0.76 0.47
N VAL A 101 -10.80 2.02 0.05
CA VAL A 101 -10.03 3.00 0.80
C VAL A 101 -10.95 4.04 1.45
N LYS A 102 -10.95 4.06 2.79
CA LYS A 102 -11.78 5.00 3.53
C LYS A 102 -10.92 6.02 4.27
N LEU A 103 -11.26 7.29 4.11
CA LEU A 103 -10.52 8.37 4.76
C LEU A 103 -11.40 9.12 5.75
N GLU A 104 -10.78 9.92 6.61
CA GLU A 104 -11.50 10.69 7.60
C GLU A 104 -11.26 12.18 7.43
N GLN A 105 -12.32 12.97 7.50
CA GLN A 105 -12.21 14.42 7.34
C GLN A 105 -12.22 15.11 8.70
N ASP A 106 -11.41 16.16 8.83
CA ASP A 106 -11.32 16.91 10.08
C ASP A 106 -11.56 18.39 9.84
N GLY A 107 -12.65 18.91 10.39
CA GLY A 107 -12.98 20.32 10.22
C GLY A 107 -14.12 20.54 9.25
N LYS A 108 -14.82 21.65 9.41
CA LYS A 108 -15.94 21.98 8.54
C LYS A 108 -15.56 23.04 7.51
N GLY A 109 -14.29 23.04 7.12
CA GLY A 109 -13.81 24.01 6.16
C GLY A 109 -13.65 23.42 4.77
N PHE A 110 -12.43 23.04 4.41
CA PHE A 110 -12.16 22.46 3.10
C PHE A 110 -12.88 21.11 2.94
N LYS A 111 -13.46 20.90 1.77
CA LYS A 111 -14.18 19.67 1.48
C LYS A 111 -13.29 18.68 0.72
N ARG A 112 -13.44 17.40 1.03
CA ARG A 112 -12.66 16.36 0.37
C ARG A 112 -13.47 15.08 0.22
N ASP A 113 -12.95 14.14 -0.56
CA ASP A 113 -13.63 12.87 -0.79
C ASP A 113 -13.17 11.82 0.22
N SER A 114 -13.81 11.79 1.38
CA SER A 114 -13.47 10.84 2.42
C SER A 114 -14.71 10.10 2.91
N ASP A 115 -14.96 8.93 2.35
CA ASP A 115 -16.11 8.12 2.74
C ASP A 115 -15.94 6.67 2.31
N VAL A 116 -16.08 6.42 1.00
CA VAL A 116 -15.94 5.07 0.47
C VAL A 116 -15.68 5.11 -1.04
N GLY A 117 -14.56 4.53 -1.45
CA GLY A 117 -14.21 4.51 -2.86
C GLY A 117 -13.74 3.14 -3.31
N TYR A 118 -13.72 2.92 -4.63
CA TYR A 118 -13.29 1.65 -5.19
C TYR A 118 -11.78 1.64 -5.42
N ALA A 119 -11.08 0.78 -4.69
CA ALA A 119 -9.64 0.68 -4.82
C ALA A 119 -9.25 -0.52 -5.69
N ALA A 120 -8.29 -0.31 -6.58
CA ALA A 120 -7.83 -1.37 -7.47
C ALA A 120 -6.54 -0.98 -8.20
N GLY A 121 -5.62 -1.93 -8.30
CA GLY A 121 -4.36 -1.66 -8.98
C GLY A 121 -3.59 -2.93 -9.29
N LEU A 122 -2.27 -2.87 -9.13
CA LEU A 122 -1.42 -4.03 -9.39
C LEU A 122 -0.21 -4.04 -8.46
N GLN A 123 0.45 -5.19 -8.38
CA GLN A 123 1.62 -5.33 -7.52
C GLN A 123 2.57 -6.39 -8.05
N ALA A 124 3.76 -6.48 -7.45
CA ALA A 124 4.76 -7.44 -7.85
C ALA A 124 6.03 -7.25 -7.04
N GLY A 125 6.68 -8.36 -6.70
CA GLY A 125 7.90 -8.31 -5.92
C GLY A 125 8.61 -9.65 -5.84
N ILE A 126 9.04 -10.01 -4.64
CA ILE A 126 9.73 -11.28 -4.42
C ILE A 126 9.65 -11.68 -2.95
N LEU A 127 9.07 -12.84 -2.69
CA LEU A 127 8.94 -13.32 -1.32
C LEU A 127 10.08 -14.26 -0.96
N GLN A 128 10.87 -13.86 0.04
CA GLN A 128 12.00 -14.66 0.49
C GLN A 128 11.61 -15.54 1.68
N GLU A 129 11.78 -16.85 1.52
CA GLU A 129 11.45 -17.79 2.56
C GLU A 129 12.71 -18.46 3.10
N LEU A 130 12.69 -18.83 4.38
CA LEU A 130 13.84 -19.47 5.00
C LEU A 130 13.56 -20.95 5.22
N SER A 131 12.36 -21.25 5.68
CA SER A 131 11.94 -22.62 5.93
C SER A 131 10.44 -22.67 6.20
N LYS A 132 9.97 -23.80 6.71
CA LYS A 132 8.56 -23.96 7.01
C LYS A 132 8.23 -23.35 8.37
N ASN A 133 8.58 -22.08 8.54
CA ASN A 133 8.32 -21.38 9.80
C ASN A 133 7.91 -19.94 9.55
N ALA A 134 8.76 -19.19 8.86
CA ALA A 134 8.49 -17.79 8.57
C ALA A 134 9.13 -17.37 7.26
N SER A 135 8.53 -16.37 6.61
CA SER A 135 9.04 -15.86 5.34
C SER A 135 8.87 -14.35 5.27
N ILE A 136 9.32 -13.75 4.18
CA ILE A 136 9.22 -12.31 3.99
C ILE A 136 8.85 -11.98 2.55
N GLU A 137 8.06 -10.93 2.38
CA GLU A 137 7.63 -10.49 1.06
C GLU A 137 7.86 -9.00 0.88
N GLY A 138 8.38 -8.62 -0.28
CA GLY A 138 8.64 -7.21 -0.55
C GLY A 138 8.67 -6.91 -2.03
N GLY A 139 8.29 -5.68 -2.39
CA GLY A 139 8.28 -5.28 -3.78
C GLY A 139 7.61 -3.94 -4.00
N TYR A 140 6.70 -3.89 -4.97
CA TYR A 140 5.99 -2.65 -5.28
C TYR A 140 4.49 -2.84 -5.10
N ARG A 141 3.77 -1.72 -4.97
CA ARG A 141 2.33 -1.76 -4.78
C ARG A 141 1.64 -0.61 -5.52
N TYR A 142 0.71 -0.96 -6.41
CA TYR A 142 -0.02 0.04 -7.17
C TYR A 142 -1.51 -0.06 -6.89
N LEU A 143 -2.15 1.09 -6.65
CA LEU A 143 -3.58 1.12 -6.36
C LEU A 143 -4.26 2.31 -7.02
N ARG A 144 -5.55 2.18 -7.29
CA ARG A 144 -6.32 3.25 -7.90
C ARG A 144 -7.43 3.71 -6.96
N THR A 145 -7.99 4.88 -7.25
CA THR A 145 -9.06 5.45 -6.41
C THR A 145 -10.40 5.41 -7.15
N ASN A 146 -11.47 5.73 -6.42
CA ASN A 146 -12.81 5.73 -6.99
C ASN A 146 -12.88 6.65 -8.21
N ALA A 147 -13.18 6.06 -9.36
CA ALA A 147 -13.29 6.80 -10.60
C ALA A 147 -14.72 6.80 -11.13
N SER A 148 -15.36 7.97 -11.13
CA SER A 148 -16.73 8.09 -11.60
C SER A 148 -17.68 7.28 -10.74
N THR A 149 -18.90 7.78 -10.57
CA THR A 149 -19.91 7.09 -9.77
C THR A 149 -21.31 7.35 -10.32
N GLU A 150 -21.56 6.85 -11.53
CA GLU A 150 -22.86 7.01 -12.17
C GLU A 150 -23.16 8.48 -12.43
N MET A 151 -23.52 8.81 -13.67
CA MET A 151 -23.83 10.17 -14.04
C MET A 151 -25.34 10.40 -14.07
N THR A 152 -25.75 11.61 -14.42
CA THR A 152 -27.17 11.94 -14.48
C THR A 152 -27.60 12.25 -15.92
N PRO A 153 -28.76 11.72 -16.36
CA PRO A 153 -29.27 11.95 -17.72
C PRO A 153 -29.37 13.44 -18.05
N HIS A 154 -30.22 14.14 -17.29
CA HIS A 154 -30.42 15.57 -17.50
C HIS A 154 -29.25 16.37 -16.96
N GLY A 155 -28.82 17.37 -17.72
CA GLY A 155 -27.70 18.20 -17.30
C GLY A 155 -26.35 17.59 -17.63
N GLY A 156 -25.29 18.33 -17.36
CA GLY A 156 -23.95 17.82 -17.64
C GLY A 156 -22.87 18.85 -17.34
N ASN A 157 -21.63 18.39 -17.27
CA ASN A 157 -20.50 19.28 -16.99
C ASN A 157 -19.40 19.11 -18.04
N LYS A 158 -18.31 19.85 -17.87
CA LYS A 158 -17.20 19.78 -18.80
C LYS A 158 -16.52 18.42 -18.75
N LEU A 159 -17.00 17.49 -19.57
CA LEU A 159 -16.44 16.14 -19.60
C LEU A 159 -15.12 16.13 -20.38
N GLY A 160 -14.28 15.14 -20.08
CA GLY A 160 -13.00 15.03 -20.76
C GLY A 160 -11.83 15.36 -19.84
N SER A 161 -11.69 14.61 -18.77
CA SER A 161 -10.61 14.83 -17.81
C SER A 161 -9.94 13.52 -17.43
N LEU A 162 -8.62 13.48 -17.52
CA LEU A 162 -7.86 12.28 -17.18
C LEU A 162 -6.44 12.64 -16.76
N ASP A 163 -6.22 12.71 -15.45
CA ASP A 163 -4.90 13.04 -14.92
C ASP A 163 -4.69 12.41 -13.55
N LEU A 164 -5.25 11.22 -13.36
CA LEU A 164 -5.13 10.51 -12.10
C LEU A 164 -3.76 9.85 -11.98
N HIS A 165 -3.40 9.07 -12.99
CA HIS A 165 -2.11 8.38 -13.01
C HIS A 165 -2.00 7.43 -11.83
N SER A 166 -1.00 6.55 -11.88
CA SER A 166 -0.78 5.57 -10.82
C SER A 166 0.19 6.13 -9.77
N SER A 167 0.27 5.45 -8.63
CA SER A 167 1.16 5.87 -7.56
C SER A 167 2.26 4.84 -7.31
N SER A 168 3.36 5.29 -6.73
CA SER A 168 4.49 4.40 -6.44
C SER A 168 4.58 4.11 -4.95
N GLN A 169 4.69 2.83 -4.61
CA GLN A 169 4.78 2.42 -3.20
C GLN A 169 5.78 1.28 -3.03
N PHE A 170 6.32 1.17 -1.83
CA PHE A 170 7.29 0.13 -1.52
C PHE A 170 6.64 -0.94 -0.64
N TYR A 171 7.04 -2.17 -0.88
CA TYR A 171 6.51 -3.31 -0.13
C TYR A 171 7.63 -4.11 0.51
N LEU A 172 7.50 -4.32 1.81
CA LEU A 172 8.49 -5.08 2.58
C LEU A 172 7.90 -5.50 3.92
N GLY A 173 8.02 -6.78 4.25
CA GLY A 173 7.49 -7.27 5.52
C GLY A 173 7.70 -8.76 5.71
N ALA A 174 6.86 -9.37 6.53
CA ALA A 174 6.95 -10.80 6.81
C ALA A 174 5.73 -11.54 6.29
N ASN A 175 5.78 -12.87 6.35
CA ASN A 175 4.68 -13.69 5.88
C ASN A 175 4.70 -15.07 6.55
N TYR A 176 3.65 -15.36 7.32
CA TYR A 176 3.56 -16.64 8.02
C TYR A 176 2.38 -17.46 7.50
N LYS A 177 2.69 -18.62 6.94
CA LYS A 177 1.66 -19.52 6.40
C LYS A 177 1.07 -20.40 7.49
N PHE A 178 -0.08 -21.01 7.20
CA PHE A 178 -0.74 -21.88 8.16
C PHE A 178 -0.46 -23.34 7.84
N ALA A 1 -4.43 -25.67 -1.95
CA ALA A 1 -4.22 -24.27 -1.52
C ALA A 1 -3.59 -24.21 -0.13
N ASP A 2 -2.90 -23.11 0.16
CA ASP A 2 -2.25 -22.94 1.45
C ASP A 2 -2.74 -21.66 2.13
N ASN A 3 -2.41 -21.52 3.41
CA ASN A 3 -2.82 -20.34 4.18
C ASN A 3 -1.60 -19.49 4.54
N PHE A 4 -1.72 -18.18 4.32
CA PHE A 4 -0.63 -17.26 4.62
C PHE A 4 -1.14 -16.03 5.35
N VAL A 5 -0.37 -15.57 6.33
CA VAL A 5 -0.75 -14.39 7.10
C VAL A 5 0.48 -13.67 7.63
N GLY A 6 0.53 -12.36 7.40
CA GLY A 6 1.68 -11.58 7.86
C GLY A 6 1.42 -10.09 7.81
N LEU A 7 2.48 -9.33 7.56
CA LEU A 7 2.38 -7.87 7.49
C LEU A 7 3.22 -7.32 6.35
N THR A 8 2.90 -6.09 5.93
CA THR A 8 3.61 -5.45 4.84
C THR A 8 4.06 -4.05 5.24
N TRP A 9 4.93 -3.45 4.44
CA TRP A 9 5.42 -2.11 4.71
C TRP A 9 5.76 -1.37 3.41
N GLY A 10 5.37 -0.10 3.35
CA GLY A 10 5.64 0.69 2.16
C GLY A 10 6.62 1.81 2.42
N GLU A 11 7.72 1.81 1.67
CA GLU A 11 8.75 2.83 1.83
C GLU A 11 8.44 4.05 0.96
N THR A 12 8.36 5.20 1.60
CA THR A 12 8.06 6.45 0.90
C THR A 12 9.22 7.44 1.05
N SER A 13 9.55 8.11 -0.05
CA SER A 13 10.64 9.09 -0.04
C SER A 13 10.38 10.19 -1.07
N ASN A 14 9.94 11.35 -0.60
CA ASN A 14 9.66 12.48 -1.47
C ASN A 14 10.17 13.78 -0.86
N ASN A 15 11.31 13.70 -0.19
CA ASN A 15 11.89 14.87 0.45
C ASN A 15 12.37 15.88 -0.60
N ILE A 16 12.36 17.15 -0.23
CA ILE A 16 12.79 18.21 -1.14
C ILE A 16 13.59 19.28 -0.40
N GLN A 17 14.31 18.87 0.64
CA GLN A 17 15.12 19.78 1.42
C GLN A 17 16.57 19.77 0.95
N LYS A 18 17.11 20.95 0.71
CA LYS A 18 18.49 21.08 0.25
C LYS A 18 18.69 20.36 -1.08
N SER A 19 17.64 20.32 -1.89
CA SER A 19 17.70 19.66 -3.19
C SER A 19 17.38 20.64 -4.31
N LYS A 20 18.24 20.67 -5.33
CA LYS A 20 18.06 21.56 -6.46
C LYS A 20 18.09 23.03 -6.02
N SER A 21 19.07 23.77 -6.54
CA SER A 21 19.20 25.18 -6.19
C SER A 21 19.08 26.06 -7.44
N LEU A 22 18.40 25.54 -8.46
CA LEU A 22 18.21 26.27 -9.71
C LEU A 22 16.97 25.79 -10.43
N ASN A 23 15.82 25.89 -9.77
CA ASN A 23 14.56 25.45 -10.36
C ASN A 23 13.58 26.62 -10.45
N ARG A 24 12.49 26.42 -11.20
CA ARG A 24 11.47 27.44 -11.36
C ARG A 24 10.48 27.42 -10.21
N ASN A 25 9.62 26.41 -10.20
CA ASN A 25 8.61 26.27 -9.15
C ASN A 25 9.03 25.21 -8.13
N LEU A 26 8.16 24.96 -7.16
CA LEU A 26 8.44 23.97 -6.13
C LEU A 26 7.17 23.21 -5.75
N ASN A 27 6.27 23.89 -5.03
CA ASN A 27 5.01 23.28 -4.61
C ASN A 27 4.13 22.99 -5.81
N SER A 28 2.96 22.40 -5.54
CA SER A 28 2.01 22.06 -6.60
C SER A 28 0.74 21.44 -6.03
N PRO A 29 0.87 20.29 -5.36
CA PRO A 29 -0.27 19.59 -4.75
C PRO A 29 -0.86 20.36 -3.58
N ASN A 30 -2.18 20.28 -3.42
CA ASN A 30 -2.87 20.96 -2.33
C ASN A 30 -2.36 20.50 -0.97
N LEU A 31 -2.34 21.41 0.00
CA LEU A 31 -1.87 21.09 1.34
C LEU A 31 -2.99 21.23 2.36
N ASP A 32 -3.36 20.12 2.99
CA ASP A 32 -4.42 20.12 3.98
C ASP A 32 -3.84 20.01 5.39
N LYS A 33 -2.90 19.08 5.56
CA LYS A 33 -2.27 18.87 6.87
C LYS A 33 -0.82 18.43 6.70
N VAL A 34 -0.63 17.25 6.13
CA VAL A 34 0.71 16.71 5.91
C VAL A 34 0.96 16.43 4.43
N ILE A 35 -0.02 15.80 3.79
CA ILE A 35 0.07 15.47 2.37
C ILE A 35 1.44 14.88 2.02
N ASP A 36 2.04 14.16 2.97
CA ASP A 36 3.34 13.55 2.76
C ASP A 36 3.74 12.69 3.97
N ASN A 37 3.78 11.38 3.76
CA ASN A 37 4.15 10.46 4.83
C ASN A 37 5.56 9.90 4.61
N THR A 38 6.07 9.19 5.62
CA THR A 38 7.41 8.61 5.53
C THR A 38 7.45 7.27 6.26
N GLY A 39 6.32 6.58 6.31
CA GLY A 39 6.25 5.30 6.98
C GLY A 39 4.85 4.72 7.00
N THR A 40 4.55 3.84 6.05
CA THR A 40 3.22 3.23 5.97
C THR A 40 3.30 1.74 6.28
N TRP A 41 2.50 1.29 7.23
CA TRP A 41 2.48 -0.11 7.62
C TRP A 41 1.19 -0.78 7.15
N GLY A 42 1.11 -2.10 7.35
CA GLY A 42 -0.08 -2.82 6.94
C GLY A 42 0.00 -4.30 7.25
N ILE A 43 -1.15 -4.95 7.34
CA ILE A 43 -1.20 -6.38 7.64
C ILE A 43 -1.66 -7.17 6.41
N ARG A 44 -1.35 -8.46 6.39
CA ARG A 44 -1.74 -9.31 5.28
C ARG A 44 -2.12 -10.70 5.76
N ALA A 45 -3.02 -11.34 5.04
CA ALA A 45 -3.49 -12.67 5.39
C ALA A 45 -4.49 -13.20 4.35
N GLY A 46 -4.18 -14.36 3.78
CA GLY A 46 -5.06 -14.97 2.79
C GLY A 46 -4.74 -16.43 2.55
N GLN A 47 -4.75 -16.83 1.28
CA GLN A 47 -4.47 -18.22 0.92
C GLN A 47 -3.49 -18.28 -0.26
N GLN A 48 -2.44 -19.09 -0.10
CA GLN A 48 -1.44 -19.24 -1.14
C GLN A 48 -1.58 -20.57 -1.87
N PHE A 49 -2.01 -20.53 -3.12
CA PHE A 49 -2.19 -21.74 -3.92
C PHE A 49 -1.32 -21.69 -5.17
N GLU A 50 -1.19 -22.83 -5.84
CA GLU A 50 -0.38 -22.93 -7.04
C GLU A 50 -0.94 -22.05 -8.16
N GLN A 51 -2.22 -21.68 -8.05
CA GLN A 51 -2.86 -20.85 -9.05
C GLN A 51 -2.76 -19.37 -8.70
N GLY A 52 -1.86 -19.03 -7.77
CA GLY A 52 -1.70 -17.65 -7.38
C GLY A 52 -1.66 -17.47 -5.87
N ARG A 53 -1.42 -16.25 -5.42
CA ARG A 53 -1.37 -15.96 -3.99
C ARG A 53 -2.49 -15.01 -3.57
N TYR A 54 -3.37 -15.49 -2.70
CA TYR A 54 -4.48 -14.68 -2.21
C TYR A 54 -4.15 -14.15 -0.83
N TYR A 55 -4.47 -12.87 -0.60
CA TYR A 55 -4.20 -12.24 0.68
C TYR A 55 -4.65 -10.79 0.66
N ALA A 56 -5.37 -10.39 1.70
CA ALA A 56 -5.85 -9.03 1.83
C ALA A 56 -4.84 -8.18 2.58
N THR A 57 -4.60 -6.96 2.09
CA THR A 57 -3.64 -6.06 2.71
C THR A 57 -4.32 -4.84 3.31
N TYR A 58 -4.30 -4.76 4.63
CA TYR A 58 -4.90 -3.64 5.34
C TYR A 58 -3.94 -2.45 5.33
N GLU A 59 -4.42 -1.31 4.84
CA GLU A 59 -3.59 -0.11 4.78
C GLU A 59 -3.94 0.87 5.89
N ASN A 60 -2.97 1.71 6.25
CA ASN A 60 -3.15 2.70 7.31
C ASN A 60 -2.02 3.72 7.28
N ILE A 61 -2.37 4.97 6.98
CA ILE A 61 -1.38 6.05 6.91
C ILE A 61 -1.38 6.88 8.19
N SER A 62 -0.20 7.35 8.58
CA SER A 62 -0.06 8.16 9.78
C SER A 62 -0.42 7.36 11.02
N ASP A 63 0.49 7.35 12.00
CA ASP A 63 0.27 6.61 13.24
C ASP A 63 0.86 7.37 14.43
N THR A 64 0.76 6.78 15.61
CA THR A 64 1.29 7.40 16.82
C THR A 64 0.60 8.73 17.09
N SER A 65 0.98 9.37 18.19
CA SER A 65 0.40 10.66 18.57
C SER A 65 1.08 11.79 17.82
N SER A 66 2.37 11.63 17.56
CA SER A 66 3.14 12.65 16.85
C SER A 66 2.60 12.86 15.43
N GLY A 67 2.16 11.77 14.81
CA GLY A 67 1.63 11.85 13.47
C GLY A 67 0.20 12.36 13.44
N ASN A 68 -0.74 11.46 13.16
CA ASN A 68 -2.16 11.83 13.10
C ASN A 68 -3.02 10.76 13.76
N LYS A 69 -4.31 11.06 13.90
CA LYS A 69 -5.24 10.12 14.53
C LYS A 69 -6.61 10.20 13.86
N LEU A 70 -6.83 9.33 12.87
CA LEU A 70 -8.10 9.31 12.15
C LEU A 70 -8.77 7.94 12.29
N ARG A 71 -10.10 7.95 12.34
CA ARG A 71 -10.86 6.71 12.47
C ARG A 71 -11.19 6.13 11.10
N GLN A 72 -10.17 5.91 10.29
CA GLN A 72 -10.36 5.35 8.95
C GLN A 72 -9.56 4.06 8.79
N GLN A 73 -9.70 3.44 7.62
CA GLN A 73 -8.99 2.19 7.34
C GLN A 73 -9.14 1.80 5.88
N ASN A 74 -8.22 0.98 5.38
CA ASN A 74 -8.27 0.54 4.00
C ASN A 74 -8.04 -0.97 3.89
N LEU A 75 -9.02 -1.67 3.32
CA LEU A 75 -8.94 -3.12 3.16
C LEU A 75 -8.89 -3.47 1.68
N LEU A 76 -7.77 -4.05 1.24
CA LEU A 76 -7.61 -4.43 -0.15
C LEU A 76 -7.30 -5.91 -0.29
N GLY A 77 -7.66 -6.47 -1.44
CA GLY A 77 -7.41 -7.88 -1.69
C GLY A 77 -6.37 -8.08 -2.77
N SER A 78 -5.24 -8.69 -2.39
CA SER A 78 -4.15 -8.93 -3.33
C SER A 78 -4.28 -10.28 -4.02
N TYR A 79 -3.96 -10.31 -5.31
CA TYR A 79 -4.03 -11.52 -6.10
C TYR A 79 -2.96 -11.51 -7.18
N ASP A 80 -1.96 -12.37 -7.03
CA ASP A 80 -0.87 -12.44 -7.99
C ASP A 80 -0.35 -13.86 -8.16
N ALA A 81 0.54 -14.06 -9.13
CA ALA A 81 1.12 -15.36 -9.39
C ALA A 81 2.61 -15.36 -9.07
N PHE A 82 3.01 -16.19 -8.12
CA PHE A 82 4.40 -16.29 -7.70
C PHE A 82 5.12 -17.46 -8.38
N LEU A 83 6.44 -17.46 -8.28
CA LEU A 83 7.25 -18.52 -8.88
C LEU A 83 8.70 -18.45 -8.37
N PRO A 84 9.28 -19.60 -7.98
CA PRO A 84 10.66 -19.65 -7.48
C PRO A 84 11.67 -19.28 -8.55
N ILE A 85 12.07 -18.00 -8.58
CA ILE A 85 13.04 -17.52 -9.55
C ILE A 85 13.75 -16.27 -9.06
N GLY A 86 15.07 -16.31 -9.04
CA GLY A 86 15.84 -15.17 -8.59
C GLY A 86 17.24 -15.55 -8.13
N ASP A 87 17.32 -16.47 -7.18
CA ASP A 87 18.61 -16.92 -6.67
C ASP A 87 18.50 -18.33 -6.09
N ASN A 88 17.55 -18.51 -5.17
CA ASN A 88 17.35 -19.82 -4.55
C ASN A 88 16.16 -19.77 -3.59
N ASN A 89 16.02 -18.67 -2.87
CA ASN A 89 14.93 -18.51 -1.91
C ASN A 89 14.13 -17.25 -2.19
N THR A 90 13.59 -17.13 -3.39
CA THR A 90 12.80 -15.97 -3.78
C THR A 90 11.56 -16.41 -4.55
N LYS A 91 10.46 -15.67 -4.43
CA LYS A 91 9.24 -16.02 -5.13
C LYS A 91 8.72 -14.85 -5.95
N LEU A 92 9.13 -14.80 -7.21
CA LEU A 92 8.71 -13.73 -8.10
C LEU A 92 7.20 -13.76 -8.29
N PHE A 93 6.54 -12.84 -7.61
CA PHE A 93 5.08 -12.73 -7.67
C PHE A 93 4.67 -11.43 -8.34
N GLY A 94 3.48 -11.44 -8.94
CA GLY A 94 2.98 -10.25 -9.61
C GLY A 94 1.54 -10.38 -10.04
N GLY A 95 0.72 -9.38 -9.71
CA GLY A 95 -0.68 -9.41 -10.09
C GLY A 95 -1.37 -8.08 -9.84
N ALA A 96 -2.61 -8.15 -9.35
CA ALA A 96 -3.39 -6.94 -9.08
C ALA A 96 -4.08 -7.03 -7.73
N THR A 97 -4.65 -5.91 -7.29
CA THR A 97 -5.36 -5.87 -6.01
C THR A 97 -6.65 -5.06 -6.13
N LEU A 98 -7.54 -5.23 -5.15
CA LEU A 98 -8.81 -4.51 -5.15
C LEU A 98 -9.42 -4.49 -3.76
N GLY A 99 -9.89 -3.32 -3.34
CA GLY A 99 -10.49 -3.18 -2.02
C GLY A 99 -11.45 -2.02 -1.93
N LEU A 100 -11.48 -1.37 -0.77
CA LEU A 100 -12.35 -0.24 -0.53
C LEU A 100 -11.78 0.66 0.56
N VAL A 101 -11.72 1.95 0.28
CA VAL A 101 -11.19 2.92 1.24
C VAL A 101 -12.29 3.80 1.81
N LYS A 102 -12.33 3.89 3.13
CA LYS A 102 -13.33 4.70 3.82
C LYS A 102 -12.68 5.66 4.80
N LEU A 103 -13.08 6.92 4.74
CA LEU A 103 -12.54 7.95 5.62
C LEU A 103 -13.63 8.56 6.50
N GLU A 104 -13.27 8.92 7.73
CA GLU A 104 -14.22 9.51 8.66
C GLU A 104 -13.91 10.97 8.90
N GLN A 105 -14.79 11.65 9.63
CA GLN A 105 -14.60 13.07 9.93
C GLN A 105 -15.31 13.45 11.23
N ASP A 106 -15.17 14.71 11.62
CA ASP A 106 -15.80 15.20 12.85
C ASP A 106 -17.01 16.05 12.53
N GLY A 107 -18.19 15.44 12.59
CA GLY A 107 -19.41 16.16 12.30
C GLY A 107 -19.76 16.16 10.82
N LYS A 108 -20.98 16.58 10.50
CA LYS A 108 -21.43 16.63 9.11
C LYS A 108 -21.52 18.07 8.62
N GLY A 109 -20.80 18.36 7.55
CA GLY A 109 -20.81 19.70 6.99
C GLY A 109 -20.55 19.71 5.49
N PHE A 110 -19.52 18.99 5.07
CA PHE A 110 -19.17 18.92 3.66
C PHE A 110 -20.19 18.10 2.88
N LYS A 111 -20.17 18.24 1.55
CA LYS A 111 -21.10 17.52 0.70
C LYS A 111 -20.76 16.03 0.66
N ARG A 112 -21.73 15.22 0.25
CA ARG A 112 -21.53 13.77 0.17
C ARG A 112 -20.62 13.41 -1.01
N ASP A 113 -19.61 12.61 -0.74
CA ASP A 113 -18.67 12.19 -1.78
C ASP A 113 -17.64 11.21 -1.23
N SER A 114 -17.19 11.45 0.00
CA SER A 114 -16.21 10.59 0.63
C SER A 114 -16.88 9.46 1.39
N ASP A 115 -16.13 8.79 2.24
CA ASP A 115 -16.64 7.68 3.04
C ASP A 115 -16.97 6.48 2.17
N VAL A 116 -16.55 6.52 0.90
CA VAL A 116 -16.80 5.42 -0.03
C VAL A 116 -15.90 5.52 -1.25
N GLY A 117 -14.88 4.68 -1.30
CA GLY A 117 -13.96 4.69 -2.43
C GLY A 117 -13.53 3.31 -2.86
N TYR A 118 -13.37 3.12 -4.17
CA TYR A 118 -12.96 1.83 -4.70
C TYR A 118 -11.44 1.74 -4.80
N ALA A 119 -10.87 0.75 -4.10
CA ALA A 119 -9.42 0.56 -4.11
C ALA A 119 -9.01 -0.47 -5.15
N ALA A 120 -7.91 -0.21 -5.84
CA ALA A 120 -7.40 -1.10 -6.86
C ALA A 120 -6.02 -0.67 -7.35
N GLY A 121 -5.10 -1.62 -7.47
CA GLY A 121 -3.76 -1.31 -7.93
C GLY A 121 -3.02 -2.52 -8.44
N LEU A 122 -1.73 -2.60 -8.16
CA LEU A 122 -0.91 -3.72 -8.59
C LEU A 122 0.22 -3.98 -7.61
N GLN A 123 0.81 -5.18 -7.69
CA GLN A 123 1.91 -5.55 -6.80
C GLN A 123 2.80 -6.61 -7.46
N ALA A 124 4.02 -6.73 -6.97
CA ALA A 124 4.97 -7.70 -7.49
C ALA A 124 6.32 -7.58 -6.80
N GLY A 125 6.96 -8.72 -6.56
CA GLY A 125 8.25 -8.71 -5.90
C GLY A 125 8.87 -10.10 -5.84
N ILE A 126 9.24 -10.54 -4.64
CA ILE A 126 9.84 -11.84 -4.44
C ILE A 126 9.72 -12.27 -2.99
N LEU A 127 9.06 -13.40 -2.76
CA LEU A 127 8.88 -13.90 -1.40
C LEU A 127 9.96 -14.93 -1.05
N GLN A 128 10.80 -14.59 -0.09
CA GLN A 128 11.87 -15.45 0.34
C GLN A 128 11.51 -16.21 1.62
N GLU A 129 12.02 -17.43 1.73
CA GLU A 129 11.74 -18.26 2.90
C GLU A 129 13.05 -18.79 3.50
N LEU A 130 13.06 -19.00 4.81
CA LEU A 130 14.26 -19.49 5.49
C LEU A 130 14.04 -20.92 5.96
N SER A 131 12.89 -21.16 6.57
CA SER A 131 12.54 -22.49 7.07
C SER A 131 11.07 -22.53 7.47
N LYS A 132 10.69 -23.56 8.22
CA LYS A 132 9.32 -23.71 8.67
C LYS A 132 9.03 -22.82 9.87
N ASN A 133 9.25 -21.51 9.70
CA ASN A 133 9.03 -20.56 10.78
C ASN A 133 8.37 -19.29 10.26
N ALA A 134 9.05 -18.61 9.33
CA ALA A 134 8.52 -17.38 8.75
C ALA A 134 9.26 -17.03 7.46
N SER A 135 8.61 -16.23 6.62
CA SER A 135 9.21 -15.82 5.35
C SER A 135 9.22 -14.30 5.22
N ILE A 136 9.94 -13.81 4.22
CA ILE A 136 10.03 -12.37 4.00
C ILE A 136 9.85 -12.06 2.51
N GLU A 137 9.03 -11.04 2.23
CA GLU A 137 8.77 -10.63 0.85
C GLU A 137 9.10 -9.15 0.65
N GLY A 138 9.50 -8.81 -0.57
CA GLY A 138 9.83 -7.43 -0.87
C GLY A 138 9.66 -7.11 -2.34
N GLY A 139 8.93 -6.04 -2.63
CA GLY A 139 8.72 -5.65 -4.02
C GLY A 139 8.15 -4.26 -4.16
N TYR A 140 7.17 -4.11 -5.04
CA TYR A 140 6.52 -2.82 -5.27
C TYR A 140 5.01 -2.97 -5.33
N ARG A 141 4.30 -1.86 -5.14
CA ARG A 141 2.85 -1.87 -5.18
C ARG A 141 2.31 -0.54 -5.72
N TYR A 142 1.19 -0.62 -6.44
CA TYR A 142 0.57 0.57 -7.01
C TYR A 142 -0.77 0.86 -6.33
N LEU A 143 -1.09 2.15 -6.21
CA LEU A 143 -2.34 2.56 -5.59
C LEU A 143 -3.17 3.41 -6.54
N ARG A 144 -4.39 2.96 -6.80
CA ARG A 144 -5.30 3.67 -7.70
C ARG A 144 -6.74 3.54 -7.23
N THR A 145 -7.32 4.65 -6.77
CA THR A 145 -8.70 4.65 -6.29
C THR A 145 -9.58 5.52 -7.17
N ASN A 146 -10.76 5.01 -7.51
CA ASN A 146 -11.71 5.73 -8.35
C ASN A 146 -13.14 5.51 -7.86
N ALA A 147 -13.77 6.59 -7.39
CA ALA A 147 -15.14 6.52 -6.90
C ALA A 147 -16.14 6.52 -8.06
N SER A 148 -17.42 6.43 -7.71
CA SER A 148 -18.48 6.43 -8.72
C SER A 148 -18.31 5.26 -9.69
N THR A 149 -17.70 4.17 -9.20
CA THR A 149 -17.48 2.98 -10.01
C THR A 149 -16.66 3.32 -11.25
N GLU A 150 -16.13 2.29 -11.90
CA GLU A 150 -15.32 2.47 -13.10
C GLU A 150 -16.17 2.37 -14.35
N MET A 151 -16.92 3.44 -14.65
CA MET A 151 -17.78 3.47 -15.82
C MET A 151 -16.97 3.30 -17.10
N THR A 152 -15.94 4.11 -17.26
CA THR A 152 -15.08 4.05 -18.43
C THR A 152 -14.06 2.92 -18.31
N PRO A 153 -14.15 1.89 -19.18
CA PRO A 153 -13.23 0.75 -19.15
C PRO A 153 -11.84 1.14 -19.60
N HIS A 154 -10.85 0.86 -18.76
CA HIS A 154 -9.46 1.17 -19.08
C HIS A 154 -8.71 -0.06 -19.54
N GLY A 155 -7.59 0.14 -20.21
CA GLY A 155 -6.79 -0.97 -20.70
C GLY A 155 -6.39 -0.81 -22.15
N GLY A 156 -7.37 -0.92 -23.05
CA GLY A 156 -7.09 -0.78 -24.47
C GLY A 156 -6.50 -2.05 -25.07
N ASN A 157 -5.19 -2.08 -25.22
CA ASN A 157 -4.50 -3.24 -25.77
C ASN A 157 -2.98 -3.08 -25.66
N LYS A 158 -2.49 -1.89 -25.99
CA LYS A 158 -1.06 -1.62 -25.92
C LYS A 158 -0.63 -1.35 -24.48
N LEU A 159 0.67 -1.08 -24.30
CA LEU A 159 1.20 -0.81 -22.97
C LEU A 159 2.63 -0.27 -23.07
N GLY A 160 2.93 0.74 -22.26
CA GLY A 160 4.25 1.33 -22.27
C GLY A 160 4.90 1.32 -20.90
N SER A 161 4.68 2.39 -20.13
CA SER A 161 5.24 2.50 -18.79
C SER A 161 4.30 3.29 -17.88
N LEU A 162 4.21 2.84 -16.63
CA LEU A 162 3.34 3.50 -15.66
C LEU A 162 4.02 4.74 -15.09
N ASP A 163 3.69 5.90 -15.67
CA ASP A 163 4.27 7.17 -15.23
C ASP A 163 3.41 8.34 -15.69
N LEU A 164 2.10 8.11 -15.77
CA LEU A 164 1.17 9.15 -16.20
C LEU A 164 0.31 9.62 -15.03
N HIS A 165 -0.54 8.74 -14.53
CA HIS A 165 -1.42 9.06 -13.41
C HIS A 165 -1.41 7.95 -12.37
N SER A 166 -0.23 7.40 -12.12
CA SER A 166 -0.08 6.32 -11.14
C SER A 166 0.95 6.69 -10.08
N SER A 167 0.88 6.03 -8.94
CA SER A 167 1.81 6.29 -7.84
C SER A 167 2.80 5.13 -7.67
N SER A 168 4.00 5.46 -7.23
CA SER A 168 5.04 4.44 -7.03
C SER A 168 5.27 4.18 -5.55
N GLN A 169 5.09 2.93 -5.14
CA GLN A 169 5.28 2.54 -3.75
C GLN A 169 6.14 1.29 -3.65
N PHE A 170 6.80 1.12 -2.49
CA PHE A 170 7.64 -0.03 -2.26
C PHE A 170 6.90 -1.07 -1.44
N TYR A 171 7.44 -2.27 -1.41
CA TYR A 171 6.84 -3.37 -0.67
C TYR A 171 7.92 -4.18 0.06
N LEU A 172 7.71 -4.37 1.36
CA LEU A 172 8.64 -5.13 2.18
C LEU A 172 7.99 -5.55 3.48
N GLY A 173 8.11 -6.82 3.82
CA GLY A 173 7.52 -7.32 5.06
C GLY A 173 7.76 -8.81 5.26
N ALA A 174 6.90 -9.43 6.06
CA ALA A 174 7.01 -10.85 6.35
C ALA A 174 5.72 -11.58 6.01
N ASN A 175 5.77 -12.92 6.08
CA ASN A 175 4.59 -13.74 5.78
C ASN A 175 4.62 -15.03 6.59
N TYR A 176 3.66 -15.19 7.48
CA TYR A 176 3.56 -16.38 8.32
C TYR A 176 2.41 -17.27 7.87
N LYS A 177 2.74 -18.48 7.42
CA LYS A 177 1.74 -19.43 6.97
C LYS A 177 1.14 -20.20 8.14
N PHE A 178 -0.01 -20.83 7.91
CA PHE A 178 -0.69 -21.60 8.94
C PHE A 178 -0.68 -23.08 8.60
N ALA A 1 -5.26 -25.23 -1.99
CA ALA A 1 -4.69 -23.90 -1.62
C ALA A 1 -4.20 -23.89 -0.18
N ASP A 2 -3.18 -23.08 0.08
CA ASP A 2 -2.62 -22.98 1.42
C ASP A 2 -3.04 -21.68 2.09
N ASN A 3 -2.94 -21.62 3.42
CA ASN A 3 -3.31 -20.43 4.16
C ASN A 3 -2.07 -19.79 4.80
N PHE A 4 -1.99 -18.47 4.73
CA PHE A 4 -0.85 -17.76 5.30
C PHE A 4 -1.25 -16.38 5.82
N VAL A 5 -0.40 -15.82 6.68
CA VAL A 5 -0.64 -14.51 7.25
C VAL A 5 0.67 -13.79 7.57
N GLY A 6 0.71 -12.49 7.33
CA GLY A 6 1.92 -11.74 7.60
C GLY A 6 1.68 -10.24 7.71
N LEU A 7 2.74 -9.46 7.50
CA LEU A 7 2.65 -8.01 7.58
C LEU A 7 3.21 -7.36 6.31
N THR A 8 2.74 -6.15 6.02
CA THR A 8 3.18 -5.43 4.83
C THR A 8 3.66 -4.03 5.19
N TRP A 9 4.61 -3.52 4.42
CA TRP A 9 5.15 -2.18 4.66
C TRP A 9 5.69 -1.57 3.36
N GLY A 10 5.06 -0.48 2.92
CA GLY A 10 5.49 0.17 1.70
C GLY A 10 5.98 1.59 1.95
N GLU A 11 7.07 1.96 1.29
CA GLU A 11 7.63 3.30 1.44
C GLU A 11 6.94 4.29 0.52
N THR A 12 6.62 5.47 1.05
CA THR A 12 5.94 6.50 0.27
C THR A 12 6.95 7.55 -0.21
N SER A 13 7.02 7.73 -1.52
CA SER A 13 7.94 8.69 -2.11
C SER A 13 7.38 9.23 -3.42
N ASN A 14 6.84 10.45 -3.37
CA ASN A 14 6.28 11.09 -4.55
C ASN A 14 7.36 11.77 -5.38
N ASN A 15 8.04 12.73 -4.78
CA ASN A 15 9.11 13.46 -5.47
C ASN A 15 10.28 12.53 -5.78
N ILE A 16 10.52 12.31 -7.07
CA ILE A 16 11.61 11.44 -7.50
C ILE A 16 12.14 11.87 -8.87
N GLN A 17 13.44 11.77 -9.05
CA GLN A 17 14.07 12.13 -10.31
C GLN A 17 15.08 11.08 -10.76
N LYS A 18 15.30 11.00 -12.07
CA LYS A 18 16.23 10.03 -12.63
C LYS A 18 16.53 10.33 -14.09
N SER A 19 15.52 10.16 -14.94
CA SER A 19 15.67 10.42 -16.37
C SER A 19 14.80 11.58 -16.80
N LYS A 20 13.56 11.60 -16.33
CA LYS A 20 12.62 12.66 -16.67
C LYS A 20 12.12 13.37 -15.41
N SER A 21 11.60 14.58 -15.59
CA SER A 21 11.09 15.36 -14.47
C SER A 21 9.57 15.22 -14.36
N LEU A 22 9.12 14.60 -13.28
CA LEU A 22 7.69 14.39 -13.05
C LEU A 22 7.04 15.66 -12.50
N ASN A 23 5.99 16.12 -13.18
CA ASN A 23 5.28 17.32 -12.77
C ASN A 23 4.52 17.08 -11.46
N ARG A 24 4.62 18.03 -10.55
CA ARG A 24 3.95 17.93 -9.25
C ARG A 24 2.50 18.43 -9.35
N ASN A 25 1.62 17.55 -9.83
CA ASN A 25 0.21 17.90 -9.98
C ASN A 25 -0.43 18.15 -8.62
N LEU A 26 -1.68 18.62 -8.63
CA LEU A 26 -2.40 18.89 -7.40
C LEU A 26 -3.78 18.25 -7.43
N ASN A 27 -3.90 17.07 -6.82
CA ASN A 27 -5.17 16.35 -6.78
C ASN A 27 -5.91 16.64 -5.47
N SER A 28 -5.15 16.75 -4.39
CA SER A 28 -5.73 17.01 -3.07
C SER A 28 -4.65 17.10 -2.00
N PRO A 29 -3.80 16.06 -1.88
CA PRO A 29 -2.73 16.04 -0.88
C PRO A 29 -1.84 17.27 -0.97
N ASN A 30 -0.85 17.34 -0.08
CA ASN A 30 0.07 18.47 -0.05
C ASN A 30 1.21 18.22 0.93
N LEU A 31 2.38 18.76 0.62
CA LEU A 31 3.55 18.60 1.47
C LEU A 31 3.61 19.70 2.54
N ASP A 32 2.71 19.61 3.51
CA ASP A 32 2.65 20.59 4.59
C ASP A 32 3.03 19.96 5.92
N LYS A 33 2.63 18.70 6.10
CA LYS A 33 2.94 17.99 7.34
C LYS A 33 4.00 16.92 7.10
N VAL A 34 3.71 16.01 6.18
CA VAL A 34 4.64 14.93 5.86
C VAL A 34 5.85 15.46 5.09
N ILE A 35 6.74 16.15 5.80
CA ILE A 35 7.93 16.72 5.19
C ILE A 35 9.16 15.85 5.47
N ASP A 36 9.14 15.17 6.62
CA ASP A 36 10.26 14.31 7.01
C ASP A 36 9.83 12.85 6.98
N ASN A 37 8.77 12.53 7.69
CA ASN A 37 8.26 11.15 7.75
C ASN A 37 7.12 10.96 6.76
N THR A 38 7.13 9.82 6.08
CA THR A 38 6.10 9.50 5.09
C THR A 38 6.21 8.05 4.64
N GLY A 39 5.30 7.21 5.14
CA GLY A 39 5.31 5.81 4.76
C GLY A 39 3.98 5.13 5.03
N THR A 40 3.93 3.82 4.81
CA THR A 40 2.71 3.05 5.02
C THR A 40 3.02 1.68 5.59
N TRP A 41 2.10 1.15 6.38
CA TRP A 41 2.28 -0.17 6.99
C TRP A 41 0.93 -0.82 7.27
N GLY A 42 0.95 -2.14 7.48
CA GLY A 42 -0.28 -2.87 7.75
C GLY A 42 -0.05 -4.34 7.96
N ILE A 43 -1.14 -5.12 7.91
CA ILE A 43 -1.07 -6.56 8.09
C ILE A 43 -1.67 -7.29 6.89
N ARG A 44 -1.32 -8.56 6.72
CA ARG A 44 -1.85 -9.35 5.62
C ARG A 44 -2.20 -10.75 6.09
N ALA A 45 -3.08 -11.40 5.34
CA ALA A 45 -3.52 -12.75 5.66
C ALA A 45 -4.47 -13.27 4.58
N GLY A 46 -4.12 -14.42 4.00
CA GLY A 46 -4.95 -15.02 2.96
C GLY A 46 -4.57 -16.45 2.66
N GLN A 47 -4.64 -16.82 1.38
CA GLN A 47 -4.30 -18.17 0.97
C GLN A 47 -3.32 -18.15 -0.21
N GLN A 48 -2.35 -19.06 -0.18
CA GLN A 48 -1.35 -19.14 -1.24
C GLN A 48 -1.36 -20.51 -1.89
N PHE A 49 -1.77 -20.56 -3.16
CA PHE A 49 -1.82 -21.82 -3.91
C PHE A 49 -0.92 -21.75 -5.13
N GLU A 50 -0.50 -22.91 -5.63
CA GLU A 50 0.36 -22.96 -6.80
C GLU A 50 -0.27 -22.25 -8.00
N GLN A 51 -1.59 -22.11 -7.96
CA GLN A 51 -2.31 -21.44 -9.05
C GLN A 51 -2.56 -19.96 -8.73
N GLY A 52 -1.75 -19.40 -7.82
CA GLY A 52 -1.90 -18.01 -7.45
C GLY A 52 -1.87 -17.80 -5.96
N ARG A 53 -1.57 -16.57 -5.54
CA ARG A 53 -1.50 -16.25 -4.13
C ARG A 53 -2.48 -15.12 -3.77
N TYR A 54 -3.27 -15.34 -2.72
CA TYR A 54 -4.24 -14.36 -2.28
C TYR A 54 -3.91 -13.88 -0.87
N TYR A 55 -4.32 -12.65 -0.55
CA TYR A 55 -4.06 -12.09 0.76
C TYR A 55 -4.61 -10.68 0.88
N ALA A 56 -5.37 -10.43 1.94
CA ALA A 56 -5.95 -9.13 2.19
C ALA A 56 -5.01 -8.29 3.04
N THR A 57 -4.72 -7.07 2.59
CA THR A 57 -3.81 -6.19 3.30
C THR A 57 -4.53 -4.93 3.77
N TYR A 58 -4.61 -4.77 5.09
CA TYR A 58 -5.25 -3.60 5.68
C TYR A 58 -4.21 -2.53 5.97
N GLU A 59 -4.49 -1.30 5.55
CA GLU A 59 -3.56 -0.20 5.75
C GLU A 59 -4.20 0.91 6.58
N ASN A 60 -3.38 1.88 6.98
CA ASN A 60 -3.84 3.02 7.77
C ASN A 60 -2.90 4.21 7.61
N ILE A 61 -3.17 5.28 8.35
CA ILE A 61 -2.34 6.48 8.29
C ILE A 61 -1.61 6.71 9.60
N SER A 62 -0.33 7.07 9.51
CA SER A 62 0.49 7.32 10.69
C SER A 62 1.73 8.12 10.33
N ASP A 63 2.19 8.94 11.26
CA ASP A 63 3.38 9.76 11.04
C ASP A 63 4.51 9.37 11.99
N THR A 64 4.15 9.10 13.24
CA THR A 64 5.13 8.72 14.24
C THR A 64 5.31 7.19 14.27
N SER A 65 6.29 6.74 15.06
CA SER A 65 6.57 5.31 15.17
C SER A 65 5.37 4.57 15.77
N SER A 66 5.01 4.94 17.00
CA SER A 66 3.88 4.31 17.68
C SER A 66 2.57 4.66 17.00
N GLY A 67 2.51 5.83 16.38
CA GLY A 67 1.31 6.26 15.69
C GLY A 67 0.52 7.28 16.49
N ASN A 68 0.05 8.32 15.82
CA ASN A 68 -0.73 9.38 16.48
C ASN A 68 -2.13 9.48 15.88
N LYS A 69 -3.09 8.84 16.52
CA LYS A 69 -4.48 8.87 16.04
C LYS A 69 -4.57 8.36 14.61
N LEU A 70 -5.79 8.35 14.08
CA LEU A 70 -6.02 7.90 12.71
C LEU A 70 -6.88 8.89 11.94
N ARG A 71 -7.37 8.49 10.78
CA ARG A 71 -8.19 9.34 9.94
C ARG A 71 -8.98 8.53 8.93
N GLN A 72 -8.31 7.58 8.27
CA GLN A 72 -8.94 6.73 7.28
C GLN A 72 -8.40 5.31 7.35
N GLN A 73 -9.24 4.34 6.95
CA GLN A 73 -8.85 2.94 6.98
C GLN A 73 -8.63 2.42 5.56
N ASN A 74 -7.99 1.27 5.44
CA ASN A 74 -7.73 0.67 4.14
C ASN A 74 -7.84 -0.85 4.20
N LEU A 75 -8.57 -1.42 3.26
CA LEU A 75 -8.76 -2.87 3.21
C LEU A 75 -8.91 -3.33 1.76
N LEU A 76 -7.96 -4.11 1.28
CA LEU A 76 -7.99 -4.60 -0.09
C LEU A 76 -7.41 -6.00 -0.20
N GLY A 77 -7.85 -6.73 -1.23
CA GLY A 77 -7.35 -8.08 -1.44
C GLY A 77 -6.51 -8.18 -2.69
N SER A 78 -5.24 -8.51 -2.52
CA SER A 78 -4.32 -8.62 -3.66
C SER A 78 -4.16 -10.07 -4.10
N TYR A 79 -4.23 -10.29 -5.41
CA TYR A 79 -4.07 -11.62 -5.98
C TYR A 79 -2.96 -11.62 -7.02
N ASP A 80 -1.86 -12.29 -6.71
CA ASP A 80 -0.72 -12.33 -7.61
C ASP A 80 -0.22 -13.76 -7.81
N ALA A 81 0.62 -13.96 -8.82
CA ALA A 81 1.17 -15.27 -9.10
C ALA A 81 2.68 -15.27 -8.84
N PHE A 82 3.11 -16.12 -7.91
CA PHE A 82 4.52 -16.21 -7.56
C PHE A 82 5.20 -17.39 -8.26
N LEU A 83 6.53 -17.40 -8.21
CA LEU A 83 7.31 -18.45 -8.85
C LEU A 83 8.77 -18.37 -8.40
N PRO A 84 9.40 -19.52 -8.07
CA PRO A 84 10.79 -19.55 -7.63
C PRO A 84 11.74 -18.89 -8.63
N ILE A 85 12.41 -17.83 -8.19
CA ILE A 85 13.34 -17.11 -9.05
C ILE A 85 14.38 -16.37 -8.22
N GLY A 86 15.62 -16.85 -8.27
CA GLY A 86 16.69 -16.21 -7.53
C GLY A 86 17.70 -17.22 -6.99
N ASP A 87 17.52 -17.63 -5.74
CA ASP A 87 18.42 -18.59 -5.13
C ASP A 87 17.64 -19.73 -4.48
N ASN A 88 16.53 -20.11 -5.11
CA ASN A 88 15.69 -21.19 -4.60
C ASN A 88 15.03 -20.77 -3.28
N ASN A 89 14.78 -19.48 -3.14
CA ASN A 89 14.15 -18.96 -1.93
C ASN A 89 13.18 -17.82 -2.29
N THR A 90 13.62 -16.92 -3.16
CA THR A 90 12.79 -15.80 -3.58
C THR A 90 11.62 -16.29 -4.40
N LYS A 91 10.50 -15.56 -4.32
CA LYS A 91 9.30 -15.94 -5.08
C LYS A 91 8.78 -14.77 -5.90
N LEU A 92 9.23 -14.70 -7.15
CA LEU A 92 8.80 -13.63 -8.05
C LEU A 92 7.30 -13.66 -8.22
N PHE A 93 6.65 -12.73 -7.55
CA PHE A 93 5.19 -12.63 -7.60
C PHE A 93 4.77 -11.37 -8.35
N GLY A 94 3.54 -11.38 -8.87
CA GLY A 94 3.03 -10.23 -9.60
C GLY A 94 1.58 -10.40 -10.03
N GLY A 95 0.77 -9.39 -9.75
CA GLY A 95 -0.64 -9.45 -10.11
C GLY A 95 -1.33 -8.11 -9.95
N ALA A 96 -2.54 -8.13 -9.42
CA ALA A 96 -3.32 -6.91 -9.22
C ALA A 96 -3.89 -6.84 -7.81
N THR A 97 -4.66 -5.79 -7.53
CA THR A 97 -5.26 -5.60 -6.22
C THR A 97 -6.58 -4.87 -6.32
N LEU A 98 -7.45 -5.06 -5.33
CA LEU A 98 -8.75 -4.42 -5.30
C LEU A 98 -9.32 -4.41 -3.88
N GLY A 99 -9.81 -3.25 -3.46
CA GLY A 99 -10.36 -3.13 -2.12
C GLY A 99 -11.28 -1.93 -1.96
N LEU A 100 -11.30 -1.37 -0.75
CA LEU A 100 -12.12 -0.21 -0.46
C LEU A 100 -11.53 0.56 0.72
N VAL A 101 -11.45 1.88 0.57
CA VAL A 101 -10.90 2.74 1.61
C VAL A 101 -12.00 3.58 2.26
N LYS A 102 -12.03 3.58 3.58
CA LYS A 102 -13.03 4.35 4.33
C LYS A 102 -12.57 5.78 4.55
N LEU A 103 -13.37 6.73 4.05
CA LEU A 103 -13.06 8.14 4.19
C LEU A 103 -13.96 8.80 5.22
N GLU A 104 -13.42 9.75 5.96
CA GLU A 104 -14.18 10.46 6.98
C GLU A 104 -14.16 11.97 6.73
N GLN A 105 -15.07 12.68 7.38
CA GLN A 105 -15.16 14.13 7.24
C GLN A 105 -15.71 14.78 8.51
N ASP A 106 -15.79 16.11 8.51
CA ASP A 106 -16.31 16.84 9.65
C ASP A 106 -17.81 17.09 9.51
N GLY A 107 -18.37 17.85 10.44
CA GLY A 107 -19.79 18.15 10.40
C GLY A 107 -20.06 19.65 10.38
N LYS A 108 -19.27 20.38 9.61
CA LYS A 108 -19.43 21.83 9.50
C LYS A 108 -19.12 22.30 8.09
N GLY A 109 -17.99 21.84 7.55
CA GLY A 109 -17.60 22.24 6.21
C GLY A 109 -18.48 21.61 5.13
N PHE A 110 -17.85 20.97 4.16
CA PHE A 110 -18.59 20.33 3.07
C PHE A 110 -18.95 18.89 3.43
N LYS A 111 -20.03 18.39 2.83
CA LYS A 111 -20.48 17.03 3.10
C LYS A 111 -21.24 16.48 1.89
N ARG A 112 -20.57 15.64 1.10
CA ARG A 112 -21.18 15.04 -0.07
C ARG A 112 -21.05 13.52 -0.04
N ASP A 113 -19.81 13.03 -0.12
CA ASP A 113 -19.55 11.60 -0.10
C ASP A 113 -18.45 11.26 0.90
N SER A 114 -18.79 10.44 1.89
CA SER A 114 -17.82 10.04 2.91
C SER A 114 -18.18 8.68 3.48
N ASP A 115 -17.83 7.62 2.75
CA ASP A 115 -18.11 6.26 3.19
C ASP A 115 -17.07 5.29 2.66
N VAL A 116 -17.05 5.09 1.35
CA VAL A 116 -16.10 4.20 0.72
C VAL A 116 -15.95 4.50 -0.77
N GLY A 117 -14.99 3.83 -1.41
CA GLY A 117 -14.76 4.05 -2.83
C GLY A 117 -14.27 2.81 -3.53
N TYR A 118 -13.60 3.00 -4.67
CA TYR A 118 -13.08 1.88 -5.45
C TYR A 118 -11.55 1.93 -5.50
N ALA A 119 -10.91 0.94 -4.91
CA ALA A 119 -9.44 0.87 -4.90
C ALA A 119 -8.94 -0.25 -5.79
N ALA A 120 -7.82 -0.02 -6.46
CA ALA A 120 -7.24 -1.03 -7.35
C ALA A 120 -5.86 -0.60 -7.83
N GLY A 121 -4.95 -1.56 -7.93
CA GLY A 121 -3.60 -1.26 -8.38
C GLY A 121 -2.87 -2.51 -8.84
N LEU A 122 -1.57 -2.57 -8.56
CA LEU A 122 -0.74 -3.71 -8.95
C LEU A 122 0.32 -3.98 -7.89
N GLN A 123 0.89 -5.19 -7.93
CA GLN A 123 1.92 -5.58 -6.98
C GLN A 123 2.88 -6.58 -7.62
N ALA A 124 4.08 -6.70 -7.03
CA ALA A 124 5.08 -7.61 -7.54
C ALA A 124 6.37 -7.50 -6.71
N GLY A 125 7.02 -8.63 -6.49
CA GLY A 125 8.25 -8.64 -5.72
C GLY A 125 8.91 -10.01 -5.68
N ILE A 126 9.27 -10.45 -4.48
CA ILE A 126 9.90 -11.75 -4.29
C ILE A 126 9.78 -12.19 -2.85
N LEU A 127 9.15 -13.34 -2.64
CA LEU A 127 8.98 -13.89 -1.29
C LEU A 127 10.09 -14.87 -0.96
N GLN A 128 10.93 -14.48 -0.02
CA GLN A 128 12.05 -15.32 0.41
C GLN A 128 11.76 -15.98 1.76
N GLU A 129 11.84 -17.31 1.79
CA GLU A 129 11.57 -18.07 3.01
C GLU A 129 12.83 -18.17 3.86
N LEU A 130 12.64 -18.23 5.18
CA LEU A 130 13.76 -18.34 6.10
C LEU A 130 13.88 -19.77 6.62
N SER A 131 12.74 -20.44 6.70
CA SER A 131 12.69 -21.82 7.18
C SER A 131 11.30 -22.40 6.89
N LYS A 132 11.01 -23.53 7.52
CA LYS A 132 9.71 -24.18 7.33
C LYS A 132 8.72 -23.68 8.38
N ASN A 133 8.64 -22.36 8.56
CA ASN A 133 7.72 -21.79 9.53
C ASN A 133 7.36 -20.35 9.18
N ALA A 134 8.36 -19.56 8.79
CA ALA A 134 8.12 -18.16 8.45
C ALA A 134 8.75 -17.80 7.10
N SER A 135 8.43 -16.61 6.61
CA SER A 135 8.96 -16.13 5.34
C SER A 135 8.94 -14.61 5.29
N ILE A 136 9.32 -14.06 4.13
CA ILE A 136 9.35 -12.61 3.94
C ILE A 136 9.19 -12.26 2.48
N GLU A 137 8.65 -11.08 2.21
CA GLU A 137 8.43 -10.62 0.84
C GLU A 137 8.79 -9.15 0.69
N GLY A 138 9.10 -8.75 -0.53
CA GLY A 138 9.46 -7.37 -0.79
C GLY A 138 9.49 -7.03 -2.27
N GLY A 139 9.11 -5.81 -2.61
CA GLY A 139 9.12 -5.39 -4.01
C GLY A 139 8.45 -4.05 -4.22
N TYR A 140 7.46 -4.01 -5.10
CA TYR A 140 6.75 -2.77 -5.40
C TYR A 140 5.24 -3.02 -5.46
N ARG A 141 4.47 -1.95 -5.34
CA ARG A 141 3.01 -2.06 -5.38
C ARG A 141 2.36 -0.70 -5.64
N TYR A 142 1.31 -0.71 -6.47
CA TYR A 142 0.60 0.51 -6.79
C TYR A 142 -0.86 0.40 -6.37
N LEU A 143 -1.55 1.54 -6.28
CA LEU A 143 -2.95 1.55 -5.87
C LEU A 143 -3.64 2.82 -6.31
N ARG A 144 -4.93 2.71 -6.63
CA ARG A 144 -5.72 3.85 -7.07
C ARG A 144 -6.88 4.09 -6.11
N THR A 145 -7.34 5.34 -6.05
CA THR A 145 -8.44 5.70 -5.17
C THR A 145 -9.71 5.99 -5.96
N ASN A 146 -10.82 6.18 -5.25
CA ASN A 146 -12.10 6.46 -5.88
C ASN A 146 -12.01 7.67 -6.79
N ALA A 147 -12.19 7.46 -8.08
CA ALA A 147 -12.13 8.55 -9.06
C ALA A 147 -13.51 9.11 -9.35
N SER A 148 -14.48 8.21 -9.52
CA SER A 148 -15.86 8.62 -9.80
C SER A 148 -16.81 7.43 -9.73
N THR A 149 -18.10 7.71 -9.68
CA THR A 149 -19.12 6.67 -9.60
C THR A 149 -20.34 7.03 -10.44
N GLU A 150 -20.98 6.03 -11.03
CA GLU A 150 -22.16 6.25 -11.84
C GLU A 150 -23.42 6.33 -10.98
N MET A 151 -23.71 7.53 -10.50
CA MET A 151 -24.88 7.75 -9.65
C MET A 151 -25.59 9.05 -10.03
N THR A 152 -24.86 10.16 -9.94
CA THR A 152 -25.42 11.46 -10.27
C THR A 152 -24.85 11.98 -11.58
N PRO A 153 -25.63 12.79 -12.32
CA PRO A 153 -25.20 13.35 -13.60
C PRO A 153 -24.12 14.41 -13.43
N HIS A 154 -22.97 14.00 -12.90
CA HIS A 154 -21.86 14.92 -12.69
C HIS A 154 -20.72 14.63 -13.66
N GLY A 155 -20.10 13.47 -13.51
CA GLY A 155 -19.00 13.10 -14.39
C GLY A 155 -17.78 13.96 -14.19
N GLY A 156 -16.60 13.33 -14.13
CA GLY A 156 -15.37 14.08 -13.95
C GLY A 156 -14.92 14.78 -15.21
N ASN A 157 -15.26 16.06 -15.33
CA ASN A 157 -14.88 16.85 -16.49
C ASN A 157 -14.78 18.33 -16.14
N LYS A 158 -14.30 18.61 -14.93
CA LYS A 158 -14.15 19.98 -14.48
C LYS A 158 -13.14 20.07 -13.34
N LEU A 159 -12.11 20.89 -13.52
CA LEU A 159 -11.08 21.07 -12.52
C LEU A 159 -10.37 19.74 -12.24
N GLY A 160 -10.29 18.89 -13.25
CA GLY A 160 -9.64 17.60 -13.10
C GLY A 160 -8.98 17.13 -14.38
N SER A 161 -7.97 16.28 -14.23
CA SER A 161 -7.25 15.75 -15.39
C SER A 161 -7.97 14.55 -15.98
N LEU A 162 -7.72 14.27 -17.25
CA LEU A 162 -8.35 13.14 -17.93
C LEU A 162 -7.84 11.81 -17.38
N ASP A 163 -8.77 10.99 -16.90
CA ASP A 163 -8.41 9.69 -16.35
C ASP A 163 -7.49 9.85 -15.13
N LEU A 164 -7.09 8.72 -14.56
CA LEU A 164 -6.22 8.73 -13.39
C LEU A 164 -4.84 8.14 -13.72
N HIS A 165 -3.94 8.18 -12.76
CA HIS A 165 -2.59 7.66 -12.95
C HIS A 165 -2.10 6.94 -11.68
N SER A 166 -1.40 5.83 -11.88
CA SER A 166 -0.88 5.06 -10.76
C SER A 166 0.42 5.67 -10.22
N SER A 167 0.65 5.50 -8.93
CA SER A 167 1.85 6.05 -8.30
C SER A 167 2.87 4.95 -8.05
N SER A 168 3.99 5.32 -7.42
CA SER A 168 5.04 4.35 -7.11
C SER A 168 5.09 4.04 -5.62
N GLN A 169 5.36 2.79 -5.29
CA GLN A 169 5.41 2.36 -3.90
C GLN A 169 6.32 1.14 -3.74
N PHE A 170 6.86 0.96 -2.54
CA PHE A 170 7.74 -0.15 -2.26
C PHE A 170 6.99 -1.22 -1.48
N TYR A 171 7.58 -2.40 -1.42
CA TYR A 171 6.99 -3.53 -0.72
C TYR A 171 8.03 -4.23 0.15
N LEU A 172 7.69 -4.42 1.42
CA LEU A 172 8.58 -5.09 2.36
C LEU A 172 7.82 -5.53 3.61
N GLY A 173 7.98 -6.80 3.98
CA GLY A 173 7.29 -7.31 5.16
C GLY A 173 7.60 -8.76 5.43
N ALA A 174 6.72 -9.42 6.18
CA ALA A 174 6.89 -10.82 6.53
C ALA A 174 5.72 -11.66 6.01
N ASN A 175 5.86 -12.98 6.12
CA ASN A 175 4.81 -13.88 5.67
C ASN A 175 4.88 -15.21 6.44
N TYR A 176 3.83 -15.48 7.21
CA TYR A 176 3.76 -16.71 7.99
C TYR A 176 2.60 -17.59 7.53
N LYS A 177 2.95 -18.72 6.94
CA LYS A 177 1.95 -19.66 6.44
C LYS A 177 1.48 -20.60 7.54
N PHE A 178 0.34 -21.25 7.31
CA PHE A 178 -0.21 -22.19 8.29
C PHE A 178 -0.13 -23.62 7.78
N ALA A 1 -1.21 -24.95 -2.85
CA ALA A 1 -1.94 -23.94 -2.04
C ALA A 1 -1.45 -23.94 -0.59
N ASP A 2 -1.41 -22.76 0.01
CA ASP A 2 -0.96 -22.64 1.39
C ASP A 2 -1.40 -21.30 2.00
N ASN A 3 -2.03 -21.37 3.18
CA ASN A 3 -2.49 -20.16 3.86
C ASN A 3 -1.33 -19.45 4.53
N PHE A 4 -1.37 -18.12 4.56
CA PHE A 4 -0.32 -17.33 5.17
C PHE A 4 -0.87 -16.04 5.78
N VAL A 5 -0.19 -15.55 6.81
CA VAL A 5 -0.59 -14.33 7.49
C VAL A 5 0.60 -13.61 8.10
N GLY A 6 0.66 -12.29 7.92
CA GLY A 6 1.75 -11.51 8.45
C GLY A 6 1.48 -10.02 8.43
N LEU A 7 2.46 -9.25 7.97
CA LEU A 7 2.31 -7.80 7.88
C LEU A 7 3.02 -7.26 6.65
N THR A 8 2.76 -6.00 6.33
CA THR A 8 3.38 -5.36 5.17
C THR A 8 3.88 -3.97 5.52
N TRP A 9 5.02 -3.59 4.93
CA TRP A 9 5.61 -2.28 5.18
C TRP A 9 6.05 -1.64 3.86
N GLY A 10 5.45 -0.50 3.54
CA GLY A 10 5.80 0.20 2.31
C GLY A 10 6.53 1.50 2.56
N GLU A 11 7.36 1.90 1.62
CA GLU A 11 8.13 3.14 1.74
C GLU A 11 7.32 4.32 1.22
N THR A 12 7.14 5.33 2.08
CA THR A 12 6.40 6.52 1.71
C THR A 12 7.27 7.50 0.92
N SER A 13 6.71 8.03 -0.15
CA SER A 13 7.43 8.97 -1.00
C SER A 13 6.48 9.96 -1.66
N ASN A 14 6.43 11.18 -1.12
CA ASN A 14 5.55 12.22 -1.66
C ASN A 14 4.09 11.80 -1.56
N ASN A 15 3.32 12.54 -0.76
CA ASN A 15 1.91 12.25 -0.58
C ASN A 15 1.12 12.56 -1.85
N ILE A 16 0.06 11.78 -2.10
CA ILE A 16 -0.77 11.97 -3.27
C ILE A 16 -1.66 13.20 -3.12
N GLN A 17 -1.38 14.23 -3.89
CA GLN A 17 -2.16 15.46 -3.84
C GLN A 17 -3.48 15.30 -4.58
N LYS A 18 -4.46 16.14 -4.24
CA LYS A 18 -5.77 16.07 -4.87
C LYS A 18 -5.97 17.24 -5.82
N SER A 19 -4.91 17.57 -6.57
CA SER A 19 -4.96 18.67 -7.52
C SER A 19 -5.12 18.14 -8.95
N LYS A 20 -6.33 18.28 -9.49
CA LYS A 20 -6.62 17.82 -10.85
C LYS A 20 -5.76 18.57 -11.87
N SER A 21 -5.99 19.87 -11.98
CA SER A 21 -5.25 20.71 -12.91
C SER A 21 -5.04 22.12 -12.34
N LEU A 22 -3.95 22.29 -11.61
CA LEU A 22 -3.65 23.58 -11.00
C LEU A 22 -2.27 23.56 -10.34
N ASN A 23 -1.32 24.28 -10.92
CA ASN A 23 0.03 24.33 -10.39
C ASN A 23 0.67 22.95 -10.36
N ARG A 24 1.98 22.91 -10.19
CA ARG A 24 2.72 21.65 -10.14
C ARG A 24 3.92 21.76 -9.22
N ASN A 25 3.69 22.24 -8.00
CA ASN A 25 4.76 22.39 -7.02
C ASN A 25 4.74 21.24 -6.02
N LEU A 26 5.91 20.64 -5.81
CA LEU A 26 6.03 19.52 -4.88
C LEU A 26 6.84 19.93 -3.65
N ASN A 27 7.83 20.80 -3.85
CA ASN A 27 8.68 21.26 -2.76
C ASN A 27 8.76 22.78 -2.75
N SER A 28 8.15 23.38 -1.74
CA SER A 28 8.15 24.84 -1.60
C SER A 28 9.53 25.35 -1.17
N PRO A 29 10.01 24.90 -0.01
CA PRO A 29 11.32 25.31 0.51
C PRO A 29 12.47 24.69 -0.27
N ASN A 30 13.70 25.08 0.08
CA ASN A 30 14.88 24.55 -0.58
C ASN A 30 15.06 23.07 -0.28
N LEU A 31 16.12 22.48 -0.84
CA LEU A 31 16.42 21.07 -0.63
C LEU A 31 17.77 20.88 0.05
N ASP A 32 17.77 20.19 1.18
CA ASP A 32 19.01 19.94 1.92
C ASP A 32 18.77 18.94 3.04
N LYS A 33 17.81 19.24 3.91
CA LYS A 33 17.49 18.37 5.03
C LYS A 33 16.25 17.54 4.73
N VAL A 34 15.11 18.21 4.59
CA VAL A 34 13.84 17.54 4.30
C VAL A 34 13.66 16.28 5.14
N ILE A 35 13.99 16.39 6.43
CA ILE A 35 13.86 15.26 7.34
C ILE A 35 12.45 15.17 7.92
N ASP A 36 11.57 14.47 7.20
CA ASP A 36 10.19 14.31 7.63
C ASP A 36 9.51 13.18 6.86
N ASN A 37 9.02 12.18 7.59
CA ASN A 37 8.35 11.05 6.97
C ASN A 37 7.43 10.35 7.97
N THR A 38 6.41 9.65 7.45
CA THR A 38 5.46 8.95 8.30
C THR A 38 5.68 7.43 8.22
N GLY A 39 5.32 6.85 7.08
CA GLY A 39 5.49 5.42 6.89
C GLY A 39 4.17 4.72 6.59
N THR A 40 4.25 3.62 5.86
CA THR A 40 3.06 2.84 5.52
C THR A 40 3.18 1.40 5.97
N TRP A 41 2.42 1.05 7.01
CA TRP A 41 2.44 -0.30 7.55
C TRP A 41 1.03 -0.89 7.60
N GLY A 42 0.93 -2.20 7.76
CA GLY A 42 -0.36 -2.84 7.82
C GLY A 42 -0.28 -4.32 8.17
N ILE A 43 -1.40 -5.01 8.03
CA ILE A 43 -1.46 -6.44 8.32
C ILE A 43 -1.57 -7.26 7.03
N ARG A 44 -1.28 -8.55 7.13
CA ARG A 44 -1.36 -9.44 5.96
C ARG A 44 -1.99 -10.78 6.34
N ALA A 45 -2.82 -11.29 5.45
CA ALA A 45 -3.50 -12.57 5.67
C ALA A 45 -4.20 -13.03 4.40
N GLY A 46 -3.77 -14.18 3.87
CA GLY A 46 -4.38 -14.70 2.66
C GLY A 46 -4.20 -16.18 2.48
N GLN A 47 -4.51 -16.66 1.28
CA GLN A 47 -4.39 -18.07 0.95
C GLN A 47 -3.64 -18.27 -0.37
N GLN A 48 -2.58 -19.06 -0.33
CA GLN A 48 -1.78 -19.34 -1.51
C GLN A 48 -2.40 -20.46 -2.33
N PHE A 49 -2.15 -20.43 -3.63
CA PHE A 49 -2.69 -21.44 -4.55
C PHE A 49 -1.57 -22.05 -5.39
N GLU A 50 -1.87 -23.16 -6.06
CA GLU A 50 -0.90 -23.85 -6.89
C GLU A 50 -0.55 -23.01 -8.13
N GLN A 51 -1.45 -22.12 -8.53
CA GLN A 51 -1.22 -21.28 -9.70
C GLN A 51 -1.56 -19.82 -9.41
N GLY A 52 -1.52 -19.44 -8.14
CA GLY A 52 -1.84 -18.07 -7.76
C GLY A 52 -1.73 -17.85 -6.27
N ARG A 53 -1.82 -16.59 -5.85
CA ARG A 53 -1.73 -16.25 -4.43
C ARG A 53 -2.71 -15.12 -4.08
N TYR A 54 -3.29 -15.22 -2.89
CA TYR A 54 -4.22 -14.21 -2.42
C TYR A 54 -3.84 -13.75 -1.01
N TYR A 55 -4.20 -12.51 -0.67
CA TYR A 55 -3.87 -11.97 0.65
C TYR A 55 -4.36 -10.54 0.78
N ALA A 56 -5.09 -10.28 1.86
CA ALA A 56 -5.61 -8.95 2.13
C ALA A 56 -4.63 -8.15 2.98
N THR A 57 -4.66 -6.83 2.84
CA THR A 57 -3.75 -5.98 3.59
C THR A 57 -4.46 -4.75 4.15
N TYR A 58 -4.43 -4.61 5.47
CA TYR A 58 -5.06 -3.47 6.13
C TYR A 58 -4.09 -2.30 6.16
N GLU A 59 -4.49 -1.20 5.50
CA GLU A 59 -3.65 -0.01 5.44
C GLU A 59 -4.13 1.07 6.42
N ASN A 60 -3.23 1.96 6.77
CA ASN A 60 -3.54 3.05 7.70
C ASN A 60 -2.45 4.12 7.65
N ILE A 61 -2.78 5.26 7.05
CA ILE A 61 -1.83 6.37 6.94
C ILE A 61 -2.08 7.43 8.00
N SER A 62 -1.01 8.02 8.50
CA SER A 62 -1.11 9.05 9.53
C SER A 62 -0.49 10.36 9.04
N ASP A 63 -1.31 11.42 9.00
CA ASP A 63 -0.84 12.73 8.56
C ASP A 63 -1.76 13.83 9.06
N THR A 64 -2.30 13.63 10.26
CA THR A 64 -3.19 14.62 10.86
C THR A 64 -2.45 15.48 11.87
N SER A 65 -3.16 16.44 12.47
CA SER A 65 -2.57 17.33 13.46
C SER A 65 -2.35 16.61 14.78
N SER A 66 -3.41 16.00 15.31
CA SER A 66 -3.32 15.28 16.57
C SER A 66 -2.44 14.04 16.43
N GLY A 67 -2.47 13.42 15.26
CA GLY A 67 -1.67 12.24 15.02
C GLY A 67 -2.51 10.98 14.93
N ASN A 68 -3.43 10.82 15.87
CA ASN A 68 -4.30 9.65 15.91
C ASN A 68 -5.77 10.05 15.86
N LYS A 69 -6.50 9.55 14.87
CA LYS A 69 -7.91 9.86 14.71
C LYS A 69 -8.77 8.63 14.98
N LEU A 70 -8.26 7.47 14.58
CA LEU A 70 -8.99 6.22 14.77
C LEU A 70 -10.32 6.23 14.02
N ARG A 71 -10.34 6.93 12.90
CA ARG A 71 -11.55 7.03 12.08
C ARG A 71 -11.22 6.90 10.60
N GLN A 72 -10.20 6.11 10.29
CA GLN A 72 -9.79 5.90 8.90
C GLN A 72 -9.12 4.54 8.73
N GLN A 73 -9.59 3.78 7.74
CA GLN A 73 -9.05 2.46 7.48
C GLN A 73 -9.19 2.10 6.00
N ASN A 74 -8.34 1.19 5.52
CA ASN A 74 -8.38 0.78 4.13
C ASN A 74 -8.06 -0.71 3.99
N LEU A 75 -9.05 -1.48 3.54
CA LEU A 75 -8.87 -2.92 3.35
C LEU A 75 -8.80 -3.25 1.86
N LEU A 76 -7.80 -4.02 1.47
CA LEU A 76 -7.63 -4.41 0.08
C LEU A 76 -7.17 -5.85 -0.06
N GLY A 77 -7.60 -6.50 -1.14
CA GLY A 77 -7.22 -7.87 -1.39
C GLY A 77 -6.32 -8.00 -2.60
N SER A 78 -5.08 -8.46 -2.37
CA SER A 78 -4.12 -8.62 -3.45
C SER A 78 -4.24 -10.00 -4.10
N TYR A 79 -4.19 -10.01 -5.43
CA TYR A 79 -4.29 -11.25 -6.19
C TYR A 79 -3.20 -11.31 -7.25
N ASP A 80 -2.23 -12.21 -7.06
CA ASP A 80 -1.14 -12.34 -8.01
C ASP A 80 -0.64 -13.79 -8.10
N ALA A 81 0.25 -14.03 -9.05
CA ALA A 81 0.82 -15.35 -9.25
C ALA A 81 2.33 -15.33 -9.02
N PHE A 82 2.79 -16.19 -8.14
CA PHE A 82 4.21 -16.27 -7.81
C PHE A 82 4.90 -17.38 -8.58
N LEU A 83 6.23 -17.34 -8.58
CA LEU A 83 7.03 -18.34 -9.28
C LEU A 83 8.27 -18.71 -8.45
N PRO A 84 8.38 -19.98 -8.03
CA PRO A 84 9.52 -20.43 -7.23
C PRO A 84 10.84 -20.35 -7.99
N ILE A 85 11.69 -19.40 -7.59
CA ILE A 85 12.98 -19.23 -8.24
C ILE A 85 14.10 -19.78 -7.38
N GLY A 86 14.53 -21.00 -7.68
CA GLY A 86 15.59 -21.63 -6.92
C GLY A 86 16.95 -21.04 -7.22
N ASP A 87 17.11 -19.76 -6.93
CA ASP A 87 18.38 -19.07 -7.18
C ASP A 87 18.94 -18.47 -5.90
N ASN A 88 18.06 -17.84 -5.12
CA ASN A 88 18.47 -17.23 -3.85
C ASN A 88 17.29 -17.13 -2.90
N ASN A 89 16.40 -18.12 -2.96
CA ASN A 89 15.23 -18.15 -2.09
C ASN A 89 14.35 -16.93 -2.33
N THR A 90 13.76 -16.85 -3.52
CA THR A 90 12.88 -15.74 -3.87
C THR A 90 11.64 -16.24 -4.60
N LYS A 91 10.52 -15.54 -4.43
CA LYS A 91 9.28 -15.94 -5.07
C LYS A 91 8.73 -14.79 -5.93
N LEU A 92 9.10 -14.78 -7.20
CA LEU A 92 8.65 -13.76 -8.12
C LEU A 92 7.14 -13.77 -8.26
N PHE A 93 6.51 -12.81 -7.60
CA PHE A 93 5.05 -12.69 -7.62
C PHE A 93 4.63 -11.44 -8.38
N GLY A 94 3.42 -11.46 -8.91
CA GLY A 94 2.93 -10.31 -9.66
C GLY A 94 1.48 -10.46 -10.09
N GLY A 95 0.68 -9.43 -9.86
CA GLY A 95 -0.72 -9.47 -10.23
C GLY A 95 -1.42 -8.15 -10.04
N ALA A 96 -2.65 -8.19 -9.54
CA ALA A 96 -3.43 -6.98 -9.30
C ALA A 96 -3.96 -6.95 -7.87
N THR A 97 -4.64 -5.86 -7.53
CA THR A 97 -5.21 -5.69 -6.19
C THR A 97 -6.52 -4.92 -6.24
N LEU A 98 -7.34 -5.07 -5.20
CA LEU A 98 -8.62 -4.38 -5.13
C LEU A 98 -9.10 -4.30 -3.69
N GLY A 99 -9.50 -3.11 -3.25
CA GLY A 99 -9.98 -2.94 -1.90
C GLY A 99 -11.00 -1.82 -1.77
N LEU A 100 -11.09 -1.28 -0.55
CA LEU A 100 -12.02 -0.20 -0.25
C LEU A 100 -11.53 0.60 0.93
N VAL A 101 -11.51 1.92 0.79
CA VAL A 101 -11.05 2.80 1.85
C VAL A 101 -12.21 3.60 2.44
N LYS A 102 -12.44 3.41 3.75
CA LYS A 102 -13.52 4.11 4.44
C LYS A 102 -13.01 5.39 5.08
N LEU A 103 -13.62 6.51 4.71
CA LEU A 103 -13.23 7.81 5.26
C LEU A 103 -14.46 8.59 5.72
N GLU A 104 -14.28 9.36 6.78
CA GLU A 104 -15.37 10.16 7.33
C GLU A 104 -15.15 11.65 7.06
N GLN A 105 -16.25 12.41 7.04
CA GLN A 105 -16.17 13.84 6.79
C GLN A 105 -17.36 14.57 7.43
N ASP A 106 -17.17 15.85 7.73
CA ASP A 106 -18.22 16.65 8.34
C ASP A 106 -19.44 16.72 7.43
N GLY A 107 -19.20 16.91 6.14
CA GLY A 107 -20.29 16.99 5.18
C GLY A 107 -20.57 18.41 4.75
N LYS A 108 -20.55 18.65 3.44
CA LYS A 108 -20.81 19.98 2.91
C LYS A 108 -21.60 19.89 1.60
N GLY A 109 -20.95 19.37 0.56
CA GLY A 109 -21.62 19.24 -0.72
C GLY A 109 -22.79 18.29 -0.68
N PHE A 110 -22.57 17.05 -1.12
CA PHE A 110 -23.63 16.04 -1.14
C PHE A 110 -23.88 15.50 0.28
N LYS A 111 -25.05 14.93 0.48
CA LYS A 111 -25.42 14.38 1.78
C LYS A 111 -25.06 12.89 1.85
N ARG A 112 -23.98 12.59 2.55
CA ARG A 112 -23.53 11.20 2.70
C ARG A 112 -22.51 11.08 3.83
N ASP A 113 -22.28 9.85 4.29
CA ASP A 113 -21.34 9.61 5.36
C ASP A 113 -20.23 8.67 4.89
N SER A 114 -20.58 7.42 4.63
CA SER A 114 -19.62 6.42 4.18
C SER A 114 -18.99 6.84 2.85
N ASP A 115 -17.94 7.65 2.93
CA ASP A 115 -17.23 8.12 1.75
C ASP A 115 -16.22 7.09 1.28
N VAL A 116 -16.70 5.90 0.94
CA VAL A 116 -15.83 4.82 0.48
C VAL A 116 -15.74 4.80 -1.04
N GLY A 117 -14.53 4.69 -1.57
CA GLY A 117 -14.33 4.66 -3.00
C GLY A 117 -13.82 3.33 -3.49
N TYR A 118 -13.56 3.23 -4.80
CA TYR A 118 -13.06 2.00 -5.39
C TYR A 118 -11.53 1.99 -5.42
N ALA A 119 -10.94 0.95 -4.85
CA ALA A 119 -9.49 0.83 -4.80
C ALA A 119 -9.01 -0.35 -5.66
N ALA A 120 -7.94 -0.13 -6.41
CA ALA A 120 -7.39 -1.18 -7.26
C ALA A 120 -6.04 -0.75 -7.85
N GLY A 121 -5.10 -1.69 -7.92
CA GLY A 121 -3.79 -1.38 -8.46
C GLY A 121 -3.04 -2.63 -8.90
N LEU A 122 -1.75 -2.65 -8.62
CA LEU A 122 -0.90 -3.79 -9.00
C LEU A 122 0.18 -4.03 -7.95
N GLN A 123 0.81 -5.21 -8.03
CA GLN A 123 1.87 -5.56 -7.09
C GLN A 123 2.77 -6.63 -7.68
N ALA A 124 3.98 -6.74 -7.14
CA ALA A 124 4.95 -7.73 -7.61
C ALA A 124 6.28 -7.58 -6.87
N GLY A 125 6.90 -8.70 -6.58
CA GLY A 125 8.18 -8.69 -5.88
C GLY A 125 8.83 -10.06 -5.83
N ILE A 126 9.25 -10.46 -4.63
CA ILE A 126 9.89 -11.74 -4.43
C ILE A 126 9.80 -12.17 -2.97
N LEU A 127 9.18 -13.31 -2.73
CA LEU A 127 9.01 -13.83 -1.37
C LEU A 127 10.13 -14.82 -1.04
N GLN A 128 10.97 -14.45 -0.10
CA GLN A 128 12.07 -15.31 0.32
C GLN A 128 11.74 -16.07 1.59
N GLU A 129 12.14 -17.34 1.63
CA GLU A 129 11.90 -18.18 2.78
C GLU A 129 13.20 -18.66 3.41
N LEU A 130 13.20 -18.87 4.72
CA LEU A 130 14.40 -19.32 5.41
C LEU A 130 14.24 -20.76 5.88
N SER A 131 13.15 -21.02 6.58
CA SER A 131 12.85 -22.34 7.10
C SER A 131 11.42 -22.41 7.60
N LYS A 132 11.10 -23.44 8.37
CA LYS A 132 9.76 -23.61 8.92
C LYS A 132 9.54 -22.66 10.10
N ASN A 133 9.70 -21.36 9.85
CA ASN A 133 9.52 -20.36 10.89
C ASN A 133 8.73 -19.16 10.38
N ALA A 134 9.26 -18.50 9.36
CA ALA A 134 8.61 -17.35 8.77
C ALA A 134 9.23 -16.98 7.43
N SER A 135 8.47 -16.30 6.58
CA SER A 135 8.96 -15.89 5.27
C SER A 135 9.01 -14.37 5.16
N ILE A 136 9.71 -13.89 4.13
CA ILE A 136 9.83 -12.46 3.90
C ILE A 136 9.52 -12.13 2.45
N GLU A 137 8.73 -11.09 2.25
CA GLU A 137 8.34 -10.66 0.91
C GLU A 137 8.56 -9.16 0.73
N GLY A 138 8.99 -8.78 -0.47
CA GLY A 138 9.22 -7.38 -0.76
C GLY A 138 9.23 -7.08 -2.25
N GLY A 139 8.82 -5.87 -2.61
CA GLY A 139 8.78 -5.50 -4.01
C GLY A 139 8.15 -4.15 -4.25
N TYR A 140 7.26 -4.07 -5.23
CA TYR A 140 6.59 -2.82 -5.55
C TYR A 140 5.07 -2.97 -5.45
N ARG A 141 4.37 -1.84 -5.34
CA ARG A 141 2.92 -1.84 -5.22
C ARG A 141 2.33 -0.58 -5.83
N TYR A 142 1.40 -0.75 -6.76
CA TYR A 142 0.75 0.37 -7.42
C TYR A 142 -0.63 0.63 -6.83
N LEU A 143 -0.96 1.89 -6.64
CA LEU A 143 -2.25 2.27 -6.08
C LEU A 143 -3.05 3.11 -7.07
N ARG A 144 -4.33 2.78 -7.23
CA ARG A 144 -5.20 3.50 -8.15
C ARG A 144 -6.66 3.44 -7.68
N THR A 145 -7.19 4.58 -7.27
CA THR A 145 -8.57 4.66 -6.79
C THR A 145 -9.40 5.58 -7.68
N ASN A 146 -10.55 5.09 -8.11
CA ASN A 146 -11.45 5.87 -8.95
C ASN A 146 -12.90 5.64 -8.57
N ALA A 147 -13.56 6.68 -8.08
CA ALA A 147 -14.95 6.59 -7.68
C ALA A 147 -15.88 6.62 -8.89
N SER A 148 -16.60 5.52 -9.10
CA SER A 148 -17.52 5.42 -10.23
C SER A 148 -18.90 5.94 -9.85
N THR A 149 -19.64 6.41 -10.84
CA THR A 149 -20.98 6.93 -10.61
C THR A 149 -21.97 6.36 -11.62
N GLU A 150 -21.59 6.37 -12.88
CA GLU A 150 -22.44 5.85 -13.94
C GLU A 150 -22.72 4.37 -13.75
N MET A 151 -23.84 3.90 -14.29
CA MET A 151 -24.21 2.49 -14.17
C MET A 151 -24.08 1.78 -15.51
N THR A 152 -23.04 2.15 -16.27
CA THR A 152 -22.80 1.55 -17.58
C THR A 152 -21.57 0.66 -17.55
N PRO A 153 -21.75 -0.65 -17.36
CA PRO A 153 -20.63 -1.61 -17.32
C PRO A 153 -19.67 -1.45 -18.49
N HIS A 154 -18.59 -0.71 -18.26
CA HIS A 154 -17.59 -0.48 -19.31
C HIS A 154 -16.49 -1.53 -19.25
N GLY A 155 -15.94 -1.84 -20.41
CA GLY A 155 -14.88 -2.83 -20.47
C GLY A 155 -14.04 -2.71 -21.72
N GLY A 156 -12.84 -3.30 -21.70
CA GLY A 156 -11.97 -3.24 -22.85
C GLY A 156 -10.71 -4.07 -22.66
N ASN A 157 -9.89 -3.69 -21.68
CA ASN A 157 -8.65 -4.41 -21.39
C ASN A 157 -7.72 -4.37 -22.60
N LYS A 158 -6.76 -3.45 -22.58
CA LYS A 158 -5.80 -3.32 -23.67
C LYS A 158 -4.37 -3.35 -23.15
N LEU A 159 -3.45 -3.84 -23.97
CA LEU A 159 -2.04 -3.93 -23.59
C LEU A 159 -1.24 -2.83 -24.26
N GLY A 160 -0.62 -1.98 -23.44
CA GLY A 160 0.18 -0.89 -23.97
C GLY A 160 0.44 0.19 -22.95
N SER A 161 -0.43 1.21 -22.92
CA SER A 161 -0.28 2.30 -21.98
C SER A 161 -1.60 3.05 -21.80
N LEU A 162 -1.87 3.49 -20.59
CA LEU A 162 -3.10 4.21 -20.28
C LEU A 162 -2.91 5.14 -19.09
N ASP A 163 -2.65 6.42 -19.37
CA ASP A 163 -2.44 7.41 -18.33
C ASP A 163 -1.22 7.06 -17.48
N LEU A 164 -0.31 8.02 -17.35
CA LEU A 164 0.91 7.83 -16.57
C LEU A 164 0.76 8.43 -15.17
N HIS A 165 -0.45 8.36 -14.64
CA HIS A 165 -0.73 8.89 -13.31
C HIS A 165 -0.70 7.79 -12.26
N SER A 166 0.16 6.79 -12.47
CA SER A 166 0.28 5.67 -11.55
C SER A 166 0.95 6.11 -10.25
N SER A 167 0.93 5.23 -9.26
CA SER A 167 1.53 5.53 -7.96
C SER A 167 2.78 4.68 -7.73
N SER A 168 3.80 5.29 -7.13
CA SER A 168 5.05 4.59 -6.86
C SER A 168 5.19 4.28 -5.38
N GLN A 169 5.29 3.00 -5.05
CA GLN A 169 5.42 2.57 -3.66
C GLN A 169 6.28 1.30 -3.56
N PHE A 170 6.89 1.10 -2.40
CA PHE A 170 7.72 -0.06 -2.18
C PHE A 170 6.97 -1.10 -1.34
N TYR A 171 7.49 -2.30 -1.32
CA TYR A 171 6.88 -3.38 -0.57
C TYR A 171 7.94 -4.19 0.18
N LEU A 172 7.70 -4.40 1.47
CA LEU A 172 8.62 -5.15 2.31
C LEU A 172 7.93 -5.59 3.60
N GLY A 173 8.08 -6.86 3.95
CA GLY A 173 7.46 -7.37 5.17
C GLY A 173 7.67 -8.86 5.34
N ALA A 174 6.76 -9.49 6.09
CA ALA A 174 6.85 -10.93 6.35
C ALA A 174 5.49 -11.59 6.18
N ASN A 175 5.48 -12.92 6.23
CA ASN A 175 4.24 -13.68 6.09
C ASN A 175 4.39 -15.07 6.70
N TYR A 176 3.52 -15.37 7.66
CA TYR A 176 3.54 -16.66 8.33
C TYR A 176 2.50 -17.60 7.73
N LYS A 177 2.97 -18.69 7.13
CA LYS A 177 2.09 -19.67 6.51
C LYS A 177 1.52 -20.63 7.54
N PHE A 178 0.29 -21.09 7.32
CA PHE A 178 -0.37 -22.01 8.23
C PHE A 178 0.02 -23.45 7.93
#